data_6C58
#
_entry.id   6C58
#
_cell.length_a   93.520
_cell.length_b   194.990
_cell.length_c   109.540
_cell.angle_alpha   90.00
_cell.angle_beta   110.71
_cell.angle_gamma   90.00
#
_symmetry.space_group_name_H-M   'P 1 21 1'
#
loop_
_entity.id
_entity.type
_entity.pdbx_description
1 polymer 'UDP-glucose 6-dehydrogenase'
2 non-polymer "URIDINE-5'-DIPHOSPHATE-XYLOPYRANOSE"
3 non-polymer 'CHLORIDE ION'
4 water water
#
_entity_poly.entity_id   1
_entity_poly.type   'polypeptide(L)'
_entity_poly.pdbx_seq_one_letter_code
;MFEIKKICCIGAGYVGGPTCSVIAHMCPEIRVTVVDVNESRINAWNSPTLPIYEPGLKEVVESCRGKNLFFSTNIDDAIK
EADLVFISVNTPTKTYGMGKGRAADLKYIEACARRIVQNSNGYKIVTEKSTVPVRAAESIRRIFDANTKPNLNLQVLSNP
EFLAEGTAIKDLKNPDRVLIGGDETPEGQRAVQALCAVYEHWVPREKILTTNTWSSELSKLAANLFLAQRISSINSISAL
CEATGADVEEVATAIGMDQRIGNKFLKASVGFGGSCFQKDVLNLVYLCEALNLPEVARYWQQVIDMNDYQRRRFASRIID
SLFNTVTDKKIAILGFAFKKDTGDTRESSSIYISKYLMDEGAHLHIYDPKVPREQIVVDLSHPGVSEDDQVSRLVTISKD
PYEACDGAHAVVICTEWDMFKELDYERIHKKMLKPAFIFDGRRVLDGLHNELQTIGFQIETIGKKVSSKRIPYAPSGEIP
KFSLQDPPNKKPKV
;
_entity_poly.pdbx_strand_id   A,B,C,D,E,F
#
# COMPACT_ATOMS: atom_id res chain seq x y z
N MET A 1 23.00 37.76 -40.48
CA MET A 1 22.80 38.97 -39.68
C MET A 1 23.88 39.09 -38.61
N PHE A 2 24.45 37.97 -38.20
CA PHE A 2 25.55 37.96 -37.25
C PHE A 2 26.41 36.74 -37.48
N GLU A 3 27.73 36.92 -37.40
CA GLU A 3 28.69 35.85 -37.60
C GLU A 3 29.54 35.68 -36.35
N ILE A 4 29.67 34.43 -35.90
CA ILE A 4 30.50 34.11 -34.75
C ILE A 4 31.94 33.92 -35.21
N LYS A 5 32.85 34.71 -34.65
CA LYS A 5 34.28 34.56 -34.92
C LYS A 5 35.08 34.15 -33.70
N LYS A 6 34.52 34.29 -32.50
CA LYS A 6 35.22 33.95 -31.26
C LYS A 6 34.25 33.21 -30.35
N ILE A 7 34.74 32.13 -29.73
CA ILE A 7 33.91 31.26 -28.91
C ILE A 7 34.59 31.05 -27.56
N CYS A 8 33.80 31.17 -26.49
CA CYS A 8 34.21 30.79 -25.15
C CYS A 8 33.29 29.68 -24.66
N CYS A 9 33.86 28.73 -23.91
CA CYS A 9 33.09 27.63 -23.36
C CYS A 9 33.42 27.49 -21.87
N ILE A 10 32.45 27.79 -21.02
CA ILE A 10 32.60 27.60 -19.58
C ILE A 10 32.36 26.13 -19.28
N GLY A 11 33.42 25.42 -18.90
CA GLY A 11 33.34 24.00 -18.67
C GLY A 11 34.23 23.22 -19.62
N ALA A 12 35.32 22.68 -19.09
CA ALA A 12 36.32 21.96 -19.88
C ALA A 12 36.34 20.48 -19.52
N GLY A 13 35.16 19.87 -19.41
CA GLY A 13 35.01 18.48 -19.05
C GLY A 13 34.81 17.59 -20.25
N TYR A 14 34.08 16.49 -20.03
CA TYR A 14 33.85 15.52 -21.11
C TYR A 14 32.99 16.10 -22.23
N VAL A 15 32.21 17.14 -21.95
CA VAL A 15 31.36 17.75 -22.97
C VAL A 15 32.10 18.91 -23.61
N GLY A 16 32.46 19.91 -22.81
CA GLY A 16 33.04 21.13 -23.36
C GLY A 16 34.36 20.89 -24.06
N GLY A 17 35.24 20.11 -23.43
CA GLY A 17 36.57 19.87 -23.94
C GLY A 17 36.59 19.33 -25.35
N PRO A 18 36.07 18.12 -25.54
CA PRO A 18 36.03 17.55 -26.91
C PRO A 18 35.24 18.39 -27.89
N THR A 19 34.08 18.93 -27.47
CA THR A 19 33.23 19.67 -28.39
C THR A 19 33.99 20.85 -29.00
N CYS A 20 34.63 21.66 -28.16
CA CYS A 20 35.37 22.81 -28.65
C CYS A 20 36.57 22.38 -29.48
N SER A 21 37.23 21.29 -29.09
CA SER A 21 38.38 20.82 -29.86
C SER A 21 37.99 20.51 -31.29
N VAL A 22 36.85 19.85 -31.49
CA VAL A 22 36.39 19.55 -32.84
C VAL A 22 35.97 20.83 -33.56
N ILE A 23 35.25 21.72 -32.86
CA ILE A 23 34.84 22.99 -33.46
C ILE A 23 36.06 23.77 -33.93
N ALA A 24 37.08 23.85 -33.07
CA ALA A 24 38.31 24.56 -33.44
C ALA A 24 39.02 23.85 -34.59
N HIS A 25 38.93 22.53 -34.65
CA HIS A 25 39.60 21.78 -35.71
C HIS A 25 38.86 21.93 -37.04
N MET A 26 37.53 22.09 -36.99
CA MET A 26 36.74 22.23 -38.21
C MET A 26 36.61 23.67 -38.69
N CYS A 27 36.82 24.65 -37.81
CA CYS A 27 36.66 26.07 -38.12
C CYS A 27 37.96 26.78 -37.79
N PRO A 28 38.96 26.72 -38.69
CA PRO A 28 40.26 27.33 -38.37
C PRO A 28 40.22 28.84 -38.25
N GLU A 29 39.18 29.50 -38.75
CA GLU A 29 39.07 30.95 -38.67
C GLU A 29 38.35 31.42 -37.40
N ILE A 30 37.89 30.50 -36.56
CA ILE A 30 37.19 30.83 -35.33
C ILE A 30 38.12 30.55 -34.16
N ARG A 31 38.28 31.54 -33.28
CA ARG A 31 39.08 31.37 -32.07
C ARG A 31 38.21 30.77 -30.97
N VAL A 32 38.68 29.68 -30.38
CA VAL A 32 37.91 28.92 -29.41
C VAL A 32 38.70 28.83 -28.11
N THR A 33 38.08 29.26 -27.02
CA THR A 33 38.72 29.28 -25.71
C THR A 33 37.89 28.48 -24.73
N VAL A 34 38.48 27.44 -24.16
CA VAL A 34 37.82 26.58 -23.19
C VAL A 34 38.33 26.98 -21.81
N VAL A 35 37.41 27.38 -20.93
CA VAL A 35 37.77 27.85 -19.60
C VAL A 35 37.14 26.93 -18.57
N ASP A 36 37.73 26.94 -17.37
CA ASP A 36 37.27 26.07 -16.30
C ASP A 36 37.80 26.61 -14.98
N VAL A 37 37.03 26.39 -13.91
CA VAL A 37 37.48 26.75 -12.58
C VAL A 37 38.56 25.79 -12.08
N ASN A 38 38.62 24.58 -12.63
CA ASN A 38 39.60 23.59 -12.21
C ASN A 38 40.92 23.87 -12.92
N GLU A 39 41.91 24.38 -12.18
CA GLU A 39 43.19 24.71 -12.79
C GLU A 39 43.98 23.46 -13.16
N SER A 40 43.97 22.45 -12.29
CA SER A 40 44.68 21.21 -12.60
C SER A 40 44.14 20.56 -13.86
N ARG A 41 42.82 20.64 -14.08
CA ARG A 41 42.24 20.13 -15.31
C ARG A 41 42.65 20.98 -16.51
N ILE A 42 42.72 22.30 -16.32
CA ILE A 42 43.14 23.19 -17.40
C ILE A 42 44.60 22.96 -17.74
N ASN A 43 45.45 22.80 -16.72
CA ASN A 43 46.86 22.51 -16.96
C ASN A 43 47.03 21.20 -17.72
N ALA A 44 46.16 20.23 -17.46
CA ALA A 44 46.25 18.95 -18.16
C ALA A 44 45.89 19.10 -19.63
N TRP A 45 44.87 19.93 -19.93
CA TRP A 45 44.52 20.18 -21.33
C TRP A 45 45.68 20.78 -22.11
N ASN A 46 46.54 21.54 -21.44
CA ASN A 46 47.70 22.15 -22.07
C ASN A 46 48.97 21.30 -21.95
N SER A 47 48.83 20.05 -21.52
CA SER A 47 49.93 19.13 -21.32
C SER A 47 49.88 18.01 -22.37
N PRO A 48 50.95 17.21 -22.49
CA PRO A 48 50.88 16.03 -23.36
C PRO A 48 49.93 14.95 -22.86
N THR A 49 49.45 15.03 -21.62
CA THR A 49 48.54 14.05 -21.04
C THR A 49 47.23 14.76 -20.71
N LEU A 50 46.21 14.55 -21.53
CA LEU A 50 44.93 15.21 -21.35
C LEU A 50 44.24 14.72 -20.08
N PRO A 51 43.34 15.54 -19.51
CA PRO A 51 42.69 15.14 -18.26
C PRO A 51 41.65 14.05 -18.41
N ILE A 52 41.19 13.76 -19.63
CA ILE A 52 40.26 12.67 -19.88
C ILE A 52 40.83 11.79 -20.99
N TYR A 53 40.46 10.51 -20.96
CA TYR A 53 40.84 9.59 -22.02
C TYR A 53 39.72 9.50 -23.03
N GLU A 54 40.02 9.90 -24.26
CA GLU A 54 39.07 9.83 -25.36
C GLU A 54 39.82 9.46 -26.63
N PRO A 55 39.44 8.35 -27.28
CA PRO A 55 40.16 7.92 -28.49
C PRO A 55 40.13 8.98 -29.58
N GLY A 56 41.31 9.44 -29.99
CA GLY A 56 41.44 10.45 -31.02
C GLY A 56 41.43 11.88 -30.51
N LEU A 57 41.17 12.10 -29.23
CA LEU A 57 41.10 13.46 -28.71
C LEU A 57 42.48 14.12 -28.69
N LYS A 58 43.52 13.34 -28.39
CA LYS A 58 44.87 13.89 -28.36
C LYS A 58 45.29 14.43 -29.72
N GLU A 59 44.96 13.71 -30.79
CA GLU A 59 45.33 14.16 -32.13
C GLU A 59 44.57 15.41 -32.53
N VAL A 60 43.33 15.57 -32.06
CA VAL A 60 42.54 16.75 -32.41
C VAL A 60 43.06 17.98 -31.67
N VAL A 61 43.31 17.85 -30.37
CA VAL A 61 43.76 18.99 -29.57
C VAL A 61 45.11 19.49 -30.06
N GLU A 62 46.08 18.58 -30.20
CA GLU A 62 47.42 18.95 -30.64
C GLU A 62 47.45 19.49 -32.06
N SER A 63 46.40 19.27 -32.85
CA SER A 63 46.37 19.79 -34.21
C SER A 63 46.07 21.29 -34.24
N CYS A 64 45.38 21.82 -33.23
CA CYS A 64 44.99 23.21 -33.26
C CYS A 64 45.20 23.96 -31.94
N ARG A 65 45.62 23.30 -30.86
CA ARG A 65 45.88 24.00 -29.61
C ARG A 65 47.05 24.98 -29.80
N GLY A 66 46.89 26.19 -29.28
CA GLY A 66 47.86 27.24 -29.48
C GLY A 66 47.72 28.01 -30.77
N LYS A 67 46.94 27.50 -31.72
CA LYS A 67 46.68 28.21 -32.98
C LYS A 67 45.35 28.93 -32.90
N ASN A 68 44.24 28.18 -32.83
CA ASN A 68 42.92 28.77 -32.62
C ASN A 68 42.17 28.13 -31.45
N LEU A 69 42.76 27.15 -30.77
CA LEU A 69 42.13 26.48 -29.64
C LEU A 69 42.97 26.76 -28.39
N PHE A 70 42.31 27.21 -27.32
CA PHE A 70 43.00 27.62 -26.12
C PHE A 70 42.28 27.09 -24.88
N PHE A 71 43.06 26.80 -23.85
CA PHE A 71 42.56 26.40 -22.54
C PHE A 71 43.13 27.35 -21.50
N SER A 72 42.27 27.83 -20.60
CA SER A 72 42.69 28.85 -19.64
C SER A 72 41.76 28.82 -18.43
N THR A 73 42.27 29.35 -17.33
CA THR A 73 41.46 29.58 -16.13
C THR A 73 40.86 30.98 -16.10
N ASN A 74 41.15 31.81 -17.11
CA ASN A 74 40.67 33.18 -17.15
C ASN A 74 39.26 33.18 -17.75
N ILE A 75 38.28 32.93 -16.87
CA ILE A 75 36.90 32.82 -17.33
C ILE A 75 36.34 34.20 -17.71
N ASP A 76 36.64 35.20 -16.91
CA ASP A 76 36.09 36.51 -17.16
C ASP A 76 36.48 37.17 -18.47
N ASP A 77 37.75 37.14 -18.80
CA ASP A 77 38.25 37.71 -20.03
C ASP A 77 37.77 36.96 -21.24
N ALA A 78 37.69 35.64 -21.14
CA ALA A 78 37.23 34.81 -22.23
C ALA A 78 35.81 35.19 -22.57
N ILE A 79 35.01 35.46 -21.56
CA ILE A 79 33.67 35.91 -21.77
C ILE A 79 33.60 37.27 -22.47
N LYS A 80 34.42 38.25 -22.06
CA LYS A 80 34.40 39.61 -22.57
C LYS A 80 34.64 39.67 -24.04
N GLU A 81 35.60 38.89 -24.47
CA GLU A 81 35.98 38.79 -25.85
C GLU A 81 35.04 38.03 -26.75
N ALA A 82 34.28 37.15 -26.18
CA ALA A 82 33.43 36.26 -26.94
C ALA A 82 32.15 36.69 -27.60
N ASP A 83 31.99 36.29 -28.84
CA ASP A 83 30.78 36.44 -29.59
C ASP A 83 29.77 35.44 -29.06
N LEU A 84 30.24 34.21 -28.86
CA LEU A 84 29.40 33.12 -28.40
C LEU A 84 29.96 32.48 -27.15
N VAL A 85 29.10 32.26 -26.18
CA VAL A 85 29.52 31.62 -24.96
C VAL A 85 28.77 30.35 -24.68
N PHE A 86 29.48 29.24 -24.62
CA PHE A 86 28.91 27.99 -24.30
C PHE A 86 28.94 27.82 -22.79
N ILE A 87 27.95 27.13 -22.28
CA ILE A 87 27.88 26.77 -20.87
C ILE A 87 27.79 25.25 -20.81
N SER A 88 28.88 24.61 -20.41
CA SER A 88 28.99 23.16 -20.37
C SER A 88 29.47 22.70 -18.99
N VAL A 89 28.79 23.18 -17.95
CA VAL A 89 29.10 22.83 -16.58
C VAL A 89 28.15 21.72 -16.13
N ASN A 90 28.51 21.05 -15.04
CA ASN A 90 27.71 19.95 -14.53
C ASN A 90 26.59 20.48 -13.64
N THR A 91 25.53 19.69 -13.52
CA THR A 91 24.38 19.99 -12.67
C THR A 91 24.17 18.79 -11.75
N PRO A 92 24.75 18.80 -10.56
CA PRO A 92 24.59 17.68 -9.64
C PRO A 92 23.17 17.63 -9.09
N THR A 93 22.79 16.45 -8.61
CA THR A 93 21.49 16.25 -7.99
C THR A 93 21.50 16.82 -6.58
N LYS A 94 20.39 17.46 -6.19
CA LYS A 94 20.28 18.02 -4.85
C LYS A 94 20.43 16.93 -3.80
N THR A 95 21.29 17.17 -2.82
CA THR A 95 21.49 16.23 -1.72
C THR A 95 20.62 16.54 -0.51
N TYR A 96 19.88 17.66 -0.54
CA TYR A 96 18.97 18.02 0.53
C TYR A 96 17.91 18.95 -0.03
N GLY A 97 16.93 19.26 0.81
CA GLY A 97 15.87 20.19 0.41
C GLY A 97 14.81 19.53 -0.46
N MET A 98 14.01 20.39 -1.08
CA MET A 98 12.94 19.94 -1.96
C MET A 98 13.52 19.25 -3.19
N GLY A 99 13.01 18.05 -3.47
CA GLY A 99 13.56 17.26 -4.55
C GLY A 99 14.85 16.55 -4.20
N LYS A 100 15.04 16.20 -2.93
CA LYS A 100 16.25 15.54 -2.49
C LYS A 100 16.46 14.23 -3.24
N GLY A 101 17.62 14.10 -3.88
CA GLY A 101 17.97 12.89 -4.59
C GLY A 101 17.30 12.70 -5.93
N ARG A 102 16.59 13.70 -6.43
CA ARG A 102 15.92 13.60 -7.73
C ARG A 102 16.09 14.87 -8.55
N ALA A 103 15.83 16.01 -7.94
CA ALA A 103 15.87 17.28 -8.65
C ALA A 103 17.30 17.73 -8.91
N ALA A 104 17.46 18.52 -9.97
CA ALA A 104 18.76 19.03 -10.35
C ALA A 104 19.07 20.32 -9.59
N ASP A 105 20.34 20.51 -9.25
CA ASP A 105 20.81 21.73 -8.60
C ASP A 105 21.40 22.63 -9.69
N LEU A 106 20.69 23.72 -9.99
CA LEU A 106 21.08 24.62 -11.06
C LEU A 106 21.99 25.75 -10.59
N LYS A 107 22.65 25.58 -9.44
CA LYS A 107 23.45 26.68 -8.89
C LYS A 107 24.65 27.01 -9.77
N TYR A 108 25.26 26.01 -10.43
CA TYR A 108 26.40 26.29 -11.28
C TYR A 108 25.98 26.99 -12.56
N ILE A 109 24.85 26.58 -13.15
CA ILE A 109 24.36 27.23 -14.34
C ILE A 109 23.94 28.67 -14.03
N GLU A 110 23.27 28.87 -12.90
CA GLU A 110 22.92 30.22 -12.48
C GLU A 110 24.17 31.07 -12.25
N ALA A 111 25.19 30.49 -11.60
CA ALA A 111 26.43 31.22 -11.37
C ALA A 111 27.10 31.61 -12.68
N CYS A 112 27.06 30.72 -13.68
CA CYS A 112 27.60 31.07 -15.00
C CYS A 112 26.84 32.26 -15.58
N ALA A 113 25.51 32.25 -15.46
CA ALA A 113 24.70 33.32 -16.06
C ALA A 113 25.05 34.67 -15.46
N ARG A 114 25.16 34.75 -14.13
CA ARG A 114 25.52 36.01 -13.48
C ARG A 114 26.94 36.42 -13.85
N ARG A 115 27.86 35.46 -13.90
CA ARG A 115 29.22 35.76 -14.33
C ARG A 115 29.25 36.33 -15.74
N ILE A 116 28.39 35.87 -16.61
CA ILE A 116 28.34 36.34 -17.98
C ILE A 116 27.88 37.79 -18.02
N VAL A 117 26.86 38.11 -17.26
CA VAL A 117 26.33 39.43 -17.19
C VAL A 117 27.39 40.37 -16.66
N GLN A 118 28.18 39.91 -15.72
CA GLN A 118 29.22 40.68 -15.16
C GLN A 118 30.27 41.14 -16.14
N ASN A 119 30.63 40.33 -17.11
CA ASN A 119 31.73 40.60 -18.02
C ASN A 119 31.28 40.81 -19.44
N SER A 120 30.03 41.23 -19.66
CA SER A 120 29.48 41.35 -21.00
C SER A 120 29.03 42.78 -21.26
N ASN A 121 29.41 43.29 -22.43
CA ASN A 121 28.86 44.52 -22.98
C ASN A 121 28.56 44.28 -24.45
N GLY A 122 27.44 44.81 -24.93
CA GLY A 122 27.07 44.62 -26.31
C GLY A 122 26.31 43.34 -26.57
N TYR A 123 26.58 42.70 -27.70
CA TYR A 123 25.83 41.55 -28.17
C TYR A 123 26.63 40.27 -27.94
N LYS A 124 26.01 39.29 -27.30
CA LYS A 124 26.60 37.96 -27.13
C LYS A 124 25.50 36.91 -27.22
N ILE A 125 25.89 35.72 -27.67
CA ILE A 125 25.00 34.57 -27.76
C ILE A 125 25.44 33.56 -26.71
N VAL A 126 24.57 33.28 -25.75
CA VAL A 126 24.85 32.33 -24.68
C VAL A 126 24.10 31.04 -24.99
N THR A 127 24.85 29.95 -25.16
CA THR A 127 24.29 28.67 -25.54
C THR A 127 24.59 27.64 -24.46
N GLU A 128 23.55 26.95 -23.99
CA GLU A 128 23.71 25.90 -23.00
C GLU A 128 23.89 24.56 -23.72
N LYS A 129 24.95 23.84 -23.36
CA LYS A 129 25.28 22.58 -24.02
C LYS A 129 25.63 21.54 -22.98
N SER A 130 24.84 20.47 -22.93
CA SER A 130 25.05 19.38 -21.99
C SER A 130 24.20 18.20 -22.43
N THR A 131 24.52 17.02 -21.88
CA THR A 131 23.75 15.82 -22.20
C THR A 131 22.44 15.75 -21.45
N VAL A 132 22.30 16.51 -20.36
CA VAL A 132 21.08 16.51 -19.54
C VAL A 132 20.67 17.96 -19.28
N PRO A 133 20.08 18.66 -20.26
CA PRO A 133 19.66 20.05 -20.02
C PRO A 133 18.32 20.13 -19.29
N VAL A 134 18.37 20.33 -17.98
CA VAL A 134 17.18 20.33 -17.13
C VAL A 134 16.80 21.78 -16.87
N ARG A 135 15.88 22.32 -17.69
CA ARG A 135 15.37 23.68 -17.53
C ARG A 135 16.50 24.70 -17.45
N ALA A 136 17.59 24.44 -18.16
CA ALA A 136 18.77 25.29 -18.08
C ALA A 136 18.59 26.60 -18.83
N ALA A 137 17.97 26.56 -20.01
CA ALA A 137 17.81 27.77 -20.81
C ALA A 137 16.90 28.78 -20.12
N GLU A 138 15.80 28.31 -19.53
CA GLU A 138 14.89 29.21 -18.84
C GLU A 138 15.58 29.91 -17.66
N SER A 139 16.39 29.16 -16.92
CA SER A 139 17.07 29.75 -15.76
C SER A 139 18.07 30.83 -16.19
N ILE A 140 18.75 30.61 -17.31
CA ILE A 140 19.67 31.61 -17.82
C ILE A 140 18.91 32.84 -18.32
N ARG A 141 17.79 32.62 -19.01
CA ARG A 141 17.03 33.74 -19.55
C ARG A 141 16.45 34.61 -18.44
N ARG A 142 16.01 34.00 -17.35
CA ARG A 142 15.42 34.77 -16.25
C ARG A 142 16.45 35.67 -15.58
N ILE A 143 17.70 35.23 -15.51
CA ILE A 143 18.75 36.08 -14.94
C ILE A 143 19.09 37.21 -15.91
N PHE A 144 19.16 36.89 -17.21
CA PHE A 144 19.48 37.93 -18.19
C PHE A 144 18.39 38.98 -18.27
N ASP A 145 17.12 38.57 -18.20
CA ASP A 145 16.02 39.52 -18.29
C ASP A 145 16.01 40.48 -17.11
N ALA A 146 16.49 40.05 -15.95
CA ALA A 146 16.46 40.86 -14.75
C ALA A 146 17.70 41.73 -14.57
N ASN A 147 18.74 41.52 -15.37
CA ASN A 147 19.99 42.27 -15.26
C ASN A 147 20.28 42.92 -16.62
N THR A 148 19.48 43.91 -16.98
CA THR A 148 19.67 44.63 -18.22
C THR A 148 20.61 45.81 -18.02
N LYS A 149 21.29 46.18 -19.10
CA LYS A 149 22.21 47.30 -19.14
C LYS A 149 22.04 48.03 -20.46
N PRO A 150 22.42 49.31 -20.52
CA PRO A 150 22.42 50.00 -21.81
C PRO A 150 23.36 49.31 -22.79
N ASN A 151 22.83 49.04 -23.99
CA ASN A 151 23.52 48.41 -25.11
C ASN A 151 23.84 46.93 -24.87
N LEU A 152 23.52 46.39 -23.70
CA LEU A 152 23.71 44.96 -23.46
C LEU A 152 22.55 44.19 -24.08
N ASN A 153 22.89 43.18 -24.90
CA ASN A 153 21.87 42.40 -25.62
C ASN A 153 22.35 40.94 -25.64
N LEU A 154 21.97 40.18 -24.61
CA LEU A 154 22.35 38.79 -24.50
C LEU A 154 21.23 37.91 -25.04
N GLN A 155 21.62 36.90 -25.83
CA GLN A 155 20.69 35.91 -26.36
C GLN A 155 20.96 34.57 -25.69
N VAL A 156 19.90 33.77 -25.53
CA VAL A 156 19.97 32.48 -24.88
C VAL A 156 19.53 31.41 -25.87
N LEU A 157 20.42 30.47 -26.15
CA LEU A 157 20.13 29.35 -27.02
C LEU A 157 20.30 28.03 -26.27
N SER A 158 19.64 27.00 -26.76
CA SER A 158 19.81 25.64 -26.29
C SER A 158 20.43 24.81 -27.40
N ASN A 159 21.45 24.02 -27.06
CA ASN A 159 22.13 23.16 -28.02
C ASN A 159 22.63 21.92 -27.31
N PRO A 160 21.76 20.93 -27.11
CA PRO A 160 22.17 19.72 -26.40
C PRO A 160 23.23 18.96 -27.16
N GLU A 161 24.07 18.25 -26.41
CA GLU A 161 25.16 17.48 -26.97
C GLU A 161 24.81 15.99 -26.93
N PHE A 162 24.87 15.34 -28.10
CA PHE A 162 24.47 13.95 -28.25
C PHE A 162 25.63 12.97 -28.20
N LEU A 163 26.86 13.44 -28.00
CA LEU A 163 28.00 12.55 -28.03
C LEU A 163 27.95 11.56 -26.87
N ALA A 164 28.58 10.41 -27.07
CA ALA A 164 28.75 9.40 -26.05
C ALA A 164 30.24 9.23 -25.78
N GLU A 165 30.61 9.11 -24.51
CA GLU A 165 32.01 8.97 -24.16
C GLU A 165 32.57 7.66 -24.70
N GLY A 166 33.85 7.69 -25.08
CA GLY A 166 34.49 6.61 -25.78
C GLY A 166 34.46 6.76 -27.29
N THR A 167 33.47 7.49 -27.82
CA THR A 167 33.33 7.74 -29.25
C THR A 167 33.02 9.21 -29.51
N ALA A 168 33.45 10.10 -28.62
CA ALA A 168 33.09 11.51 -28.71
C ALA A 168 33.62 12.14 -29.99
N ILE A 169 34.88 11.82 -30.36
CA ILE A 169 35.47 12.42 -31.56
C ILE A 169 34.69 12.01 -32.80
N LYS A 170 34.40 10.71 -32.92
CA LYS A 170 33.61 10.24 -34.06
C LYS A 170 32.21 10.82 -34.03
N ASP A 171 31.58 10.88 -32.85
CA ASP A 171 30.24 11.43 -32.74
C ASP A 171 30.20 12.91 -33.10
N LEU A 172 31.21 13.67 -32.67
CA LEU A 172 31.22 15.11 -32.94
C LEU A 172 31.51 15.40 -34.41
N LYS A 173 32.33 14.58 -35.06
CA LYS A 173 32.67 14.81 -36.46
C LYS A 173 31.55 14.41 -37.40
N ASN A 174 30.79 13.36 -37.05
CA ASN A 174 29.69 12.87 -37.89
C ASN A 174 28.48 12.62 -37.02
N PRO A 175 27.84 13.69 -36.52
CA PRO A 175 26.65 13.50 -35.67
C PRO A 175 25.46 13.06 -36.49
N ASP A 176 24.55 12.34 -35.83
CA ASP A 176 23.32 11.95 -36.50
C ASP A 176 22.44 13.17 -36.77
N ARG A 177 22.42 14.13 -35.85
CA ARG A 177 21.72 15.38 -36.06
C ARG A 177 22.19 16.40 -35.01
N VAL A 178 22.10 17.67 -35.38
CA VAL A 178 22.40 18.79 -34.49
C VAL A 178 21.09 19.46 -34.11
N LEU A 179 20.90 19.69 -32.81
CA LEU A 179 19.69 20.30 -32.29
C LEU A 179 20.03 21.67 -31.71
N ILE A 180 19.34 22.70 -32.21
CA ILE A 180 19.53 24.07 -31.76
C ILE A 180 18.18 24.67 -31.44
N GLY A 181 18.02 25.20 -30.24
CA GLY A 181 16.77 25.82 -29.82
C GLY A 181 16.96 27.31 -29.54
N GLY A 182 15.98 28.10 -29.99
CA GLY A 182 16.02 29.53 -29.76
C GLY A 182 14.62 30.11 -29.80
N ASP A 183 14.51 31.35 -29.30
CA ASP A 183 13.21 32.02 -29.27
C ASP A 183 12.67 32.23 -30.68
N GLU A 184 11.36 32.06 -30.82
CA GLU A 184 10.70 32.27 -32.10
C GLU A 184 10.48 33.76 -32.35
N THR A 185 11.54 34.55 -32.25
CA THR A 185 11.53 35.99 -32.43
C THR A 185 12.62 36.35 -33.43
N PRO A 186 12.62 37.59 -33.92
CA PRO A 186 13.74 38.01 -34.79
C PRO A 186 15.10 37.87 -34.11
N GLU A 187 15.19 38.18 -32.81
CA GLU A 187 16.45 38.02 -32.09
C GLU A 187 16.87 36.55 -32.05
N GLY A 188 15.95 35.67 -31.65
CA GLY A 188 16.27 34.25 -31.58
C GLY A 188 16.62 33.65 -32.93
N GLN A 189 15.98 34.13 -33.99
CA GLN A 189 16.28 33.60 -35.32
C GLN A 189 17.68 34.01 -35.76
N ARG A 190 18.09 35.21 -35.43
CA ARG A 190 19.41 35.67 -35.75
C ARG A 190 20.46 34.84 -35.00
N ALA A 191 20.17 34.56 -33.72
CA ALA A 191 21.12 33.78 -32.92
C ALA A 191 21.20 32.34 -33.39
N VAL A 192 20.06 31.74 -33.73
CA VAL A 192 20.05 30.34 -34.17
C VAL A 192 20.83 30.20 -35.48
N GLN A 193 20.53 31.05 -36.45
CA GLN A 193 21.22 30.97 -37.74
C GLN A 193 22.72 31.20 -37.58
N ALA A 194 23.11 32.08 -36.67
CA ALA A 194 24.54 32.32 -36.43
C ALA A 194 25.22 31.06 -35.91
N LEU A 195 24.60 30.35 -34.97
CA LEU A 195 25.18 29.10 -34.48
C LEU A 195 25.11 28.01 -35.52
N CYS A 196 24.07 28.00 -36.35
CA CYS A 196 24.00 27.02 -37.45
C CYS A 196 25.18 27.17 -38.39
N ALA A 197 25.59 28.41 -38.68
CA ALA A 197 26.68 28.64 -39.61
C ALA A 197 27.99 28.04 -39.10
N VAL A 198 28.16 27.97 -37.78
CA VAL A 198 29.36 27.34 -37.23
C VAL A 198 29.35 25.84 -37.55
N TYR A 199 28.23 25.17 -37.25
CA TYR A 199 28.16 23.74 -37.51
C TYR A 199 28.19 23.43 -39.01
N GLU A 200 27.79 24.38 -39.85
CA GLU A 200 27.70 24.14 -41.29
C GLU A 200 29.08 24.06 -41.93
N HIS A 201 30.12 24.30 -41.13
CA HIS A 201 31.49 24.09 -41.57
C HIS A 201 31.81 22.61 -41.77
N TRP A 202 31.12 21.72 -41.08
CA TRP A 202 31.35 20.30 -41.28
C TRP A 202 30.10 19.43 -41.16
N VAL A 203 28.95 19.99 -40.85
CA VAL A 203 27.70 19.24 -40.69
C VAL A 203 26.75 19.64 -41.80
N PRO A 204 26.18 18.68 -42.54
CA PRO A 204 25.23 19.04 -43.59
C PRO A 204 24.01 19.74 -43.02
N ARG A 205 23.44 20.65 -43.82
CA ARG A 205 22.31 21.45 -43.34
C ARG A 205 21.11 20.58 -43.01
N GLU A 206 20.89 19.50 -43.78
CA GLU A 206 19.73 18.65 -43.56
C GLU A 206 19.78 17.91 -42.23
N LYS A 207 20.92 17.92 -41.53
CA LYS A 207 21.07 17.27 -40.24
C LYS A 207 21.01 18.24 -39.08
N ILE A 208 20.69 19.51 -39.34
CA ILE A 208 20.63 20.55 -38.32
C ILE A 208 19.16 20.86 -38.06
N LEU A 209 18.68 20.54 -36.85
CA LEU A 209 17.30 20.76 -36.45
C LEU A 209 17.19 22.02 -35.62
N THR A 210 16.23 22.88 -35.96
CA THR A 210 16.00 24.12 -35.26
C THR A 210 14.59 24.12 -34.67
N THR A 211 14.48 24.64 -33.44
CA THR A 211 13.21 24.71 -32.73
C THR A 211 13.35 25.77 -31.64
N ASN A 212 12.42 25.76 -30.69
CA ASN A 212 12.53 26.64 -29.53
C ASN A 212 13.31 25.94 -28.41
N THR A 213 13.67 26.73 -27.40
CA THR A 213 14.58 26.22 -26.37
C THR A 213 13.97 25.10 -25.56
N TRP A 214 12.68 25.21 -25.23
CA TRP A 214 12.06 24.18 -24.41
C TRP A 214 11.92 22.87 -25.19
N SER A 215 11.39 22.95 -26.42
CA SER A 215 11.27 21.76 -27.25
C SER A 215 12.64 21.11 -27.47
N SER A 216 13.69 21.92 -27.55
CA SER A 216 15.04 21.37 -27.66
C SER A 216 15.41 20.54 -26.43
N GLU A 217 15.25 21.13 -25.24
CA GLU A 217 15.62 20.43 -24.02
C GLU A 217 14.72 19.21 -23.79
N LEU A 218 13.43 19.34 -24.07
CA LEU A 218 12.51 18.22 -23.91
C LEU A 218 12.91 17.06 -24.83
N SER A 219 13.38 17.38 -26.04
CA SER A 219 13.77 16.33 -26.97
C SER A 219 14.99 15.56 -26.47
N LYS A 220 15.98 16.28 -25.92
CA LYS A 220 17.15 15.62 -25.38
C LYS A 220 16.78 14.76 -24.17
N LEU A 221 15.91 15.29 -23.30
CA LEU A 221 15.41 14.51 -22.17
C LEU A 221 14.75 13.22 -22.66
N ALA A 222 13.92 13.31 -23.70
CA ALA A 222 13.22 12.14 -24.20
C ALA A 222 14.17 11.17 -24.90
N ALA A 223 15.15 11.70 -25.63
CA ALA A 223 16.07 10.83 -26.36
C ALA A 223 16.89 9.97 -25.41
N ASN A 224 17.40 10.55 -24.32
CA ASN A 224 18.16 9.76 -23.36
C ASN A 224 17.29 8.71 -22.68
N LEU A 225 16.00 9.01 -22.50
CA LEU A 225 15.09 8.03 -21.91
C LEU A 225 14.94 6.82 -22.82
N PHE A 226 14.72 7.06 -24.12
CA PHE A 226 14.57 5.96 -25.06
C PHE A 226 15.80 5.07 -25.08
N LEU A 227 16.99 5.67 -25.08
CA LEU A 227 18.22 4.87 -25.10
C LEU A 227 18.36 4.03 -23.84
N ALA A 228 18.16 4.65 -22.67
CA ALA A 228 18.27 3.92 -21.42
C ALA A 228 17.19 2.85 -21.31
N GLN A 229 16.01 3.10 -21.88
CA GLN A 229 14.93 2.12 -21.82
C GLN A 229 15.27 0.88 -22.64
N ARG A 230 15.94 1.07 -23.78
CA ARG A 230 16.36 -0.08 -24.57
C ARG A 230 17.28 -1.00 -23.78
N ILE A 231 18.20 -0.41 -23.00
CA ILE A 231 19.12 -1.21 -22.20
C ILE A 231 18.36 -1.97 -21.12
N SER A 232 17.47 -1.28 -20.39
CA SER A 232 16.72 -1.95 -19.34
C SER A 232 15.75 -2.98 -19.90
N SER A 233 15.22 -2.75 -21.10
CA SER A 233 14.33 -3.74 -21.69
C SER A 233 15.07 -5.01 -22.06
N ILE A 234 16.21 -4.88 -22.75
CA ILE A 234 16.99 -6.07 -23.10
C ILE A 234 17.57 -6.72 -21.85
N ASN A 235 17.78 -5.95 -20.78
CA ASN A 235 18.23 -6.55 -19.52
C ASN A 235 17.10 -7.32 -18.84
N SER A 236 15.87 -6.84 -18.96
CA SER A 236 14.73 -7.61 -18.45
C SER A 236 14.60 -8.91 -19.21
N ILE A 237 14.91 -8.90 -20.52
CA ILE A 237 14.90 -10.13 -21.30
C ILE A 237 16.04 -11.05 -20.87
N SER A 238 17.19 -10.48 -20.46
CA SER A 238 18.29 -11.32 -20.00
C SER A 238 17.91 -12.09 -18.74
N ALA A 239 17.03 -11.53 -17.90
CA ALA A 239 16.52 -12.26 -16.75
C ALA A 239 15.63 -13.41 -17.19
N LEU A 240 14.79 -13.19 -18.21
CA LEU A 240 13.94 -14.25 -18.73
C LEU A 240 14.76 -15.38 -19.34
N CYS A 241 15.81 -15.03 -20.10
CA CYS A 241 16.64 -16.04 -20.72
C CYS A 241 17.33 -16.91 -19.68
N GLU A 242 17.80 -16.30 -18.59
CA GLU A 242 18.46 -17.07 -17.54
C GLU A 242 17.51 -18.06 -16.89
N ALA A 243 16.22 -17.71 -16.81
CA ALA A 243 15.24 -18.55 -16.13
C ALA A 243 14.61 -19.61 -17.02
N THR A 244 14.79 -19.53 -18.33
CA THR A 244 14.12 -20.44 -19.25
C THR A 244 15.06 -21.19 -20.19
N GLY A 245 16.37 -20.93 -20.14
CA GLY A 245 17.31 -21.68 -20.93
C GLY A 245 17.63 -21.11 -22.29
N ALA A 246 17.37 -19.84 -22.53
CA ALA A 246 17.69 -19.18 -23.79
C ALA A 246 18.90 -18.27 -23.60
N ASP A 247 19.36 -17.71 -24.71
CA ASP A 247 20.50 -16.80 -24.76
C ASP A 247 20.01 -15.42 -25.18
N VAL A 248 20.28 -14.40 -24.36
CA VAL A 248 19.80 -13.07 -24.67
C VAL A 248 20.46 -12.53 -25.93
N GLU A 249 21.70 -12.94 -26.20
CA GLU A 249 22.38 -12.48 -27.41
C GLU A 249 21.67 -12.98 -28.67
N GLU A 250 21.20 -14.23 -28.66
CA GLU A 250 20.44 -14.74 -29.79
C GLU A 250 19.10 -14.03 -29.90
N VAL A 251 18.41 -13.84 -28.77
CA VAL A 251 17.13 -13.13 -28.79
C VAL A 251 17.32 -11.70 -29.29
N ALA A 252 18.36 -11.01 -28.81
CA ALA A 252 18.61 -9.64 -29.22
C ALA A 252 18.90 -9.55 -30.72
N THR A 253 19.50 -10.58 -31.30
CA THR A 253 19.73 -10.59 -32.74
C THR A 253 18.42 -10.67 -33.50
N ALA A 254 17.50 -11.53 -33.06
CA ALA A 254 16.21 -11.63 -33.73
C ALA A 254 15.38 -10.37 -33.54
N ILE A 255 15.51 -9.71 -32.38
CA ILE A 255 14.79 -8.46 -32.16
C ILE A 255 15.31 -7.37 -33.08
N GLY A 256 16.64 -7.20 -33.13
CA GLY A 256 17.24 -6.08 -33.84
C GLY A 256 17.05 -6.11 -35.34
N MET A 257 16.75 -7.28 -35.92
CA MET A 257 16.56 -7.34 -37.36
C MET A 257 15.25 -6.69 -37.81
N ASP A 258 14.33 -6.42 -36.89
CA ASP A 258 13.17 -5.60 -37.19
C ASP A 258 13.63 -4.16 -37.38
N GLN A 259 13.52 -3.65 -38.60
CA GLN A 259 13.99 -2.30 -38.89
C GLN A 259 13.18 -1.24 -38.13
N ARG A 260 11.99 -1.58 -37.65
CA ARG A 260 11.25 -0.66 -36.79
C ARG A 260 11.89 -0.57 -35.40
N ILE A 261 12.59 -1.61 -34.98
CA ILE A 261 13.23 -1.61 -33.66
C ILE A 261 14.69 -1.18 -33.76
N GLY A 262 15.41 -1.65 -34.77
CA GLY A 262 16.83 -1.35 -34.88
C GLY A 262 17.66 -2.32 -34.06
N ASN A 263 18.91 -2.53 -34.46
CA ASN A 263 19.78 -3.50 -33.80
C ASN A 263 20.81 -2.84 -32.88
N LYS A 264 20.64 -1.57 -32.55
CA LYS A 264 21.57 -0.87 -31.68
C LYS A 264 21.04 -0.81 -30.26
N PHE A 265 21.98 -0.72 -29.31
CA PHE A 265 21.65 -0.59 -27.88
C PHE A 265 20.82 -1.76 -27.38
N LEU A 266 21.18 -2.96 -27.83
CA LEU A 266 20.53 -4.20 -27.40
C LEU A 266 21.53 -5.15 -26.77
N LYS A 267 22.58 -4.61 -26.15
CA LYS A 267 23.62 -5.40 -25.52
C LYS A 267 23.33 -5.47 -24.03
N ALA A 268 22.84 -6.63 -23.57
CA ALA A 268 22.60 -6.82 -22.14
C ALA A 268 23.89 -6.67 -21.36
N SER A 269 23.77 -6.17 -20.14
CA SER A 269 24.95 -5.88 -19.32
C SER A 269 24.57 -5.97 -17.85
N VAL A 270 25.55 -5.71 -16.98
CA VAL A 270 25.30 -5.66 -15.55
C VAL A 270 24.43 -4.46 -15.19
N GLY A 271 24.42 -3.44 -16.03
CA GLY A 271 23.58 -2.27 -15.83
C GLY A 271 24.28 -1.06 -16.42
N PHE A 272 23.46 -0.15 -16.91
CA PHE A 272 23.98 1.08 -17.46
C PHE A 272 24.50 2.00 -16.38
N GLY A 273 25.54 2.71 -16.74
CA GLY A 273 26.21 3.68 -15.89
C GLY A 273 26.31 4.98 -16.61
N GLY A 274 27.11 5.89 -16.13
CA GLY A 274 27.28 7.17 -16.76
C GLY A 274 26.54 8.29 -16.10
N SER A 275 26.98 9.49 -16.35
CA SER A 275 26.41 10.69 -15.79
C SER A 275 25.14 11.15 -16.44
N CYS A 276 24.71 10.49 -17.50
CA CYS A 276 23.49 10.92 -18.15
C CYS A 276 22.20 10.18 -17.90
N PHE A 277 22.16 8.89 -18.11
CA PHE A 277 20.93 8.17 -18.00
C PHE A 277 20.19 8.14 -16.66
N GLN A 278 20.84 7.81 -15.57
CA GLN A 278 20.14 7.73 -14.32
C GLN A 278 19.65 9.10 -13.95
N LYS A 279 20.50 10.07 -14.18
CA LYS A 279 20.21 11.43 -13.90
C LYS A 279 19.01 11.91 -14.72
N ASP A 280 18.94 11.52 -15.97
CA ASP A 280 17.84 11.91 -16.79
C ASP A 280 16.51 11.37 -16.35
N VAL A 281 16.48 10.13 -15.92
CA VAL A 281 15.26 9.55 -15.46
C VAL A 281 14.77 10.24 -14.19
N LEU A 282 15.68 10.55 -13.30
CA LEU A 282 15.34 11.21 -12.08
C LEU A 282 14.81 12.59 -12.35
N ASN A 283 15.39 13.24 -13.33
CA ASN A 283 14.94 14.59 -13.65
C ASN A 283 13.53 14.58 -14.25
N LEU A 284 13.26 13.58 -15.06
CA LEU A 284 11.94 13.42 -15.66
C LEU A 284 10.90 13.17 -14.58
N VAL A 285 11.24 12.33 -13.61
CA VAL A 285 10.33 11.98 -12.53
C VAL A 285 9.99 13.21 -11.71
N TYR A 286 11.00 14.01 -11.35
CA TYR A 286 10.75 15.22 -10.58
C TYR A 286 9.97 16.25 -11.41
N LEU A 287 10.30 16.37 -12.70
CA LEU A 287 9.54 17.26 -13.57
C LEU A 287 8.07 16.89 -13.59
N CYS A 288 7.76 15.58 -13.60
CA CYS A 288 6.37 15.14 -13.60
C CYS A 288 5.69 15.45 -12.27
N GLU A 289 6.44 15.52 -11.18
CA GLU A 289 5.85 15.90 -9.90
C GLU A 289 5.37 17.35 -9.95
N ALA A 290 6.16 18.24 -10.55
CA ALA A 290 5.74 19.63 -10.65
C ALA A 290 4.60 19.81 -11.64
N LEU A 291 4.47 18.89 -12.59
CA LEU A 291 3.43 18.96 -13.62
C LEU A 291 2.21 18.13 -13.29
N ASN A 292 2.21 17.42 -12.16
CA ASN A 292 1.11 16.54 -11.77
C ASN A 292 0.86 15.47 -12.84
N LEU A 293 1.94 14.76 -13.21
CA LEU A 293 1.88 13.67 -14.18
C LEU A 293 2.47 12.42 -13.55
N PRO A 294 1.81 11.85 -12.53
CA PRO A 294 2.39 10.69 -11.85
C PRO A 294 2.42 9.43 -12.71
N GLU A 295 1.51 9.30 -13.68
CA GLU A 295 1.54 8.13 -14.56
C GLU A 295 2.77 8.15 -15.44
N VAL A 296 3.18 9.33 -15.90
CA VAL A 296 4.39 9.42 -16.72
C VAL A 296 5.63 9.15 -15.89
N ALA A 297 5.66 9.66 -14.65
CA ALA A 297 6.79 9.40 -13.77
C ALA A 297 6.88 7.91 -13.44
N ARG A 298 5.74 7.29 -13.13
CA ARG A 298 5.73 5.86 -12.83
C ARG A 298 6.22 5.04 -14.01
N TYR A 299 5.89 5.46 -15.24
CA TYR A 299 6.29 4.71 -16.42
C TYR A 299 7.81 4.70 -16.58
N TRP A 300 8.44 5.87 -16.49
CA TRP A 300 9.88 5.96 -16.70
C TRP A 300 10.68 5.58 -15.48
N GLN A 301 10.06 5.55 -14.29
CA GLN A 301 10.76 5.08 -13.10
C GLN A 301 11.25 3.66 -13.27
N GLN A 302 10.52 2.84 -14.03
CA GLN A 302 10.88 1.43 -14.21
C GLN A 302 12.22 1.25 -14.90
N VAL A 303 12.68 2.24 -15.66
CA VAL A 303 14.00 2.14 -16.26
C VAL A 303 15.08 2.10 -15.19
N ILE A 304 14.89 2.83 -14.10
CA ILE A 304 15.85 2.80 -13.00
C ILE A 304 15.67 1.55 -12.16
N ASP A 305 14.42 1.19 -11.85
CA ASP A 305 14.18 0.01 -11.02
C ASP A 305 14.70 -1.26 -11.68
N MET A 306 14.53 -1.38 -13.00
CA MET A 306 15.06 -2.53 -13.72
C MET A 306 16.58 -2.53 -13.70
N ASN A 307 17.19 -1.34 -13.78
CA ASN A 307 18.65 -1.27 -13.76
C ASN A 307 19.21 -1.65 -12.40
N ASP A 308 18.58 -1.19 -11.32
CA ASP A 308 19.01 -1.59 -9.99
C ASP A 308 18.81 -3.08 -9.76
N TYR A 309 17.74 -3.63 -10.33
CA TYR A 309 17.49 -5.06 -10.21
C TYR A 309 18.54 -5.87 -10.95
N GLN A 310 18.88 -5.45 -12.17
CA GLN A 310 19.88 -6.16 -12.95
C GLN A 310 21.21 -6.23 -12.20
N ARG A 311 21.61 -5.14 -11.55
CA ARG A 311 22.84 -5.12 -10.78
C ARG A 311 22.77 -6.05 -9.58
N ARG A 312 21.67 -5.96 -8.81
CA ARG A 312 21.53 -6.81 -7.64
C ARG A 312 21.54 -8.29 -8.01
N ARG A 313 20.88 -8.64 -9.12
CA ARG A 313 20.82 -10.04 -9.52
C ARG A 313 22.21 -10.55 -9.91
N PHE A 314 23.02 -9.70 -10.55
CA PHE A 314 24.36 -10.09 -10.92
C PHE A 314 25.23 -10.28 -9.68
N ALA A 315 25.11 -9.39 -8.70
CA ALA A 315 25.88 -9.53 -7.47
C ALA A 315 25.42 -10.76 -6.69
N SER A 316 24.11 -11.04 -6.69
CA SER A 316 23.60 -12.20 -5.97
C SER A 316 24.11 -13.50 -6.58
N ARG A 317 24.21 -13.56 -7.91
CA ARG A 317 24.74 -14.77 -8.54
C ARG A 317 26.19 -15.00 -8.17
N ILE A 318 26.95 -13.92 -8.01
CA ILE A 318 28.34 -14.04 -7.57
C ILE A 318 28.40 -14.58 -6.14
N ILE A 319 27.62 -13.98 -5.25
CA ILE A 319 27.61 -14.40 -3.85
C ILE A 319 27.07 -15.82 -3.72
N ASP A 320 26.05 -16.16 -4.52
CA ASP A 320 25.45 -17.50 -4.46
C ASP A 320 26.48 -18.56 -4.87
N SER A 321 27.20 -18.33 -5.97
CA SER A 321 28.18 -19.31 -6.43
C SER A 321 29.30 -19.53 -5.41
N LEU A 322 29.49 -18.61 -4.47
CA LEU A 322 30.52 -18.72 -3.45
C LEU A 322 29.95 -19.13 -2.09
N PHE A 323 28.92 -19.98 -2.09
CA PHE A 323 28.33 -20.55 -0.87
C PHE A 323 27.70 -19.49 0.02
N ASN A 324 27.34 -18.33 -0.54
CA ASN A 324 26.76 -17.22 0.22
C ASN A 324 27.67 -16.75 1.34
N THR A 325 28.97 -16.98 1.23
CA THR A 325 29.94 -16.51 2.21
C THR A 325 31.20 -16.09 1.46
N VAL A 326 31.54 -14.80 1.55
CA VAL A 326 32.66 -14.27 0.77
C VAL A 326 33.66 -13.59 1.70
N THR A 327 33.54 -13.86 3.00
CA THR A 327 34.46 -13.27 3.96
C THR A 327 35.88 -13.78 3.73
N ASP A 328 36.82 -12.84 3.60
CA ASP A 328 38.24 -13.12 3.40
C ASP A 328 38.51 -13.86 2.08
N LYS A 329 37.60 -13.80 1.12
CA LYS A 329 37.80 -14.41 -0.19
C LYS A 329 38.24 -13.35 -1.19
N LYS A 330 39.31 -13.65 -1.92
CA LYS A 330 39.82 -12.74 -2.92
C LYS A 330 38.99 -12.82 -4.20
N ILE A 331 38.53 -11.67 -4.68
CA ILE A 331 37.76 -11.58 -5.91
C ILE A 331 38.40 -10.53 -6.80
N ALA A 332 38.63 -10.87 -8.06
CA ALA A 332 39.18 -9.93 -9.04
C ALA A 332 38.05 -9.18 -9.72
N ILE A 333 38.17 -7.85 -9.77
CA ILE A 333 37.23 -6.99 -10.48
C ILE A 333 37.97 -6.42 -11.68
N LEU A 334 37.60 -6.87 -12.87
CA LEU A 334 38.23 -6.42 -14.11
C LEU A 334 37.35 -5.34 -14.75
N GLY A 335 37.81 -4.09 -14.67
CA GLY A 335 37.09 -2.99 -15.25
C GLY A 335 36.32 -2.17 -14.24
N PHE A 336 36.60 -0.87 -14.16
CA PHE A 336 35.90 0.01 -13.25
C PHE A 336 35.22 1.19 -13.93
N ALA A 337 35.58 1.51 -15.17
CA ALA A 337 34.89 2.55 -15.91
C ALA A 337 33.46 2.11 -16.25
N PHE A 338 32.59 3.10 -16.48
CA PHE A 338 31.21 2.77 -16.79
C PHE A 338 31.05 2.22 -18.19
N LYS A 339 32.05 2.38 -19.05
CA LYS A 339 32.08 1.76 -20.36
C LYS A 339 33.53 1.73 -20.83
N LYS A 340 33.78 1.03 -21.93
CA LYS A 340 35.14 0.91 -22.43
C LYS A 340 35.59 2.20 -23.08
N ASP A 341 36.92 2.32 -23.24
CA ASP A 341 37.55 3.45 -23.93
C ASP A 341 37.32 4.77 -23.20
N THR A 342 37.26 4.73 -21.87
CA THR A 342 37.15 5.94 -21.07
C THR A 342 37.63 5.66 -19.67
N GLY A 343 38.07 6.71 -18.98
CA GLY A 343 38.38 6.65 -17.58
C GLY A 343 37.27 7.12 -16.66
N ASP A 344 36.14 7.54 -17.23
CA ASP A 344 35.02 8.02 -16.44
C ASP A 344 34.39 6.88 -15.66
N THR A 345 34.11 7.13 -14.38
CA THR A 345 33.51 6.13 -13.50
C THR A 345 32.17 6.58 -12.93
N ARG A 346 31.62 7.70 -13.41
CA ARG A 346 30.39 8.23 -12.84
C ARG A 346 29.24 7.24 -13.03
N GLU A 347 28.65 6.82 -11.90
CA GLU A 347 27.53 5.88 -11.86
C GLU A 347 27.88 4.53 -12.48
N SER A 348 29.17 4.17 -12.52
CA SER A 348 29.57 2.90 -13.09
C SER A 348 29.02 1.75 -12.26
N SER A 349 28.51 0.72 -12.96
CA SER A 349 28.05 -0.49 -12.29
C SER A 349 29.15 -1.16 -11.48
N SER A 350 30.42 -0.92 -11.82
CA SER A 350 31.52 -1.49 -11.05
C SER A 350 31.51 -1.01 -9.62
N ILE A 351 31.08 0.23 -9.37
CA ILE A 351 31.00 0.73 -8.01
C ILE A 351 29.95 -0.04 -7.22
N TYR A 352 28.78 -0.24 -7.83
CA TYR A 352 27.69 -0.91 -7.13
C TYR A 352 27.98 -2.38 -6.89
N ILE A 353 28.56 -3.06 -7.87
CA ILE A 353 28.91 -4.47 -7.69
C ILE A 353 29.98 -4.61 -6.61
N SER A 354 30.95 -3.69 -6.60
CA SER A 354 31.99 -3.73 -5.57
C SER A 354 31.41 -3.54 -4.18
N LYS A 355 30.47 -2.59 -4.03
CA LYS A 355 29.89 -2.34 -2.72
C LYS A 355 29.06 -3.52 -2.23
N TYR A 356 28.36 -4.19 -3.14
CA TYR A 356 27.64 -5.41 -2.77
C TYR A 356 28.61 -6.50 -2.32
N LEU A 357 29.76 -6.62 -2.98
CA LEU A 357 30.75 -7.60 -2.58
C LEU A 357 31.45 -7.20 -1.29
N MET A 358 31.71 -5.90 -1.11
CA MET A 358 32.32 -5.43 0.13
C MET A 358 31.41 -5.64 1.32
N ASP A 359 30.09 -5.55 1.11
CA ASP A 359 29.15 -5.82 2.19
C ASP A 359 29.21 -7.27 2.65
N GLU A 360 29.74 -8.16 1.81
CA GLU A 360 29.95 -9.56 2.18
C GLU A 360 31.32 -9.81 2.79
N GLY A 361 32.17 -8.79 2.87
CA GLY A 361 33.51 -8.97 3.39
C GLY A 361 34.52 -9.46 2.39
N ALA A 362 34.24 -9.31 1.09
CA ALA A 362 35.15 -9.80 0.07
C ALA A 362 36.42 -8.95 0.00
N HIS A 363 37.53 -9.60 -0.33
CA HIS A 363 38.79 -8.92 -0.60
C HIS A 363 38.85 -8.64 -2.09
N LEU A 364 38.59 -7.40 -2.47
CA LEU A 364 38.51 -7.02 -3.88
C LEU A 364 39.87 -6.56 -4.39
N HIS A 365 40.24 -7.06 -5.56
CA HIS A 365 41.42 -6.60 -6.30
C HIS A 365 40.93 -6.09 -7.65
N ILE A 366 40.97 -4.77 -7.83
CA ILE A 366 40.34 -4.11 -8.97
C ILE A 366 41.42 -3.70 -9.97
N TYR A 367 41.18 -3.98 -11.25
CA TYR A 367 42.04 -3.53 -12.32
C TYR A 367 41.21 -2.81 -13.38
N ASP A 368 41.73 -1.68 -13.86
CA ASP A 368 41.15 -0.98 -14.99
C ASP A 368 42.30 -0.30 -15.70
N PRO A 369 42.37 -0.40 -17.04
CA PRO A 369 43.54 0.14 -17.75
C PRO A 369 43.58 1.65 -17.86
N LYS A 370 42.49 2.36 -17.52
CA LYS A 370 42.48 3.80 -17.72
C LYS A 370 42.02 4.57 -16.49
N VAL A 371 41.21 3.95 -15.65
CA VAL A 371 40.72 4.64 -14.45
C VAL A 371 41.87 4.85 -13.47
N PRO A 372 42.12 6.08 -13.03
CA PRO A 372 43.20 6.30 -12.04
C PRO A 372 42.87 5.64 -10.71
N ARG A 373 43.92 5.24 -10.00
CA ARG A 373 43.73 4.50 -8.77
C ARG A 373 43.04 5.35 -7.70
N GLU A 374 43.34 6.65 -7.66
CA GLU A 374 42.72 7.52 -6.66
C GLU A 374 41.21 7.65 -6.88
N GLN A 375 40.77 7.57 -8.14
CA GLN A 375 39.34 7.69 -8.42
C GLN A 375 38.58 6.48 -7.88
N ILE A 376 39.16 5.28 -8.01
CA ILE A 376 38.50 4.08 -7.49
C ILE A 376 38.34 4.19 -5.97
N VAL A 377 39.37 4.68 -5.29
CA VAL A 377 39.30 4.80 -3.83
C VAL A 377 38.21 5.77 -3.43
N VAL A 378 38.14 6.92 -4.10
CA VAL A 378 37.09 7.90 -3.80
C VAL A 378 35.71 7.32 -4.06
N ASP A 379 35.56 6.59 -5.17
CA ASP A 379 34.26 6.01 -5.50
C ASP A 379 33.80 5.02 -4.44
N LEU A 380 34.71 4.18 -3.96
CA LEU A 380 34.34 3.18 -2.97
C LEU A 380 34.29 3.75 -1.55
N SER A 381 35.04 4.82 -1.29
CA SER A 381 35.01 5.47 0.02
C SER A 381 33.82 6.40 0.18
N HIS A 382 32.98 6.54 -0.82
CA HIS A 382 31.85 7.46 -0.75
C HIS A 382 30.90 7.03 0.36
N PRO A 383 30.44 7.95 1.22
CA PRO A 383 29.53 7.65 2.33
C PRO A 383 28.15 7.21 1.84
N ASP A 388 38.63 5.58 3.80
CA ASP A 388 37.53 4.79 4.33
C ASP A 388 38.06 3.59 5.10
N ASP A 389 37.32 3.17 6.13
CA ASP A 389 37.74 2.03 6.92
C ASP A 389 37.51 0.71 6.17
N GLN A 390 36.32 0.55 5.59
CA GLN A 390 36.03 -0.67 4.85
C GLN A 390 36.87 -0.78 3.58
N VAL A 391 37.15 0.36 2.93
CA VAL A 391 37.98 0.33 1.73
C VAL A 391 39.41 -0.06 2.08
N SER A 392 39.92 0.41 3.24
CA SER A 392 41.28 0.06 3.64
C SER A 392 41.41 -1.43 3.93
N ARG A 393 40.37 -2.04 4.49
CA ARG A 393 40.47 -3.45 4.88
C ARG A 393 40.24 -4.40 3.71
N LEU A 394 39.49 -3.98 2.69
CA LEU A 394 39.02 -4.91 1.66
C LEU A 394 39.47 -4.60 0.25
N VAL A 395 39.84 -3.36 -0.06
CA VAL A 395 40.07 -2.94 -1.45
C VAL A 395 41.56 -2.91 -1.75
N THR A 396 41.93 -3.44 -2.90
CA THR A 396 43.29 -3.38 -3.42
C THR A 396 43.22 -3.03 -4.90
N ILE A 397 44.01 -2.05 -5.32
CA ILE A 397 44.07 -1.64 -6.72
C ILE A 397 45.28 -2.32 -7.36
N SER A 398 45.02 -3.12 -8.39
CA SER A 398 46.07 -3.87 -9.06
C SER A 398 46.59 -3.12 -10.28
N LYS A 399 47.82 -3.44 -10.66
CA LYS A 399 48.47 -2.83 -11.82
C LYS A 399 48.34 -3.67 -13.08
N ASP A 400 47.96 -4.94 -12.97
CA ASP A 400 47.75 -5.80 -14.12
C ASP A 400 46.71 -6.84 -13.77
N PRO A 401 45.98 -7.39 -14.76
CA PRO A 401 44.92 -8.35 -14.44
C PRO A 401 45.42 -9.63 -13.79
N TYR A 402 46.61 -10.10 -14.15
CA TYR A 402 47.12 -11.34 -13.58
C TYR A 402 47.42 -11.19 -12.09
N GLU A 403 47.79 -9.98 -11.66
CA GLU A 403 47.99 -9.73 -10.23
C GLU A 403 46.66 -9.76 -9.47
N ALA A 404 45.61 -9.20 -10.07
CA ALA A 404 44.32 -9.16 -9.40
C ALA A 404 43.67 -10.54 -9.33
N CYS A 405 44.03 -11.44 -10.25
CA CYS A 405 43.44 -12.77 -10.27
C CYS A 405 44.25 -13.80 -9.50
N ASP A 406 45.45 -13.45 -9.05
CA ASP A 406 46.34 -14.42 -8.39
C ASP A 406 45.75 -14.82 -7.05
N GLY A 407 45.31 -16.07 -6.94
CA GLY A 407 44.74 -16.56 -5.70
C GLY A 407 43.30 -16.17 -5.48
N ALA A 408 42.57 -15.83 -6.53
CA ALA A 408 41.19 -15.40 -6.39
C ALA A 408 40.23 -16.56 -6.57
N HIS A 409 39.03 -16.41 -6.00
CA HIS A 409 37.96 -17.39 -6.19
C HIS A 409 37.14 -17.11 -7.45
N ALA A 410 36.99 -15.85 -7.82
CA ALA A 410 36.15 -15.47 -8.95
C ALA A 410 36.77 -14.30 -9.68
N VAL A 411 36.48 -14.22 -10.98
CA VAL A 411 36.88 -13.10 -11.83
C VAL A 411 35.62 -12.45 -12.35
N VAL A 412 35.42 -11.17 -12.01
CA VAL A 412 34.20 -10.45 -12.34
C VAL A 412 34.55 -9.37 -13.35
N ILE A 413 34.07 -9.53 -14.58
CA ILE A 413 34.28 -8.57 -15.65
C ILE A 413 33.10 -7.61 -15.67
N CYS A 414 33.35 -6.34 -15.38
CA CYS A 414 32.31 -5.33 -15.32
C CYS A 414 32.35 -4.33 -16.47
N THR A 415 33.48 -4.22 -17.17
CA THR A 415 33.63 -3.28 -18.28
C THR A 415 34.13 -4.03 -19.50
N GLU A 416 33.60 -3.66 -20.67
CA GLU A 416 33.87 -4.40 -21.90
C GLU A 416 35.21 -4.05 -22.55
N TRP A 417 36.26 -3.84 -21.74
CA TRP A 417 37.58 -3.60 -22.29
C TRP A 417 38.00 -4.75 -23.18
N ASP A 418 38.45 -4.42 -24.40
CA ASP A 418 38.78 -5.47 -25.37
C ASP A 418 39.98 -6.30 -24.92
N MET A 419 40.84 -5.75 -24.08
CA MET A 419 42.01 -6.49 -23.62
C MET A 419 41.64 -7.70 -22.76
N PHE A 420 40.45 -7.70 -22.17
CA PHE A 420 40.05 -8.80 -21.28
C PHE A 420 39.82 -10.10 -22.03
N LYS A 421 39.50 -10.05 -23.31
CA LYS A 421 39.30 -11.27 -24.08
C LYS A 421 40.60 -11.86 -24.61
N GLU A 422 41.71 -11.14 -24.48
CA GLU A 422 43.01 -11.62 -24.93
C GLU A 422 43.91 -12.04 -23.78
N LEU A 423 43.39 -12.13 -22.57
CA LEU A 423 44.19 -12.50 -21.43
C LEU A 423 44.57 -13.98 -21.49
N ASP A 424 45.68 -14.31 -20.82
CA ASP A 424 46.13 -15.69 -20.70
C ASP A 424 45.32 -16.35 -19.59
N TYR A 425 44.23 -17.00 -19.99
CA TYR A 425 43.32 -17.59 -19.00
C TYR A 425 43.81 -18.94 -18.49
N GLU A 426 44.76 -19.59 -19.17
CA GLU A 426 45.40 -20.76 -18.59
C GLU A 426 46.27 -20.38 -17.40
N ARG A 427 47.02 -19.27 -17.53
CA ARG A 427 47.83 -18.79 -16.42
C ARG A 427 46.96 -18.35 -15.25
N ILE A 428 45.84 -17.70 -15.54
CA ILE A 428 44.92 -17.26 -14.48
C ILE A 428 44.36 -18.47 -13.73
N HIS A 429 43.95 -19.51 -14.47
CA HIS A 429 43.30 -20.65 -13.85
C HIS A 429 44.26 -21.41 -12.92
N LYS A 430 45.54 -21.48 -13.28
CA LYS A 430 46.49 -22.25 -12.47
C LYS A 430 46.63 -21.65 -11.07
N LYS A 431 46.72 -20.32 -10.97
CA LYS A 431 46.93 -19.66 -9.70
C LYS A 431 45.62 -19.20 -9.05
N MET A 432 44.48 -19.66 -9.53
CA MET A 432 43.21 -19.39 -8.88
C MET A 432 42.82 -20.55 -7.98
N LEU A 433 41.95 -20.25 -7.01
CA LEU A 433 41.41 -21.29 -6.14
C LEU A 433 40.24 -21.99 -6.83
N LYS A 434 40.07 -23.27 -6.51
CA LYS A 434 39.01 -24.07 -7.13
C LYS A 434 37.84 -24.25 -6.17
N PRO A 435 36.61 -24.13 -6.69
CA PRO A 435 36.29 -23.85 -8.09
C PRO A 435 36.54 -22.40 -8.50
N ALA A 436 37.11 -22.22 -9.68
CA ALA A 436 37.39 -20.89 -10.22
C ALA A 436 36.22 -20.41 -11.06
N PHE A 437 35.72 -19.22 -10.74
CA PHE A 437 34.57 -18.65 -11.41
C PHE A 437 34.98 -17.46 -12.28
N ILE A 438 34.34 -17.33 -13.43
CA ILE A 438 34.42 -16.13 -14.27
C ILE A 438 33.01 -15.61 -14.45
N PHE A 439 32.76 -14.39 -14.00
CA PHE A 439 31.46 -13.74 -14.13
C PHE A 439 31.59 -12.65 -15.18
N ASP A 440 31.06 -12.91 -16.38
CA ASP A 440 31.11 -11.97 -17.49
C ASP A 440 29.86 -11.10 -17.43
N GLY A 441 30.01 -9.88 -16.92
CA GLY A 441 28.89 -8.96 -16.91
C GLY A 441 28.71 -8.18 -18.18
N ARG A 442 29.48 -8.47 -19.23
CA ARG A 442 29.44 -7.71 -20.47
C ARG A 442 29.40 -8.57 -21.72
N ARG A 443 29.35 -9.90 -21.58
CA ARG A 443 29.34 -10.83 -22.72
C ARG A 443 30.60 -10.70 -23.57
N VAL A 444 31.71 -10.27 -22.97
CA VAL A 444 32.93 -10.07 -23.74
C VAL A 444 33.68 -11.38 -24.01
N LEU A 445 33.35 -12.44 -23.29
CA LEU A 445 34.00 -13.73 -23.46
C LEU A 445 33.15 -14.71 -24.26
N ASP A 446 32.14 -14.22 -24.98
CA ASP A 446 31.37 -15.07 -25.88
C ASP A 446 32.29 -15.64 -26.95
N GLY A 447 32.01 -16.88 -27.35
CA GLY A 447 32.89 -17.60 -28.25
C GLY A 447 34.10 -18.23 -27.60
N LEU A 448 34.37 -17.91 -26.33
CA LEU A 448 35.47 -18.49 -25.59
C LEU A 448 35.02 -19.45 -24.51
N HIS A 449 33.71 -19.73 -24.42
CA HIS A 449 33.21 -20.56 -23.33
C HIS A 449 33.70 -22.00 -23.45
N ASN A 450 33.83 -22.51 -24.68
CA ASN A 450 34.33 -23.87 -24.86
C ASN A 450 35.78 -23.97 -24.40
N GLU A 451 36.60 -22.97 -24.72
CA GLU A 451 37.99 -22.98 -24.27
C GLU A 451 38.08 -22.80 -22.77
N LEU A 452 37.30 -21.86 -22.21
CA LEU A 452 37.37 -21.59 -20.77
C LEU A 452 36.85 -22.78 -19.96
N GLN A 453 35.83 -23.48 -20.48
CA GLN A 453 35.34 -24.65 -19.78
C GLN A 453 36.35 -25.79 -19.82
N THR A 454 37.04 -25.96 -20.97
CA THR A 454 38.06 -26.99 -21.07
C THR A 454 39.22 -26.72 -20.12
N ILE A 455 39.57 -25.44 -19.94
CA ILE A 455 40.62 -25.09 -18.98
C ILE A 455 40.20 -25.46 -17.57
N GLY A 456 38.92 -25.28 -17.25
CA GLY A 456 38.40 -25.69 -15.96
C GLY A 456 37.63 -24.61 -15.23
N PHE A 457 37.21 -23.58 -15.95
CA PHE A 457 36.48 -22.48 -15.33
C PHE A 457 34.99 -22.81 -15.22
N GLN A 458 34.34 -22.14 -14.26
CA GLN A 458 32.89 -22.07 -14.17
C GLN A 458 32.47 -20.73 -14.75
N ILE A 459 31.91 -20.75 -15.96
CA ILE A 459 31.55 -19.53 -16.67
C ILE A 459 30.10 -19.20 -16.37
N GLU A 460 29.88 -18.03 -15.78
CA GLU A 460 28.54 -17.48 -15.56
C GLU A 460 28.49 -16.13 -16.25
N THR A 461 27.54 -15.97 -17.16
CA THR A 461 27.40 -14.73 -17.92
C THR A 461 25.95 -14.28 -17.88
N ILE A 462 25.74 -13.01 -18.20
CA ILE A 462 24.41 -12.40 -18.13
C ILE A 462 23.58 -12.87 -19.33
N GLY A 463 22.34 -13.26 -19.07
CA GLY A 463 21.43 -13.68 -20.12
C GLY A 463 21.61 -15.09 -20.62
N LYS A 464 22.37 -15.92 -19.89
CA LYS A 464 22.57 -17.30 -20.30
C LYS A 464 22.71 -18.17 -19.06
N LYS A 465 21.96 -19.28 -19.04
CA LYS A 465 21.81 -20.21 -17.90
C LYS A 465 22.50 -19.81 -16.60
N PHE B 2 14.18 -34.74 -48.68
CA PHE B 2 12.75 -34.49 -48.48
C PHE B 2 12.37 -33.08 -48.95
N GLU B 3 11.34 -33.00 -49.79
CA GLU B 3 10.89 -31.75 -50.38
C GLU B 3 9.44 -31.49 -49.98
N ILE B 4 9.19 -30.32 -49.39
CA ILE B 4 7.84 -29.93 -49.01
C ILE B 4 7.08 -29.56 -50.29
N LYS B 5 6.08 -30.37 -50.63
CA LYS B 5 5.31 -30.16 -51.84
C LYS B 5 3.83 -29.90 -51.58
N LYS B 6 3.33 -30.19 -50.39
CA LYS B 6 1.94 -29.95 -50.02
C LYS B 6 1.90 -29.32 -48.64
N ILE B 7 1.28 -28.14 -48.54
CA ILE B 7 1.20 -27.40 -47.29
C ILE B 7 -0.27 -27.27 -46.89
N CYS B 8 -0.56 -27.54 -45.63
CA CYS B 8 -1.88 -27.30 -45.04
C CYS B 8 -1.72 -26.35 -43.87
N CYS B 9 -2.72 -25.48 -43.70
CA CYS B 9 -2.69 -24.48 -42.63
C CYS B 9 -4.05 -24.46 -41.95
N ILE B 10 -4.08 -24.80 -40.66
CA ILE B 10 -5.29 -24.72 -39.86
C ILE B 10 -5.41 -23.28 -39.36
N GLY B 11 -6.43 -22.57 -39.84
CA GLY B 11 -6.62 -21.18 -39.50
C GLY B 11 -6.57 -20.28 -40.73
N ALA B 12 -7.72 -19.75 -41.12
CA ALA B 12 -7.83 -18.87 -42.29
C ALA B 12 -8.12 -17.43 -41.87
N GLY B 13 -7.44 -16.97 -40.83
CA GLY B 13 -7.60 -15.62 -40.32
C GLY B 13 -6.62 -14.64 -40.92
N TYR B 14 -6.30 -13.60 -40.15
CA TYR B 14 -5.40 -12.56 -40.62
C TYR B 14 -3.97 -13.07 -40.79
N VAL B 15 -3.58 -14.10 -40.04
CA VAL B 15 -2.24 -14.65 -40.16
C VAL B 15 -2.20 -15.72 -41.24
N GLY B 16 -2.98 -16.79 -41.06
CA GLY B 16 -2.86 -17.93 -41.94
C GLY B 16 -3.27 -17.64 -43.37
N GLY B 17 -4.34 -16.87 -43.56
CA GLY B 17 -4.86 -16.57 -44.87
C GLY B 17 -3.85 -15.90 -45.78
N PRO B 18 -3.43 -14.68 -45.42
CA PRO B 18 -2.44 -13.99 -46.27
C PRO B 18 -1.11 -14.71 -46.37
N THR B 19 -0.64 -15.33 -45.28
CA THR B 19 0.64 -16.02 -45.31
C THR B 19 0.66 -17.13 -46.36
N CYS B 20 -0.41 -17.93 -46.38
CA CYS B 20 -0.48 -19.03 -47.36
C CYS B 20 -0.70 -18.51 -48.77
N SER B 21 -1.37 -17.37 -48.92
CA SER B 21 -1.56 -16.80 -50.25
C SER B 21 -0.23 -16.38 -50.86
N VAL B 22 0.65 -15.77 -50.06
CA VAL B 22 1.94 -15.33 -50.57
C VAL B 22 2.86 -16.53 -50.83
N ILE B 23 2.80 -17.54 -49.95
CA ILE B 23 3.57 -18.76 -50.17
C ILE B 23 3.21 -19.39 -51.50
N ALA B 24 1.92 -19.63 -51.71
CA ALA B 24 1.47 -20.21 -52.98
C ALA B 24 1.81 -19.30 -54.15
N HIS B 25 1.75 -17.98 -53.94
CA HIS B 25 2.10 -17.04 -54.99
C HIS B 25 3.57 -17.15 -55.38
N MET B 26 4.45 -17.35 -54.40
CA MET B 26 5.88 -17.44 -54.67
C MET B 26 6.34 -18.84 -55.02
N CYS B 27 5.59 -19.88 -54.64
CA CYS B 27 5.95 -21.27 -54.90
C CYS B 27 4.84 -21.89 -55.76
N PRO B 28 4.91 -21.71 -57.08
CA PRO B 28 3.85 -22.25 -57.94
C PRO B 28 3.77 -23.77 -57.94
N GLU B 29 4.84 -24.46 -57.57
CA GLU B 29 4.86 -25.92 -57.57
C GLU B 29 4.49 -26.52 -56.23
N ILE B 30 4.07 -25.70 -55.26
CA ILE B 30 3.63 -26.17 -53.95
C ILE B 30 2.13 -25.98 -53.85
N ARG B 31 1.42 -27.03 -53.45
CA ARG B 31 -0.01 -26.96 -53.22
C ARG B 31 -0.25 -26.49 -51.79
N VAL B 32 -1.00 -25.40 -51.64
CA VAL B 32 -1.25 -24.79 -50.34
C VAL B 32 -2.74 -24.79 -50.09
N THR B 33 -3.16 -25.50 -49.04
CA THR B 33 -4.57 -25.64 -48.68
C THR B 33 -4.79 -24.98 -47.33
N VAL B 34 -5.64 -23.95 -47.31
CA VAL B 34 -5.97 -23.23 -46.09
C VAL B 34 -7.31 -23.74 -45.58
N VAL B 35 -7.32 -24.24 -44.35
CA VAL B 35 -8.53 -24.81 -43.77
C VAL B 35 -8.91 -24.03 -42.51
N ASP B 36 -10.19 -24.09 -42.18
CA ASP B 36 -10.73 -23.33 -41.07
C ASP B 36 -12.05 -23.96 -40.67
N VAL B 37 -12.38 -23.85 -39.38
CA VAL B 37 -13.67 -24.36 -38.91
C VAL B 37 -14.81 -23.43 -39.30
N ASN B 38 -14.53 -22.15 -39.51
CA ASN B 38 -15.56 -21.17 -39.87
C ASN B 38 -15.92 -21.35 -41.34
N GLU B 39 -17.13 -21.87 -41.60
CA GLU B 39 -17.54 -22.13 -42.97
C GLU B 39 -17.82 -20.84 -43.73
N SER B 40 -18.47 -19.87 -43.09
CA SER B 40 -18.75 -18.61 -43.75
C SER B 40 -17.46 -17.87 -44.10
N ARG B 41 -16.42 -18.01 -43.27
CA ARG B 41 -15.14 -17.38 -43.58
C ARG B 41 -14.46 -18.07 -44.75
N ILE B 42 -14.52 -19.41 -44.80
CA ILE B 42 -13.93 -20.14 -45.91
C ILE B 42 -14.67 -19.81 -47.21
N ASN B 43 -16.00 -19.74 -47.15
CA ASN B 43 -16.77 -19.36 -48.34
C ASN B 43 -16.40 -17.97 -48.83
N ALA B 44 -16.14 -17.05 -47.91
CA ALA B 44 -15.73 -15.71 -48.30
C ALA B 44 -14.37 -15.72 -49.00
N TRP B 45 -13.46 -16.57 -48.53
CA TRP B 45 -12.16 -16.69 -49.20
C TRP B 45 -12.30 -17.14 -50.65
N ASN B 46 -13.32 -17.94 -50.94
CA ASN B 46 -13.58 -18.43 -52.29
C ASN B 46 -14.54 -17.54 -53.07
N SER B 47 -14.94 -16.41 -52.52
CA SER B 47 -15.83 -15.46 -53.16
C SER B 47 -15.04 -14.22 -53.62
N PRO B 48 -15.61 -13.41 -54.51
CA PRO B 48 -14.93 -12.16 -54.90
C PRO B 48 -14.75 -11.17 -53.76
N THR B 49 -15.46 -11.34 -52.64
CA THR B 49 -15.35 -10.45 -51.49
C THR B 49 -14.68 -11.22 -50.35
N LEU B 50 -13.42 -10.92 -50.11
CA LEU B 50 -12.65 -11.65 -49.11
C LEU B 50 -13.15 -11.31 -47.70
N PRO B 51 -12.98 -12.22 -46.74
CA PRO B 51 -13.53 -11.97 -45.39
C PRO B 51 -12.81 -10.87 -44.65
N ILE B 52 -11.53 -10.63 -44.94
CA ILE B 52 -10.76 -9.57 -44.31
C ILE B 52 -10.34 -8.58 -45.39
N TYR B 53 -10.15 -7.32 -44.99
CA TYR B 53 -9.65 -6.30 -45.89
C TYR B 53 -8.15 -6.16 -45.72
N GLU B 54 -7.42 -6.33 -46.80
CA GLU B 54 -5.96 -6.24 -46.80
C GLU B 54 -5.50 -5.74 -48.16
N PRO B 55 -4.78 -4.61 -48.22
CA PRO B 55 -4.34 -4.07 -49.51
C PRO B 55 -3.47 -5.06 -50.27
N GLY B 56 -3.90 -5.40 -51.48
CA GLY B 56 -3.19 -6.33 -52.33
C GLY B 56 -3.57 -7.79 -52.15
N LEU B 57 -4.31 -8.13 -51.10
CA LEU B 57 -4.64 -9.53 -50.84
C LEU B 57 -5.52 -10.10 -51.93
N LYS B 58 -6.47 -9.31 -52.43
CA LYS B 58 -7.35 -9.79 -53.49
C LYS B 58 -6.58 -10.13 -54.76
N GLU B 59 -5.58 -9.31 -55.11
CA GLU B 59 -4.79 -9.59 -56.30
C GLU B 59 -3.90 -10.82 -56.12
N VAL B 60 -3.42 -11.06 -54.90
CA VAL B 60 -2.57 -12.23 -54.67
C VAL B 60 -3.40 -13.51 -54.63
N VAL B 61 -4.58 -13.45 -53.99
CA VAL B 61 -5.42 -14.64 -53.89
C VAL B 61 -5.89 -15.07 -55.27
N GLU B 62 -6.48 -14.15 -56.02
CA GLU B 62 -7.07 -14.50 -57.31
C GLU B 62 -6.02 -14.90 -58.35
N SER B 63 -4.74 -14.58 -58.12
CA SER B 63 -3.69 -14.99 -59.05
C SER B 63 -3.27 -16.44 -58.89
N CYS B 64 -3.64 -17.09 -57.78
CA CYS B 64 -3.28 -18.48 -57.58
CA CYS B 64 -3.26 -18.48 -57.55
C CYS B 64 -4.38 -19.34 -56.99
N ARG B 65 -5.50 -18.78 -56.57
CA ARG B 65 -6.60 -19.58 -56.02
C ARG B 65 -7.16 -20.48 -57.12
N GLY B 66 -7.28 -21.77 -56.83
CA GLY B 66 -7.68 -22.75 -57.81
C GLY B 66 -6.54 -23.36 -58.60
N LYS B 67 -5.38 -22.70 -58.61
CA LYS B 67 -4.18 -23.26 -59.24
C LYS B 67 -3.40 -24.07 -58.20
N ASN B 68 -2.78 -23.39 -57.24
CA ASN B 68 -2.09 -24.05 -56.14
C ASN B 68 -2.50 -23.52 -54.77
N LEU B 69 -3.42 -22.58 -54.71
CA LEU B 69 -3.96 -22.07 -53.45
C LEU B 69 -5.42 -22.49 -53.32
N PHE B 70 -5.78 -23.07 -52.19
CA PHE B 70 -7.12 -23.60 -51.99
C PHE B 70 -7.62 -23.26 -50.59
N PHE B 71 -8.93 -23.07 -50.48
CA PHE B 71 -9.59 -22.77 -49.22
C PHE B 71 -10.71 -23.78 -49.01
N SER B 72 -10.75 -24.39 -47.83
CA SER B 72 -11.69 -25.49 -47.59
C SER B 72 -11.98 -25.60 -46.10
N THR B 73 -13.07 -26.28 -45.79
CA THR B 73 -13.40 -26.67 -44.43
C THR B 73 -13.02 -28.12 -44.15
N ASN B 74 -12.44 -28.81 -45.11
CA ASN B 74 -12.05 -30.23 -44.97
C ASN B 74 -10.70 -30.29 -44.27
N ILE B 75 -10.74 -30.15 -42.94
CA ILE B 75 -9.52 -30.11 -42.15
C ILE B 75 -8.83 -31.47 -42.15
N ASP B 76 -9.62 -32.56 -42.14
CA ASP B 76 -9.04 -33.89 -41.99
C ASP B 76 -8.19 -34.28 -43.19
N ASP B 77 -8.74 -34.15 -44.40
CA ASP B 77 -8.00 -34.56 -45.58
C ASP B 77 -6.83 -33.62 -45.87
N ALA B 78 -6.96 -32.34 -45.53
CA ALA B 78 -5.83 -31.43 -45.70
C ALA B 78 -4.66 -31.84 -44.82
N ILE B 79 -4.95 -32.27 -43.59
CA ILE B 79 -3.89 -32.77 -42.71
C ILE B 79 -3.29 -34.04 -43.28
N LYS B 80 -4.13 -34.95 -43.79
CA LYS B 80 -3.64 -36.26 -44.22
C LYS B 80 -2.67 -36.15 -45.39
N GLU B 81 -2.93 -35.23 -46.32
CA GLU B 81 -2.13 -35.10 -47.53
C GLU B 81 -0.97 -34.13 -47.42
N ALA B 82 -0.81 -33.45 -46.29
CA ALA B 82 0.17 -32.38 -46.16
C ALA B 82 1.52 -32.90 -45.70
N ASP B 83 2.59 -32.38 -46.30
CA ASP B 83 3.93 -32.58 -45.78
C ASP B 83 4.22 -31.61 -44.64
N LEU B 84 3.72 -30.38 -44.76
CA LEU B 84 3.89 -29.35 -43.76
C LEU B 84 2.52 -28.89 -43.29
N VAL B 85 2.32 -28.81 -41.99
CA VAL B 85 1.05 -28.43 -41.40
C VAL B 85 1.28 -27.20 -40.54
N PHE B 86 0.70 -26.07 -40.96
CA PHE B 86 0.71 -24.85 -40.16
C PHE B 86 -0.45 -24.85 -39.17
N ILE B 87 -0.19 -24.33 -37.97
CA ILE B 87 -1.22 -24.11 -36.97
C ILE B 87 -1.24 -22.61 -36.71
N SER B 88 -2.25 -21.93 -37.23
CA SER B 88 -2.37 -20.47 -37.15
C SER B 88 -3.72 -20.07 -36.60
N VAL B 89 -4.12 -20.68 -35.49
CA VAL B 89 -5.40 -20.37 -34.86
C VAL B 89 -5.18 -19.31 -33.79
N ASN B 90 -6.26 -18.85 -33.17
CA ASN B 90 -6.20 -17.84 -32.13
C ASN B 90 -6.22 -18.50 -30.76
N THR B 91 -5.54 -17.88 -29.81
CA THR B 91 -5.52 -18.33 -28.42
C THR B 91 -6.10 -17.24 -27.54
N PRO B 92 -7.39 -17.32 -27.20
CA PRO B 92 -8.00 -16.24 -26.40
C PRO B 92 -7.48 -16.24 -24.96
N THR B 93 -7.56 -15.06 -24.35
CA THR B 93 -7.21 -14.94 -22.94
C THR B 93 -8.30 -15.58 -22.09
N LYS B 94 -7.88 -16.34 -21.08
CA LYS B 94 -8.83 -17.00 -20.19
C LYS B 94 -9.74 -15.98 -19.53
N THR B 95 -11.04 -16.27 -19.50
CA THR B 95 -12.02 -15.41 -18.87
C THR B 95 -12.38 -15.85 -17.46
N TYR B 96 -11.84 -16.96 -16.99
CA TYR B 96 -12.08 -17.43 -15.63
C TYR B 96 -10.95 -18.37 -15.24
N GLY B 97 -10.94 -18.74 -13.96
CA GLY B 97 -9.95 -19.67 -13.46
C GLY B 97 -8.61 -19.01 -13.20
N MET B 98 -7.59 -19.85 -13.09
CA MET B 98 -6.23 -19.36 -12.84
C MET B 98 -5.73 -18.56 -14.02
N GLY B 99 -5.25 -17.34 -13.75
CA GLY B 99 -4.80 -16.46 -14.81
C GLY B 99 -5.90 -15.73 -15.53
N LYS B 100 -7.06 -15.57 -14.89
CA LYS B 100 -8.19 -14.89 -15.52
C LYS B 100 -7.79 -13.47 -15.92
N GLY B 101 -7.93 -13.17 -17.21
CA GLY B 101 -7.58 -11.87 -17.73
C GLY B 101 -6.12 -11.70 -18.13
N ARG B 102 -5.27 -12.70 -17.86
CA ARG B 102 -3.85 -12.59 -18.18
C ARG B 102 -3.38 -13.81 -18.98
N ALA B 103 -3.67 -14.99 -18.48
CA ALA B 103 -3.17 -16.22 -19.10
C ALA B 103 -3.87 -16.49 -20.42
N ALA B 104 -3.15 -17.17 -21.31
CA ALA B 104 -3.71 -17.58 -22.59
C ALA B 104 -4.40 -18.93 -22.45
N ASP B 105 -5.41 -19.14 -23.28
CA ASP B 105 -6.15 -20.41 -23.33
C ASP B 105 -5.65 -21.19 -24.54
N LEU B 106 -4.94 -22.30 -24.28
CA LEU B 106 -4.36 -23.10 -25.33
C LEU B 106 -5.26 -24.26 -25.77
N LYS B 107 -6.57 -24.14 -25.56
CA LYS B 107 -7.46 -25.25 -25.90
C LYS B 107 -7.54 -25.47 -27.41
N TYR B 108 -7.52 -24.39 -28.19
CA TYR B 108 -7.61 -24.54 -29.65
C TYR B 108 -6.34 -25.14 -30.21
N ILE B 109 -5.18 -24.75 -29.68
CA ILE B 109 -3.91 -25.33 -30.14
C ILE B 109 -3.84 -26.79 -29.73
N GLU B 110 -4.30 -27.11 -28.52
CA GLU B 110 -4.37 -28.51 -28.10
C GLU B 110 -5.34 -29.29 -28.97
N ALA B 111 -6.45 -28.67 -29.36
CA ALA B 111 -7.42 -29.34 -30.21
C ALA B 111 -6.85 -29.60 -31.60
N CYS B 112 -6.05 -28.67 -32.11
CA CYS B 112 -5.42 -28.88 -33.41
C CYS B 112 -4.41 -30.02 -33.35
N ALA B 113 -3.60 -30.07 -32.30
CA ALA B 113 -2.59 -31.11 -32.17
C ALA B 113 -3.23 -32.50 -32.11
N ARG B 114 -4.35 -32.62 -31.39
CA ARG B 114 -5.02 -33.90 -31.31
C ARG B 114 -5.63 -34.30 -32.65
N ARG B 115 -6.19 -33.33 -33.38
CA ARG B 115 -6.79 -33.62 -34.67
C ARG B 115 -5.72 -33.96 -35.71
N ILE B 116 -4.53 -33.38 -35.60
CA ILE B 116 -3.45 -33.71 -36.52
C ILE B 116 -3.05 -35.17 -36.36
N VAL B 117 -2.88 -35.62 -35.12
CA VAL B 117 -2.51 -37.01 -34.87
C VAL B 117 -3.56 -37.95 -35.42
N GLN B 118 -4.84 -37.59 -35.28
CA GLN B 118 -5.91 -38.48 -35.73
C GLN B 118 -5.87 -38.71 -37.24
N ASN B 119 -5.38 -37.74 -38.01
CA ASN B 119 -5.42 -37.80 -39.46
C ASN B 119 -4.04 -37.86 -40.09
N SER B 120 -3.02 -38.25 -39.34
CA SER B 120 -1.64 -38.25 -39.84
C SER B 120 -1.06 -39.66 -39.80
N ASN B 121 -0.33 -40.01 -40.85
CA ASN B 121 0.52 -41.18 -40.87
C ASN B 121 1.83 -40.80 -41.54
N GLY B 122 2.90 -41.54 -41.20
CA GLY B 122 4.18 -41.25 -41.81
C GLY B 122 4.81 -40.00 -41.23
N TYR B 123 5.53 -39.27 -42.09
CA TYR B 123 6.35 -38.14 -41.69
C TYR B 123 5.65 -36.83 -42.08
N LYS B 124 5.53 -35.92 -41.12
CA LYS B 124 4.99 -34.59 -41.35
C LYS B 124 5.73 -33.59 -40.50
N ILE B 125 5.69 -32.33 -40.91
CA ILE B 125 6.28 -31.22 -40.18
C ILE B 125 5.16 -30.31 -39.72
N VAL B 126 4.98 -30.19 -38.41
CA VAL B 126 3.92 -29.40 -37.80
C VAL B 126 4.53 -28.12 -37.27
N THR B 127 4.13 -26.99 -37.84
CA THR B 127 4.75 -25.70 -37.57
C THR B 127 3.72 -24.73 -37.01
N GLU B 128 4.02 -24.17 -35.85
CA GLU B 128 3.14 -23.20 -35.21
C GLU B 128 3.49 -21.80 -35.73
N LYS B 129 2.51 -21.12 -36.31
CA LYS B 129 2.70 -19.79 -36.88
C LYS B 129 1.63 -18.86 -36.32
N SER B 130 2.05 -17.89 -35.52
CA SER B 130 1.15 -16.89 -34.97
C SER B 130 1.98 -15.68 -34.55
N THR B 131 1.29 -14.57 -34.28
CA THR B 131 1.98 -13.36 -33.84
C THR B 131 2.27 -13.38 -32.34
N VAL B 132 1.52 -14.13 -31.55
CA VAL B 132 1.75 -14.25 -30.12
C VAL B 132 1.90 -15.72 -29.75
N PRO B 133 3.05 -16.34 -30.02
CA PRO B 133 3.21 -17.77 -29.69
C PRO B 133 3.60 -17.99 -28.23
N VAL B 134 2.61 -18.19 -27.37
CA VAL B 134 2.84 -18.33 -25.94
C VAL B 134 2.84 -19.83 -25.62
N ARG B 135 4.04 -20.39 -25.47
CA ARG B 135 4.23 -21.80 -25.08
C ARG B 135 3.43 -22.75 -25.97
N ALA B 136 3.38 -22.43 -27.27
CA ALA B 136 2.58 -23.21 -28.20
C ALA B 136 3.31 -24.47 -28.65
N ALA B 137 4.59 -24.35 -28.99
CA ALA B 137 5.33 -25.51 -29.48
C ALA B 137 5.45 -26.58 -28.41
N GLU B 138 5.58 -26.18 -27.14
CA GLU B 138 5.69 -27.14 -26.06
C GLU B 138 4.39 -27.94 -25.91
N SER B 139 3.24 -27.26 -25.93
CA SER B 139 1.97 -27.95 -25.74
C SER B 139 1.68 -28.89 -26.90
N ILE B 140 2.05 -28.50 -28.12
CA ILE B 140 1.91 -29.40 -29.26
C ILE B 140 2.81 -30.62 -29.09
N ARG B 141 4.01 -30.41 -28.56
CA ARG B 141 4.94 -31.51 -28.38
CA ARG B 141 4.95 -31.51 -28.37
C ARG B 141 4.44 -32.52 -27.34
N ARG B 142 3.84 -32.04 -26.26
CA ARG B 142 3.34 -32.93 -25.21
C ARG B 142 2.26 -33.86 -25.73
N ILE B 143 1.43 -33.39 -26.66
CA ILE B 143 0.36 -34.24 -27.20
C ILE B 143 0.91 -35.26 -28.18
N PHE B 144 1.87 -34.86 -29.01
CA PHE B 144 2.46 -35.79 -29.97
C PHE B 144 3.23 -36.89 -29.25
N ASP B 145 3.96 -36.54 -28.20
CA ASP B 145 4.75 -37.51 -27.46
C ASP B 145 3.88 -38.53 -26.72
N ALA B 146 2.62 -38.20 -26.47
CA ALA B 146 1.73 -39.10 -25.75
C ALA B 146 0.74 -39.85 -26.65
N ASN B 147 0.65 -39.47 -27.92
CA ASN B 147 -0.26 -40.10 -28.89
C ASN B 147 0.55 -40.52 -30.11
N THR B 148 1.28 -41.64 -29.97
CA THR B 148 2.14 -42.13 -31.03
C THR B 148 1.52 -43.32 -31.74
N LYS B 149 1.71 -43.38 -33.05
CA LYS B 149 1.35 -44.52 -33.88
C LYS B 149 2.61 -45.16 -34.47
N PRO B 150 2.54 -46.42 -34.88
CA PRO B 150 3.65 -47.01 -35.62
C PRO B 150 3.90 -46.25 -36.91
N ASN B 151 5.16 -45.89 -37.13
CA ASN B 151 5.66 -45.16 -38.30
C ASN B 151 5.18 -43.72 -38.37
N LEU B 152 4.59 -43.19 -37.30
CA LEU B 152 4.18 -41.79 -37.25
C LEU B 152 5.32 -40.96 -36.67
N ASN B 153 5.89 -40.06 -37.48
CA ASN B 153 7.03 -39.24 -37.07
C ASN B 153 6.67 -37.77 -37.33
N LEU B 154 6.14 -37.12 -36.31
CA LEU B 154 5.73 -35.72 -36.40
C LEU B 154 6.81 -34.82 -35.81
N GLN B 155 7.27 -33.85 -36.59
CA GLN B 155 8.24 -32.87 -36.13
C GLN B 155 7.54 -31.55 -35.84
N VAL B 156 7.93 -30.90 -34.74
CA VAL B 156 7.31 -29.67 -34.27
C VAL B 156 8.29 -28.52 -34.46
N LEU B 157 7.87 -27.50 -35.20
CA LEU B 157 8.67 -26.30 -35.45
C LEU B 157 7.92 -25.07 -34.96
N SER B 158 8.68 -23.99 -34.76
CA SER B 158 8.15 -22.69 -34.38
C SER B 158 8.55 -21.68 -35.44
N ASN B 159 7.56 -20.95 -35.97
CA ASN B 159 7.78 -20.02 -37.08
C ASN B 159 6.86 -18.82 -36.88
N PRO B 160 7.22 -17.92 -35.97
CA PRO B 160 6.35 -16.76 -35.70
C PRO B 160 6.20 -15.87 -36.92
N GLU B 161 5.03 -15.25 -37.03
CA GLU B 161 4.71 -14.38 -38.15
C GLU B 161 4.83 -12.92 -37.70
N PHE B 162 5.67 -12.15 -38.40
CA PHE B 162 5.98 -10.79 -38.03
C PHE B 162 5.16 -9.75 -38.78
N LEU B 163 4.19 -10.17 -39.60
CA LEU B 163 3.46 -9.21 -40.42
C LEU B 163 2.61 -8.29 -39.55
N ALA B 164 2.29 -7.13 -40.10
CA ALA B 164 1.34 -6.20 -39.52
C ALA B 164 0.13 -6.08 -40.43
N GLU B 165 -1.06 -6.05 -39.83
CA GLU B 165 -2.28 -5.95 -40.63
C GLU B 165 -2.35 -4.59 -41.29
N GLY B 166 -2.89 -4.57 -42.51
CA GLY B 166 -2.85 -3.40 -43.36
C GLY B 166 -1.66 -3.35 -44.29
N THR B 167 -0.56 -4.03 -43.94
CA THR B 167 0.62 -4.12 -44.78
C THR B 167 1.12 -5.56 -44.87
N ALA B 168 0.20 -6.52 -44.71
CA ALA B 168 0.60 -7.93 -44.63
C ALA B 168 1.27 -8.40 -45.91
N ILE B 169 0.73 -8.01 -47.06
CA ILE B 169 1.26 -8.47 -48.34
C ILE B 169 2.70 -7.98 -48.53
N LYS B 170 2.92 -6.68 -48.31
CA LYS B 170 4.27 -6.14 -48.46
C LYS B 170 5.22 -6.75 -47.44
N ASP B 171 4.75 -6.98 -46.21
CA ASP B 171 5.60 -7.59 -45.20
C ASP B 171 5.96 -9.03 -45.56
N LEU B 172 4.98 -9.80 -46.04
CA LEU B 172 5.24 -11.20 -46.37
C LEU B 172 6.16 -11.33 -47.58
N LYS B 173 6.03 -10.43 -48.55
CA LYS B 173 6.85 -10.50 -49.74
C LYS B 173 8.30 -10.10 -49.47
N ASN B 174 8.51 -9.15 -48.56
CA ASN B 174 9.85 -8.66 -48.24
C ASN B 174 9.98 -8.51 -46.72
N PRO B 175 10.09 -9.62 -46.01
CA PRO B 175 10.21 -9.54 -44.55
C PRO B 175 11.61 -9.11 -44.12
N ASP B 176 11.67 -8.47 -42.96
CA ASP B 176 12.97 -8.11 -42.39
C ASP B 176 13.76 -9.34 -42.01
N ARG B 177 13.08 -10.39 -41.52
CA ARG B 177 13.73 -11.65 -41.21
C ARG B 177 12.67 -12.72 -41.04
N VAL B 178 13.10 -13.97 -41.21
CA VAL B 178 12.25 -15.15 -41.00
C VAL B 178 12.86 -15.94 -39.85
N LEU B 179 12.07 -16.20 -38.82
CA LEU B 179 12.54 -16.87 -37.61
C LEU B 179 11.92 -18.27 -37.55
N ILE B 180 12.77 -19.29 -37.54
CA ILE B 180 12.34 -20.68 -37.56
C ILE B 180 13.01 -21.40 -36.39
N GLY B 181 12.20 -22.03 -35.55
CA GLY B 181 12.68 -22.76 -34.38
C GLY B 181 12.47 -24.25 -34.56
N GLY B 182 13.44 -25.04 -34.10
CA GLY B 182 13.36 -26.49 -34.20
C GLY B 182 14.28 -27.15 -33.19
N ASP B 183 14.10 -28.46 -33.04
CA ASP B 183 14.90 -29.21 -32.09
C ASP B 183 16.36 -29.27 -32.55
N GLU B 184 17.27 -29.27 -31.58
CA GLU B 184 18.70 -29.35 -31.88
C GLU B 184 19.11 -30.80 -32.06
N THR B 185 18.40 -31.51 -32.93
CA THR B 185 18.60 -32.92 -33.22
C THR B 185 18.76 -33.09 -34.72
N PRO B 186 19.23 -34.26 -35.16
CA PRO B 186 19.24 -34.52 -36.61
C PRO B 186 17.85 -34.43 -37.23
N GLU B 187 16.81 -34.87 -36.53
CA GLU B 187 15.46 -34.76 -37.05
C GLU B 187 14.98 -33.32 -37.07
N GLY B 188 15.24 -32.59 -35.98
CA GLY B 188 14.83 -31.19 -35.93
C GLY B 188 15.49 -30.34 -37.00
N GLN B 189 16.79 -30.58 -37.25
CA GLN B 189 17.50 -29.80 -38.26
C GLN B 189 17.06 -30.16 -39.66
N ARG B 190 16.72 -31.43 -39.91
CA ARG B 190 16.14 -31.79 -41.20
C ARG B 190 14.80 -31.08 -41.41
N ALA B 191 13.97 -31.03 -40.36
CA ALA B 191 12.68 -30.34 -40.47
C ALA B 191 12.87 -28.85 -40.71
N VAL B 192 13.77 -28.22 -39.95
CA VAL B 192 14.03 -26.79 -40.11
C VAL B 192 14.54 -26.49 -41.52
N GLN B 193 15.45 -27.32 -42.02
CA GLN B 193 16.01 -27.10 -43.35
C GLN B 193 14.94 -27.18 -44.42
N ALA B 194 14.00 -28.13 -44.29
CA ALA B 194 12.93 -28.25 -45.26
C ALA B 194 12.06 -27.01 -45.29
N LEU B 195 11.81 -26.41 -44.13
CA LEU B 195 11.03 -25.18 -44.09
C LEU B 195 11.81 -24.01 -44.66
N CYS B 196 13.13 -23.98 -44.43
CA CYS B 196 13.94 -22.93 -45.03
C CYS B 196 13.90 -22.99 -46.56
N ALA B 197 13.85 -24.20 -47.11
CA ALA B 197 13.80 -24.35 -48.57
C ALA B 197 12.54 -23.75 -49.16
N VAL B 198 11.46 -23.66 -48.38
CA VAL B 198 10.23 -23.05 -48.87
C VAL B 198 10.39 -21.53 -48.96
N TYR B 199 10.92 -20.91 -47.90
CA TYR B 199 11.09 -19.47 -47.90
C TYR B 199 12.15 -19.01 -48.89
N GLU B 200 13.13 -19.86 -49.18
CA GLU B 200 14.21 -19.49 -50.10
C GLU B 200 13.70 -19.24 -51.52
N HIS B 201 12.44 -19.57 -51.81
CA HIS B 201 11.86 -19.24 -53.11
C HIS B 201 11.73 -17.74 -53.31
N TRP B 202 11.69 -16.95 -52.22
CA TRP B 202 11.64 -15.50 -52.36
C TRP B 202 12.29 -14.76 -51.22
N VAL B 203 12.88 -15.43 -50.23
CA VAL B 203 13.54 -14.80 -49.09
C VAL B 203 15.01 -15.18 -49.14
N PRO B 204 15.92 -14.21 -49.05
CA PRO B 204 17.36 -14.56 -49.06
C PRO B 204 17.77 -15.32 -47.81
N ARG B 205 18.80 -16.14 -47.94
CA ARG B 205 19.28 -16.95 -46.86
C ARG B 205 19.76 -16.19 -45.67
N GLU B 206 20.41 -15.07 -45.88
CA GLU B 206 20.93 -14.30 -44.76
C GLU B 206 19.82 -13.72 -43.88
N LYS B 207 18.59 -13.68 -44.37
CA LYS B 207 17.46 -13.14 -43.62
C LYS B 207 16.62 -14.23 -42.97
N ILE B 208 17.11 -15.47 -42.95
CA ILE B 208 16.40 -16.59 -42.33
C ILE B 208 17.18 -17.00 -41.09
N LEU B 209 16.60 -16.77 -39.91
CA LEU B 209 17.21 -17.13 -38.65
C LEU B 209 16.68 -18.47 -38.16
N THR B 210 17.58 -19.32 -37.65
CA THR B 210 17.22 -20.63 -37.13
C THR B 210 17.70 -20.77 -35.70
N THR B 211 16.87 -21.38 -34.87
CA THR B 211 17.18 -21.58 -33.46
C THR B 211 16.31 -22.72 -32.94
N ASN B 212 16.24 -22.87 -31.61
CA ASN B 212 15.31 -23.82 -31.01
C ASN B 212 13.93 -23.20 -30.87
N THR B 213 12.94 -24.05 -30.59
CA THR B 213 11.55 -23.60 -30.59
C THR B 213 11.29 -22.57 -29.51
N TRP B 214 11.85 -22.78 -28.31
CA TRP B 214 11.61 -21.85 -27.22
C TRP B 214 12.24 -20.50 -27.50
N SER B 215 13.50 -20.48 -27.93
CA SER B 215 14.16 -19.22 -28.25
C SER B 215 13.43 -18.49 -29.37
N SER B 216 12.79 -19.24 -30.27
CA SER B 216 11.98 -18.63 -31.32
C SER B 216 10.78 -17.90 -30.73
N GLU B 217 10.03 -18.58 -29.85
CA GLU B 217 8.84 -17.96 -29.28
C GLU B 217 9.20 -16.81 -28.35
N LEU B 218 10.27 -16.96 -27.57
CA LEU B 218 10.69 -15.88 -26.68
C LEU B 218 11.13 -14.65 -27.47
N SER B 219 11.76 -14.85 -28.62
CA SER B 219 12.17 -13.72 -29.45
C SER B 219 10.96 -12.96 -29.97
N LYS B 220 9.92 -13.64 -30.36
CA LYS B 220 8.75 -13.01 -30.87
C LYS B 220 8.06 -12.22 -29.81
N LEU B 221 7.96 -12.78 -28.64
CA LEU B 221 7.33 -12.13 -27.53
C LEU B 221 8.08 -10.87 -27.15
N ALA B 222 9.40 -10.92 -27.11
CA ALA B 222 10.20 -9.78 -26.79
C ALA B 222 10.06 -8.74 -27.86
N ALA B 223 10.09 -9.15 -29.11
CA ALA B 223 9.97 -8.18 -30.20
C ALA B 223 8.65 -7.42 -30.12
N ASN B 224 7.56 -8.12 -29.82
CA ASN B 224 6.28 -7.44 -29.66
C ASN B 224 6.32 -6.46 -28.50
N LEU B 225 7.02 -6.83 -27.42
CA LEU B 225 7.13 -5.94 -26.26
C LEU B 225 7.90 -4.67 -26.62
N PHE B 226 8.99 -4.81 -27.36
CA PHE B 226 9.76 -3.65 -27.77
C PHE B 226 8.95 -2.71 -28.66
N LEU B 227 8.11 -3.28 -29.54
CA LEU B 227 7.28 -2.45 -30.41
C LEU B 227 6.25 -1.67 -29.60
N ALA B 228 5.47 -2.37 -28.78
CA ALA B 228 4.45 -1.71 -27.96
C ALA B 228 5.08 -0.68 -27.02
N GLN B 229 6.28 -0.96 -26.53
CA GLN B 229 6.94 -0.03 -25.61
C GLN B 229 7.28 1.28 -26.30
N ARG B 230 7.66 1.24 -27.58
CA ARG B 230 7.94 2.46 -28.32
C ARG B 230 6.71 3.35 -28.39
N ILE B 231 5.53 2.74 -28.55
CA ILE B 231 4.30 3.51 -28.66
C ILE B 231 3.95 4.14 -27.31
N SER B 232 4.03 3.36 -26.24
CA SER B 232 3.71 3.89 -24.92
C SER B 232 4.71 4.95 -24.47
N SER B 233 5.98 4.81 -24.86
CA SER B 233 6.98 5.80 -24.51
C SER B 233 6.69 7.13 -25.20
N ILE B 234 6.44 7.10 -26.51
CA ILE B 234 6.14 8.34 -27.22
C ILE B 234 4.77 8.89 -26.80
N ASN B 235 3.87 8.04 -26.31
CA ASN B 235 2.59 8.53 -25.79
C ASN B 235 2.78 9.22 -24.44
N SER B 236 3.70 8.71 -23.62
CA SER B 236 4.01 9.39 -22.37
C SER B 236 4.66 10.74 -22.63
N ILE B 237 5.47 10.85 -23.69
CA ILE B 237 6.03 12.14 -24.07
C ILE B 237 4.93 13.08 -24.55
N SER B 238 3.87 12.54 -25.16
CA SER B 238 2.79 13.38 -25.67
C SER B 238 2.05 14.07 -24.53
N ALA B 239 1.81 13.34 -23.43
CA ALA B 239 1.25 13.98 -22.24
C ALA B 239 2.19 15.06 -21.71
N LEU B 240 3.49 14.81 -21.77
CA LEU B 240 4.46 15.83 -21.36
C LEU B 240 4.41 17.04 -22.28
N CYS B 241 4.19 16.82 -23.58
CA CYS B 241 4.11 17.93 -24.51
C CYS B 241 2.84 18.76 -24.28
N GLU B 242 1.71 18.09 -24.04
CA GLU B 242 0.47 18.81 -23.78
C GLU B 242 0.57 19.70 -22.56
N ALA B 243 1.38 19.31 -21.57
CA ALA B 243 1.46 20.03 -20.31
C ALA B 243 2.48 21.16 -20.32
N THR B 244 3.37 21.21 -21.32
CA THR B 244 4.46 22.18 -21.32
C THR B 244 4.53 23.03 -22.58
N GLY B 245 3.70 22.77 -23.59
CA GLY B 245 3.65 23.60 -24.76
C GLY B 245 4.48 23.16 -25.95
N ALA B 246 4.91 21.91 -25.99
CA ALA B 246 5.67 21.39 -27.11
C ALA B 246 4.80 20.51 -28.00
N ASP B 247 5.36 20.11 -29.13
CA ASP B 247 4.68 19.26 -30.10
C ASP B 247 5.37 17.90 -30.12
N VAL B 248 4.62 16.84 -29.82
CA VAL B 248 5.22 15.51 -29.78
C VAL B 248 5.70 15.08 -31.16
N GLU B 249 5.08 15.59 -32.22
CA GLU B 249 5.53 15.26 -33.57
C GLU B 249 6.91 15.83 -33.84
N GLU B 250 7.17 17.06 -33.37
CA GLU B 250 8.50 17.63 -33.51
C GLU B 250 9.51 16.95 -32.58
N VAL B 251 9.05 16.55 -31.39
CA VAL B 251 9.92 15.85 -30.47
C VAL B 251 10.29 14.47 -31.02
N ALA B 252 9.30 13.76 -31.57
CA ALA B 252 9.57 12.45 -32.15
C ALA B 252 10.54 12.55 -33.33
N THR B 253 10.55 13.68 -34.03
CA THR B 253 11.50 13.86 -35.12
C THR B 253 12.93 13.93 -34.59
N ALA B 254 13.16 14.70 -33.52
CA ALA B 254 14.50 14.78 -32.95
C ALA B 254 14.95 13.46 -32.36
N ILE B 255 14.03 12.68 -31.78
CA ILE B 255 14.40 11.39 -31.22
C ILE B 255 14.78 10.41 -32.33
N GLY B 256 13.94 10.32 -33.37
CA GLY B 256 14.12 9.32 -34.40
C GLY B 256 15.35 9.52 -35.26
N MET B 257 15.94 10.71 -35.27
CA MET B 257 17.14 10.92 -36.07
C MET B 257 18.37 10.26 -35.44
N ASP B 258 18.29 9.87 -34.17
CA ASP B 258 19.32 9.03 -33.57
C ASP B 258 19.20 7.63 -34.17
N GLN B 259 20.23 7.21 -34.92
CA GLN B 259 20.18 5.92 -35.58
C GLN B 259 20.18 4.76 -34.60
N ARG B 260 20.58 4.99 -33.36
CA ARG B 260 20.45 3.95 -32.33
C ARG B 260 19.00 3.77 -31.90
N ILE B 261 18.16 4.78 -32.08
CA ILE B 261 16.75 4.72 -31.69
C ILE B 261 15.87 4.32 -32.87
N GLY B 262 16.08 4.94 -34.03
CA GLY B 262 15.25 4.66 -35.19
C GLY B 262 14.00 5.52 -35.23
N ASN B 263 13.60 5.95 -36.42
CA ASN B 263 12.48 6.86 -36.58
C ASN B 263 11.14 6.16 -36.82
N LYS B 264 11.06 4.85 -36.59
CA LYS B 264 9.84 4.11 -36.79
C LYS B 264 9.10 3.91 -35.47
N PHE B 265 7.79 3.71 -35.57
CA PHE B 265 6.93 3.45 -34.41
C PHE B 265 7.07 4.54 -33.35
N LEU B 266 7.10 5.80 -33.79
CA LEU B 266 7.18 6.95 -32.89
C LEU B 266 6.01 7.89 -33.13
N LYS B 267 4.87 7.37 -33.57
CA LYS B 267 3.68 8.15 -33.86
C LYS B 267 2.75 8.09 -32.66
N ALA B 268 2.65 9.19 -31.93
CA ALA B 268 1.73 9.27 -30.80
C ALA B 268 0.30 9.10 -31.28
N SER B 269 -0.54 8.52 -30.43
CA SER B 269 -1.92 8.22 -30.80
C SER B 269 -2.75 8.09 -29.54
N VAL B 270 -4.05 7.85 -29.73
CA VAL B 270 -4.97 7.63 -28.61
C VAL B 270 -4.58 6.39 -27.82
N GLY B 271 -3.90 5.46 -28.46
CA GLY B 271 -3.45 4.23 -27.82
C GLY B 271 -3.38 3.13 -28.84
N PHE B 272 -2.44 2.23 -28.65
CA PHE B 272 -2.29 1.09 -29.52
C PHE B 272 -3.41 0.10 -29.29
N GLY B 273 -3.71 -0.63 -30.32
CA GLY B 273 -4.73 -1.62 -30.29
C GLY B 273 -4.26 -2.80 -31.08
N GLY B 274 -5.15 -3.72 -31.33
CA GLY B 274 -4.85 -4.90 -32.07
C GLY B 274 -4.72 -6.07 -31.16
N SER B 275 -4.88 -7.23 -31.75
CA SER B 275 -4.85 -8.53 -31.10
C SER B 275 -3.51 -8.97 -30.58
N CYS B 276 -2.44 -8.32 -30.99
CA CYS B 276 -1.12 -8.72 -30.57
C CYS B 276 -0.47 -8.14 -29.32
N PHE B 277 -0.27 -6.84 -29.30
CA PHE B 277 0.43 -6.21 -28.23
C PHE B 277 -0.09 -6.30 -26.80
N GLN B 278 -1.37 -6.02 -26.56
CA GLN B 278 -1.86 -6.08 -25.20
C GLN B 278 -1.79 -7.48 -24.63
N LYS B 279 -2.18 -8.44 -25.45
CA LYS B 279 -2.14 -9.84 -25.11
C LYS B 279 -0.74 -10.32 -24.87
N ASP B 280 0.18 -9.86 -25.69
CA ASP B 280 1.55 -10.24 -25.55
C ASP B 280 2.07 -9.75 -24.21
N VAL B 281 1.74 -8.53 -23.82
CA VAL B 281 2.17 -8.03 -22.52
C VAL B 281 1.56 -8.80 -21.37
N LEU B 282 0.28 -9.14 -21.46
CA LEU B 282 -0.38 -9.92 -20.43
C LEU B 282 0.22 -11.32 -20.32
N ASN B 283 0.58 -11.93 -21.45
CA ASN B 283 1.24 -13.24 -21.40
C ASN B 283 2.62 -13.13 -20.78
N LEU B 284 3.33 -12.03 -21.05
CA LEU B 284 4.61 -11.80 -20.39
C LEU B 284 4.42 -11.68 -18.88
N VAL B 285 3.41 -10.94 -18.45
CA VAL B 285 3.16 -10.77 -17.02
C VAL B 285 2.88 -12.12 -16.37
N TYR B 286 1.98 -12.90 -16.96
CA TYR B 286 1.63 -14.20 -16.40
C TYR B 286 2.82 -15.15 -16.40
N LEU B 287 3.63 -15.11 -17.46
CA LEU B 287 4.82 -15.96 -17.52
C LEU B 287 5.77 -15.64 -16.37
N CYS B 288 5.96 -14.37 -16.06
CA CYS B 288 6.84 -13.97 -14.96
C CYS B 288 6.31 -14.40 -13.61
N GLU B 289 4.99 -14.58 -13.47
CA GLU B 289 4.44 -15.07 -12.21
C GLU B 289 4.83 -16.52 -11.97
N ALA B 290 4.83 -17.34 -13.03
CA ALA B 290 5.23 -18.73 -12.86
C ALA B 290 6.73 -18.86 -12.61
N LEU B 291 7.53 -18.00 -13.24
CA LEU B 291 8.98 -18.01 -13.09
C LEU B 291 9.47 -17.21 -11.90
N ASN B 292 8.57 -16.56 -11.15
CA ASN B 292 8.93 -15.72 -10.01
C ASN B 292 9.88 -14.60 -10.45
N LEU B 293 9.41 -13.79 -11.39
CA LEU B 293 10.14 -12.62 -11.87
C LEU B 293 9.24 -11.39 -11.76
N PRO B 294 8.91 -10.97 -10.53
CA PRO B 294 8.01 -9.82 -10.39
C PRO B 294 8.59 -8.51 -10.89
N GLU B 295 9.91 -8.32 -10.78
CA GLU B 295 10.53 -7.09 -11.27
C GLU B 295 10.38 -6.97 -12.79
N VAL B 296 10.50 -8.09 -13.50
CA VAL B 296 10.30 -8.07 -14.95
C VAL B 296 8.84 -7.81 -15.28
N ALA B 297 7.93 -8.39 -14.49
CA ALA B 297 6.51 -8.26 -14.78
C ALA B 297 6.06 -6.81 -14.65
N ARG B 298 6.40 -6.15 -13.53
CA ARG B 298 5.97 -4.78 -13.35
C ARG B 298 6.69 -3.81 -14.28
N TYR B 299 7.86 -4.20 -14.82
CA TYR B 299 8.52 -3.37 -15.81
C TYR B 299 7.67 -3.26 -17.07
N TRP B 300 7.23 -4.40 -17.61
CA TRP B 300 6.46 -4.39 -18.85
C TRP B 300 4.98 -4.09 -18.63
N GLN B 301 4.48 -4.27 -17.41
CA GLN B 301 3.11 -3.88 -17.12
C GLN B 301 2.87 -2.41 -17.45
N GLN B 302 3.89 -1.57 -17.28
CA GLN B 302 3.77 -0.14 -17.56
C GLN B 302 3.41 0.15 -19.00
N VAL B 303 3.71 -0.77 -19.93
CA VAL B 303 3.32 -0.57 -21.33
C VAL B 303 1.81 -0.54 -21.45
N ILE B 304 1.12 -1.36 -20.65
CA ILE B 304 -0.34 -1.38 -20.68
C ILE B 304 -0.91 -0.23 -19.86
N ASP B 305 -0.36 -0.01 -18.66
CA ASP B 305 -0.84 1.08 -17.82
C ASP B 305 -0.78 2.42 -18.53
N MET B 306 0.31 2.67 -19.27
CA MET B 306 0.44 3.92 -19.99
C MET B 306 -0.56 4.01 -21.14
N ASN B 307 -0.79 2.89 -21.84
CA ASN B 307 -1.75 2.87 -22.94
C ASN B 307 -3.16 3.14 -22.42
N ASP B 308 -3.49 2.61 -21.24
CA ASP B 308 -4.80 2.87 -20.65
C ASP B 308 -4.91 4.33 -20.21
N TYR B 309 -3.83 4.88 -19.66
CA TYR B 309 -3.83 6.29 -19.26
C TYR B 309 -4.00 7.19 -20.48
N GLN B 310 -3.27 6.90 -21.56
CA GLN B 310 -3.40 7.68 -22.79
C GLN B 310 -4.85 7.69 -23.28
N ARG B 311 -5.49 6.52 -23.28
CA ARG B 311 -6.89 6.44 -23.70
C ARG B 311 -7.79 7.25 -22.77
N ARG B 312 -7.60 7.09 -21.46
CA ARG B 312 -8.46 7.79 -20.50
C ARG B 312 -8.26 9.30 -20.57
N ARG B 313 -7.01 9.75 -20.79
CA ARG B 313 -6.76 11.19 -20.89
C ARG B 313 -7.42 11.78 -22.13
N PHE B 314 -7.38 11.05 -23.25
CA PHE B 314 -8.01 11.55 -24.46
C PHE B 314 -9.52 11.66 -24.29
N ALA B 315 -10.14 10.65 -23.68
CA ALA B 315 -11.57 10.70 -23.44
C ALA B 315 -11.93 11.84 -22.48
N SER B 316 -11.08 12.07 -21.47
CA SER B 316 -11.34 13.13 -20.51
C SER B 316 -11.25 14.51 -21.16
N ARG B 317 -10.34 14.69 -22.12
CA ARG B 317 -10.26 15.97 -22.81
C ARG B 317 -11.52 16.24 -23.63
N ILE B 318 -12.10 15.20 -24.21
CA ILE B 318 -13.37 15.35 -24.93
C ILE B 318 -14.47 15.76 -23.96
N ILE B 319 -14.59 15.02 -22.85
CA ILE B 319 -15.65 15.28 -21.88
C ILE B 319 -15.48 16.66 -21.25
N ASP B 320 -14.23 17.07 -21.01
CA ASP B 320 -13.98 18.37 -20.41
C ASP B 320 -14.35 19.51 -21.35
N SER B 321 -14.08 19.34 -22.65
CA SER B 321 -14.40 20.39 -23.61
C SER B 321 -15.90 20.61 -23.75
N LEU B 322 -16.72 19.62 -23.39
CA LEU B 322 -18.18 19.74 -23.49
C LEU B 322 -18.81 20.04 -22.13
N PHE B 323 -18.15 20.84 -21.31
CA PHE B 323 -18.68 21.33 -20.04
C PHE B 323 -18.94 20.21 -19.04
N ASN B 324 -18.28 19.07 -19.21
CA ASN B 324 -18.42 17.91 -18.31
C ASN B 324 -19.85 17.37 -18.33
N THR B 325 -20.56 17.58 -19.42
CA THR B 325 -21.90 17.04 -19.58
C THR B 325 -22.11 16.74 -21.03
N VAL B 326 -22.42 15.51 -21.32
CA VAL B 326 -22.55 15.02 -22.65
C VAL B 326 -23.85 14.34 -22.95
N THR B 327 -24.72 14.30 -21.99
CA THR B 327 -26.01 13.71 -22.15
C THR B 327 -26.74 14.30 -23.34
N ASP B 328 -27.27 13.44 -24.18
CA ASP B 328 -28.07 13.81 -25.34
C ASP B 328 -27.31 14.75 -26.28
N LYS B 329 -25.99 14.62 -26.31
CA LYS B 329 -25.14 15.38 -27.24
C LYS B 329 -24.62 14.44 -28.31
N LYS B 330 -24.81 14.82 -29.57
CA LYS B 330 -24.35 14.00 -30.68
C LYS B 330 -22.85 14.18 -30.87
N ILE B 331 -22.13 13.06 -30.94
CA ILE B 331 -20.69 13.05 -31.16
C ILE B 331 -20.39 12.07 -32.29
N ALA B 332 -19.57 12.51 -33.23
CA ALA B 332 -19.19 11.68 -34.37
C ALA B 332 -17.89 10.96 -34.09
N ILE B 333 -17.86 9.65 -34.32
CA ILE B 333 -16.67 8.83 -34.17
C ILE B 333 -16.23 8.40 -35.57
N LEU B 334 -15.12 8.97 -36.03
CA LEU B 334 -14.59 8.67 -37.35
C LEU B 334 -13.46 7.65 -37.20
N GLY B 335 -13.69 6.43 -37.69
CA GLY B 335 -12.71 5.37 -37.61
C GLY B 335 -12.93 4.44 -36.44
N PHE B 336 -13.11 3.15 -36.72
CA PHE B 336 -13.33 2.16 -35.68
C PHE B 336 -12.33 1.01 -35.70
N ALA B 337 -11.59 0.81 -36.79
CA ALA B 337 -10.54 -0.19 -36.80
C ALA B 337 -9.36 0.27 -35.95
N PHE B 338 -8.56 -0.69 -35.48
CA PHE B 338 -7.44 -0.34 -34.63
C PHE B 338 -6.30 0.32 -35.39
N LYS B 339 -6.33 0.26 -36.72
CA LYS B 339 -5.40 0.99 -37.57
C LYS B 339 -6.02 1.10 -38.95
N LYS B 340 -5.39 1.89 -39.82
CA LYS B 340 -5.96 2.11 -41.14
C LYS B 340 -5.68 0.91 -42.05
N ASP B 341 -6.47 0.82 -43.12
CA ASP B 341 -6.35 -0.22 -44.15
C ASP B 341 -6.62 -1.61 -43.62
N THR B 342 -7.56 -1.74 -42.68
CA THR B 342 -8.02 -3.03 -42.20
C THR B 342 -9.41 -2.86 -41.61
N GLY B 343 -10.15 -3.97 -41.58
CA GLY B 343 -11.44 -3.98 -40.92
C GLY B 343 -11.44 -4.52 -39.51
N ASP B 344 -10.28 -4.98 -39.05
CA ASP B 344 -10.15 -5.57 -37.73
C ASP B 344 -10.37 -4.52 -36.65
N THR B 345 -11.13 -4.88 -35.62
CA THR B 345 -11.43 -3.98 -34.50
C THR B 345 -10.92 -4.51 -33.18
N ARG B 346 -10.15 -5.59 -33.17
CA ARG B 346 -9.74 -6.22 -31.92
C ARG B 346 -8.88 -5.27 -31.08
N GLU B 347 -9.36 -4.97 -29.87
CA GLU B 347 -8.69 -4.08 -28.93
C GLU B 347 -8.47 -2.68 -29.50
N SER B 348 -9.31 -2.26 -30.44
CA SER B 348 -9.20 -0.92 -31.00
C SER B 348 -9.51 0.12 -29.94
N SER B 349 -8.73 1.21 -29.92
CA SER B 349 -8.99 2.31 -29.00
C SER B 349 -10.37 2.92 -29.25
N SER B 350 -10.88 2.82 -30.48
CA SER B 350 -12.21 3.35 -30.77
C SER B 350 -13.28 2.71 -29.88
N ILE B 351 -13.07 1.46 -29.48
CA ILE B 351 -14.03 0.80 -28.58
C ILE B 351 -14.01 1.46 -27.21
N TYR B 352 -12.81 1.70 -26.68
CA TYR B 352 -12.70 2.25 -25.33
C TYR B 352 -13.16 3.70 -25.28
N ILE B 353 -12.79 4.50 -26.28
CA ILE B 353 -13.24 5.90 -26.31
C ILE B 353 -14.75 5.96 -26.43
N SER B 354 -15.34 5.04 -27.20
CA SER B 354 -16.80 5.00 -27.33
C SER B 354 -17.45 4.67 -26.00
N LYS B 355 -16.94 3.66 -25.28
CA LYS B 355 -17.53 3.27 -24.01
C LYS B 355 -17.42 4.39 -22.98
N TYR B 356 -16.30 5.11 -22.98
CA TYR B 356 -16.16 6.25 -22.08
C TYR B 356 -17.19 7.33 -22.37
N LEU B 357 -17.43 7.61 -23.66
CA LEU B 357 -18.44 8.59 -24.02
C LEU B 357 -19.84 8.06 -23.76
N MET B 358 -20.06 6.75 -23.98
CA MET B 358 -21.38 6.17 -23.74
C MET B 358 -21.73 6.24 -22.25
N ASP B 359 -20.75 6.02 -21.37
CA ASP B 359 -20.98 6.11 -19.94
C ASP B 359 -21.35 7.52 -19.48
N GLU B 360 -21.10 8.53 -20.31
CA GLU B 360 -21.50 9.89 -20.02
C GLU B 360 -22.81 10.29 -20.68
N GLY B 361 -23.43 9.39 -21.43
CA GLY B 361 -24.71 9.65 -22.06
C GLY B 361 -24.64 10.22 -23.46
N ALA B 362 -23.50 10.11 -24.12
CA ALA B 362 -23.37 10.65 -25.46
C ALA B 362 -24.10 9.79 -26.48
N HIS B 363 -24.65 10.45 -27.51
CA HIS B 363 -25.23 9.76 -28.66
C HIS B 363 -24.16 9.68 -29.73
N LEU B 364 -23.61 8.48 -29.94
CA LEU B 364 -22.50 8.29 -30.86
C LEU B 364 -23.01 7.93 -32.24
N HIS B 365 -22.43 8.57 -33.25
CA HIS B 365 -22.65 8.21 -34.65
C HIS B 365 -21.30 7.82 -35.22
N ILE B 366 -21.12 6.52 -35.48
CA ILE B 366 -19.83 5.94 -35.81
C ILE B 366 -19.77 5.68 -37.31
N TYR B 367 -18.67 6.11 -37.94
CA TYR B 367 -18.41 5.82 -39.34
C TYR B 367 -17.05 5.15 -39.47
N ASP B 368 -16.98 4.09 -40.28
CA ASP B 368 -15.73 3.47 -40.64
C ASP B 368 -15.91 2.95 -42.07
N PRO B 369 -14.93 3.17 -42.96
CA PRO B 369 -15.13 2.76 -44.36
C PRO B 369 -15.04 1.27 -44.61
N LYS B 370 -14.39 0.50 -43.73
CA LYS B 370 -14.22 -0.93 -43.95
C LYS B 370 -14.79 -1.80 -42.83
N VAL B 371 -14.92 -1.30 -41.62
CA VAL B 371 -15.46 -2.09 -40.52
C VAL B 371 -16.96 -2.27 -40.71
N PRO B 372 -17.45 -3.50 -40.79
CA PRO B 372 -18.89 -3.72 -40.97
C PRO B 372 -19.68 -3.29 -39.74
N ARG B 373 -20.93 -2.91 -39.97
CA ARG B 373 -21.75 -2.36 -38.88
C ARG B 373 -22.04 -3.40 -37.81
N GLU B 374 -22.20 -4.67 -38.18
CA GLU B 374 -22.48 -5.70 -37.19
C GLU B 374 -21.33 -5.86 -36.20
N GLN B 375 -20.10 -5.69 -36.68
CA GLN B 375 -18.95 -5.81 -35.79
C GLN B 375 -18.93 -4.69 -34.75
N ILE B 376 -19.30 -3.47 -35.16
CA ILE B 376 -19.34 -2.34 -34.24
C ILE B 376 -20.38 -2.57 -33.15
N VAL B 377 -21.52 -3.16 -33.52
CA VAL B 377 -22.57 -3.42 -32.53
C VAL B 377 -22.12 -4.46 -31.53
N VAL B 378 -21.44 -5.52 -31.99
CA VAL B 378 -20.97 -6.56 -31.10
C VAL B 378 -19.87 -6.03 -30.19
N ASP B 379 -18.97 -5.21 -30.73
CA ASP B 379 -17.89 -4.65 -29.93
C ASP B 379 -18.42 -3.81 -28.77
N LEU B 380 -19.39 -2.94 -29.06
CA LEU B 380 -19.92 -2.05 -28.04
C LEU B 380 -20.89 -2.73 -27.08
N SER B 381 -21.40 -3.88 -27.48
CA SER B 381 -22.36 -4.58 -26.65
C SER B 381 -21.66 -5.50 -25.67
N HIS B 382 -22.21 -5.58 -24.46
CA HIS B 382 -21.63 -6.42 -23.42
C HIS B 382 -21.95 -7.89 -23.65
N PRO B 383 -20.95 -8.74 -23.47
CA PRO B 383 -21.13 -10.18 -23.67
C PRO B 383 -22.29 -10.74 -22.85
N ASP B 389 -28.59 -2.65 -24.13
CA ASP B 389 -29.46 -1.53 -23.77
C ASP B 389 -28.82 -0.20 -24.13
N GLN B 390 -27.58 0.01 -23.67
CA GLN B 390 -26.87 1.24 -23.98
C GLN B 390 -26.67 1.41 -25.48
N VAL B 391 -26.31 0.32 -26.17
CA VAL B 391 -26.05 0.39 -27.60
C VAL B 391 -27.30 0.80 -28.36
N SER B 392 -28.46 0.25 -27.97
CA SER B 392 -29.70 0.55 -28.67
C SER B 392 -30.11 2.01 -28.48
N ARG B 393 -29.78 2.60 -27.33
CA ARG B 393 -30.18 3.98 -27.04
C ARG B 393 -29.20 5.02 -27.57
N LEU B 394 -27.89 4.73 -27.53
CA LEU B 394 -26.88 5.76 -27.73
C LEU B 394 -26.09 5.62 -29.03
N VAL B 395 -26.07 4.44 -29.65
CA VAL B 395 -25.16 4.16 -30.76
C VAL B 395 -25.94 4.15 -32.06
N THR B 396 -25.45 4.91 -33.04
CA THR B 396 -25.95 4.88 -34.41
C THR B 396 -24.77 4.65 -35.34
N ILE B 397 -24.95 3.77 -36.32
CA ILE B 397 -23.91 3.48 -37.30
C ILE B 397 -24.24 4.24 -38.58
N SER B 398 -23.35 5.13 -38.99
CA SER B 398 -23.58 6.01 -40.12
C SER B 398 -23.10 5.37 -41.42
N LYS B 399 -23.72 5.78 -42.53
CA LYS B 399 -23.34 5.29 -43.84
C LYS B 399 -22.21 6.10 -44.46
N ASP B 400 -22.06 7.36 -44.07
CA ASP B 400 -21.02 8.23 -44.60
C ASP B 400 -20.61 9.21 -43.52
N PRO B 401 -19.42 9.81 -43.61
CA PRO B 401 -18.96 10.68 -42.52
C PRO B 401 -19.81 11.91 -42.31
N TYR B 402 -20.39 12.47 -43.38
CA TYR B 402 -21.17 13.69 -43.23
C TYR B 402 -22.50 13.46 -42.52
N GLU B 403 -23.01 12.23 -42.52
CA GLU B 403 -24.20 11.94 -41.73
C GLU B 403 -23.86 11.84 -40.25
N ALA B 404 -22.66 11.34 -39.93
CA ALA B 404 -22.27 11.23 -38.53
C ALA B 404 -21.95 12.59 -37.91
N CYS B 405 -21.47 13.53 -38.70
CA CYS B 405 -21.12 14.87 -38.21
C CYS B 405 -22.30 15.84 -38.28
N ASP B 406 -23.46 15.40 -38.76
CA ASP B 406 -24.60 16.28 -38.94
C ASP B 406 -25.22 16.61 -37.59
N GLY B 407 -25.05 17.86 -37.13
CA GLY B 407 -25.61 18.28 -35.86
C GLY B 407 -24.84 17.82 -34.64
N ALA B 408 -23.58 17.43 -34.81
CA ALA B 408 -22.77 16.94 -33.70
C ALA B 408 -22.07 18.10 -33.00
N HIS B 409 -21.70 17.85 -31.74
CA HIS B 409 -20.90 18.80 -30.96
C HIS B 409 -19.40 18.62 -31.21
N ALA B 410 -18.95 17.38 -31.40
CA ALA B 410 -17.53 17.11 -31.58
C ALA B 410 -17.35 15.98 -32.58
N VAL B 411 -16.24 16.04 -33.31
CA VAL B 411 -15.82 14.99 -34.22
C VAL B 411 -14.56 14.36 -33.64
N VAL B 412 -14.58 13.04 -33.47
CA VAL B 412 -13.50 12.30 -32.84
C VAL B 412 -12.90 11.37 -33.88
N ILE B 413 -11.64 11.61 -34.25
CA ILE B 413 -10.92 10.79 -35.21
C ILE B 413 -10.08 9.79 -34.43
N CYS B 414 -10.44 8.51 -34.51
CA CYS B 414 -9.74 7.46 -33.79
C CYS B 414 -8.89 6.57 -34.65
N THR B 415 -9.10 6.56 -35.97
CA THR B 415 -8.33 5.72 -36.89
C THR B 415 -7.78 6.59 -38.01
N GLU B 416 -6.53 6.32 -38.40
CA GLU B 416 -5.81 7.19 -39.32
C GLU B 416 -6.16 6.96 -40.79
N TRP B 417 -7.44 6.75 -41.10
CA TRP B 417 -7.84 6.57 -42.48
C TRP B 417 -7.47 7.79 -43.32
N ASP B 418 -6.85 7.55 -44.47
CA ASP B 418 -6.39 8.64 -45.32
C ASP B 418 -7.55 9.48 -45.85
N MET B 419 -8.76 8.92 -45.93
CA MET B 419 -9.90 9.67 -46.42
C MET B 419 -10.33 10.78 -45.47
N PHE B 420 -9.97 10.67 -44.18
CA PHE B 420 -10.43 11.66 -43.21
C PHE B 420 -9.76 13.01 -43.42
N LYS B 421 -8.56 13.03 -43.99
CA LYS B 421 -7.89 14.28 -44.28
C LYS B 421 -8.37 14.92 -45.58
N GLU B 422 -9.32 14.29 -46.27
CA GLU B 422 -9.85 14.80 -47.53
C GLU B 422 -11.32 15.20 -47.41
N LEU B 423 -11.86 15.27 -46.20
CA LEU B 423 -13.26 15.62 -46.02
C LEU B 423 -13.49 17.11 -46.25
N ASP B 424 -14.72 17.45 -46.62
CA ASP B 424 -15.14 18.84 -46.77
C ASP B 424 -15.51 19.36 -45.38
N TYR B 425 -14.53 19.94 -44.70
CA TYR B 425 -14.73 20.40 -43.33
C TYR B 425 -15.46 21.74 -43.25
N GLU B 426 -15.57 22.47 -44.36
CA GLU B 426 -16.45 23.63 -44.37
C GLU B 426 -17.91 23.19 -44.35
N ARG B 427 -18.22 22.10 -45.05
CA ARG B 427 -19.58 21.56 -45.03
C ARG B 427 -19.93 20.97 -43.68
N ILE B 428 -18.95 20.33 -43.02
CA ILE B 428 -19.19 19.74 -41.71
C ILE B 428 -19.42 20.83 -40.67
N HIS B 429 -18.64 21.92 -40.75
CA HIS B 429 -18.73 22.98 -39.75
C HIS B 429 -20.09 23.67 -39.79
N LYS B 430 -20.65 23.85 -40.99
CA LYS B 430 -21.92 24.56 -41.12
C LYS B 430 -23.04 23.80 -40.42
N LYS B 431 -23.01 22.48 -40.48
CA LYS B 431 -24.08 21.66 -39.91
C LYS B 431 -23.80 21.22 -38.47
N MET B 432 -22.64 21.55 -37.92
CA MET B 432 -22.34 21.20 -36.53
C MET B 432 -22.84 22.28 -35.58
N LEU B 433 -23.08 21.87 -34.34
CA LEU B 433 -23.43 22.80 -33.28
C LEU B 433 -22.17 23.50 -32.77
N LYS B 434 -22.31 24.79 -32.46
CA LYS B 434 -21.17 25.58 -32.00
C LYS B 434 -21.14 25.67 -30.48
N PRO B 435 -19.95 25.55 -29.87
CA PRO B 435 -18.64 25.39 -30.53
C PRO B 435 -18.40 23.98 -31.07
N ALA B 436 -17.86 23.91 -32.29
CA ALA B 436 -17.59 22.64 -32.95
C ALA B 436 -16.16 22.21 -32.64
N PHE B 437 -16.00 21.00 -32.12
CA PHE B 437 -14.70 20.47 -31.74
C PHE B 437 -14.27 19.36 -32.69
N ILE B 438 -12.98 19.33 -32.99
CA ILE B 438 -12.36 18.21 -33.68
C ILE B 438 -11.29 17.64 -32.77
N PHE B 439 -11.41 16.37 -32.42
CA PHE B 439 -10.46 15.70 -31.55
C PHE B 439 -9.65 14.73 -32.39
N ASP B 440 -8.48 15.17 -32.83
CA ASP B 440 -7.60 14.37 -33.68
C ASP B 440 -6.78 13.43 -32.80
N GLY B 441 -7.20 12.18 -32.71
CA GLY B 441 -6.46 11.21 -31.94
C GLY B 441 -5.36 10.50 -32.68
N ARG B 442 -5.06 10.92 -33.90
CA ARG B 442 -4.07 10.26 -34.74
C ARG B 442 -3.13 11.21 -35.46
N ARG B 443 -3.23 12.52 -35.20
CA ARG B 443 -2.41 13.53 -35.88
C ARG B 443 -2.60 13.50 -37.39
N VAL B 444 -3.78 13.12 -37.85
CA VAL B 444 -4.01 13.02 -39.29
C VAL B 444 -4.31 14.38 -39.91
N LEU B 445 -4.82 15.32 -39.12
CA LEU B 445 -5.17 16.65 -39.62
C LEU B 445 -4.04 17.66 -39.42
N ASP B 446 -2.83 17.20 -39.14
CA ASP B 446 -1.69 18.10 -39.09
C ASP B 446 -1.50 18.78 -40.44
N GLY B 447 -1.09 20.05 -40.40
CA GLY B 447 -1.00 20.86 -41.58
C GLY B 447 -2.31 21.45 -42.04
N LEU B 448 -3.43 21.04 -41.46
CA LEU B 448 -4.74 21.59 -41.76
C LEU B 448 -5.28 22.46 -40.64
N HIS B 449 -4.51 22.67 -39.57
CA HIS B 449 -5.04 23.38 -38.40
C HIS B 449 -5.37 24.83 -38.74
N ASN B 450 -4.49 25.51 -39.48
CA ASN B 450 -4.76 26.90 -39.85
C ASN B 450 -6.03 27.02 -40.68
N GLU B 451 -6.25 26.07 -41.58
CA GLU B 451 -7.49 26.07 -42.36
C GLU B 451 -8.68 25.73 -41.47
N LEU B 452 -8.52 24.77 -40.55
CA LEU B 452 -9.62 24.38 -39.68
C LEU B 452 -9.97 25.48 -38.68
N GLN B 453 -8.96 26.23 -38.21
CA GLN B 453 -9.23 27.32 -37.28
C GLN B 453 -9.92 28.48 -37.99
N THR B 454 -9.56 28.74 -39.24
CA THR B 454 -10.22 29.80 -40.00
C THR B 454 -11.70 29.50 -40.21
N ILE B 455 -12.02 28.22 -40.43
CA ILE B 455 -13.41 27.82 -40.59
C ILE B 455 -14.20 28.08 -39.32
N GLY B 456 -13.60 27.78 -38.16
CA GLY B 456 -14.24 28.05 -36.89
C GLY B 456 -14.17 26.88 -35.93
N PHE B 457 -13.32 25.91 -36.23
CA PHE B 457 -13.21 24.71 -35.42
C PHE B 457 -12.35 24.95 -34.18
N GLN B 458 -12.67 24.21 -33.12
CA GLN B 458 -11.81 24.12 -31.94
C GLN B 458 -11.09 22.78 -32.04
N ILE B 459 -9.91 22.80 -32.65
CA ILE B 459 -9.17 21.58 -32.96
C ILE B 459 -8.29 21.22 -31.77
N GLU B 460 -8.47 20.00 -31.25
CA GLU B 460 -7.68 19.46 -30.17
C GLU B 460 -7.03 18.16 -30.64
N THR B 461 -5.72 18.05 -30.46
CA THR B 461 -5.00 16.87 -30.92
C THR B 461 -4.03 16.41 -29.83
N ILE B 462 -3.45 15.24 -30.06
CA ILE B 462 -2.61 14.59 -29.05
C ILE B 462 -1.19 15.13 -29.14
N GLY B 463 -0.61 15.41 -27.97
CA GLY B 463 0.75 15.92 -27.92
C GLY B 463 0.92 17.36 -28.33
N LYS B 464 -0.18 18.14 -28.31
CA LYS B 464 -0.11 19.55 -28.72
C LYS B 464 -1.23 20.28 -27.99
N LYS B 465 -0.87 21.01 -26.93
CA LYS B 465 -1.81 21.74 -26.08
C LYS B 465 -3.04 20.91 -25.69
N PHE C 2 35.58 -52.72 1.68
CA PHE C 2 36.36 -51.70 2.38
C PHE C 2 35.93 -51.59 3.85
N GLU C 3 36.89 -51.74 4.75
CA GLU C 3 36.64 -51.67 6.19
C GLU C 3 37.40 -50.47 6.76
N ILE C 4 36.70 -49.67 7.56
CA ILE C 4 37.29 -48.48 8.15
C ILE C 4 38.13 -48.89 9.36
N LYS C 5 39.39 -48.47 9.37
CA LYS C 5 40.31 -48.78 10.46
C LYS C 5 40.75 -47.57 11.26
N LYS C 6 40.82 -46.39 10.64
CA LYS C 6 41.17 -45.16 11.33
C LYS C 6 40.12 -44.09 11.05
N ILE C 7 39.71 -43.39 12.09
CA ILE C 7 38.68 -42.36 12.00
C ILE C 7 39.24 -41.06 12.53
N CYS C 8 39.09 -39.99 11.74
CA CYS C 8 39.43 -38.64 12.16
C CYS C 8 38.16 -37.80 12.21
N CYS C 9 38.09 -36.90 13.20
CA CYS C 9 36.95 -36.02 13.37
C CYS C 9 37.45 -34.61 13.58
N ILE C 10 37.14 -33.73 12.62
CA ILE C 10 37.49 -32.31 12.74
C ILE C 10 36.39 -31.64 13.56
N GLY C 11 36.73 -31.25 14.78
CA GLY C 11 35.77 -30.62 15.66
C GLY C 11 35.49 -31.44 16.91
N ALA C 12 36.05 -31.00 18.03
CA ALA C 12 35.85 -31.71 19.30
C ALA C 12 34.89 -30.95 20.20
N GLY C 13 33.73 -30.60 19.67
CA GLY C 13 32.72 -29.86 20.42
C GLY C 13 31.70 -30.79 21.06
N TYR C 14 30.50 -30.25 21.29
CA TYR C 14 29.44 -31.01 21.91
C TYR C 14 28.95 -32.16 21.03
N VAL C 15 29.20 -32.11 19.73
CA VAL C 15 28.80 -33.18 18.84
C VAL C 15 29.99 -34.12 18.60
N GLY C 16 31.09 -33.56 18.09
CA GLY C 16 32.22 -34.40 17.71
C GLY C 16 32.89 -35.09 18.88
N GLY C 17 32.97 -34.42 20.02
CA GLY C 17 33.60 -34.96 21.20
C GLY C 17 32.94 -36.23 21.70
N PRO C 18 31.71 -36.11 22.18
CA PRO C 18 31.03 -37.30 22.72
C PRO C 18 30.78 -38.38 21.68
N THR C 19 30.50 -38.01 20.42
CA THR C 19 30.19 -39.00 19.40
C THR C 19 31.38 -39.93 19.16
N CYS C 20 32.58 -39.36 19.01
CA CYS C 20 33.75 -40.18 18.78
C CYS C 20 34.16 -40.94 20.02
N SER C 21 33.87 -40.42 21.21
CA SER C 21 34.13 -41.15 22.44
C SER C 21 33.32 -42.44 22.49
N VAL C 22 32.05 -42.37 22.07
CA VAL C 22 31.22 -43.56 22.06
C VAL C 22 31.63 -44.52 20.95
N ILE C 23 31.97 -43.98 19.78
CA ILE C 23 32.43 -44.82 18.67
C ILE C 23 33.66 -45.61 19.09
N ALA C 24 34.64 -44.92 19.68
CA ALA C 24 35.83 -45.62 20.17
C ALA C 24 35.48 -46.64 21.25
N HIS C 25 34.45 -46.34 22.05
CA HIS C 25 34.05 -47.25 23.12
C HIS C 25 33.43 -48.53 22.57
N MET C 26 32.62 -48.41 21.51
CA MET C 26 31.94 -49.56 20.93
C MET C 26 32.73 -50.22 19.81
N CYS C 27 33.83 -49.62 19.36
CA CYS C 27 34.66 -50.17 18.29
C CYS C 27 36.11 -50.16 18.74
N PRO C 28 36.49 -51.07 19.64
CA PRO C 28 37.86 -51.04 20.18
C PRO C 28 38.93 -51.32 19.15
N GLU C 29 38.60 -51.93 18.02
CA GLU C 29 39.60 -52.20 16.98
C GLU C 29 39.82 -51.02 16.05
N ILE C 30 39.03 -49.95 16.17
CA ILE C 30 39.13 -48.79 15.30
C ILE C 30 39.83 -47.68 16.05
N ARG C 31 40.81 -47.05 15.40
CA ARG C 31 41.49 -45.90 15.98
C ARG C 31 40.72 -44.63 15.65
N VAL C 32 40.43 -43.83 16.67
CA VAL C 32 39.63 -42.62 16.54
C VAL C 32 40.45 -41.44 17.03
N THR C 33 40.68 -40.47 16.15
CA THR C 33 41.46 -39.28 16.47
C THR C 33 40.58 -38.05 16.29
N VAL C 34 40.33 -37.34 17.37
CA VAL C 34 39.49 -36.14 17.35
C VAL C 34 40.41 -34.92 17.36
N VAL C 35 40.26 -34.05 16.37
CA VAL C 35 41.12 -32.89 16.22
C VAL C 35 40.28 -31.62 16.27
N ASP C 36 40.95 -30.51 16.56
CA ASP C 36 40.28 -29.23 16.71
C ASP C 36 41.33 -28.13 16.61
N VAL C 37 40.88 -26.95 16.17
CA VAL C 37 41.78 -25.81 16.09
C VAL C 37 41.99 -25.19 17.46
N ASN C 38 41.01 -25.32 18.35
CA ASN C 38 41.09 -24.77 19.71
C ASN C 38 42.02 -25.66 20.54
N GLU C 39 43.18 -25.13 20.91
CA GLU C 39 44.17 -25.93 21.64
C GLU C 39 43.72 -26.17 23.08
N SER C 40 43.15 -25.15 23.72
CA SER C 40 42.72 -25.32 25.12
C SER C 40 41.66 -26.39 25.25
N ARG C 41 40.76 -26.50 24.26
CA ARG C 41 39.74 -27.53 24.30
C ARG C 41 40.36 -28.92 24.12
N ILE C 42 41.33 -29.05 23.21
CA ILE C 42 42.02 -30.31 23.02
C ILE C 42 42.74 -30.72 24.30
N ASN C 43 43.47 -29.77 24.91
CA ASN C 43 44.17 -30.08 26.15
C ASN C 43 43.21 -30.47 27.27
N ALA C 44 42.02 -29.89 27.29
CA ALA C 44 41.04 -30.26 28.31
C ALA C 44 40.49 -31.66 28.07
N TRP C 45 40.34 -32.06 26.81
CA TRP C 45 39.90 -33.43 26.52
C TRP C 45 40.92 -34.46 27.02
N ASN C 46 42.20 -34.09 27.07
CA ASN C 46 43.25 -34.97 27.54
C ASN C 46 43.55 -34.80 29.03
N SER C 47 42.76 -33.99 29.73
CA SER C 47 42.94 -33.68 31.14
C SER C 47 41.88 -34.38 31.98
N PRO C 48 42.05 -34.42 33.30
CA PRO C 48 40.98 -34.95 34.17
C PRO C 48 39.71 -34.11 34.16
N THR C 49 39.73 -32.90 33.58
CA THR C 49 38.57 -32.03 33.53
C THR C 49 38.22 -31.76 32.07
N LEU C 50 37.14 -32.38 31.60
CA LEU C 50 36.74 -32.24 30.20
C LEU C 50 36.22 -30.83 29.93
N PRO C 51 36.34 -30.36 28.69
CA PRO C 51 35.89 -28.99 28.38
C PRO C 51 34.38 -28.81 28.43
N ILE C 52 33.61 -29.89 28.32
CA ILE C 52 32.16 -29.84 28.41
C ILE C 52 31.71 -30.82 29.49
N TYR C 53 30.56 -30.54 30.09
CA TYR C 53 29.97 -31.44 31.08
C TYR C 53 28.89 -32.29 30.43
N GLU C 54 29.08 -33.60 30.47
CA GLU C 54 28.10 -34.53 29.94
C GLU C 54 28.04 -35.74 30.86
N PRO C 55 26.86 -36.09 31.38
CA PRO C 55 26.77 -37.22 32.31
C PRO C 55 27.25 -38.52 31.67
N GLY C 56 28.20 -39.17 32.34
CA GLY C 56 28.79 -40.40 31.84
C GLY C 56 29.90 -40.23 30.83
N LEU C 57 30.15 -39.01 30.36
CA LEU C 57 31.19 -38.80 29.35
C LEU C 57 32.58 -39.04 29.92
N LYS C 58 32.79 -38.66 31.17
CA LYS C 58 34.11 -38.84 31.79
C LYS C 58 34.51 -40.30 31.83
N GLU C 59 33.55 -41.19 32.13
CA GLU C 59 33.87 -42.61 32.22
C GLU C 59 34.18 -43.21 30.86
N VAL C 60 33.47 -42.77 29.82
CA VAL C 60 33.69 -43.31 28.48
C VAL C 60 35.03 -42.86 27.94
N VAL C 61 35.39 -41.59 28.15
CA VAL C 61 36.66 -41.08 27.63
C VAL C 61 37.82 -41.79 28.31
N GLU C 62 37.81 -41.87 29.64
CA GLU C 62 38.92 -42.46 30.37
C GLU C 62 39.08 -43.94 30.09
N SER C 63 38.03 -44.62 29.63
CA SER C 63 38.15 -46.03 29.27
C SER C 63 38.78 -46.24 27.90
N CYS C 64 38.82 -45.21 27.06
CA CYS C 64 39.33 -45.32 25.70
C CYS C 64 40.49 -44.38 25.40
N ARG C 65 40.64 -43.28 26.13
CA ARG C 65 41.68 -42.31 25.81
C ARG C 65 43.06 -42.94 25.99
N GLY C 66 43.89 -42.84 24.96
CA GLY C 66 45.20 -43.46 24.96
C GLY C 66 45.23 -44.88 24.43
N LYS C 67 44.08 -45.53 24.32
CA LYS C 67 44.00 -46.88 23.76
C LYS C 67 43.59 -46.86 22.30
N ASN C 68 42.38 -46.37 22.00
CA ASN C 68 41.96 -46.17 20.62
C ASN C 68 41.28 -44.81 20.42
N LEU C 69 41.31 -43.93 21.42
CA LEU C 69 40.71 -42.60 21.32
C LEU C 69 41.78 -41.57 21.64
N PHE C 70 41.98 -40.62 20.73
CA PHE C 70 43.03 -39.63 20.88
C PHE C 70 42.51 -38.24 20.55
N PHE C 71 43.05 -37.25 21.27
CA PHE C 71 42.70 -35.85 21.06
C PHE C 71 43.96 -35.08 20.74
N SER C 72 43.97 -34.37 19.62
CA SER C 72 45.18 -33.72 19.14
C SER C 72 44.83 -32.46 18.37
N THR C 73 45.81 -31.57 18.26
CA THR C 73 45.71 -30.38 17.42
C THR C 73 46.35 -30.58 16.04
N ASN C 74 46.97 -31.74 15.81
CA ASN C 74 47.61 -32.03 14.52
C ASN C 74 46.53 -32.48 13.54
N ILE C 75 45.91 -31.51 12.88
CA ILE C 75 44.81 -31.80 11.98
C ILE C 75 45.32 -32.47 10.71
N ASP C 76 46.49 -32.06 10.23
CA ASP C 76 46.97 -32.53 8.93
C ASP C 76 47.28 -34.02 8.96
N ASP C 77 47.98 -34.48 9.99
CA ASP C 77 48.40 -35.88 10.03
C ASP C 77 47.22 -36.81 10.31
N ALA C 78 46.27 -36.37 11.15
CA ALA C 78 45.10 -37.20 11.43
C ALA C 78 44.23 -37.37 10.21
N ILE C 79 44.22 -36.37 9.31
CA ILE C 79 43.47 -36.51 8.07
C ILE C 79 44.20 -37.45 7.11
N LYS C 80 45.53 -37.38 7.07
CA LYS C 80 46.30 -38.14 6.10
C LYS C 80 46.15 -39.63 6.30
N GLU C 81 46.10 -40.08 7.57
CA GLU C 81 46.04 -41.50 7.87
C GLU C 81 44.63 -42.04 8.03
N ALA C 82 43.61 -41.19 7.91
CA ALA C 82 42.24 -41.60 8.21
C ALA C 82 41.57 -42.22 7.00
N ASP C 83 40.78 -43.27 7.24
CA ASP C 83 39.91 -43.79 6.19
C ASP C 83 38.59 -43.03 6.15
N LEU C 84 38.10 -42.64 7.32
CA LEU C 84 36.84 -41.91 7.47
C LEU C 84 37.12 -40.61 8.21
N VAL C 85 36.60 -39.50 7.67
CA VAL C 85 36.85 -38.17 8.23
C VAL C 85 35.50 -37.53 8.52
N PHE C 86 35.17 -37.39 9.81
CA PHE C 86 33.99 -36.65 10.22
C PHE C 86 34.28 -35.15 10.23
N ILE C 87 33.33 -34.37 9.71
CA ILE C 87 33.36 -32.92 9.83
C ILE C 87 32.24 -32.54 10.78
N SER C 88 32.61 -32.07 11.97
CA SER C 88 31.65 -31.69 13.01
C SER C 88 32.02 -30.31 13.58
N VAL C 89 32.08 -29.32 12.70
CA VAL C 89 32.37 -27.96 13.09
C VAL C 89 31.08 -27.18 13.17
N ASN C 90 31.16 -25.95 13.66
CA ASN C 90 29.99 -25.10 13.79
C ASN C 90 29.80 -24.25 12.54
N THR C 91 28.54 -23.92 12.25
CA THR C 91 28.17 -23.06 11.14
C THR C 91 27.39 -21.88 11.73
N PRO C 92 28.08 -20.81 12.13
CA PRO C 92 27.39 -19.66 12.72
C PRO C 92 26.48 -18.99 11.71
N THR C 93 25.62 -18.11 12.23
CA THR C 93 24.71 -17.33 11.39
C THR C 93 25.43 -16.08 10.89
N LYS C 94 25.20 -15.76 9.62
CA LYS C 94 25.83 -14.58 9.03
C LYS C 94 25.38 -13.32 9.76
N THR C 95 26.36 -12.49 10.14
CA THR C 95 26.09 -11.22 10.82
C THR C 95 26.06 -10.04 9.86
N TYR C 96 26.25 -10.27 8.57
CA TYR C 96 26.19 -9.21 7.57
C TYR C 96 25.99 -9.85 6.20
N GLY C 97 25.67 -9.02 5.22
CA GLY C 97 25.47 -9.51 3.88
C GLY C 97 24.12 -10.16 3.68
N MET C 98 23.99 -10.87 2.56
CA MET C 98 22.74 -11.54 2.22
C MET C 98 22.43 -12.63 3.23
N GLY C 99 21.22 -12.60 3.77
CA GLY C 99 20.82 -13.56 4.78
C GLY C 99 21.25 -13.22 6.18
N LYS C 100 21.58 -11.96 6.44
CA LYS C 100 22.02 -11.52 7.77
C LYS C 100 20.99 -11.88 8.83
N GLY C 101 21.42 -12.66 9.81
CA GLY C 101 20.56 -13.07 10.90
C GLY C 101 19.74 -14.31 10.65
N ARG C 102 19.84 -14.92 9.47
CA ARG C 102 19.07 -16.11 9.15
C ARG C 102 19.93 -17.18 8.50
N ALA C 103 20.68 -16.79 7.47
CA ALA C 103 21.48 -17.75 6.73
C ALA C 103 22.69 -18.20 7.53
N ALA C 104 23.08 -19.46 7.32
CA ALA C 104 24.24 -20.03 7.98
C ALA C 104 25.51 -19.72 7.20
N ASP C 105 26.57 -19.43 7.94
CA ASP C 105 27.89 -19.14 7.34
C ASP C 105 28.63 -20.47 7.19
N LEU C 106 28.89 -20.87 5.94
CA LEU C 106 29.53 -22.14 5.63
C LEU C 106 31.04 -22.02 5.50
N LYS C 107 31.63 -20.95 6.02
CA LYS C 107 33.07 -20.73 5.85
C LYS C 107 33.89 -21.83 6.51
N TYR C 108 33.40 -22.40 7.62
CA TYR C 108 34.16 -23.44 8.31
C TYR C 108 34.03 -24.78 7.61
N ILE C 109 32.84 -25.10 7.11
CA ILE C 109 32.67 -26.31 6.32
C ILE C 109 33.57 -26.28 5.08
N GLU C 110 33.65 -25.11 4.43
CA GLU C 110 34.46 -24.97 3.23
C GLU C 110 35.95 -25.09 3.56
N ALA C 111 36.38 -24.51 4.69
CA ALA C 111 37.78 -24.62 5.07
C ALA C 111 38.17 -26.05 5.40
N CYS C 112 37.28 -26.78 6.07
CA CYS C 112 37.56 -28.20 6.35
C CYS C 112 37.67 -29.00 5.06
N ALA C 113 36.78 -28.72 4.10
CA ALA C 113 36.83 -29.45 2.82
C ALA C 113 38.14 -29.18 2.09
N ARG C 114 38.61 -27.94 2.09
CA ARG C 114 39.85 -27.62 1.41
C ARG C 114 41.06 -28.21 2.13
N ARG C 115 41.05 -28.20 3.47
CA ARG C 115 42.16 -28.75 4.21
C ARG C 115 42.21 -30.27 4.11
N ILE C 116 41.05 -30.91 3.87
CA ILE C 116 41.04 -32.36 3.65
C ILE C 116 41.71 -32.68 2.32
N VAL C 117 41.32 -31.97 1.25
CA VAL C 117 41.96 -32.18 -0.05
C VAL C 117 43.46 -31.96 0.03
N GLN C 118 43.88 -30.92 0.76
CA GLN C 118 45.29 -30.60 0.86
C GLN C 118 46.09 -31.74 1.49
N ASN C 119 45.46 -32.52 2.38
CA ASN C 119 46.17 -33.54 3.14
C ASN C 119 45.69 -34.96 2.83
N SER C 120 45.02 -35.16 1.70
CA SER C 120 44.47 -36.47 1.37
C SER C 120 45.10 -37.04 0.11
N ASN C 121 45.28 -38.36 0.12
CA ASN C 121 45.65 -39.12 -1.06
C ASN C 121 44.92 -40.46 -1.01
N GLY C 122 44.57 -40.98 -2.17
CA GLY C 122 43.87 -42.24 -2.23
C GLY C 122 42.39 -42.11 -1.89
N TYR C 123 41.86 -43.16 -1.27
CA TYR C 123 40.43 -43.28 -1.00
C TYR C 123 40.13 -42.85 0.43
N LYS C 124 39.16 -41.96 0.59
CA LYS C 124 38.69 -41.54 1.90
C LYS C 124 37.20 -41.27 1.84
N ILE C 125 36.52 -41.57 2.95
CA ILE C 125 35.11 -41.25 3.12
C ILE C 125 35.01 -40.04 4.03
N VAL C 126 34.47 -38.95 3.52
CA VAL C 126 34.31 -37.71 4.29
C VAL C 126 32.83 -37.57 4.63
N THR C 127 32.55 -37.43 5.93
CA THR C 127 31.19 -37.44 6.43
C THR C 127 30.92 -36.19 7.25
N GLU C 128 29.82 -35.50 6.95
CA GLU C 128 29.42 -34.32 7.71
C GLU C 128 28.44 -34.74 8.79
N LYS C 129 28.77 -34.42 10.05
CA LYS C 129 27.95 -34.78 11.19
C LYS C 129 27.71 -33.53 12.03
N SER C 130 26.45 -33.10 12.10
CA SER C 130 26.06 -31.97 12.92
C SER C 130 24.58 -32.09 13.22
N THR C 131 24.12 -31.31 14.20
CA THR C 131 22.70 -31.30 14.55
C THR C 131 21.89 -30.41 13.61
N VAL C 132 22.53 -29.44 12.96
CA VAL C 132 21.87 -28.60 11.98
C VAL C 132 22.67 -28.65 10.68
N PRO C 133 22.53 -29.73 9.86
CA PRO C 133 23.28 -29.82 8.59
C PRO C 133 22.61 -29.06 7.46
N VAL C 134 22.93 -27.77 7.34
CA VAL C 134 22.33 -26.89 6.35
C VAL C 134 23.25 -26.85 5.13
N ARG C 135 22.86 -27.54 4.06
CA ARG C 135 23.56 -27.50 2.77
C ARG C 135 25.02 -27.90 2.88
N ALA C 136 25.35 -28.71 3.90
CA ALA C 136 26.75 -29.02 4.18
C ALA C 136 27.32 -30.00 3.17
N ALA C 137 26.59 -31.09 2.88
CA ALA C 137 27.11 -32.12 1.98
C ALA C 137 27.29 -31.58 0.57
N GLU C 138 26.39 -30.68 0.13
CA GLU C 138 26.55 -30.08 -1.19
C GLU C 138 27.79 -29.22 -1.26
N SER C 139 28.06 -28.44 -0.20
CA SER C 139 29.23 -27.56 -0.20
C SER C 139 30.53 -28.35 -0.25
N ILE C 140 30.62 -29.43 0.54
CA ILE C 140 31.83 -30.24 0.55
C ILE C 140 32.06 -30.88 -0.82
N ARG C 141 30.98 -31.29 -1.49
CA ARG C 141 31.12 -32.06 -2.72
C ARG C 141 31.70 -31.22 -3.84
N ARG C 142 31.22 -29.99 -4.03
CA ARG C 142 31.72 -29.19 -5.13
C ARG C 142 33.12 -28.65 -4.87
N ILE C 143 33.55 -28.59 -3.61
CA ILE C 143 34.96 -28.35 -3.33
C ILE C 143 35.80 -29.55 -3.78
N PHE C 144 35.34 -30.76 -3.44
CA PHE C 144 36.06 -31.96 -3.85
C PHE C 144 36.01 -32.14 -5.36
N ASP C 145 34.87 -31.86 -5.98
CA ASP C 145 34.74 -32.02 -7.43
C ASP C 145 35.68 -31.09 -8.18
N ALA C 146 36.01 -29.93 -7.61
CA ALA C 146 36.84 -28.94 -8.27
C ALA C 146 38.34 -29.11 -7.98
N ASN C 147 38.71 -29.91 -7.00
CA ASN C 147 40.11 -30.09 -6.60
C ASN C 147 40.43 -31.58 -6.64
N THR C 148 40.61 -32.10 -7.85
CA THR C 148 40.92 -33.52 -8.04
C THR C 148 42.42 -33.71 -8.19
N LYS C 149 42.89 -34.86 -7.72
CA LYS C 149 44.26 -35.30 -7.86
C LYS C 149 44.26 -36.69 -8.49
N PRO C 150 45.36 -37.09 -9.12
CA PRO C 150 45.46 -38.49 -9.56
C PRO C 150 45.39 -39.44 -8.38
N ASN C 151 44.52 -40.45 -8.49
CA ASN C 151 44.28 -41.50 -7.51
C ASN C 151 43.58 -40.99 -6.25
N LEU C 152 43.24 -39.71 -6.16
CA LEU C 152 42.47 -39.20 -5.02
C LEU C 152 40.99 -39.45 -5.26
N ASN C 153 40.34 -40.14 -4.33
CA ASN C 153 38.94 -40.53 -4.47
C ASN C 153 38.23 -40.30 -3.14
N LEU C 154 37.61 -39.13 -3.00
CA LEU C 154 36.91 -38.76 -1.78
C LEU C 154 35.41 -38.97 -1.96
N GLN C 155 34.79 -39.59 -0.96
CA GLN C 155 33.35 -39.83 -0.95
C GLN C 155 32.72 -38.97 0.14
N VAL C 156 31.63 -38.28 -0.19
CA VAL C 156 30.96 -37.37 0.72
C VAL C 156 29.69 -38.04 1.23
N LEU C 157 29.57 -38.17 2.55
CA LEU C 157 28.39 -38.71 3.19
C LEU C 157 27.77 -37.67 4.12
N SER C 158 26.50 -37.86 4.42
CA SER C 158 25.78 -37.08 5.41
C SER C 158 25.32 -38.01 6.53
N ASN C 159 25.60 -37.62 7.76
CA ASN C 159 25.27 -38.45 8.93
C ASN C 159 24.92 -37.53 10.08
N PRO C 160 23.71 -36.96 10.07
CA PRO C 160 23.32 -36.01 11.13
C PRO C 160 23.27 -36.70 12.48
N GLU C 161 23.47 -35.91 13.53
CA GLU C 161 23.51 -36.40 14.90
C GLU C 161 22.24 -35.98 15.62
N PHE C 162 21.52 -36.96 16.17
CA PHE C 162 20.26 -36.71 16.84
C PHE C 162 20.39 -36.58 18.36
N LEU C 163 21.61 -36.61 18.89
CA LEU C 163 21.77 -36.56 20.34
C LEU C 163 21.29 -35.21 20.88
N ALA C 164 20.80 -35.24 22.11
CA ALA C 164 20.48 -34.05 22.87
C ALA C 164 21.47 -33.92 24.02
N GLU C 165 21.93 -32.68 24.25
CA GLU C 165 22.90 -32.46 25.31
C GLU C 165 22.27 -32.74 26.67
N GLY C 166 23.11 -33.17 27.62
CA GLY C 166 22.65 -33.67 28.89
C GLY C 166 22.34 -35.15 28.90
N THR C 167 22.04 -35.74 27.74
CA THR C 167 21.78 -37.17 27.60
C THR C 167 22.53 -37.73 26.39
N ALA C 168 23.69 -37.16 26.07
CA ALA C 168 24.41 -37.53 24.85
C ALA C 168 24.86 -38.99 24.88
N ILE C 169 25.44 -39.42 26.00
CA ILE C 169 25.96 -40.79 26.09
C ILE C 169 24.83 -41.80 25.96
N LYS C 170 23.71 -41.54 26.63
CA LYS C 170 22.56 -42.43 26.53
C LYS C 170 22.01 -42.48 25.11
N ASP C 171 21.93 -41.32 24.45
CA ASP C 171 21.39 -41.28 23.10
C ASP C 171 22.35 -41.90 22.09
N LEU C 172 23.65 -41.71 22.28
CA LEU C 172 24.62 -42.27 21.34
C LEU C 172 24.69 -43.79 21.45
N LYS C 173 24.56 -44.32 22.67
CA LYS C 173 24.66 -45.76 22.86
C LYS C 173 23.36 -46.49 22.53
N ASN C 174 22.22 -45.79 22.55
CA ASN C 174 20.93 -46.39 22.22
C ASN C 174 20.09 -45.37 21.45
N PRO C 175 20.46 -45.08 20.21
CA PRO C 175 19.70 -44.10 19.43
C PRO C 175 18.42 -44.71 18.86
N ASP C 176 17.41 -43.85 18.70
CA ASP C 176 16.16 -44.29 18.09
C ASP C 176 16.37 -44.70 16.64
N ARG C 177 17.28 -44.02 15.93
CA ARG C 177 17.64 -44.40 14.57
C ARG C 177 18.93 -43.70 14.21
N VAL C 178 19.62 -44.28 13.22
CA VAL C 178 20.81 -43.70 12.63
C VAL C 178 20.48 -43.37 11.18
N LEU C 179 20.86 -42.16 10.75
CA LEU C 179 20.53 -41.65 9.42
C LEU C 179 21.83 -41.41 8.66
N ILE C 180 21.97 -42.08 7.51
CA ILE C 180 23.16 -41.97 6.68
C ILE C 180 22.72 -41.66 5.25
N GLY C 181 23.27 -40.60 4.68
CA GLY C 181 22.94 -40.18 3.33
C GLY C 181 24.17 -40.30 2.42
N GLY C 182 23.95 -40.82 1.22
CA GLY C 182 25.01 -40.97 0.25
C GLY C 182 24.46 -40.99 -1.15
N ASP C 183 25.35 -40.76 -2.12
CA ASP C 183 24.95 -40.72 -3.52
C ASP C 183 24.38 -42.07 -3.95
N GLU C 184 23.40 -42.01 -4.86
CA GLU C 184 22.82 -43.22 -5.43
C GLU C 184 23.68 -43.72 -6.60
N THR C 185 24.95 -43.96 -6.28
CA THR C 185 25.95 -44.44 -7.22
C THR C 185 26.65 -45.65 -6.61
N PRO C 186 27.38 -46.43 -7.41
CA PRO C 186 28.19 -47.51 -6.82
C PRO C 186 29.16 -47.03 -5.75
N GLU C 187 29.88 -45.94 -6.00
CA GLU C 187 30.81 -45.42 -5.01
C GLU C 187 30.10 -44.97 -3.74
N GLY C 188 28.93 -44.34 -3.90
CA GLY C 188 28.20 -43.86 -2.74
C GLY C 188 27.66 -44.98 -1.88
N GLN C 189 27.14 -46.04 -2.50
CA GLN C 189 26.60 -47.17 -1.74
C GLN C 189 27.71 -47.93 -1.02
N ARG C 190 28.89 -48.02 -1.64
CA ARG C 190 30.03 -48.65 -0.97
C ARG C 190 30.42 -47.86 0.29
N ALA C 191 30.49 -46.54 0.17
CA ALA C 191 30.84 -45.72 1.32
C ALA C 191 29.76 -45.76 2.38
N VAL C 192 28.49 -45.76 1.98
CA VAL C 192 27.39 -45.86 2.94
C VAL C 192 27.47 -47.15 3.72
N GLN C 193 27.74 -48.27 3.03
CA GLN C 193 27.86 -49.55 3.71
C GLN C 193 29.05 -49.56 4.66
N ALA C 194 30.15 -48.91 4.26
CA ALA C 194 31.33 -48.87 5.14
C ALA C 194 31.03 -48.12 6.43
N LEU C 195 30.19 -47.08 6.36
CA LEU C 195 29.83 -46.36 7.58
C LEU C 195 28.81 -47.14 8.40
N CYS C 196 27.87 -47.81 7.75
CA CYS C 196 26.92 -48.65 8.47
C CYS C 196 27.64 -49.72 9.28
N ALA C 197 28.72 -50.28 8.73
CA ALA C 197 29.46 -51.33 9.43
C ALA C 197 30.05 -50.81 10.73
N VAL C 198 30.36 -49.51 10.81
CA VAL C 198 30.84 -48.94 12.07
C VAL C 198 29.71 -48.92 13.09
N TYR C 199 28.54 -48.41 12.70
CA TYR C 199 27.41 -48.34 13.63
C TYR C 199 26.87 -49.72 13.98
N GLU C 200 27.04 -50.70 13.10
CA GLU C 200 26.57 -52.05 13.39
C GLU C 200 27.35 -52.72 14.51
N HIS C 201 28.42 -52.09 15.00
CA HIS C 201 29.09 -52.59 16.19
C HIS C 201 28.19 -52.54 17.42
N TRP C 202 27.18 -51.66 17.42
CA TRP C 202 26.30 -51.55 18.59
C TRP C 202 24.90 -51.12 18.26
N VAL C 203 24.56 -50.81 17.01
CA VAL C 203 23.22 -50.38 16.62
C VAL C 203 22.64 -51.44 15.71
N PRO C 204 21.46 -51.99 16.01
CA PRO C 204 20.87 -53.02 15.14
C PRO C 204 20.58 -52.47 13.74
N ARG C 205 20.72 -53.35 12.75
CA ARG C 205 20.66 -52.90 11.35
C ARG C 205 19.30 -52.31 11.00
N GLU C 206 18.22 -52.79 11.64
CA GLU C 206 16.90 -52.25 11.35
C GLU C 206 16.72 -50.82 11.86
N LYS C 207 17.66 -50.32 12.67
CA LYS C 207 17.64 -48.95 13.15
C LYS C 207 18.44 -47.99 12.29
N ILE C 208 19.14 -48.50 11.27
CA ILE C 208 20.01 -47.68 10.43
C ILE C 208 19.25 -47.38 9.14
N LEU C 209 18.91 -46.11 8.94
CA LEU C 209 18.25 -45.66 7.73
C LEU C 209 19.27 -45.10 6.75
N THR C 210 19.11 -45.45 5.47
CA THR C 210 20.01 -45.02 4.42
C THR C 210 19.21 -44.34 3.32
N THR C 211 19.71 -43.21 2.84
CA THR C 211 19.06 -42.45 1.77
C THR C 211 20.14 -41.63 1.07
N ASN C 212 19.73 -40.64 0.30
CA ASN C 212 20.68 -39.73 -0.33
C ASN C 212 21.01 -38.57 0.63
N THR C 213 22.04 -37.81 0.27
CA THR C 213 22.56 -36.79 1.18
C THR C 213 21.52 -35.71 1.47
N TRP C 214 20.86 -35.18 0.43
CA TRP C 214 19.90 -34.11 0.66
C TRP C 214 18.70 -34.60 1.46
N SER C 215 18.18 -35.78 1.15
CA SER C 215 17.06 -36.32 1.92
C SER C 215 17.46 -36.58 3.36
N SER C 216 18.75 -36.82 3.61
CA SER C 216 19.23 -36.95 4.98
C SER C 216 19.22 -35.60 5.69
N GLU C 217 19.68 -34.55 5.03
CA GLU C 217 19.72 -33.24 5.66
C GLU C 217 18.33 -32.66 5.86
N LEU C 218 17.43 -32.89 4.90
CA LEU C 218 16.06 -32.41 5.05
C LEU C 218 15.34 -33.13 6.18
N SER C 219 15.64 -34.42 6.37
CA SER C 219 15.00 -35.17 7.44
C SER C 219 15.43 -34.64 8.81
N LYS C 220 16.71 -34.30 8.97
CA LYS C 220 17.17 -33.73 10.23
C LYS C 220 16.58 -32.33 10.45
N LEU C 221 16.53 -31.52 9.39
CA LEU C 221 15.89 -30.22 9.47
C LEU C 221 14.45 -30.36 9.96
N ALA C 222 13.68 -31.24 9.32
CA ALA C 222 12.27 -31.39 9.67
C ALA C 222 12.10 -31.97 11.05
N ALA C 223 12.97 -32.92 11.43
CA ALA C 223 12.86 -33.54 12.75
C ALA C 223 13.06 -32.51 13.86
N ASN C 224 14.03 -31.61 13.69
CA ASN C 224 14.23 -30.57 14.70
C ASN C 224 13.07 -29.59 14.74
N LEU C 225 12.41 -29.37 13.60
CA LEU C 225 11.25 -28.48 13.57
C LEU C 225 10.08 -29.06 14.36
N PHE C 226 9.82 -30.36 14.18
CA PHE C 226 8.73 -31.00 14.92
C PHE C 226 8.98 -30.95 16.42
N LEU C 227 10.22 -31.15 16.85
CA LEU C 227 10.54 -31.10 18.28
C LEU C 227 10.29 -29.71 18.85
N ALA C 228 10.83 -28.68 18.19
CA ALA C 228 10.63 -27.31 18.66
C ALA C 228 9.17 -26.89 18.58
N GLN C 229 8.42 -27.44 17.62
CA GLN C 229 7.01 -27.09 17.50
C GLN C 229 6.21 -27.61 18.69
N ARG C 230 6.53 -28.81 19.16
CA ARG C 230 5.83 -29.36 20.32
C ARG C 230 6.02 -28.49 21.56
N ILE C 231 7.20 -27.88 21.70
CA ILE C 231 7.47 -27.03 22.85
C ILE C 231 6.71 -25.71 22.73
N SER C 232 6.74 -25.11 21.54
CA SER C 232 6.02 -23.86 21.33
C SER C 232 4.51 -24.08 21.40
N SER C 233 4.03 -25.24 20.96
CA SER C 233 2.60 -25.51 20.99
C SER C 233 2.10 -25.61 22.43
N ILE C 234 2.79 -26.40 23.26
CA ILE C 234 2.37 -26.52 24.66
C ILE C 234 2.61 -25.22 25.42
N ASN C 235 3.58 -24.41 24.98
CA ASN C 235 3.80 -23.12 25.63
C ASN C 235 2.66 -22.14 25.32
N SER C 236 2.11 -22.20 24.11
CA SER C 236 0.93 -21.40 23.80
C SER C 236 -0.28 -21.87 24.61
N ILE C 237 -0.34 -23.17 24.91
CA ILE C 237 -1.41 -23.68 25.78
C ILE C 237 -1.20 -23.19 27.21
N SER C 238 0.05 -23.02 27.64
CA SER C 238 0.30 -22.51 28.98
C SER C 238 -0.24 -21.09 29.14
N ALA C 239 -0.19 -20.28 28.08
CA ALA C 239 -0.79 -18.96 28.15
C ALA C 239 -2.31 -19.03 28.29
N LEU C 240 -2.92 -20.00 27.61
CA LEU C 240 -4.36 -20.21 27.74
C LEU C 240 -4.73 -20.65 29.14
N CYS C 241 -3.91 -21.52 29.75
CA CYS C 241 -4.20 -22.01 31.09
C CYS C 241 -4.15 -20.89 32.12
N GLU C 242 -3.15 -20.01 32.01
CA GLU C 242 -3.04 -18.90 32.96
C GLU C 242 -4.19 -17.92 32.83
N ALA C 243 -4.76 -17.78 31.63
CA ALA C 243 -5.84 -16.83 31.42
C ALA C 243 -7.20 -17.40 31.81
N THR C 244 -7.33 -18.71 31.95
CA THR C 244 -8.62 -19.34 32.23
C THR C 244 -8.61 -20.20 33.49
N GLY C 245 -7.54 -20.15 34.28
CA GLY C 245 -7.52 -20.88 35.53
C GLY C 245 -7.31 -22.38 35.41
N ALA C 246 -6.63 -22.83 34.36
CA ALA C 246 -6.29 -24.23 34.18
C ALA C 246 -4.80 -24.44 34.44
N ASP C 247 -4.41 -25.72 34.47
CA ASP C 247 -3.02 -26.11 34.70
C ASP C 247 -2.49 -26.78 33.44
N VAL C 248 -1.39 -26.25 32.91
CA VAL C 248 -0.84 -26.79 31.67
C VAL C 248 -0.28 -28.20 31.89
N GLU C 249 0.14 -28.52 33.11
CA GLU C 249 0.63 -29.87 33.40
C GLU C 249 -0.50 -30.87 33.34
N GLU C 250 -1.70 -30.50 33.82
CA GLU C 250 -2.86 -31.37 33.69
C GLU C 250 -3.27 -31.52 32.23
N VAL C 251 -3.29 -30.43 31.49
CA VAL C 251 -3.68 -30.48 30.08
C VAL C 251 -2.69 -31.33 29.28
N ALA C 252 -1.40 -31.14 29.52
CA ALA C 252 -0.39 -31.91 28.80
C ALA C 252 -0.53 -33.40 29.06
N THR C 253 -0.90 -33.78 30.29
CA THR C 253 -1.10 -35.20 30.60
C THR C 253 -2.23 -35.78 29.76
N ALA C 254 -3.35 -35.06 29.63
CA ALA C 254 -4.46 -35.55 28.83
C ALA C 254 -4.09 -35.62 27.35
N ILE C 255 -3.29 -34.66 26.88
CA ILE C 255 -2.87 -34.68 25.48
C ILE C 255 -1.94 -35.86 25.22
N GLY C 256 -0.97 -36.09 26.11
CA GLY C 256 0.06 -37.09 25.88
C GLY C 256 -0.44 -38.52 25.87
N MET C 257 -1.57 -38.80 26.51
CA MET C 257 -2.09 -40.16 26.52
C MET C 257 -2.61 -40.59 25.16
N ASP C 258 -2.82 -39.66 24.22
CA ASP C 258 -3.14 -40.01 22.84
C ASP C 258 -1.88 -40.52 22.16
N GLN C 259 -1.85 -41.83 21.87
CA GLN C 259 -0.68 -42.44 21.26
C GLN C 259 -0.34 -41.83 19.91
N ARG C 260 -1.31 -41.20 19.23
CA ARG C 260 -1.02 -40.51 17.99
C ARG C 260 -0.25 -39.21 18.22
N ILE C 261 -0.23 -38.71 19.44
CA ILE C 261 0.50 -37.49 19.79
C ILE C 261 1.78 -37.80 20.54
N GLY C 262 1.71 -38.63 21.57
CA GLY C 262 2.85 -38.90 22.42
C GLY C 262 2.92 -37.99 23.62
N ASN C 263 3.56 -38.48 24.68
CA ASN C 263 3.64 -37.75 25.94
C ASN C 263 5.00 -37.08 26.16
N LYS C 264 5.86 -37.08 25.16
CA LYS C 264 7.19 -36.51 25.29
C LYS C 264 7.20 -35.07 24.74
N PHE C 265 8.15 -34.28 25.26
CA PHE C 265 8.34 -32.89 24.83
C PHE C 265 7.07 -32.07 24.96
N LEU C 266 6.31 -32.33 26.03
CA LEU C 266 5.14 -31.53 26.37
C LEU C 266 5.36 -30.76 27.68
N LYS C 267 6.61 -30.49 28.02
CA LYS C 267 6.96 -29.76 29.25
C LYS C 267 7.01 -28.28 28.94
N ALA C 268 5.98 -27.54 29.36
CA ALA C 268 5.98 -26.10 29.19
C ALA C 268 7.13 -25.49 29.99
N SER C 269 7.69 -24.41 29.45
CA SER C 269 8.86 -23.79 30.06
C SER C 269 8.90 -22.32 29.67
N VAL C 270 9.90 -21.62 30.20
CA VAL C 270 10.12 -20.22 29.85
C VAL C 270 10.50 -20.06 28.39
N GLY C 271 10.99 -21.12 27.75
CA GLY C 271 11.36 -21.08 26.35
C GLY C 271 12.50 -22.01 26.02
N PHE C 272 12.44 -22.67 24.87
CA PHE C 272 13.48 -23.60 24.51
C PHE C 272 14.77 -22.85 24.15
N GLY C 273 15.90 -23.45 24.51
CA GLY C 273 17.19 -22.90 24.16
C GLY C 273 18.00 -23.87 23.31
N GLY C 274 19.31 -23.71 23.30
CA GLY C 274 20.17 -24.61 22.57
C GLY C 274 20.57 -24.04 21.22
N SER C 275 21.67 -24.58 20.69
CA SER C 275 22.22 -24.13 19.42
C SER C 275 21.52 -24.73 18.21
N CYS C 276 20.47 -25.53 18.40
CA CYS C 276 19.84 -26.26 17.32
C CYS C 276 18.50 -25.70 16.91
N PHE C 277 17.55 -25.55 17.84
CA PHE C 277 16.15 -25.31 17.46
C PHE C 277 15.97 -23.96 16.78
N GLN C 278 16.43 -22.88 17.40
CA GLN C 278 16.23 -21.56 16.81
C GLN C 278 17.00 -21.41 15.51
N LYS C 279 18.23 -21.91 15.45
CA LYS C 279 19.00 -21.84 14.22
C LYS C 279 18.34 -22.64 13.10
N ASP C 280 17.71 -23.76 13.43
CA ASP C 280 17.13 -24.61 12.41
C ASP C 280 15.88 -23.98 11.81
N VAL C 281 15.07 -23.30 12.63
CA VAL C 281 13.91 -22.58 12.10
C VAL C 281 14.36 -21.44 11.20
N LEU C 282 15.42 -20.74 11.59
CA LEU C 282 15.93 -19.65 10.76
C LEU C 282 16.44 -20.16 9.42
N ASN C 283 17.19 -21.26 9.42
CA ASN C 283 17.72 -21.81 8.17
C ASN C 283 16.59 -22.28 7.27
N LEU C 284 15.52 -22.75 7.87
CA LEU C 284 14.37 -23.19 7.14
C LEU C 284 13.64 -22.03 6.51
N VAL C 285 13.53 -20.92 7.21
CA VAL C 285 12.91 -19.71 6.68
C VAL C 285 13.73 -19.16 5.53
N TYR C 286 15.06 -19.19 5.66
CA TYR C 286 15.91 -18.71 4.57
C TYR C 286 15.89 -19.67 3.39
N LEU C 287 15.78 -20.97 3.66
CA LEU C 287 15.67 -21.94 2.57
C LEU C 287 14.38 -21.72 1.77
N CYS C 288 13.27 -21.44 2.46
CA CYS C 288 12.01 -21.20 1.77
C CYS C 288 12.04 -19.92 0.95
N GLU C 289 12.79 -18.91 1.40
CA GLU C 289 12.91 -17.68 0.62
C GLU C 289 13.66 -17.95 -0.68
N ALA C 290 14.68 -18.81 -0.64
CA ALA C 290 15.38 -19.17 -1.86
C ALA C 290 14.55 -20.10 -2.75
N LEU C 291 13.68 -20.90 -2.15
CA LEU C 291 12.80 -21.80 -2.89
C LEU C 291 11.47 -21.15 -3.24
N ASN C 292 11.22 -19.91 -2.80
CA ASN C 292 9.96 -19.21 -3.03
C ASN C 292 8.78 -19.98 -2.41
N LEU C 293 8.92 -20.30 -1.12
CA LEU C 293 7.87 -20.96 -0.34
C LEU C 293 7.53 -20.10 0.87
N PRO C 294 6.87 -18.96 0.65
CA PRO C 294 6.57 -18.07 1.80
C PRO C 294 5.54 -18.65 2.75
N GLU C 295 4.62 -19.48 2.27
CA GLU C 295 3.63 -20.09 3.16
C GLU C 295 4.28 -21.04 4.15
N VAL C 296 5.23 -21.86 3.68
CA VAL C 296 5.98 -22.73 4.58
C VAL C 296 6.82 -21.90 5.54
N ALA C 297 7.37 -20.78 5.05
CA ALA C 297 8.24 -19.95 5.88
C ALA C 297 7.48 -19.35 7.06
N ARG C 298 6.34 -18.71 6.79
CA ARG C 298 5.58 -18.09 7.87
C ARG C 298 4.87 -19.12 8.75
N TYR C 299 4.73 -20.36 8.28
CA TYR C 299 4.16 -21.40 9.12
C TYR C 299 5.10 -21.75 10.27
N TRP C 300 6.36 -22.04 9.96
CA TRP C 300 7.32 -22.43 10.99
C TRP C 300 7.92 -21.23 11.72
N GLN C 301 7.82 -20.03 11.14
CA GLN C 301 8.25 -18.83 11.85
C GLN C 301 7.51 -18.67 13.17
N GLN C 302 6.28 -19.20 13.27
CA GLN C 302 5.51 -19.10 14.50
C GLN C 302 6.16 -19.84 15.66
N VAL C 303 7.01 -20.83 15.39
CA VAL C 303 7.72 -21.51 16.46
C VAL C 303 8.66 -20.55 17.18
N ILE C 304 9.34 -19.68 16.42
CA ILE C 304 10.19 -18.68 17.04
C ILE C 304 9.34 -17.59 17.69
N ASP C 305 8.30 -17.13 16.99
CA ASP C 305 7.45 -16.07 17.53
C ASP C 305 6.83 -16.47 18.86
N MET C 306 6.37 -17.72 18.97
CA MET C 306 5.82 -18.18 20.24
C MET C 306 6.90 -18.29 21.31
N ASN C 307 8.13 -18.64 20.92
CA ASN C 307 9.20 -18.76 21.89
C ASN C 307 9.60 -17.39 22.44
N ASP C 308 9.68 -16.38 21.57
CA ASP C 308 9.96 -15.02 22.03
C ASP C 308 8.82 -14.49 22.89
N TYR C 309 7.58 -14.83 22.55
CA TYR C 309 6.44 -14.38 23.33
C TYR C 309 6.43 -15.05 24.70
N GLN C 310 6.83 -16.33 24.77
CA GLN C 310 6.85 -17.02 26.05
C GLN C 310 7.87 -16.41 27.00
N ARG C 311 9.04 -16.02 26.48
CA ARG C 311 10.05 -15.39 27.32
C ARG C 311 9.61 -13.99 27.76
N ARG C 312 9.09 -13.20 26.82
CA ARG C 312 8.61 -11.86 27.14
C ARG C 312 7.50 -11.91 28.19
N ARG C 313 6.55 -12.84 28.01
CA ARG C 313 5.44 -12.96 28.95
C ARG C 313 5.93 -13.32 30.34
N PHE C 314 6.95 -14.17 30.43
CA PHE C 314 7.46 -14.58 31.73
C PHE C 314 8.21 -13.43 32.42
N ALA C 315 8.98 -12.65 31.64
CA ALA C 315 9.72 -11.55 32.22
C ALA C 315 8.78 -10.46 32.75
N SER C 316 7.79 -10.08 31.92
CA SER C 316 6.84 -9.06 32.36
C SER C 316 6.01 -9.54 33.54
N ARG C 317 5.73 -10.84 33.62
CA ARG C 317 5.01 -11.37 34.76
C ARG C 317 5.82 -11.21 36.05
N ILE C 318 7.15 -11.36 35.96
CA ILE C 318 8.00 -11.13 37.11
C ILE C 318 7.92 -9.67 37.55
N ILE C 319 8.00 -8.75 36.58
CA ILE C 319 7.96 -7.33 36.91
C ILE C 319 6.59 -6.93 37.46
N ASP C 320 5.51 -7.44 36.84
CA ASP C 320 4.17 -7.09 37.30
C ASP C 320 3.90 -7.61 38.70
N SER C 321 4.41 -8.81 39.03
CA SER C 321 4.20 -9.35 40.36
C SER C 321 4.97 -8.58 41.42
N LEU C 322 6.13 -8.03 41.07
CA LEU C 322 6.93 -7.23 41.99
C LEU C 322 6.55 -5.77 41.96
N PHE C 323 5.25 -5.47 41.92
CA PHE C 323 4.71 -4.12 42.00
C PHE C 323 5.19 -3.24 40.83
N ASN C 324 5.36 -3.86 39.66
CA ASN C 324 5.69 -3.15 38.42
C ASN C 324 7.02 -2.40 38.51
N THR C 325 7.91 -2.86 39.39
CA THR C 325 9.23 -2.25 39.49
C THR C 325 10.20 -3.27 40.08
N VAL C 326 11.33 -3.46 39.41
CA VAL C 326 12.43 -4.26 39.93
C VAL C 326 13.71 -3.43 40.05
N THR C 327 13.59 -2.11 39.96
CA THR C 327 14.75 -1.23 40.08
C THR C 327 15.37 -1.35 41.46
N ASP C 328 16.67 -1.66 41.49
CA ASP C 328 17.44 -1.81 42.72
C ASP C 328 16.91 -2.91 43.63
N LYS C 329 16.16 -3.85 43.06
CA LYS C 329 15.72 -5.04 43.79
C LYS C 329 16.65 -6.20 43.47
N LYS C 330 16.97 -6.99 44.50
CA LYS C 330 17.83 -8.16 44.33
C LYS C 330 17.00 -9.35 43.89
N ILE C 331 17.34 -9.91 42.73
CA ILE C 331 16.65 -11.07 42.19
C ILE C 331 17.66 -12.20 42.01
N ALA C 332 17.33 -13.38 42.52
CA ALA C 332 18.17 -14.55 42.36
C ALA C 332 17.79 -15.29 41.09
N ILE C 333 18.82 -15.69 40.32
CA ILE C 333 18.64 -16.44 39.08
C ILE C 333 19.26 -17.80 39.28
N LEU C 334 18.42 -18.82 39.46
CA LEU C 334 18.87 -20.19 39.67
C LEU C 334 18.82 -20.92 38.32
N GLY C 335 19.99 -21.22 37.78
CA GLY C 335 20.08 -21.91 36.50
C GLY C 335 20.33 -20.97 35.34
N PHE C 336 21.42 -21.19 34.61
CA PHE C 336 21.77 -20.37 33.46
C PHE C 336 21.95 -21.17 32.17
N ALA C 337 22.06 -22.49 32.27
CA ALA C 337 22.16 -23.33 31.07
C ALA C 337 20.80 -23.51 30.43
N PHE C 338 20.80 -23.77 29.12
CA PHE C 338 19.54 -23.86 28.39
C PHE C 338 18.73 -25.09 28.79
N LYS C 339 19.36 -26.08 29.41
CA LYS C 339 18.67 -27.22 29.99
C LYS C 339 19.54 -27.77 31.11
N LYS C 340 19.02 -28.77 31.81
CA LYS C 340 19.78 -29.34 32.93
C LYS C 340 20.86 -30.28 32.43
N ASP C 341 21.79 -30.60 33.31
CA ASP C 341 22.86 -31.57 33.06
C ASP C 341 23.79 -31.12 31.92
N THR C 342 24.00 -29.82 31.78
CA THR C 342 24.93 -29.30 30.80
C THR C 342 25.42 -27.93 31.25
N GLY C 343 26.61 -27.57 30.80
CA GLY C 343 27.15 -26.24 30.97
C GLY C 343 26.95 -25.33 29.79
N ASP C 344 26.22 -25.78 28.76
CA ASP C 344 26.01 -25.00 27.55
C ASP C 344 24.96 -23.93 27.81
N THR C 345 25.27 -22.69 27.41
CA THR C 345 24.35 -21.56 27.58
C THR C 345 23.84 -21.02 26.25
N ARG C 346 24.16 -21.68 25.14
CA ARG C 346 23.83 -21.15 23.82
C ARG C 346 22.32 -20.98 23.68
N GLU C 347 21.89 -19.74 23.46
CA GLU C 347 20.48 -19.38 23.29
C GLU C 347 19.63 -19.77 24.49
N SER C 348 20.25 -19.82 25.67
CA SER C 348 19.50 -20.14 26.88
C SER C 348 18.52 -19.04 27.22
N SER C 349 17.31 -19.43 27.63
CA SER C 349 16.30 -18.46 28.04
C SER C 349 16.76 -17.63 29.23
N SER C 350 17.71 -18.13 30.02
CA SER C 350 18.21 -17.37 31.16
C SER C 350 18.92 -16.09 30.72
N ILE C 351 19.58 -16.12 29.57
CA ILE C 351 20.23 -14.92 29.05
C ILE C 351 19.20 -13.84 28.78
N TYR C 352 18.08 -14.20 28.17
CA TYR C 352 17.05 -13.21 27.83
C TYR C 352 16.32 -12.74 29.08
N ILE C 353 15.93 -13.67 29.97
CA ILE C 353 15.23 -13.28 31.19
C ILE C 353 16.12 -12.36 32.03
N SER C 354 17.42 -12.65 32.08
CA SER C 354 18.33 -11.78 32.84
C SER C 354 18.42 -10.40 32.22
N LYS C 355 18.59 -10.33 30.90
CA LYS C 355 18.72 -9.03 30.24
C LYS C 355 17.42 -8.23 30.31
N TYR C 356 16.27 -8.91 30.30
CA TYR C 356 15.00 -8.20 30.48
C TYR C 356 14.95 -7.56 31.87
N LEU C 357 15.49 -8.23 32.88
CA LEU C 357 15.49 -7.69 34.23
C LEU C 357 16.63 -6.71 34.44
N MET C 358 17.76 -6.90 33.76
CA MET C 358 18.87 -5.95 33.86
C MET C 358 18.47 -4.60 33.29
N ASP C 359 17.75 -4.60 32.17
CA ASP C 359 17.30 -3.35 31.55
C ASP C 359 16.29 -2.60 32.40
N GLU C 360 15.75 -3.24 33.45
CA GLU C 360 14.82 -2.60 34.35
C GLU C 360 15.45 -2.23 35.69
N GLY C 361 16.77 -2.38 35.82
CA GLY C 361 17.48 -1.95 36.99
C GLY C 361 17.67 -2.99 38.08
N ALA C 362 17.32 -4.24 37.82
CA ALA C 362 17.43 -5.28 38.84
C ALA C 362 18.88 -5.66 39.08
N HIS C 363 19.18 -5.99 40.34
CA HIS C 363 20.49 -6.54 40.73
C HIS C 363 20.36 -8.06 40.76
N LEU C 364 20.96 -8.72 39.77
CA LEU C 364 20.80 -10.17 39.63
C LEU C 364 21.94 -10.90 40.30
N HIS C 365 21.61 -11.93 41.07
CA HIS C 365 22.57 -12.86 41.64
C HIS C 365 22.30 -14.23 41.04
N ILE C 366 23.21 -14.70 40.19
CA ILE C 366 22.99 -15.88 39.37
C ILE C 366 23.77 -17.05 39.95
N TYR C 367 23.15 -18.23 39.97
CA TYR C 367 23.82 -19.46 40.33
C TYR C 367 23.55 -20.52 39.29
N ASP C 368 24.60 -21.29 38.96
CA ASP C 368 24.46 -22.44 38.09
C ASP C 368 25.53 -23.44 38.53
N PRO C 369 25.19 -24.72 38.67
CA PRO C 369 26.18 -25.69 39.17
C PRO C 369 27.25 -26.08 38.16
N LYS C 370 27.03 -25.84 36.86
CA LYS C 370 27.97 -26.32 35.86
C LYS C 370 28.46 -25.20 34.93
N VAL C 371 27.64 -24.18 34.73
CA VAL C 371 28.02 -23.08 33.86
C VAL C 371 29.12 -22.27 34.53
N PRO C 372 30.28 -22.11 33.90
CA PRO C 372 31.36 -21.32 34.51
C PRO C 372 30.99 -19.85 34.59
N ARG C 373 31.59 -19.16 35.57
CA ARG C 373 31.25 -17.77 35.81
C ARG C 373 31.65 -16.87 34.64
N GLU C 374 32.72 -17.23 33.93
CA GLU C 374 33.16 -16.40 32.81
C GLU C 374 32.16 -16.45 31.67
N GLN C 375 31.55 -17.61 31.43
CA GLN C 375 30.54 -17.72 30.37
C GLN C 375 29.34 -16.83 30.65
N ILE C 376 28.93 -16.76 31.92
CA ILE C 376 27.78 -15.92 32.29
C ILE C 376 28.10 -14.46 32.00
N VAL C 377 29.31 -14.02 32.32
CA VAL C 377 29.68 -12.61 32.12
C VAL C 377 29.68 -12.27 30.64
N VAL C 378 30.18 -13.17 29.80
CA VAL C 378 30.25 -12.91 28.36
C VAL C 378 28.85 -12.87 27.75
N ASP C 379 27.97 -13.77 28.19
CA ASP C 379 26.63 -13.83 27.61
C ASP C 379 25.84 -12.56 27.93
N LEU C 380 25.90 -12.07 29.16
CA LEU C 380 25.16 -10.89 29.55
C LEU C 380 25.82 -9.59 29.10
N SER C 381 27.04 -9.65 28.59
CA SER C 381 27.75 -8.45 28.17
C SER C 381 27.40 -8.10 26.73
N HIS C 382 27.76 -6.89 26.33
CA HIS C 382 27.53 -6.44 24.97
C HIS C 382 28.76 -6.72 24.11
N PRO C 383 28.59 -7.29 22.91
CA PRO C 383 29.72 -7.62 22.03
C PRO C 383 30.40 -6.38 21.46
N GLU C 387 34.43 -5.38 28.36
CA GLU C 387 33.87 -5.10 29.68
C GLU C 387 32.59 -4.29 29.58
N ASP C 388 31.47 -4.91 29.94
CA ASP C 388 30.17 -4.24 29.87
C ASP C 388 29.87 -3.56 31.20
N ASP C 389 29.39 -2.31 31.13
CA ASP C 389 29.14 -1.56 32.35
C ASP C 389 27.89 -2.05 33.07
N GLN C 390 26.86 -2.44 32.31
CA GLN C 390 25.63 -2.91 32.93
C GLN C 390 25.84 -4.21 33.70
N VAL C 391 26.76 -5.06 33.23
CA VAL C 391 27.04 -6.31 33.95
C VAL C 391 27.76 -6.03 35.26
N SER C 392 28.67 -5.04 35.26
CA SER C 392 29.45 -4.75 36.46
C SER C 392 28.56 -4.17 37.56
N ARG C 393 27.59 -3.34 37.20
CA ARG C 393 26.77 -2.67 38.20
C ARG C 393 25.68 -3.57 38.77
N LEU C 394 25.20 -4.54 37.99
CA LEU C 394 24.01 -5.29 38.36
C LEU C 394 24.23 -6.78 38.58
N VAL C 395 25.22 -7.38 37.91
CA VAL C 395 25.36 -8.84 37.88
C VAL C 395 26.36 -9.29 38.95
N THR C 396 25.97 -10.28 39.72
CA THR C 396 26.86 -10.96 40.67
C THR C 396 26.66 -12.46 40.50
N ILE C 397 27.77 -13.20 40.40
CA ILE C 397 27.73 -14.64 40.22
C ILE C 397 28.05 -15.30 41.56
N SER C 398 27.11 -16.10 42.06
CA SER C 398 27.23 -16.74 43.35
C SER C 398 27.81 -18.15 43.21
N LYS C 399 28.41 -18.64 44.30
CA LYS C 399 28.99 -19.98 44.32
C LYS C 399 28.01 -21.04 44.81
N ASP C 400 27.01 -20.66 45.59
CA ASP C 400 25.98 -21.58 46.07
C ASP C 400 24.63 -20.87 45.98
N PRO C 401 23.54 -21.64 45.89
CA PRO C 401 22.22 -21.00 45.71
C PRO C 401 21.79 -20.13 46.89
N TYR C 402 22.18 -20.49 48.11
CA TYR C 402 21.72 -19.74 49.28
C TYR C 402 22.35 -18.35 49.34
N GLU C 403 23.53 -18.18 48.76
CA GLU C 403 24.13 -16.85 48.70
C GLU C 403 23.35 -15.95 47.75
N ALA C 404 22.85 -16.50 46.65
CA ALA C 404 22.11 -15.69 45.68
C ALA C 404 20.74 -15.28 46.22
N CYS C 405 20.18 -16.05 47.14
CA CYS C 405 18.86 -15.76 47.68
C CYS C 405 18.91 -14.94 48.97
N ASP C 406 20.10 -14.71 49.52
CA ASP C 406 20.24 -13.96 50.76
C ASP C 406 19.88 -12.50 50.52
N GLY C 407 18.80 -12.04 51.13
CA GLY C 407 18.36 -10.66 50.95
C GLY C 407 17.74 -10.36 49.61
N ALA C 408 17.27 -11.37 48.90
CA ALA C 408 16.70 -11.19 47.57
C ALA C 408 15.20 -10.95 47.66
N HIS C 409 14.70 -10.10 46.75
CA HIS C 409 13.26 -9.86 46.69
C HIS C 409 12.51 -11.03 46.06
N ALA C 410 13.12 -11.71 45.09
CA ALA C 410 12.46 -12.81 44.40
C ALA C 410 13.51 -13.84 43.99
N VAL C 411 13.03 -15.01 43.58
CA VAL C 411 13.87 -16.10 43.11
C VAL C 411 13.27 -16.61 41.79
N VAL C 412 14.08 -16.62 40.74
CA VAL C 412 13.63 -17.00 39.41
C VAL C 412 14.37 -18.26 39.00
N ILE C 413 13.64 -19.36 38.84
CA ILE C 413 14.21 -20.63 38.42
C ILE C 413 14.05 -20.74 36.91
N CYS C 414 15.18 -20.77 36.19
CA CYS C 414 15.17 -20.81 34.74
C CYS C 414 15.67 -22.12 34.15
N THR C 415 16.27 -23.00 34.95
CA THR C 415 16.80 -24.27 34.47
C THR C 415 16.36 -25.39 35.41
N GLU C 416 15.96 -26.52 34.82
CA GLU C 416 15.36 -27.62 35.57
C GLU C 416 16.38 -28.50 36.29
N TRP C 417 17.43 -27.91 36.87
CA TRP C 417 18.37 -28.68 37.66
C TRP C 417 17.65 -29.41 38.79
N ASP C 418 17.92 -30.71 38.93
CA ASP C 418 17.25 -31.51 39.94
C ASP C 418 17.60 -31.07 41.36
N MET C 419 18.69 -30.31 41.54
CA MET C 419 19.07 -29.84 42.86
C MET C 419 18.15 -28.73 43.37
N PHE C 420 17.44 -28.04 42.47
CA PHE C 420 16.63 -26.90 42.89
C PHE C 420 15.40 -27.34 43.68
N LYS C 421 14.90 -28.54 43.44
CA LYS C 421 13.76 -29.04 44.21
C LYS C 421 14.18 -29.60 45.56
N GLU C 422 15.49 -29.73 45.82
CA GLU C 422 15.99 -30.28 47.07
C GLU C 422 16.58 -29.21 47.98
N LEU C 423 16.39 -27.94 47.64
CA LEU C 423 16.93 -26.85 48.47
C LEU C 423 16.14 -26.73 49.77
N ASP C 424 16.77 -26.12 50.77
CA ASP C 424 16.13 -25.82 52.05
C ASP C 424 15.43 -24.48 51.90
N TYR C 425 14.16 -24.51 51.52
CA TYR C 425 13.42 -23.28 51.26
C TYR C 425 12.98 -22.58 52.54
N GLU C 426 12.89 -23.29 53.66
CA GLU C 426 12.69 -22.61 54.94
C GLU C 426 13.86 -21.71 55.27
N ARG C 427 15.08 -22.19 55.02
CA ARG C 427 16.27 -21.37 55.20
C ARG C 427 16.29 -20.21 54.20
N ILE C 428 15.87 -20.47 52.96
CA ILE C 428 15.84 -19.42 51.94
C ILE C 428 14.82 -18.34 52.33
N HIS C 429 13.64 -18.76 52.80
CA HIS C 429 12.61 -17.79 53.15
C HIS C 429 13.02 -16.93 54.34
N LYS C 430 13.86 -17.46 55.23
CA LYS C 430 14.25 -16.69 56.41
C LYS C 430 15.02 -15.43 56.03
N LYS C 431 15.95 -15.54 55.08
CA LYS C 431 16.80 -14.42 54.70
C LYS C 431 16.33 -13.71 53.43
N MET C 432 15.16 -14.08 52.90
CA MET C 432 14.57 -13.34 51.79
C MET C 432 13.73 -12.19 52.33
N LEU C 433 13.57 -11.18 51.49
CA LEU C 433 12.76 -10.01 51.85
C LEU C 433 11.29 -10.33 51.66
N LYS C 434 10.47 -9.86 52.60
CA LYS C 434 9.04 -10.16 52.58
C LYS C 434 8.25 -9.08 51.85
N PRO C 435 7.27 -9.49 51.03
CA PRO C 435 6.90 -10.89 50.78
C PRO C 435 7.82 -11.57 49.77
N ALA C 436 8.20 -12.81 50.05
CA ALA C 436 9.11 -13.55 49.18
C ALA C 436 8.37 -14.12 47.99
N PHE C 437 8.98 -14.01 46.82
CA PHE C 437 8.40 -14.49 45.57
C PHE C 437 9.30 -15.55 44.95
N ILE C 438 8.68 -16.57 44.37
CA ILE C 438 9.38 -17.58 43.59
C ILE C 438 8.69 -17.69 42.24
N PHE C 439 9.44 -17.51 41.16
CA PHE C 439 8.92 -17.60 39.81
C PHE C 439 9.49 -18.86 39.16
N ASP C 440 8.68 -19.92 39.13
CA ASP C 440 9.10 -21.21 38.61
C ASP C 440 8.88 -21.23 37.10
N GLY C 441 9.95 -21.01 36.35
CA GLY C 441 9.88 -21.09 34.91
C GLY C 441 10.06 -22.47 34.32
N ARG C 442 10.09 -23.51 35.16
CA ARG C 442 10.35 -24.87 34.68
C ARG C 442 9.43 -25.93 35.27
N ARG C 443 8.45 -25.54 36.10
CA ARG C 443 7.55 -26.47 36.79
C ARG C 443 8.30 -27.49 37.65
N VAL C 444 9.50 -27.15 38.13
CA VAL C 444 10.27 -28.10 38.92
C VAL C 444 9.80 -28.16 40.37
N LEU C 445 9.10 -27.12 40.85
CA LEU C 445 8.60 -27.09 42.21
C LEU C 445 7.17 -27.62 42.31
N ASP C 446 6.70 -28.35 41.30
CA ASP C 446 5.41 -29.01 41.40
C ASP C 446 5.42 -30.00 42.54
N GLY C 447 4.32 -30.03 43.30
CA GLY C 447 4.24 -30.83 44.50
C GLY C 447 4.78 -30.16 45.75
N LEU C 448 5.41 -28.99 45.61
CA LEU C 448 5.90 -28.22 46.74
C LEU C 448 5.11 -26.94 46.97
N HIS C 449 4.07 -26.69 46.18
CA HIS C 449 3.36 -25.41 46.24
C HIS C 449 2.73 -25.18 47.61
N ASN C 450 1.90 -26.13 48.06
CA ASN C 450 1.25 -25.98 49.36
C ASN C 450 2.28 -25.91 50.48
N GLU C 451 3.40 -26.61 50.34
CA GLU C 451 4.47 -26.50 51.32
C GLU C 451 5.14 -25.13 51.25
N LEU C 452 5.45 -24.66 50.03
CA LEU C 452 6.06 -23.35 49.88
C LEU C 452 5.11 -22.23 50.31
N GLN C 453 3.81 -22.40 50.09
CA GLN C 453 2.86 -21.37 50.51
C GLN C 453 2.70 -21.35 52.03
N THR C 454 2.76 -22.52 52.67
CA THR C 454 2.72 -22.56 54.12
C THR C 454 3.96 -21.90 54.73
N ILE C 455 5.11 -22.04 54.06
CA ILE C 455 6.32 -21.34 54.49
C ILE C 455 6.12 -19.84 54.40
N GLY C 456 5.43 -19.38 53.36
CA GLY C 456 5.15 -17.97 53.21
C GLY C 456 5.48 -17.41 51.83
N PHE C 457 5.81 -18.30 50.90
CA PHE C 457 6.20 -17.88 49.56
C PHE C 457 4.99 -17.51 48.73
N GLN C 458 5.19 -16.54 47.84
CA GLN C 458 4.22 -16.20 46.78
C GLN C 458 4.76 -16.81 45.50
N ILE C 459 4.36 -18.05 45.23
CA ILE C 459 4.93 -18.81 44.12
C ILE C 459 4.11 -18.61 42.87
N GLU C 460 4.76 -18.22 41.79
CA GLU C 460 4.17 -18.09 40.47
C GLU C 460 4.89 -19.02 39.51
N THR C 461 4.13 -19.72 38.68
CA THR C 461 4.72 -20.67 37.75
C THR C 461 3.99 -20.57 36.41
N ILE C 462 4.64 -21.11 35.39
CA ILE C 462 4.14 -21.03 34.02
C ILE C 462 3.00 -22.02 33.84
N GLY C 463 1.94 -21.58 33.14
CA GLY C 463 0.80 -22.43 32.90
C GLY C 463 -0.12 -22.60 34.09
N LYS C 464 -0.10 -21.65 35.03
CA LYS C 464 -0.92 -21.76 36.23
C LYS C 464 -1.15 -20.38 36.80
N LYS C 465 -2.40 -20.13 37.23
CA LYS C 465 -2.78 -18.86 37.85
C LYS C 465 -2.47 -17.67 36.96
N PHE D 2 -24.60 -44.24 44.26
CA PHE D 2 -25.47 -44.05 43.11
C PHE D 2 -25.03 -44.93 41.95
N GLU D 3 -26.00 -45.47 41.22
CA GLU D 3 -25.72 -46.35 40.09
C GLU D 3 -26.60 -45.98 38.92
N ILE D 4 -26.00 -45.79 37.75
CA ILE D 4 -26.72 -45.40 36.55
C ILE D 4 -27.28 -46.66 35.89
N LYS D 5 -28.59 -46.73 35.73
CA LYS D 5 -29.25 -47.86 35.09
C LYS D 5 -30.00 -47.50 33.82
N LYS D 6 -30.27 -46.22 33.58
CA LYS D 6 -30.91 -45.77 32.36
C LYS D 6 -30.13 -44.60 31.78
N ILE D 7 -29.86 -44.65 30.48
CA ILE D 7 -29.08 -43.62 29.79
C ILE D 7 -29.87 -43.12 28.61
N CYS D 8 -29.99 -41.80 28.49
CA CYS D 8 -30.59 -41.15 27.34
C CYS D 8 -29.54 -40.30 26.64
N CYS D 9 -29.56 -40.29 25.31
CA CYS D 9 -28.59 -39.55 24.52
C CYS D 9 -29.33 -38.72 23.49
N ILE D 10 -29.26 -37.40 23.62
CA ILE D 10 -29.90 -36.48 22.68
C ILE D 10 -28.94 -36.30 21.50
N GLY D 11 -29.29 -36.86 20.35
CA GLY D 11 -28.45 -36.79 19.18
C GLY D 11 -28.05 -38.15 18.67
N ALA D 12 -28.66 -38.58 17.57
CA ALA D 12 -28.38 -39.88 16.95
C ALA D 12 -27.46 -39.74 15.76
N GLY D 13 -26.31 -39.09 15.96
CA GLY D 13 -25.39 -38.84 14.87
C GLY D 13 -24.14 -39.69 14.91
N TYR D 14 -23.03 -39.14 14.42
CA TYR D 14 -21.79 -39.89 14.34
C TYR D 14 -21.17 -40.13 15.72
N VAL D 15 -21.51 -39.32 16.71
CA VAL D 15 -20.99 -39.48 18.06
C VAL D 15 -21.96 -40.23 18.96
N GLY D 16 -23.21 -39.75 19.04
CA GLY D 16 -24.16 -40.36 19.96
C GLY D 16 -24.55 -41.78 19.57
N GLY D 17 -24.65 -42.05 18.28
CA GLY D 17 -25.03 -43.35 17.80
C GLY D 17 -24.06 -44.44 18.19
N PRO D 18 -22.83 -44.38 17.63
CA PRO D 18 -21.84 -45.42 17.93
C PRO D 18 -21.46 -45.51 19.40
N THR D 19 -21.39 -44.37 20.11
CA THR D 19 -20.99 -44.39 21.51
C THR D 19 -21.99 -45.15 22.36
N CYS D 20 -23.29 -44.92 22.13
CA CYS D 20 -24.31 -45.61 22.91
C CYS D 20 -24.38 -47.09 22.55
N SER D 21 -24.14 -47.43 21.29
CA SER D 21 -24.14 -48.84 20.90
C SER D 21 -23.05 -49.61 21.65
N VAL D 22 -21.88 -48.99 21.82
CA VAL D 22 -20.80 -49.65 22.55
C VAL D 22 -21.13 -49.72 24.04
N ILE D 23 -21.76 -48.68 24.58
CA ILE D 23 -22.13 -48.69 25.99
C ILE D 23 -23.14 -49.80 26.26
N ALA D 24 -24.20 -49.86 25.45
CA ALA D 24 -25.20 -50.92 25.62
C ALA D 24 -24.61 -52.30 25.34
N HIS D 25 -23.56 -52.37 24.50
CA HIS D 25 -22.93 -53.65 24.23
C HIS D 25 -22.09 -54.13 25.40
N MET D 26 -21.38 -53.20 26.05
CA MET D 26 -20.53 -53.54 27.19
C MET D 26 -21.27 -53.50 28.52
N CYS D 27 -22.46 -52.93 28.57
CA CYS D 27 -23.24 -52.81 29.81
C CYS D 27 -24.61 -53.40 29.56
N PRO D 28 -24.78 -54.71 29.75
CA PRO D 28 -26.08 -55.34 29.46
C PRO D 28 -27.17 -54.99 30.47
N GLU D 29 -26.81 -54.52 31.67
CA GLU D 29 -27.79 -54.21 32.70
C GLU D 29 -28.22 -52.74 32.66
N ILE D 30 -27.71 -51.95 31.71
CA ILE D 30 -28.04 -50.54 31.60
C ILE D 30 -28.88 -50.34 30.34
N ARG D 31 -30.01 -49.68 30.48
CA ARG D 31 -30.87 -49.36 29.35
C ARG D 31 -30.40 -48.05 28.71
N VAL D 32 -30.13 -48.11 27.40
CA VAL D 32 -29.59 -46.98 26.66
C VAL D 32 -30.59 -46.61 25.57
N THR D 33 -31.02 -45.35 25.56
CA THR D 33 -32.03 -44.86 24.62
C THR D 33 -31.48 -43.64 23.89
N VAL D 34 -31.25 -43.78 22.59
CA VAL D 34 -30.80 -42.68 21.75
C VAL D 34 -32.01 -42.00 21.14
N VAL D 35 -32.12 -40.69 21.33
CA VAL D 35 -33.26 -39.91 20.85
C VAL D 35 -32.78 -38.86 19.86
N ASP D 36 -33.69 -38.47 18.97
CA ASP D 36 -33.38 -37.48 17.94
C ASP D 36 -34.70 -36.95 17.38
N VAL D 37 -34.69 -35.67 17.01
CA VAL D 37 -35.90 -35.08 16.44
C VAL D 37 -36.11 -35.55 15.00
N ASN D 38 -35.06 -36.04 14.35
CA ASN D 38 -35.15 -36.51 12.97
C ASN D 38 -35.70 -37.94 12.98
N GLU D 39 -36.96 -38.09 12.58
CA GLU D 39 -37.60 -39.40 12.67
C GLU D 39 -37.06 -40.37 11.62
N SER D 40 -36.81 -39.89 10.41
CA SER D 40 -36.28 -40.77 9.37
C SER D 40 -34.91 -41.31 9.76
N ARG D 41 -34.10 -40.52 10.47
CA ARG D 41 -32.81 -41.00 10.93
C ARG D 41 -32.96 -42.07 12.00
N ILE D 42 -33.94 -41.89 12.89
CA ILE D 42 -34.22 -42.90 13.91
C ILE D 42 -34.74 -44.19 13.27
N ASN D 43 -35.56 -44.05 12.23
CA ASN D 43 -36.06 -45.24 11.55
C ASN D 43 -34.92 -46.03 10.90
N ALA D 44 -33.90 -45.34 10.42
CA ALA D 44 -32.76 -46.03 9.83
C ALA D 44 -31.96 -46.78 10.88
N TRP D 45 -31.82 -46.20 12.08
CA TRP D 45 -31.12 -46.90 13.16
C TRP D 45 -31.83 -48.20 13.54
N ASN D 46 -33.14 -48.24 13.40
CA ASN D 46 -33.92 -49.44 13.68
C ASN D 46 -34.09 -50.33 12.46
N SER D 47 -33.38 -50.05 11.37
CA SER D 47 -33.43 -50.81 10.14
C SER D 47 -32.11 -51.54 9.90
N PRO D 48 -32.08 -52.53 9.02
CA PRO D 48 -30.81 -53.17 8.67
C PRO D 48 -29.85 -52.26 7.91
N THR D 49 -30.25 -51.04 7.55
CA THR D 49 -29.40 -50.09 6.85
C THR D 49 -29.22 -48.86 7.73
N LEU D 50 -28.11 -48.79 8.45
CA LEU D 50 -27.88 -47.69 9.36
C LEU D 50 -27.65 -46.38 8.60
N PRO D 51 -28.01 -45.25 9.20
CA PRO D 51 -27.90 -43.97 8.47
C PRO D 51 -26.47 -43.49 8.26
N ILE D 52 -25.49 -44.06 8.96
CA ILE D 52 -24.10 -43.73 8.77
C ILE D 52 -23.33 -45.02 8.51
N TYR D 53 -22.23 -44.92 7.77
CA TYR D 53 -21.36 -46.06 7.49
C TYR D 53 -20.22 -46.08 8.50
N GLU D 54 -20.14 -47.14 9.28
CA GLU D 54 -19.09 -47.32 10.27
C GLU D 54 -18.76 -48.81 10.36
N PRO D 55 -17.54 -49.21 10.02
CA PRO D 55 -17.19 -50.63 10.06
C PRO D 55 -17.35 -51.22 11.45
N GLY D 56 -18.10 -52.32 11.54
CA GLY D 56 -18.38 -52.96 12.79
C GLY D 56 -19.56 -52.41 13.56
N LEU D 57 -20.14 -51.29 13.12
CA LEU D 57 -21.26 -50.70 13.85
C LEU D 57 -22.53 -51.53 13.68
N LYS D 58 -22.78 -52.04 12.47
CA LYS D 58 -23.96 -52.88 12.25
C LYS D 58 -23.94 -54.11 13.15
N GLU D 59 -22.76 -54.66 13.41
CA GLU D 59 -22.66 -55.83 14.28
C GLU D 59 -22.91 -55.47 15.74
N VAL D 60 -22.42 -54.30 16.17
CA VAL D 60 -22.63 -53.88 17.55
C VAL D 60 -24.08 -53.49 17.79
N VAL D 61 -24.70 -52.79 16.83
CA VAL D 61 -26.08 -52.37 16.98
C VAL D 61 -27.01 -53.57 17.05
N GLU D 62 -26.89 -54.48 16.08
CA GLU D 62 -27.74 -55.67 16.05
C GLU D 62 -27.47 -56.62 17.21
N SER D 63 -26.40 -56.42 17.97
CA SER D 63 -26.10 -57.29 19.10
C SER D 63 -26.95 -56.98 20.33
N CYS D 64 -27.52 -55.78 20.42
CA CYS D 64 -28.24 -55.37 21.61
C CYS D 64 -29.44 -54.47 21.34
N ARG D 65 -29.69 -54.06 20.10
CA ARG D 65 -30.86 -53.25 19.80
C ARG D 65 -32.12 -54.05 20.06
N GLY D 66 -33.08 -53.45 20.75
CA GLY D 66 -34.27 -54.14 21.19
C GLY D 66 -34.13 -54.86 22.51
N LYS D 67 -32.90 -55.05 23.00
CA LYS D 67 -32.67 -55.66 24.30
C LYS D 67 -32.45 -54.58 25.35
N ASN D 68 -31.30 -53.89 25.28
CA ASN D 68 -31.03 -52.76 26.15
C ASN D 68 -30.62 -51.51 25.36
N LEU D 69 -30.69 -51.56 24.03
CA LEU D 69 -30.41 -50.42 23.17
C LEU D 69 -31.64 -50.10 22.36
N PHE D 70 -32.04 -48.82 22.35
CA PHE D 70 -33.25 -48.40 21.67
C PHE D 70 -33.03 -47.05 21.01
N PHE D 71 -33.70 -46.85 19.88
CA PHE D 71 -33.69 -45.59 19.14
C PHE D 71 -35.13 -45.13 18.99
N SER D 72 -35.43 -43.92 19.47
CA SER D 72 -36.80 -43.44 19.48
C SER D 72 -36.82 -41.94 19.24
N THR D 73 -37.98 -41.46 18.80
CA THR D 73 -38.25 -40.03 18.69
C THR D 73 -38.94 -39.46 19.92
N ASN D 74 -39.23 -40.30 20.91
CA ASN D 74 -39.88 -39.87 22.15
C ASN D 74 -38.80 -39.28 23.06
N ILE D 75 -38.53 -37.99 22.87
CA ILE D 75 -37.45 -37.34 23.61
C ILE D 75 -37.86 -37.08 25.05
N ASP D 76 -39.10 -36.64 25.27
CA ASP D 76 -39.53 -36.23 26.61
C ASP D 76 -39.53 -37.40 27.59
N ASP D 77 -40.06 -38.56 27.16
CA ASP D 77 -40.15 -39.69 28.08
C ASP D 77 -38.78 -40.30 28.34
N ALA D 78 -37.90 -40.32 27.33
CA ALA D 78 -36.57 -40.88 27.53
C ALA D 78 -35.75 -40.02 28.47
N ILE D 79 -35.92 -38.70 28.41
CA ILE D 79 -35.25 -37.82 29.37
C ILE D 79 -35.82 -38.02 30.77
N LYS D 80 -37.13 -38.21 30.86
CA LYS D 80 -37.79 -38.31 32.17
C LYS D 80 -37.35 -39.57 32.91
N GLU D 81 -37.14 -40.67 32.19
CA GLU D 81 -36.76 -41.93 32.81
C GLU D 81 -35.26 -42.07 33.03
N ALA D 82 -34.44 -41.22 32.42
CA ALA D 82 -33.00 -41.41 32.40
C ALA D 82 -32.35 -40.93 33.68
N ASP D 83 -31.33 -41.67 34.13
CA ASP D 83 -30.45 -41.20 35.18
C ASP D 83 -29.32 -40.35 34.63
N LEU D 84 -28.83 -40.69 33.45
CA LEU D 84 -27.78 -39.96 32.75
C LEU D 84 -28.30 -39.52 31.39
N VAL D 85 -28.04 -38.25 31.04
CA VAL D 85 -28.49 -37.67 29.79
C VAL D 85 -27.28 -37.17 29.03
N PHE D 86 -26.99 -37.78 27.88
CA PHE D 86 -25.95 -37.31 26.99
C PHE D 86 -26.51 -36.29 26.02
N ILE D 87 -25.73 -35.24 25.76
CA ILE D 87 -26.05 -34.25 24.75
C ILE D 87 -24.94 -34.30 23.72
N SER D 88 -25.24 -34.88 22.55
CA SER D 88 -24.27 -35.05 21.48
C SER D 88 -24.87 -34.47 20.19
N VAL D 89 -25.07 -33.16 20.17
CA VAL D 89 -25.62 -32.47 19.03
C VAL D 89 -24.57 -31.52 18.46
N ASN D 90 -24.83 -31.02 17.25
CA ASN D 90 -23.89 -30.14 16.57
C ASN D 90 -23.82 -28.78 17.25
N ASP D 105 -21.66 -22.57 17.07
CA ASP D 105 -22.99 -22.25 17.58
C ASP D 105 -23.38 -23.21 18.69
N LEU D 106 -23.88 -22.65 19.80
CA LEU D 106 -24.30 -23.46 20.94
C LEU D 106 -25.80 -23.30 21.20
N LYS D 107 -26.58 -22.97 20.21
CA LYS D 107 -28.01 -22.83 20.42
C LYS D 107 -28.72 -24.17 20.48
N TYR D 108 -28.39 -25.11 19.60
CA TYR D 108 -29.00 -26.44 19.68
C TYR D 108 -28.71 -27.07 21.04
N ILE D 109 -27.52 -26.83 21.59
CA ILE D 109 -27.19 -27.34 22.92
C ILE D 109 -28.03 -26.65 23.98
N GLU D 110 -28.23 -25.34 23.84
CA GLU D 110 -29.05 -24.61 24.81
C GLU D 110 -30.50 -25.05 24.75
N ALA D 111 -31.01 -25.35 23.55
CA ALA D 111 -32.38 -25.85 23.43
C ALA D 111 -32.52 -27.22 24.08
N CYS D 112 -31.49 -28.06 23.97
CA CYS D 112 -31.53 -29.35 24.64
C CYS D 112 -31.54 -29.20 26.15
N ALA D 113 -30.78 -28.22 26.67
CA ALA D 113 -30.78 -27.98 28.10
C ALA D 113 -32.15 -27.53 28.59
N ARG D 114 -32.86 -26.74 27.78
CA ARG D 114 -34.20 -26.32 28.15
C ARG D 114 -35.18 -27.48 28.09
N ARG D 115 -35.02 -28.37 27.10
CA ARG D 115 -35.90 -29.53 27.00
C ARG D 115 -35.65 -30.52 28.12
N ILE D 116 -34.43 -30.54 28.68
CA ILE D 116 -34.15 -31.39 29.83
C ILE D 116 -34.90 -30.89 31.05
N VAL D 117 -34.84 -29.59 31.31
CA VAL D 117 -35.50 -29.01 32.49
C VAL D 117 -37.01 -29.22 32.42
N GLN D 118 -37.58 -29.12 31.22
CA GLN D 118 -39.01 -29.30 31.03
C GLN D 118 -39.47 -30.73 31.29
N ASN D 119 -38.55 -31.69 31.42
CA ASN D 119 -38.91 -33.07 31.66
C ASN D 119 -38.07 -33.71 32.77
N SER D 120 -37.52 -32.92 33.68
CA SER D 120 -36.64 -33.42 34.72
C SER D 120 -37.17 -33.08 36.11
N ASN D 121 -37.12 -34.06 37.00
CA ASN D 121 -37.38 -33.87 38.42
C ASN D 121 -36.49 -34.83 39.19
N GLY D 122 -36.06 -34.39 40.36
CA GLY D 122 -35.20 -35.21 41.19
C GLY D 122 -33.74 -35.05 40.81
N TYR D 123 -33.04 -36.17 40.63
CA TYR D 123 -31.60 -36.19 40.40
C TYR D 123 -31.31 -36.79 39.03
N LYS D 124 -30.63 -36.02 38.18
CA LYS D 124 -30.17 -36.49 36.89
C LYS D 124 -28.78 -35.92 36.61
N ILE D 125 -28.03 -36.64 35.79
CA ILE D 125 -26.68 -36.22 35.39
C ILE D 125 -26.72 -35.90 33.91
N VAL D 126 -26.48 -34.63 33.57
CA VAL D 126 -26.47 -34.17 32.19
C VAL D 126 -25.02 -34.04 31.75
N THR D 127 -24.64 -34.82 30.75
CA THR D 127 -23.25 -34.90 30.30
C THR D 127 -23.15 -34.50 28.83
N GLU D 128 -22.28 -33.53 28.55
CA GLU D 128 -22.04 -33.09 27.18
C GLU D 128 -20.92 -33.94 26.59
N LYS D 129 -21.22 -34.61 25.47
CA LYS D 129 -20.25 -35.47 24.80
C LYS D 129 -20.17 -35.05 23.34
N SER D 130 -19.00 -34.55 22.93
CA SER D 130 -18.77 -34.13 21.55
C SER D 130 -17.28 -34.08 21.30
N THR D 131 -16.93 -33.98 20.02
CA THR D 131 -15.53 -33.83 19.63
C THR D 131 -15.04 -32.40 19.77
N VAL D 132 -15.95 -31.43 19.78
CA VAL D 132 -15.61 -30.02 19.95
C VAL D 132 -16.44 -29.46 21.10
N PRO D 133 -16.06 -29.72 22.35
CA PRO D 133 -16.93 -29.34 23.47
C PRO D 133 -16.57 -28.00 24.12
N VAL D 134 -15.81 -27.16 23.42
CA VAL D 134 -15.30 -25.94 24.04
C VAL D 134 -16.46 -25.03 24.42
N ARG D 135 -16.50 -24.66 25.71
CA ARG D 135 -17.49 -23.72 26.24
C ARG D 135 -18.92 -24.25 26.12
N ALA D 136 -19.07 -25.57 26.02
CA ALA D 136 -20.39 -26.19 25.97
C ALA D 136 -20.99 -26.41 27.35
N ALA D 137 -20.16 -26.80 28.32
CA ALA D 137 -20.68 -27.04 29.66
C ALA D 137 -21.16 -25.76 30.33
N GLU D 138 -20.54 -24.62 30.00
CA GLU D 138 -20.98 -23.36 30.57
C GLU D 138 -22.38 -22.99 30.06
N SER D 139 -22.66 -23.28 28.78
CA SER D 139 -23.97 -22.98 28.24
C SER D 139 -25.05 -23.83 28.90
N ILE D 140 -24.77 -25.11 29.14
CA ILE D 140 -25.74 -25.97 29.81
C ILE D 140 -25.91 -25.55 31.26
N ARG D 141 -24.84 -25.07 31.90
CA ARG D 141 -24.92 -24.70 33.30
C ARG D 141 -25.72 -23.41 33.49
N ARG D 142 -25.59 -22.46 32.57
CA ARG D 142 -26.29 -21.19 32.71
C ARG D 142 -27.80 -21.37 32.63
N ILE D 143 -28.26 -22.30 31.81
CA ILE D 143 -29.70 -22.54 31.68
C ILE D 143 -30.23 -23.30 32.90
N PHE D 144 -29.49 -24.30 33.36
CA PHE D 144 -29.92 -25.06 34.54
C PHE D 144 -29.98 -24.17 35.77
N ASP D 145 -29.06 -23.21 35.88
CA ASP D 145 -29.06 -22.30 37.02
C ASP D 145 -30.18 -21.27 36.91
N ALA D 146 -30.61 -20.94 35.68
CA ALA D 146 -31.66 -19.95 35.48
C ALA D 146 -33.06 -20.54 35.56
N ASN D 147 -33.21 -21.85 35.39
CA ASN D 147 -34.50 -22.53 35.45
C ASN D 147 -34.42 -23.59 36.55
N THR D 148 -34.48 -23.15 37.80
CA THR D 148 -34.36 -24.02 38.95
C THR D 148 -35.73 -24.30 39.54
N LYS D 149 -36.01 -25.58 39.77
CA LYS D 149 -37.22 -26.04 40.46
C LYS D 149 -36.85 -26.59 41.83
N PRO D 150 -37.79 -26.61 42.76
CA PRO D 150 -37.52 -27.23 44.07
C PRO D 150 -37.20 -28.71 43.91
N ASN D 151 -36.10 -29.13 44.56
CA ASN D 151 -35.57 -30.49 44.51
C ASN D 151 -35.12 -30.92 43.11
N LEU D 152 -34.92 -29.98 42.20
CA LEU D 152 -34.34 -30.27 40.90
C LEU D 152 -32.83 -30.16 41.01
N ASN D 153 -32.14 -31.29 40.91
CA ASN D 153 -30.69 -31.36 41.08
C ASN D 153 -30.08 -31.91 39.80
N LEU D 154 -29.69 -31.01 38.89
CA LEU D 154 -29.07 -31.37 37.63
C LEU D 154 -27.57 -31.12 37.72
N GLN D 155 -26.79 -32.19 37.59
CA GLN D 155 -25.33 -32.10 37.61
C GLN D 155 -24.80 -32.13 36.19
N VAL D 156 -24.02 -31.12 35.82
CA VAL D 156 -23.48 -30.99 34.48
C VAL D 156 -22.06 -31.57 34.48
N LEU D 157 -21.81 -32.51 33.59
CA LEU D 157 -20.48 -33.09 33.39
C LEU D 157 -20.00 -32.81 31.98
N SER D 158 -18.69 -32.92 31.79
CA SER D 158 -18.06 -32.80 30.48
C SER D 158 -17.32 -34.10 30.19
N ASN D 159 -17.66 -34.72 29.06
CA ASN D 159 -17.08 -36.00 28.67
C ASN D 159 -16.79 -35.97 27.18
N PRO D 160 -15.67 -35.36 26.78
CA PRO D 160 -15.37 -35.24 25.35
C PRO D 160 -15.17 -36.61 24.70
N GLU D 161 -15.41 -36.64 23.39
CA GLU D 161 -15.32 -37.88 22.62
C GLU D 161 -14.10 -37.84 21.73
N PHE D 162 -13.20 -38.81 21.91
CA PHE D 162 -11.93 -38.86 21.21
C PHE D 162 -11.97 -39.75 19.96
N LEU D 163 -13.11 -40.34 19.63
CA LEU D 163 -13.16 -41.27 18.51
C LEU D 163 -12.94 -40.53 17.18
N ALA D 164 -12.31 -41.23 16.25
CA ALA D 164 -12.23 -40.79 14.86
C ALA D 164 -13.16 -41.64 14.03
N GLU D 165 -13.89 -40.99 13.13
CA GLU D 165 -14.81 -41.71 12.25
C GLU D 165 -14.04 -42.65 11.35
N GLY D 166 -14.68 -43.77 10.99
CA GLY D 166 -14.03 -44.85 10.29
C GLY D 166 -13.43 -45.91 11.19
N THR D 167 -12.99 -45.52 12.39
CA THR D 167 -12.47 -46.43 13.40
C THR D 167 -13.15 -46.22 14.74
N ALA D 168 -14.41 -45.80 14.71
CA ALA D 168 -15.11 -45.44 15.94
C ALA D 168 -15.27 -46.63 16.87
N ILE D 169 -15.69 -47.78 16.32
CA ILE D 169 -15.90 -48.96 17.15
C ILE D 169 -14.57 -49.44 17.72
N LYS D 170 -13.50 -49.35 16.93
CA LYS D 170 -12.17 -49.67 17.44
C LYS D 170 -11.77 -48.72 18.57
N ASP D 171 -12.05 -47.42 18.40
CA ASP D 171 -11.64 -46.44 19.40
C ASP D 171 -12.48 -46.56 20.67
N LEU D 172 -13.78 -46.78 20.53
CA LEU D 172 -14.65 -46.79 21.70
C LEU D 172 -14.42 -48.03 22.55
N LYS D 173 -14.11 -49.17 21.93
CA LYS D 173 -13.86 -50.39 22.70
C LYS D 173 -12.52 -50.33 23.42
N ASN D 174 -11.53 -49.68 22.82
CA ASN D 174 -10.18 -49.59 23.40
C ASN D 174 -9.67 -48.16 23.25
N PRO D 175 -10.17 -47.23 24.05
CA PRO D 175 -9.70 -45.84 23.97
C PRO D 175 -8.34 -45.67 24.64
N ASP D 176 -7.58 -44.69 24.14
CA ASP D 176 -6.32 -44.37 24.77
C ASP D 176 -6.53 -43.81 26.18
N ARG D 177 -7.55 -42.98 26.35
CA ARG D 177 -7.92 -42.47 27.66
C ARG D 177 -9.33 -41.91 27.60
N VAL D 178 -9.98 -41.89 28.76
CA VAL D 178 -11.32 -41.32 28.93
C VAL D 178 -11.21 -40.07 29.78
N LEU D 179 -11.82 -38.99 29.32
CA LEU D 179 -11.72 -37.68 29.97
C LEU D 179 -13.09 -37.28 30.47
N ILE D 180 -13.21 -37.10 31.78
CA ILE D 180 -14.48 -36.73 32.43
C ILE D 180 -14.22 -35.52 33.30
N GLY D 181 -15.00 -34.46 33.08
CA GLY D 181 -14.90 -33.24 33.86
C GLY D 181 -16.15 -33.01 34.68
N GLY D 182 -15.96 -32.43 35.86
CA GLY D 182 -17.08 -32.14 36.75
C GLY D 182 -16.72 -31.08 37.75
N ASP D 183 -17.75 -30.56 38.42
CA ASP D 183 -17.54 -29.55 39.45
C ASP D 183 -16.68 -30.10 40.58
N GLU D 184 -15.85 -29.23 41.15
CA GLU D 184 -14.99 -29.57 42.27
C GLU D 184 -15.73 -29.44 43.60
N THR D 185 -16.91 -30.05 43.66
CA THR D 185 -17.79 -30.08 44.82
C THR D 185 -18.15 -31.52 45.12
N PRO D 186 -18.62 -31.81 46.33
CA PRO D 186 -19.08 -33.19 46.63
C PRO D 186 -20.21 -33.64 45.72
N GLU D 187 -21.05 -32.73 45.24
CA GLU D 187 -22.08 -33.10 44.28
C GLU D 187 -21.47 -33.40 42.92
N GLY D 188 -20.43 -32.66 42.54
CA GLY D 188 -19.79 -32.91 41.26
C GLY D 188 -18.95 -34.17 41.25
N GLN D 189 -18.18 -34.39 42.32
CA GLN D 189 -17.34 -35.59 42.39
C GLN D 189 -18.19 -36.85 42.46
N ARG D 190 -19.36 -36.79 43.09
CA ARG D 190 -20.25 -37.94 43.12
C ARG D 190 -20.80 -38.24 41.73
N ALA D 191 -21.09 -37.19 40.95
CA ALA D 191 -21.57 -37.39 39.59
C ALA D 191 -20.48 -37.94 38.68
N VAL D 192 -19.22 -37.53 38.91
CA VAL D 192 -18.13 -38.04 38.09
C VAL D 192 -17.92 -39.53 38.33
N GLN D 193 -17.97 -39.96 39.60
CA GLN D 193 -17.77 -41.37 39.92
C GLN D 193 -18.86 -42.25 39.32
N ALA D 194 -20.10 -41.74 39.24
CA ALA D 194 -21.18 -42.53 38.67
C ALA D 194 -20.95 -42.78 37.18
N LEU D 195 -20.39 -41.80 36.47
CA LEU D 195 -20.08 -41.98 35.06
C LEU D 195 -18.84 -42.87 34.87
N CYS D 196 -17.86 -42.76 35.77
CA CYS D 196 -16.69 -43.63 35.70
C CYS D 196 -17.07 -45.09 35.87
N ALA D 197 -18.09 -45.37 36.70
CA ALA D 197 -18.53 -46.75 36.90
C ALA D 197 -19.09 -47.33 35.61
N VAL D 198 -19.70 -46.50 34.76
CA VAL D 198 -20.19 -46.99 33.48
C VAL D 198 -19.04 -47.33 32.55
N TYR D 199 -18.02 -46.45 32.50
CA TYR D 199 -16.87 -46.71 31.64
C TYR D 199 -16.01 -47.85 32.17
N GLU D 200 -16.00 -48.06 33.50
CA GLU D 200 -15.20 -49.13 34.08
C GLU D 200 -15.74 -50.52 33.75
N HIS D 201 -16.89 -50.62 33.08
CA HIS D 201 -17.36 -51.91 32.61
C HIS D 201 -16.44 -52.50 31.54
N TRP D 202 -15.66 -51.67 30.86
CA TRP D 202 -14.74 -52.18 29.85
C TRP D 202 -13.45 -51.37 29.73
N VAL D 203 -13.29 -50.28 30.48
CA VAL D 203 -12.10 -49.43 30.40
C VAL D 203 -11.36 -49.56 31.72
N PRO D 204 -10.04 -49.81 31.71
CA PRO D 204 -9.30 -49.87 32.97
C PRO D 204 -9.29 -48.51 33.67
N ARG D 205 -9.23 -48.56 35.00
CA ARG D 205 -9.41 -47.34 35.80
C ARG D 205 -8.28 -46.34 35.56
N GLU D 206 -7.06 -46.81 35.35
CA GLU D 206 -5.94 -45.90 35.16
C GLU D 206 -5.98 -45.17 33.83
N LYS D 207 -6.89 -45.53 32.94
CA LYS D 207 -7.08 -44.83 31.68
C LYS D 207 -8.15 -43.74 31.76
N ILE D 208 -8.83 -43.60 32.89
CA ILE D 208 -9.91 -42.64 33.05
C ILE D 208 -9.37 -41.44 33.81
N LEU D 209 -9.31 -40.29 33.13
CA LEU D 209 -8.86 -39.04 33.72
C LEU D 209 -10.06 -38.24 34.22
N THR D 210 -9.92 -37.66 35.41
CA THR D 210 -10.97 -36.87 36.04
C THR D 210 -10.42 -35.48 36.36
N THR D 211 -11.20 -34.45 36.01
CA THR D 211 -10.80 -33.07 36.25
C THR D 211 -12.07 -32.23 36.33
N ASN D 212 -11.93 -30.91 36.20
CA ASN D 212 -13.09 -30.03 36.17
C ASN D 212 -13.58 -29.87 34.73
N THR D 213 -14.74 -29.24 34.59
CA THR D 213 -15.40 -29.17 33.29
C THR D 213 -14.59 -28.35 32.29
N TRP D 214 -14.04 -27.22 32.73
CA TRP D 214 -13.29 -26.37 31.80
C TRP D 214 -11.96 -27.01 31.41
N SER D 215 -11.24 -27.57 32.38
CA SER D 215 -10.00 -28.25 32.06
C SER D 215 -10.24 -29.44 31.13
N SER D 216 -11.39 -30.09 31.26
CA SER D 216 -11.76 -31.17 30.35
C SER D 216 -11.95 -30.64 28.93
N GLU D 217 -12.67 -29.51 28.79
CA GLU D 217 -12.89 -28.94 27.47
C GLU D 217 -11.60 -28.38 26.88
N LEU D 218 -10.80 -27.69 27.70
CA LEU D 218 -9.55 -27.14 27.20
C LEU D 218 -8.58 -28.24 26.77
N SER D 219 -8.62 -29.38 27.44
CA SER D 219 -7.76 -30.50 27.04
C SER D 219 -8.18 -31.05 25.68
N LYS D 220 -9.49 -31.14 25.43
CA LYS D 220 -9.96 -31.65 24.14
C LYS D 220 -9.63 -30.67 23.01
N LEU D 221 -9.83 -29.37 23.26
CA LEU D 221 -9.45 -28.37 22.27
C LEU D 221 -7.95 -28.44 21.96
N ALA D 222 -7.13 -28.62 22.98
CA ALA D 222 -5.69 -28.65 22.77
C ALA D 222 -5.25 -29.93 22.06
N ALA D 223 -5.89 -31.06 22.39
CA ALA D 223 -5.54 -32.31 21.72
C ALA D 223 -5.89 -32.26 20.25
N ASN D 224 -7.04 -31.68 19.91
CA ASN D 224 -7.41 -31.54 18.50
C ASN D 224 -6.45 -30.63 17.76
N LEU D 225 -5.97 -29.58 18.43
CA LEU D 225 -5.01 -28.67 17.80
C LEU D 225 -3.68 -29.37 17.50
N PHE D 226 -3.22 -30.21 18.43
CA PHE D 226 -1.98 -30.95 18.19
C PHE D 226 -2.13 -31.92 17.04
N LEU D 227 -3.27 -32.62 16.96
CA LEU D 227 -3.49 -33.56 15.87
C LEU D 227 -3.51 -32.85 14.52
N ALA D 228 -4.27 -31.76 14.41
CA ALA D 228 -4.34 -31.01 13.16
C ALA D 228 -2.99 -30.40 12.81
N GLN D 229 -2.20 -30.00 13.81
CA GLN D 229 -0.91 -29.39 13.56
C GLN D 229 0.08 -30.39 12.98
N ARG D 230 0.02 -31.65 13.43
CA ARG D 230 0.91 -32.67 12.88
C ARG D 230 0.67 -32.86 11.39
N ILE D 231 -0.59 -32.80 10.96
CA ILE D 231 -0.92 -32.97 9.54
C ILE D 231 -0.42 -31.76 8.74
N SER D 232 -0.69 -30.55 9.23
CA SER D 232 -0.23 -29.37 8.53
C SER D 232 1.29 -29.30 8.50
N SER D 233 1.95 -29.72 9.58
CA SER D 233 3.41 -29.69 9.60
C SER D 233 4.01 -30.63 8.56
N ILE D 234 3.48 -31.85 8.46
CA ILE D 234 4.00 -32.77 7.45
C ILE D 234 3.61 -32.31 6.05
N ASN D 235 2.50 -31.59 5.92
CA ASN D 235 2.12 -31.06 4.60
C ASN D 235 3.06 -29.94 4.18
N SER D 236 3.48 -29.09 5.13
CA SER D 236 4.49 -28.08 4.81
C SER D 236 5.79 -28.72 4.38
N ILE D 237 6.11 -29.90 4.90
CA ILE D 237 7.30 -30.62 4.46
C ILE D 237 7.08 -31.20 3.07
N SER D 238 5.85 -31.63 2.75
CA SER D 238 5.56 -32.13 1.42
C SER D 238 5.86 -31.08 0.35
N ALA D 239 5.58 -29.81 0.66
CA ALA D 239 5.92 -28.74 -0.28
C ALA D 239 7.43 -28.60 -0.44
N LEU D 240 8.18 -28.78 0.66
CA LEU D 240 9.64 -28.73 0.58
C LEU D 240 10.18 -29.87 -0.27
N CYS D 241 9.63 -31.07 -0.11
CA CYS D 241 10.11 -32.21 -0.88
C CYS D 241 9.85 -32.03 -2.37
N GLU D 242 8.69 -31.49 -2.73
CA GLU D 242 8.38 -31.25 -4.14
C GLU D 242 9.35 -30.26 -4.77
N ALA D 243 9.82 -29.28 -4.00
CA ALA D 243 10.70 -28.26 -4.53
C ALA D 243 12.16 -28.68 -4.56
N THR D 244 12.53 -29.73 -3.82
CA THR D 244 13.93 -30.11 -3.68
C THR D 244 14.24 -31.52 -4.14
N GLY D 245 13.25 -32.30 -4.57
CA GLY D 245 13.53 -33.62 -5.08
C GLY D 245 13.61 -34.71 -4.04
N ALA D 246 12.88 -34.58 -2.93
CA ALA D 246 12.82 -35.60 -1.91
C ALA D 246 11.43 -36.21 -1.85
N ASP D 247 11.29 -37.24 -1.03
CA ASP D 247 10.03 -37.96 -0.85
C ASP D 247 9.56 -37.76 0.59
N VAL D 248 8.35 -37.18 0.74
CA VAL D 248 7.84 -36.89 2.08
C VAL D 248 7.56 -38.16 2.85
N GLU D 249 7.30 -39.27 2.16
CA GLU D 249 7.08 -40.54 2.86
C GLU D 249 8.38 -41.06 3.46
N GLU D 250 9.50 -40.89 2.77
CA GLU D 250 10.78 -41.26 3.35
C GLU D 250 11.16 -40.32 4.49
N VAL D 251 10.91 -39.02 4.32
CA VAL D 251 11.23 -38.06 5.37
C VAL D 251 10.38 -38.31 6.62
N ALA D 252 9.09 -38.62 6.42
CA ALA D 252 8.21 -38.89 7.55
C ALA D 252 8.65 -40.13 8.32
N THR D 253 9.20 -41.12 7.63
CA THR D 253 9.70 -42.31 8.32
C THR D 253 10.87 -41.96 9.23
N ALA D 254 11.80 -41.13 8.75
CA ALA D 254 12.93 -40.72 9.57
C ALA D 254 12.48 -39.87 10.76
N ILE D 255 11.50 -38.99 10.55
CA ILE D 255 10.96 -38.18 11.64
C ILE D 255 10.30 -39.08 12.69
N GLY D 256 9.41 -39.97 12.23
CA GLY D 256 8.57 -40.74 13.14
C GLY D 256 9.31 -41.73 14.01
N MET D 257 10.53 -42.14 13.61
CA MET D 257 11.28 -43.07 14.43
C MET D 257 11.80 -42.42 15.71
N ASP D 258 11.84 -41.09 15.77
CA ASP D 258 12.10 -40.38 17.02
C ASP D 258 10.90 -40.59 17.95
N GLN D 259 11.11 -41.32 19.05
CA GLN D 259 10.01 -41.65 19.95
C GLN D 259 9.47 -40.42 20.67
N ARG D 260 10.23 -39.32 20.72
CA ARG D 260 9.70 -38.08 21.26
C ARG D 260 8.69 -37.43 20.33
N ILE D 261 8.72 -37.78 19.05
CA ILE D 261 7.78 -37.25 18.07
C ILE D 261 6.62 -38.22 17.81
N GLY D 262 6.95 -39.50 17.63
CA GLY D 262 5.97 -40.49 17.24
C GLY D 262 5.81 -40.58 15.73
N ASN D 263 5.28 -41.72 15.28
CA ASN D 263 5.15 -42.00 13.86
C ASN D 263 3.71 -41.94 13.35
N LYS D 264 2.75 -41.61 14.21
CA LYS D 264 1.36 -41.50 13.79
C LYS D 264 1.06 -40.08 13.29
N PHE D 265 0.02 -40.00 12.46
CA PHE D 265 -0.48 -38.72 11.93
C PHE D 265 0.60 -37.94 11.19
N LEU D 266 1.45 -38.66 10.45
CA LEU D 266 2.48 -38.06 9.62
C LEU D 266 2.27 -38.35 8.14
N LYS D 267 1.04 -38.65 7.74
CA LYS D 267 0.71 -38.95 6.35
C LYS D 267 0.31 -37.66 5.63
N ALA D 268 1.18 -37.17 4.76
CA ALA D 268 0.85 -35.99 3.97
C ALA D 268 -0.35 -36.26 3.08
N SER D 269 -1.14 -35.21 2.84
CA SER D 269 -2.39 -35.36 2.11
C SER D 269 -2.74 -34.04 1.43
N VAL D 270 -3.80 -34.09 0.62
CA VAL D 270 -4.33 -32.89 0.00
C VAL D 270 -4.83 -31.91 1.05
N GLY D 271 -5.17 -32.40 2.24
CA GLY D 271 -5.57 -31.54 3.33
C GLY D 271 -6.53 -32.25 4.27
N PHE D 272 -6.39 -32.02 5.57
CA PHE D 272 -7.30 -32.64 6.52
C PHE D 272 -8.69 -32.06 6.38
N GLY D 273 -9.69 -32.92 6.62
CA GLY D 273 -11.07 -32.50 6.64
C GLY D 273 -11.75 -32.93 7.93
N GLY D 274 -13.07 -33.06 7.89
CA GLY D 274 -13.84 -33.46 9.05
C GLY D 274 -14.45 -32.27 9.77
N SER D 275 -15.39 -32.58 10.66
CA SER D 275 -16.15 -31.57 11.37
C SER D 275 -15.50 -31.17 12.69
N CYS D 276 -14.22 -31.47 12.89
CA CYS D 276 -13.56 -31.20 14.16
C CYS D 276 -12.39 -30.24 14.02
N PHE D 277 -11.41 -30.55 13.17
CA PHE D 277 -10.14 -29.83 13.20
C PHE D 277 -10.32 -28.37 12.82
N GLN D 278 -10.90 -28.09 11.66
CA GLN D 278 -11.06 -26.70 11.24
C GLN D 278 -11.97 -25.93 12.19
N LYS D 279 -13.01 -26.60 12.72
CA LYS D 279 -13.89 -25.96 13.68
C LYS D 279 -13.14 -25.60 14.96
N ASP D 280 -12.29 -26.50 15.46
CA ASP D 280 -11.62 -26.27 16.73
C ASP D 280 -10.55 -25.19 16.62
N VAL D 281 -9.90 -25.07 15.47
CA VAL D 281 -8.92 -24.01 15.29
C VAL D 281 -9.63 -22.65 15.30
N LEU D 282 -10.79 -22.56 14.66
CA LEU D 282 -11.56 -21.31 14.69
C LEU D 282 -12.03 -20.98 16.10
N ASN D 283 -12.46 -21.99 16.85
CA ASN D 283 -12.84 -21.75 18.24
C ASN D 283 -11.65 -21.31 19.08
N LEU D 284 -10.45 -21.81 18.76
CA LEU D 284 -9.26 -21.31 19.42
C LEU D 284 -9.04 -19.83 19.13
N VAL D 285 -9.23 -19.43 17.87
CA VAL D 285 -9.00 -18.04 17.49
C VAL D 285 -9.99 -17.13 18.20
N TYR D 286 -11.27 -17.50 18.22
CA TYR D 286 -12.27 -16.67 18.88
C TYR D 286 -12.09 -16.67 20.39
N LEU D 287 -11.59 -17.77 20.96
CA LEU D 287 -11.31 -17.79 22.39
C LEU D 287 -10.20 -16.84 22.75
N CYS D 288 -9.16 -16.74 21.91
CA CYS D 288 -8.06 -15.82 22.17
C CYS D 288 -8.49 -14.37 21.98
N GLU D 289 -9.47 -14.12 21.11
CA GLU D 289 -9.95 -12.76 20.91
C GLU D 289 -10.66 -12.24 22.16
N ALA D 290 -11.42 -13.11 22.83
CA ALA D 290 -12.07 -12.78 24.09
C ALA D 290 -11.09 -12.67 25.25
N LEU D 291 -9.95 -13.37 25.18
CA LEU D 291 -8.96 -13.35 26.23
C LEU D 291 -7.82 -12.39 25.96
N ASN D 292 -7.84 -11.70 24.83
CA ASN D 292 -6.76 -10.80 24.41
C ASN D 292 -5.42 -11.53 24.37
N LEU D 293 -5.37 -12.57 23.53
CA LEU D 293 -4.16 -13.35 23.31
C LEU D 293 -3.90 -13.46 21.82
N PRO D 294 -3.49 -12.36 21.18
CA PRO D 294 -3.27 -12.41 19.72
C PRO D 294 -2.12 -13.30 19.31
N GLU D 295 -1.09 -13.44 20.16
CA GLU D 295 0.04 -14.27 19.78
C GLU D 295 -0.34 -15.74 19.73
N VAL D 296 -1.23 -16.18 20.63
CA VAL D 296 -1.66 -17.58 20.62
C VAL D 296 -2.57 -17.85 19.42
N ALA D 297 -3.46 -16.91 19.10
CA ALA D 297 -4.33 -17.09 17.94
C ALA D 297 -3.53 -17.09 16.65
N ARG D 298 -2.53 -16.20 16.55
CA ARG D 298 -1.70 -16.17 15.36
C ARG D 298 -0.89 -17.44 15.19
N TYR D 299 -0.57 -18.11 16.31
CA TYR D 299 0.22 -19.33 16.23
C TYR D 299 -0.58 -20.48 15.62
N TRP D 300 -1.82 -20.66 16.07
CA TRP D 300 -2.64 -21.79 15.63
C TRP D 300 -3.39 -21.51 14.33
N GLN D 301 -3.56 -20.24 13.94
CA GLN D 301 -4.19 -19.95 12.67
C GLN D 301 -3.42 -20.54 11.50
N GLN D 302 -2.10 -20.68 11.65
CA GLN D 302 -1.27 -21.23 10.57
C GLN D 302 -1.64 -22.68 10.23
N VAL D 303 -2.29 -23.40 11.15
CA VAL D 303 -2.70 -24.76 10.86
C VAL D 303 -3.75 -24.77 9.74
N ILE D 304 -4.68 -23.81 9.77
CA ILE D 304 -5.67 -23.72 8.70
C ILE D 304 -5.06 -23.07 7.46
N ASP D 305 -4.25 -22.04 7.64
CA ASP D 305 -3.62 -21.37 6.50
C ASP D 305 -2.76 -22.34 5.70
N MET D 306 -2.01 -23.22 6.39
CA MET D 306 -1.24 -24.24 5.69
C MET D 306 -2.15 -25.25 5.01
N ASN D 307 -3.25 -25.62 5.68
CA ASN D 307 -4.20 -26.55 5.07
C ASN D 307 -4.82 -25.97 3.80
N ASP D 308 -5.15 -24.67 3.82
CA ASP D 308 -5.69 -24.04 2.63
C ASP D 308 -4.65 -23.95 1.52
N TYR D 309 -3.40 -23.65 1.88
CA TYR D 309 -2.32 -23.62 0.91
C TYR D 309 -2.08 -25.00 0.29
N GLN D 310 -2.23 -26.06 1.09
CA GLN D 310 -2.01 -27.41 0.58
C GLN D 310 -3.08 -27.79 -0.45
N ARG D 311 -4.33 -27.41 -0.20
CA ARG D 311 -5.40 -27.72 -1.14
C ARG D 311 -5.25 -26.96 -2.45
N ARG D 312 -4.82 -25.69 -2.37
CA ARG D 312 -4.68 -24.89 -3.58
C ARG D 312 -3.49 -25.34 -4.42
N ARG D 313 -2.38 -25.68 -3.76
CA ARG D 313 -1.21 -26.15 -4.51
C ARG D 313 -1.51 -27.44 -5.24
N PHE D 314 -2.26 -28.35 -4.61
CA PHE D 314 -2.64 -29.59 -5.28
C PHE D 314 -3.54 -29.30 -6.47
N ALA D 315 -4.52 -28.41 -6.31
CA ALA D 315 -5.44 -28.08 -7.40
C ALA D 315 -4.70 -27.37 -8.54
N SER D 316 -3.80 -26.44 -8.21
CA SER D 316 -3.07 -25.74 -9.25
C SER D 316 -2.12 -26.67 -10.00
N ARG D 317 -1.60 -27.69 -9.33
CA ARG D 317 -0.78 -28.69 -10.03
C ARG D 317 -1.60 -29.45 -11.06
N ILE D 318 -2.84 -29.78 -10.72
CA ILE D 318 -3.73 -30.43 -11.69
C ILE D 318 -3.96 -29.51 -12.88
N ILE D 319 -4.23 -28.23 -12.61
CA ILE D 319 -4.51 -27.29 -13.69
C ILE D 319 -3.25 -27.02 -14.51
N ASP D 320 -2.10 -26.97 -13.86
CA ASP D 320 -0.84 -26.76 -14.58
C ASP D 320 -0.56 -27.91 -15.53
N SER D 321 -0.75 -29.15 -15.08
CA SER D 321 -0.51 -30.31 -15.93
C SER D 321 -1.45 -30.36 -17.12
N LEU D 322 -2.61 -29.71 -17.04
CA LEU D 322 -3.58 -29.71 -18.12
C LEU D 322 -3.47 -28.48 -19.01
N PHE D 323 -2.26 -27.96 -19.19
CA PHE D 323 -1.99 -26.79 -20.05
C PHE D 323 -2.75 -25.54 -19.59
N ASN D 324 -3.11 -25.49 -18.32
CA ASN D 324 -3.84 -24.36 -17.72
C ASN D 324 -5.21 -24.14 -18.37
N THR D 325 -5.72 -25.14 -19.10
CA THR D 325 -7.03 -25.07 -19.72
C THR D 325 -7.77 -26.37 -19.43
N VAL D 326 -8.84 -26.27 -18.64
CA VAL D 326 -9.63 -27.44 -18.29
C VAL D 326 -11.06 -27.38 -18.81
N THR D 327 -11.37 -26.39 -19.64
CA THR D 327 -12.73 -26.24 -20.15
C THR D 327 -13.13 -27.47 -20.96
N ASP D 328 -14.27 -28.06 -20.59
CA ASP D 328 -14.85 -29.22 -21.27
C ASP D 328 -13.94 -30.43 -21.23
N LYS D 329 -12.99 -30.46 -20.28
CA LYS D 329 -12.15 -31.62 -20.08
C LYS D 329 -12.73 -32.50 -18.98
N LYS D 330 -12.91 -33.79 -19.28
CA LYS D 330 -13.42 -34.72 -18.29
C LYS D 330 -12.33 -35.04 -17.28
N ILE D 331 -12.70 -35.01 -15.99
CA ILE D 331 -11.78 -35.30 -14.90
C ILE D 331 -12.49 -36.21 -13.91
N ALA D 332 -11.85 -37.32 -13.55
CA ALA D 332 -12.41 -38.28 -12.62
C ALA D 332 -11.96 -37.93 -11.20
N ILE D 333 -12.92 -37.75 -10.30
CA ILE D 333 -12.67 -37.48 -8.90
C ILE D 333 -13.00 -38.75 -8.14
N LEU D 334 -11.97 -39.49 -7.73
CA LEU D 334 -12.15 -40.73 -6.98
C LEU D 334 -12.12 -40.42 -5.50
N GLY D 335 -13.24 -40.62 -4.82
CA GLY D 335 -13.35 -40.37 -3.40
C GLY D 335 -13.83 -38.99 -3.06
N PHE D 336 -14.91 -38.90 -2.28
CA PHE D 336 -15.46 -37.63 -1.85
C PHE D 336 -15.53 -37.46 -0.34
N ALA D 337 -15.54 -38.55 0.43
CA ALA D 337 -15.52 -38.44 1.87
C ALA D 337 -14.22 -37.82 2.35
N PHE D 338 -14.24 -37.26 3.57
CA PHE D 338 -13.05 -36.62 4.10
C PHE D 338 -12.00 -37.62 4.55
N LYS D 339 -12.35 -38.89 4.66
CA LYS D 339 -11.41 -39.97 4.94
C LYS D 339 -12.05 -41.28 4.54
N LYS D 340 -11.28 -42.35 4.61
CA LYS D 340 -11.78 -43.65 4.18
C LYS D 340 -12.67 -44.28 5.24
N ASP D 341 -13.49 -45.24 4.80
CA ASP D 341 -14.35 -46.03 5.68
C ASP D 341 -15.41 -45.16 6.37
N THR D 342 -15.90 -44.15 5.67
CA THR D 342 -16.99 -43.32 6.17
C THR D 342 -17.71 -42.68 5.00
N GLY D 343 -18.96 -42.31 5.24
CA GLY D 343 -19.75 -41.54 4.30
C GLY D 343 -19.78 -40.06 4.60
N ASP D 344 -19.14 -39.62 5.67
CA ASP D 344 -19.14 -38.21 6.05
C ASP D 344 -18.31 -37.39 5.08
N THR D 345 -18.84 -36.24 4.67
CA THR D 345 -18.17 -35.35 3.74
C THR D 345 -17.91 -33.97 4.31
N ARG D 346 -18.11 -33.77 5.61
CA ARG D 346 -17.99 -32.44 6.19
C ARG D 346 -16.56 -31.92 6.08
N GLU D 347 -16.42 -30.76 5.45
CA GLU D 347 -15.12 -30.10 5.25
C GLU D 347 -14.13 -31.00 4.50
N SER D 348 -14.67 -31.92 3.70
CA SER D 348 -13.81 -32.80 2.91
C SER D 348 -13.02 -32.00 1.89
N SER D 349 -11.77 -32.42 1.67
CA SER D 349 -10.92 -31.74 0.69
C SER D 349 -11.42 -31.97 -0.73
N SER D 350 -12.18 -33.04 -0.98
CA SER D 350 -12.75 -33.26 -2.29
C SER D 350 -13.65 -32.10 -2.70
N ILE D 351 -14.42 -31.56 -1.75
CA ILE D 351 -15.30 -30.43 -2.05
C ILE D 351 -14.49 -29.27 -2.61
N TYR D 352 -13.37 -28.94 -1.98
CA TYR D 352 -12.58 -27.79 -2.39
C TYR D 352 -11.85 -28.05 -3.70
N ILE D 353 -11.31 -29.26 -3.88
CA ILE D 353 -10.65 -29.58 -5.14
C ILE D 353 -11.64 -29.57 -6.29
N SER D 354 -12.85 -30.09 -6.05
CA SER D 354 -13.88 -30.10 -7.09
C SER D 354 -14.29 -28.67 -7.46
N LYS D 355 -14.51 -27.82 -6.46
CA LYS D 355 -14.91 -26.45 -6.74
C LYS D 355 -13.81 -25.69 -7.46
N TYR D 356 -12.55 -25.96 -7.12
CA TYR D 356 -11.44 -25.35 -7.85
C TYR D 356 -11.45 -25.78 -9.32
N LEU D 357 -11.73 -27.05 -9.59
CA LEU D 357 -11.78 -27.52 -10.97
C LEU D 357 -13.05 -27.04 -11.67
N MET D 358 -14.16 -26.92 -10.93
CA MET D 358 -15.38 -26.38 -11.52
C MET D 358 -15.21 -24.92 -11.94
N ASP D 359 -14.42 -24.15 -11.18
CA ASP D 359 -14.13 -22.78 -11.57
C ASP D 359 -13.34 -22.70 -12.87
N GLU D 360 -12.71 -23.80 -13.27
CA GLU D 360 -12.02 -23.89 -14.55
C GLU D 360 -12.92 -24.45 -15.65
N GLY D 361 -14.14 -24.85 -15.33
CA GLY D 361 -15.04 -25.40 -16.32
C GLY D 361 -14.87 -26.87 -16.60
N ALA D 362 -14.23 -27.60 -15.70
CA ALA D 362 -13.99 -29.03 -15.90
C ALA D 362 -15.28 -29.81 -15.74
N HIS D 363 -15.39 -30.89 -16.51
CA HIS D 363 -16.50 -31.83 -16.39
C HIS D 363 -16.09 -32.91 -15.40
N LEU D 364 -16.64 -32.84 -14.19
CA LEU D 364 -16.27 -33.75 -13.12
C LEU D 364 -17.17 -34.97 -13.10
N HIS D 365 -16.57 -36.14 -12.95
CA HIS D 365 -17.28 -37.40 -12.78
C HIS D 365 -16.81 -38.00 -11.46
N ILE D 366 -17.61 -37.82 -10.42
CA ILE D 366 -17.22 -38.10 -9.04
C ILE D 366 -17.73 -39.48 -8.64
N TYR D 367 -16.85 -40.30 -8.06
CA TYR D 367 -17.22 -41.60 -7.54
C TYR D 367 -16.78 -41.72 -6.09
N ASP D 368 -17.66 -42.28 -5.26
CA ASP D 368 -17.35 -42.60 -3.89
C ASP D 368 -18.20 -43.82 -3.53
N PRO D 369 -17.61 -44.84 -2.89
CA PRO D 369 -18.35 -46.08 -2.64
C PRO D 369 -19.38 -45.99 -1.51
N LYS D 370 -19.40 -44.92 -0.73
CA LYS D 370 -20.32 -44.85 0.41
C LYS D 370 -21.08 -43.53 0.46
N VAL D 371 -20.52 -42.47 -0.09
CA VAL D 371 -21.19 -41.16 -0.02
C VAL D 371 -22.38 -41.15 -0.98
N PRO D 372 -23.57 -40.79 -0.52
CA PRO D 372 -24.73 -40.75 -1.42
C PRO D 372 -24.58 -39.67 -2.48
N ARG D 373 -25.21 -39.90 -3.63
CA ARG D 373 -25.16 -38.93 -4.71
C ARG D 373 -25.83 -37.62 -4.33
N GLU D 374 -26.89 -37.67 -3.51
CA GLU D 374 -27.57 -36.46 -3.09
C GLU D 374 -26.65 -35.58 -2.25
N GLN D 375 -25.78 -36.19 -1.44
CA GLN D 375 -24.90 -35.41 -0.58
C GLN D 375 -23.82 -34.70 -1.40
N ILE D 376 -23.32 -35.35 -2.46
CA ILE D 376 -22.31 -34.72 -3.30
C ILE D 376 -22.89 -33.51 -4.02
N VAL D 377 -24.15 -33.59 -4.42
CA VAL D 377 -24.80 -32.47 -5.11
C VAL D 377 -24.95 -31.29 -4.17
N VAL D 378 -25.39 -31.54 -2.93
CA VAL D 378 -25.57 -30.46 -1.97
C VAL D 378 -24.24 -29.83 -1.60
N ASP D 379 -23.19 -30.65 -1.46
CA ASP D 379 -21.89 -30.13 -1.05
C ASP D 379 -21.28 -29.22 -2.10
N LEU D 380 -21.57 -29.45 -3.38
CA LEU D 380 -21.02 -28.65 -4.46
C LEU D 380 -21.95 -27.54 -4.93
N SER D 381 -23.21 -27.55 -4.50
CA SER D 381 -24.15 -26.52 -4.91
C SER D 381 -24.01 -25.28 -4.02
N HIS D 382 -24.15 -24.12 -4.63
CA HIS D 382 -24.10 -22.87 -3.88
C HIS D 382 -25.26 -22.84 -2.88
N PRO D 383 -25.01 -22.45 -1.63
CA PRO D 383 -26.10 -22.41 -0.65
C PRO D 383 -27.11 -21.32 -1.00
N VAL D 385 -29.52 -21.71 -3.32
CA VAL D 385 -30.11 -22.02 -4.62
C VAL D 385 -30.74 -23.41 -4.54
N SER D 386 -31.77 -23.62 -5.36
CA SER D 386 -32.44 -24.92 -5.39
C SER D 386 -31.69 -25.90 -6.29
N GLU D 387 -31.30 -25.46 -7.48
CA GLU D 387 -30.51 -26.28 -8.40
C GLU D 387 -29.41 -25.40 -8.98
N ASP D 388 -28.18 -25.66 -8.57
CA ASP D 388 -27.03 -24.89 -9.06
C ASP D 388 -26.80 -25.21 -10.53
N ASP D 389 -26.77 -24.20 -11.34
CA ASP D 389 -26.55 -24.38 -12.73
C ASP D 389 -25.17 -24.91 -13.06
N GLN D 390 -24.17 -24.45 -12.34
CA GLN D 390 -22.82 -24.89 -12.55
C GLN D 390 -22.70 -26.38 -12.28
N VAL D 391 -23.33 -26.85 -11.22
CA VAL D 391 -23.31 -28.24 -10.88
C VAL D 391 -23.99 -29.08 -11.93
N SER D 392 -25.13 -28.61 -12.43
CA SER D 392 -25.88 -29.31 -13.44
C SER D 392 -25.07 -29.39 -14.69
N ARG D 393 -24.43 -28.30 -15.00
CA ARG D 393 -23.62 -28.24 -16.17
C ARG D 393 -22.35 -29.10 -16.15
N LEU D 394 -21.66 -29.12 -15.02
CA LEU D 394 -20.38 -29.77 -14.92
C LEU D 394 -20.20 -31.04 -14.16
N VAL D 395 -21.08 -31.31 -13.24
CA VAL D 395 -20.95 -32.44 -12.39
C VAL D 395 -21.79 -33.70 -12.70
N THR D 396 -21.11 -34.81 -12.79
CA THR D 396 -21.71 -36.11 -12.99
C THR D 396 -21.31 -36.99 -11.84
N ILE D 397 -22.27 -37.69 -11.29
CA ILE D 397 -22.02 -38.63 -10.20
C ILE D 397 -22.05 -40.03 -10.79
N SER D 398 -20.90 -40.69 -10.81
CA SER D 398 -20.76 -42.01 -11.39
C SER D 398 -21.02 -43.10 -10.37
N LYS D 399 -21.47 -44.25 -10.85
CA LYS D 399 -21.77 -45.40 -10.00
C LYS D 399 -20.60 -46.36 -9.86
N ASP D 400 -19.58 -46.28 -10.72
CA ASP D 400 -18.38 -47.09 -10.60
C ASP D 400 -17.20 -46.29 -11.15
N PRO D 401 -15.99 -46.52 -10.64
CA PRO D 401 -14.86 -45.66 -11.05
C PRO D 401 -14.47 -45.79 -12.51
N TYR D 402 -14.80 -46.89 -13.18
CA TYR D 402 -14.37 -47.06 -14.55
C TYR D 402 -15.12 -46.14 -15.50
N GLU D 403 -16.41 -45.91 -15.25
CA GLU D 403 -17.15 -44.96 -16.07
C GLU D 403 -16.79 -43.53 -15.74
N ALA D 404 -16.31 -43.26 -14.52
CA ALA D 404 -15.83 -41.92 -14.20
C ALA D 404 -14.52 -41.60 -14.92
N CYS D 405 -13.71 -42.62 -15.18
CA CYS D 405 -12.43 -42.44 -15.86
C CYS D 405 -12.51 -42.61 -17.37
N ASP D 406 -13.63 -43.12 -17.89
CA ASP D 406 -13.76 -43.40 -19.31
C ASP D 406 -13.76 -42.08 -20.09
N GLY D 407 -12.72 -41.86 -20.88
CA GLY D 407 -12.58 -40.64 -21.64
C GLY D 407 -12.06 -39.46 -20.84
N ALA D 408 -11.51 -39.69 -19.65
CA ALA D 408 -11.03 -38.63 -18.79
C ALA D 408 -9.60 -38.25 -19.15
N HIS D 409 -9.26 -36.99 -18.86
CA HIS D 409 -7.89 -36.51 -19.01
C HIS D 409 -7.03 -36.76 -17.78
N ALA D 410 -7.66 -36.87 -16.60
CA ALA D 410 -6.92 -37.01 -15.36
C ALA D 410 -7.80 -37.74 -14.35
N VAL D 411 -7.14 -38.48 -13.46
CA VAL D 411 -7.80 -39.17 -12.36
C VAL D 411 -7.24 -38.61 -11.07
N VAL D 412 -8.09 -38.00 -10.26
CA VAL D 412 -7.69 -37.36 -9.01
C VAL D 412 -8.22 -38.21 -7.86
N ILE D 413 -7.30 -38.74 -7.06
CA ILE D 413 -7.63 -39.52 -5.86
C ILE D 413 -7.59 -38.57 -4.68
N CYS D 414 -8.76 -38.33 -4.06
CA CYS D 414 -8.85 -37.43 -2.92
C CYS D 414 -9.06 -38.15 -1.60
N THR D 415 -9.62 -39.35 -1.61
CA THR D 415 -9.88 -40.14 -0.41
C THR D 415 -9.13 -41.46 -0.52
N GLU D 416 -8.56 -41.91 0.60
CA GLU D 416 -7.71 -43.10 0.61
C GLU D 416 -8.50 -44.40 0.70
N TRP D 417 -9.58 -44.53 -0.07
CA TRP D 417 -10.32 -45.78 -0.11
C TRP D 417 -9.41 -46.92 -0.58
N ASP D 418 -9.39 -48.00 0.19
CA ASP D 418 -8.50 -49.12 -0.11
C ASP D 418 -8.80 -49.76 -1.46
N MET D 419 -10.01 -49.61 -1.99
CA MET D 419 -10.34 -50.19 -3.29
C MET D 419 -9.62 -49.49 -4.43
N PHE D 420 -9.11 -48.27 -4.21
CA PHE D 420 -8.52 -47.50 -5.30
C PHE D 420 -7.16 -48.05 -5.71
N LYS D 421 -6.46 -48.73 -4.81
CA LYS D 421 -5.15 -49.27 -5.13
C LYS D 421 -5.23 -50.57 -5.94
N GLU D 422 -6.41 -51.15 -6.08
CA GLU D 422 -6.58 -52.43 -6.76
C GLU D 422 -7.49 -52.32 -7.99
N LEU D 423 -7.55 -51.14 -8.59
CA LEU D 423 -8.33 -50.97 -9.80
C LEU D 423 -7.57 -51.52 -11.00
N ASP D 424 -8.28 -51.67 -12.12
CA ASP D 424 -7.69 -52.17 -13.36
C ASP D 424 -7.15 -50.97 -14.15
N TYR D 425 -5.94 -50.55 -13.78
CA TYR D 425 -5.38 -49.33 -14.35
C TYR D 425 -4.93 -49.50 -15.80
N GLU D 426 -4.69 -50.74 -16.24
CA GLU D 426 -4.49 -50.96 -17.67
C GLU D 426 -5.77 -50.68 -18.44
N ARG D 427 -6.92 -51.10 -17.89
CA ARG D 427 -8.21 -50.83 -18.53
C ARG D 427 -8.54 -49.35 -18.47
N ILE D 428 -8.18 -48.69 -17.38
CA ILE D 428 -8.46 -47.25 -17.25
C ILE D 428 -7.65 -46.46 -18.27
N HIS D 429 -6.38 -46.83 -18.46
CA HIS D 429 -5.52 -46.08 -19.37
C HIS D 429 -5.96 -46.21 -20.83
N LYS D 430 -6.49 -47.38 -21.21
CA LYS D 430 -6.89 -47.59 -22.59
C LYS D 430 -7.98 -46.63 -23.02
N LYS D 431 -8.91 -46.31 -22.13
CA LYS D 431 -10.05 -45.45 -22.45
C LYS D 431 -9.81 -44.00 -22.05
N MET D 432 -8.68 -43.68 -21.43
CA MET D 432 -8.38 -42.29 -21.12
C MET D 432 -7.76 -41.59 -22.32
N LEU D 433 -7.89 -40.27 -22.36
CA LEU D 433 -7.21 -39.46 -23.35
C LEU D 433 -5.76 -39.24 -22.94
N LYS D 434 -4.87 -39.23 -23.93
CA LYS D 434 -3.44 -39.10 -23.66
C LYS D 434 -2.98 -37.67 -23.90
N PRO D 435 -2.09 -37.15 -23.05
CA PRO D 435 -1.48 -37.82 -21.90
C PRO D 435 -2.42 -37.98 -20.71
N ALA D 436 -2.47 -39.20 -20.16
CA ALA D 436 -3.28 -39.50 -19.00
C ALA D 436 -2.51 -39.18 -17.72
N PHE D 437 -3.21 -38.56 -16.77
CA PHE D 437 -2.62 -38.15 -15.50
C PHE D 437 -3.32 -38.85 -14.34
N ILE D 438 -2.54 -39.19 -13.32
CA ILE D 438 -3.08 -39.64 -12.04
C ILE D 438 -2.53 -38.71 -10.97
N PHE D 439 -3.43 -38.03 -10.27
CA PHE D 439 -3.06 -37.12 -9.19
C PHE D 439 -3.41 -37.78 -7.87
N ASP D 440 -2.44 -38.49 -7.30
CA ASP D 440 -2.61 -39.19 -6.03
C ASP D 440 -2.48 -38.17 -4.91
N GLY D 441 -3.61 -37.73 -4.37
CA GLY D 441 -3.62 -36.82 -3.25
C GLY D 441 -3.57 -37.50 -1.89
N ARG D 442 -3.31 -38.81 -1.85
CA ARG D 442 -3.32 -39.54 -0.59
C ARG D 442 -2.14 -40.51 -0.44
N ARG D 443 -1.20 -40.53 -1.38
CA ARG D 443 -0.11 -41.51 -1.39
C ARG D 443 -0.64 -42.95 -1.37
N VAL D 444 -1.85 -43.15 -1.88
CA VAL D 444 -2.46 -44.48 -1.83
C VAL D 444 -1.92 -45.41 -2.90
N LEU D 445 -1.29 -44.87 -3.94
CA LEU D 445 -0.74 -45.67 -5.03
C LEU D 445 0.77 -45.85 -4.93
N ASP D 446 1.35 -45.63 -3.75
CA ASP D 446 2.77 -45.81 -3.56
C ASP D 446 3.16 -47.27 -3.80
N GLY D 447 4.36 -47.47 -4.34
CA GLY D 447 4.80 -48.78 -4.75
C GLY D 447 4.21 -49.28 -6.05
N LEU D 448 3.32 -48.51 -6.68
CA LEU D 448 2.75 -48.85 -7.97
C LEU D 448 3.21 -47.91 -9.08
N HIS D 449 4.13 -46.99 -8.79
CA HIS D 449 4.52 -45.99 -9.77
C HIS D 449 5.18 -46.63 -10.99
N ASN D 450 6.11 -47.56 -10.76
CA ASN D 450 6.78 -48.22 -11.87
C ASN D 450 5.77 -48.93 -12.77
N GLU D 451 4.78 -49.59 -12.18
CA GLU D 451 3.74 -50.22 -12.98
C GLU D 451 2.90 -49.17 -13.71
N LEU D 452 2.58 -48.06 -13.04
CA LEU D 452 1.75 -47.04 -13.66
C LEU D 452 2.52 -46.27 -14.74
N GLN D 453 3.80 -45.98 -14.50
CA GLN D 453 4.61 -45.37 -15.54
C GLN D 453 4.75 -46.29 -16.74
N THR D 454 4.87 -47.60 -16.51
CA THR D 454 4.92 -48.56 -17.59
C THR D 454 3.65 -48.52 -18.43
N ILE D 455 2.49 -48.49 -17.78
CA ILE D 455 1.23 -48.45 -18.50
C ILE D 455 1.16 -47.19 -19.36
N GLY D 456 1.71 -46.08 -18.87
CA GLY D 456 1.76 -44.86 -19.64
C GLY D 456 1.24 -43.64 -18.90
N PHE D 457 0.96 -43.81 -17.61
CA PHE D 457 0.41 -42.72 -16.82
C PHE D 457 1.48 -41.70 -16.45
N GLN D 458 1.04 -40.46 -16.25
CA GLN D 458 1.88 -39.41 -15.67
C GLN D 458 1.46 -39.28 -14.21
N ILE D 459 2.29 -39.83 -13.32
CA ILE D 459 1.95 -39.91 -11.91
C ILE D 459 2.42 -38.64 -11.22
N GLU D 460 1.49 -37.91 -10.61
CA GLU D 460 1.77 -36.70 -9.84
C GLU D 460 1.20 -36.88 -8.46
N THR D 461 2.06 -37.03 -7.45
CA THR D 461 1.63 -37.28 -6.09
C THR D 461 2.13 -36.16 -5.19
N ILE D 462 1.58 -36.13 -3.98
CA ILE D 462 1.90 -35.08 -3.02
C ILE D 462 3.20 -35.41 -2.29
N GLY D 463 4.07 -34.42 -2.19
CA GLY D 463 5.33 -34.59 -1.49
C GLY D 463 6.40 -35.29 -2.26
N LYS D 464 6.34 -35.27 -3.59
CA LYS D 464 7.35 -35.92 -4.41
C LYS D 464 7.31 -35.31 -5.80
N LYS D 465 8.49 -34.99 -6.35
CA LYS D 465 8.69 -34.39 -7.66
C LYS D 465 7.52 -33.55 -8.17
N MET E 1 -20.43 42.46 48.30
CA MET E 1 -20.55 41.70 49.54
C MET E 1 -19.18 41.32 50.08
N PHE E 2 -18.26 40.96 49.19
CA PHE E 2 -16.86 40.72 49.56
C PHE E 2 -15.99 41.59 48.67
N GLU E 3 -15.41 42.64 49.26
CA GLU E 3 -14.58 43.58 48.53
C GLU E 3 -13.14 43.06 48.53
N ILE E 4 -12.68 42.60 47.37
CA ILE E 4 -11.30 42.17 47.22
C ILE E 4 -10.40 43.40 47.30
N LYS E 5 -9.49 43.41 48.28
CA LYS E 5 -8.59 44.54 48.48
C LYS E 5 -7.13 44.22 48.22
N LYS E 6 -6.76 42.93 48.15
CA LYS E 6 -5.39 42.53 47.87
C LYS E 6 -5.40 41.39 46.88
N ILE E 7 -4.73 41.57 45.75
CA ILE E 7 -4.68 40.60 44.67
C ILE E 7 -3.24 40.15 44.48
N CYS E 8 -3.05 38.84 44.40
CA CYS E 8 -1.76 38.25 44.03
C CYS E 8 -1.92 37.51 42.72
N CYS E 9 -0.94 37.66 41.83
CA CYS E 9 -0.93 36.97 40.55
C CYS E 9 0.36 36.17 40.45
N ILE E 10 0.23 34.84 40.42
CA ILE E 10 1.37 33.97 40.20
C ILE E 10 1.59 33.86 38.70
N GLY E 11 2.70 34.43 38.23
CA GLY E 11 2.99 34.46 36.80
C GLY E 11 3.02 35.87 36.25
N ALA E 12 4.21 36.35 35.90
CA ALA E 12 4.39 37.71 35.41
C ALA E 12 4.67 37.72 33.91
N GLY E 13 3.83 37.08 33.12
CA GLY E 13 4.02 36.94 31.69
C GLY E 13 3.15 37.88 30.89
N TYR E 14 2.82 37.44 29.67
CA TYR E 14 2.01 38.26 28.77
C TYR E 14 0.56 38.39 29.21
N VAL E 15 0.08 37.50 30.08
CA VAL E 15 -1.28 37.56 30.56
C VAL E 15 -1.32 38.19 31.95
N GLY E 16 -0.56 37.62 32.88
CA GLY E 16 -0.62 38.10 34.25
C GLY E 16 -0.12 39.52 34.41
N GLY E 17 0.96 39.87 33.72
CA GLY E 17 1.54 41.19 33.79
C GLY E 17 0.59 42.30 33.38
N PRO E 18 0.14 42.29 32.12
CA PRO E 18 -0.77 43.36 31.67
C PRO E 18 -2.12 43.35 32.38
N THR E 19 -2.67 42.16 32.67
CA THR E 19 -3.98 42.10 33.31
C THR E 19 -3.96 42.76 34.68
N CYS E 20 -2.97 42.44 35.49
CA CYS E 20 -2.89 43.03 36.83
C CYS E 20 -2.51 44.51 36.78
N SER E 21 -1.75 44.92 35.77
CA SER E 21 -1.44 46.33 35.60
C SER E 21 -2.70 47.13 35.32
N VAL E 22 -3.60 46.59 34.50
CA VAL E 22 -4.86 47.29 34.21
C VAL E 22 -5.77 47.26 35.43
N ILE E 23 -5.79 46.14 36.16
CA ILE E 23 -6.59 46.05 37.37
C ILE E 23 -6.17 47.12 38.37
N ALA E 24 -4.86 47.29 38.55
CA ALA E 24 -4.37 48.33 39.46
C ALA E 24 -4.69 49.72 38.92
N HIS E 25 -4.66 49.89 37.60
CA HIS E 25 -4.96 51.18 37.00
C HIS E 25 -6.43 51.57 37.21
N MET E 26 -7.34 50.59 37.08
CA MET E 26 -8.76 50.86 37.18
C MET E 26 -9.30 50.72 38.59
N CYS E 27 -8.53 50.17 39.53
CA CYS E 27 -8.95 49.97 40.92
C CYS E 27 -7.87 50.53 41.84
N PRO E 28 -7.85 51.85 42.04
CA PRO E 28 -6.77 52.45 42.86
C PRO E 28 -6.83 52.05 44.33
N GLU E 29 -7.92 51.44 44.79
CA GLU E 29 -8.05 51.01 46.17
C GLU E 29 -7.67 49.56 46.39
N ILE E 30 -7.20 48.87 45.36
CA ILE E 30 -6.81 47.47 45.44
C ILE E 30 -5.29 47.37 45.31
N ARG E 31 -4.66 46.71 46.27
CA ARG E 31 -3.23 46.43 46.18
C ARG E 31 -3.01 45.19 45.34
N VAL E 32 -2.18 45.31 44.30
CA VAL E 32 -1.97 44.25 43.33
C VAL E 32 -0.48 43.91 43.30
N THR E 33 -0.16 42.65 43.57
CA THR E 33 1.21 42.16 43.59
C THR E 33 1.37 41.03 42.59
N VAL E 34 2.23 41.25 41.59
CA VAL E 34 2.56 40.23 40.60
C VAL E 34 3.85 39.55 41.03
N VAL E 35 3.85 38.23 41.04
CA VAL E 35 5.00 37.45 41.51
C VAL E 35 5.40 36.44 40.45
N ASP E 36 6.68 36.07 40.48
CA ASP E 36 7.24 35.09 39.57
C ASP E 36 8.54 34.57 40.16
N VAL E 37 8.95 33.39 39.69
CA VAL E 37 10.23 32.83 40.14
C VAL E 37 11.41 33.41 39.37
N ASN E 38 11.16 34.00 38.21
CA ASN E 38 12.22 34.58 37.38
C ASN E 38 12.59 35.95 37.93
N GLU E 39 13.77 36.04 38.56
CA GLU E 39 14.17 37.30 39.18
C GLU E 39 14.48 38.35 38.13
N SER E 40 15.12 37.95 37.02
CA SER E 40 15.41 38.92 35.95
C SER E 40 14.14 39.46 35.32
N ARG E 41 13.09 38.64 35.26
CA ARG E 41 11.81 39.12 34.75
C ARG E 41 11.16 40.10 35.70
N ILE E 42 11.22 39.83 37.02
CA ILE E 42 10.67 40.75 37.99
C ILE E 42 11.45 42.05 38.01
N ASN E 43 12.78 41.97 37.91
CA ASN E 43 13.59 43.19 37.83
C ASN E 43 13.25 43.99 36.59
N ALA E 44 12.91 43.33 35.49
CA ALA E 44 12.55 44.05 34.28
C ALA E 44 11.22 44.77 34.45
N TRP E 45 10.25 44.14 35.11
CA TRP E 45 8.97 44.80 35.38
C TRP E 45 9.14 46.04 36.24
N ASN E 46 10.15 46.06 37.11
CA ASN E 46 10.45 47.20 37.96
C ASN E 46 11.45 48.16 37.34
N SER E 47 11.88 47.92 36.11
CA SER E 47 12.87 48.73 35.42
C SER E 47 12.20 49.62 34.38
N PRO E 48 12.93 50.59 33.85
CA PRO E 48 12.37 51.40 32.74
C PRO E 48 12.05 50.58 31.49
N THR E 49 12.64 49.39 31.33
CA THR E 49 12.41 48.56 30.15
C THR E 49 11.67 47.29 30.59
N LEU E 50 10.39 47.23 30.25
CA LEU E 50 9.57 46.09 30.63
C LEU E 50 10.00 44.84 29.87
N PRO E 51 9.78 43.65 30.43
CA PRO E 51 10.26 42.42 29.78
C PRO E 51 9.48 42.05 28.52
N ILE E 52 8.27 42.56 28.35
CA ILE E 52 7.48 42.32 27.14
C ILE E 52 7.16 43.65 26.50
N TYR E 53 6.98 43.63 25.18
CA TYR E 53 6.58 44.82 24.44
C TYR E 53 5.06 44.81 24.27
N GLU E 54 4.40 45.81 24.83
CA GLU E 54 2.96 45.96 24.73
C GLU E 54 2.62 47.44 24.65
N PRO E 55 2.00 47.89 23.56
CA PRO E 55 1.72 49.34 23.42
C PRO E 55 0.82 49.84 24.55
N GLY E 56 1.26 50.93 25.18
CA GLY E 56 0.55 51.51 26.30
C GLY E 56 0.82 50.88 27.65
N LEU E 57 1.51 49.74 27.69
CA LEU E 57 1.75 49.06 28.96
C LEU E 57 2.71 49.84 29.84
N LYS E 58 3.77 50.41 29.24
CA LYS E 58 4.75 51.16 30.02
C LYS E 58 4.11 52.34 30.75
N GLU E 59 3.16 53.02 30.10
CA GLU E 59 2.51 54.17 30.73
C GLU E 59 1.59 53.73 31.87
N VAL E 60 0.92 52.59 31.70
CA VAL E 60 0.04 52.09 32.75
C VAL E 60 0.84 51.59 33.95
N VAL E 61 1.93 50.86 33.69
CA VAL E 61 2.73 50.31 34.78
C VAL E 61 3.37 51.44 35.59
N GLU E 62 4.06 52.35 34.91
CA GLU E 62 4.72 53.46 35.61
C GLU E 62 3.71 54.40 36.26
N SER E 63 2.43 54.31 35.90
CA SER E 63 1.40 55.10 36.57
C SER E 63 1.00 54.49 37.90
N CYS E 64 1.17 53.18 38.07
CA CYS E 64 0.73 52.48 39.27
C CYS E 64 1.84 51.81 40.05
N ARG E 65 2.99 51.54 39.44
CA ARG E 65 4.07 50.86 40.13
C ARG E 65 4.55 51.68 41.33
N GLY E 66 4.65 51.03 42.48
CA GLY E 66 5.01 51.69 43.72
C GLY E 66 3.84 52.23 44.53
N LYS E 67 2.67 52.39 43.91
CA LYS E 67 1.49 52.86 44.60
C LYS E 67 0.60 51.69 45.00
N ASN E 68 -0.07 51.09 44.03
CA ASN E 68 -0.89 49.92 44.26
C ASN E 68 -0.53 48.73 43.37
N LEU E 69 0.47 48.87 42.51
CA LEU E 69 0.96 47.79 41.67
C LEU E 69 2.39 47.45 42.07
N PHE E 70 2.66 46.16 42.27
CA PHE E 70 3.97 45.73 42.75
C PHE E 70 4.39 44.46 42.02
N PHE E 71 5.68 44.35 41.76
CA PHE E 71 6.30 43.18 41.14
C PHE E 71 7.39 42.67 42.07
N SER E 72 7.26 41.43 42.52
CA SER E 72 8.17 40.88 43.52
C SER E 72 8.43 39.42 43.25
N THR E 73 9.51 38.91 43.83
CA THR E 73 9.81 37.48 43.84
C THR E 73 9.35 36.80 45.12
N ASN E 74 8.86 37.56 46.10
CA ASN E 74 8.38 37.01 47.36
C ASN E 74 7.00 36.41 47.13
N ILE E 75 6.98 35.25 46.56
CA ILE E 75 5.75 34.60 46.28
C ILE E 75 4.95 34.24 47.53
N ASP E 76 5.64 33.71 48.52
CA ASP E 76 4.99 33.25 49.73
C ASP E 76 4.27 34.34 50.47
N ASP E 77 4.90 35.47 50.70
CA ASP E 77 4.23 36.55 51.38
C ASP E 77 3.06 37.12 50.58
N ALA E 78 3.19 37.25 49.26
CA ALA E 78 2.12 37.80 48.47
C ALA E 78 0.89 36.91 48.59
N ILE E 79 1.08 35.61 48.56
CA ILE E 79 -0.01 34.70 48.71
C ILE E 79 -0.67 34.81 50.10
N LYS E 80 0.12 34.98 51.14
CA LYS E 80 -0.40 35.04 52.49
C LYS E 80 -1.34 36.18 52.68
N GLU E 81 -0.99 37.33 52.16
CA GLU E 81 -1.76 38.51 52.27
C GLU E 81 -2.98 38.58 51.40
N ALA E 82 -3.03 37.78 50.38
CA ALA E 82 -4.05 37.95 49.33
C ALA E 82 -5.43 37.45 49.58
N ASP E 83 -6.38 38.28 49.22
CA ASP E 83 -7.78 37.95 49.22
C ASP E 83 -8.07 37.12 47.98
N LEU E 84 -7.46 37.48 46.86
CA LEU E 84 -7.60 36.80 45.60
C LEU E 84 -6.30 36.46 44.91
N VAL E 85 -6.17 35.23 44.51
CA VAL E 85 -4.97 34.77 43.84
C VAL E 85 -5.20 34.38 42.41
N PHE E 86 -4.46 34.98 41.52
CA PHE E 86 -4.54 34.65 40.12
C PHE E 86 -3.43 33.66 39.78
N ILE E 87 -3.72 32.72 38.90
CA ILE E 87 -2.71 31.79 38.42
C ILE E 87 -2.65 31.94 36.91
N SER E 88 -1.57 32.51 36.40
CA SER E 88 -1.39 32.77 34.96
C SER E 88 0.02 32.32 34.57
N VAL E 89 0.23 31.00 34.54
CA VAL E 89 1.51 30.43 34.18
C VAL E 89 1.35 29.61 32.91
N ASN E 90 2.47 29.30 32.27
CA ASN E 90 2.46 28.54 31.03
C ASN E 90 2.03 27.10 31.25
N ALA E 104 -1.08 19.87 26.74
CA ALA E 104 -0.56 20.81 27.72
C ALA E 104 -0.16 20.08 29.01
N ASP E 105 0.87 20.59 29.68
CA ASP E 105 1.37 20.01 30.92
C ASP E 105 0.89 20.89 32.08
N LEU E 106 0.04 20.34 32.94
CA LEU E 106 -0.52 21.06 34.07
C LEU E 106 0.32 20.92 35.34
N LYS E 107 1.56 20.43 35.23
CA LYS E 107 2.36 20.20 36.43
C LYS E 107 2.73 21.51 37.11
N TYR E 108 2.92 22.59 36.35
CA TYR E 108 3.26 23.88 36.95
C TYR E 108 2.03 24.54 37.56
N ILE E 109 0.84 24.28 36.99
CA ILE E 109 -0.39 24.74 37.62
C ILE E 109 -0.58 24.05 38.96
N GLU E 110 -0.34 22.73 39.01
CA GLU E 110 -0.46 21.99 40.26
C GLU E 110 0.56 22.46 41.28
N ALA E 111 1.77 22.83 40.82
CA ALA E 111 2.78 23.32 41.73
C ALA E 111 2.40 24.66 42.33
N CYS E 112 1.71 25.51 41.55
CA CYS E 112 1.21 26.77 42.10
C CYS E 112 0.12 26.52 43.13
N ALA E 113 -0.80 25.60 42.84
CA ALA E 113 -1.87 25.30 43.80
C ALA E 113 -1.30 24.70 45.08
N ARG E 114 -0.32 23.81 44.97
CA ARG E 114 0.30 23.25 46.17
C ARG E 114 0.99 24.33 46.99
N ARG E 115 1.58 25.33 46.33
CA ARG E 115 2.22 26.41 47.05
C ARG E 115 1.21 27.37 47.66
N ILE E 116 0.00 27.45 47.08
CA ILE E 116 -1.03 28.30 47.65
C ILE E 116 -1.47 27.77 49.01
N VAL E 117 -1.82 26.48 49.09
CA VAL E 117 -2.21 25.89 50.36
C VAL E 117 -1.03 25.91 51.34
N GLN E 118 0.19 25.96 50.84
CA GLN E 118 1.36 26.02 51.70
C GLN E 118 1.46 27.35 52.45
N ASN E 119 0.85 28.41 51.91
CA ASN E 119 0.92 29.74 52.50
C ASN E 119 -0.45 30.34 52.78
N SER E 120 -1.52 29.56 52.75
CA SER E 120 -2.87 30.07 52.88
C SER E 120 -3.51 29.62 54.18
N ASN E 121 -4.24 30.55 54.81
CA ASN E 121 -5.16 30.24 55.89
C ASN E 121 -6.39 31.12 55.72
N GLY E 122 -7.50 30.67 56.28
CA GLY E 122 -8.72 31.45 56.17
C GLY E 122 -9.32 31.39 54.78
N TYR E 123 -9.89 32.50 54.35
CA TYR E 123 -10.67 32.57 53.11
C TYR E 123 -9.85 33.24 52.02
N LYS E 124 -9.70 32.55 50.88
CA LYS E 124 -9.06 33.10 49.71
C LYS E 124 -9.80 32.62 48.47
N ILE E 125 -9.72 33.41 47.40
CA ILE E 125 -10.30 33.06 46.11
C ILE E 125 -9.15 32.80 45.14
N VAL E 126 -9.10 31.59 44.61
CA VAL E 126 -8.06 31.18 43.67
C VAL E 126 -8.68 31.13 42.28
N THR E 127 -8.13 31.92 41.37
CA THR E 127 -8.70 32.11 40.04
C THR E 127 -7.67 31.74 38.98
N GLU E 128 -8.05 30.83 38.09
CA GLU E 128 -7.18 30.43 36.98
C GLU E 128 -7.48 31.32 35.78
N LYS E 129 -6.49 32.10 35.36
CA LYS E 129 -6.64 33.06 34.27
C LYS E 129 -5.60 32.75 33.19
N SER E 130 -6.05 32.26 32.05
CA SER E 130 -5.17 31.94 30.94
C SER E 130 -5.97 31.96 29.66
N THR E 131 -5.26 32.01 28.53
CA THR E 131 -5.91 31.97 27.23
C THR E 131 -6.29 30.56 26.81
N VAL E 132 -5.73 29.54 27.46
CA VAL E 132 -6.04 28.14 27.18
C VAL E 132 -6.28 27.44 28.52
N PRO E 133 -7.47 27.59 29.13
CA PRO E 133 -7.65 27.10 30.50
C PRO E 133 -8.31 25.74 30.61
N VAL E 134 -8.34 24.96 29.52
CA VAL E 134 -9.10 23.72 29.52
C VAL E 134 -8.53 22.75 30.55
N ARG E 135 -9.41 22.25 31.42
CA ARG E 135 -9.10 21.27 32.46
C ARG E 135 -8.11 21.81 33.50
N ALA E 136 -7.97 23.13 33.62
CA ALA E 136 -7.06 23.69 34.61
C ALA E 136 -7.71 23.80 35.99
N ALA E 137 -8.99 24.18 36.04
CA ALA E 137 -9.65 24.33 37.33
C ALA E 137 -9.84 23.00 38.04
N GLU E 138 -9.98 21.91 37.28
CA GLU E 138 -10.12 20.59 37.89
C GLU E 138 -8.84 20.16 38.58
N SER E 139 -7.68 20.47 37.98
CA SER E 139 -6.41 20.09 38.57
C SER E 139 -6.11 20.91 39.83
N ILE E 140 -6.54 22.18 39.85
CA ILE E 140 -6.39 22.98 41.07
C ILE E 140 -7.32 22.47 42.16
N ARG E 141 -8.53 22.05 41.79
CA ARG E 141 -9.49 21.56 42.76
C ARG E 141 -9.04 20.24 43.38
N ARG E 142 -8.31 19.41 42.61
CA ARG E 142 -7.78 18.17 43.16
C ARG E 142 -6.80 18.45 44.30
N ILE E 143 -5.94 19.44 44.12
CA ILE E 143 -4.93 19.75 45.14
C ILE E 143 -5.60 20.33 46.38
N PHE E 144 -6.55 21.25 46.20
CA PHE E 144 -7.18 21.90 47.35
C PHE E 144 -8.03 20.93 48.15
N ASP E 145 -8.71 20.00 47.48
CA ASP E 145 -9.55 19.04 48.19
C ASP E 145 -8.72 17.99 48.91
N ALA E 146 -7.50 17.74 48.48
CA ALA E 146 -6.64 16.76 49.13
C ALA E 146 -5.80 17.35 50.25
N ASN E 147 -5.66 18.67 50.31
CA ASN E 147 -4.87 19.36 51.32
C ASN E 147 -5.77 20.39 52.02
N THR E 148 -6.55 19.92 52.98
CA THR E 148 -7.48 20.76 53.71
C THR E 148 -6.96 20.99 55.12
N LYS E 149 -6.82 22.25 55.51
CA LYS E 149 -6.44 22.66 56.85
C LYS E 149 -7.65 23.06 57.66
N PRO E 150 -7.54 23.09 58.99
CA PRO E 150 -8.62 23.68 59.79
C PRO E 150 -8.80 25.15 59.45
N ASN E 151 -10.04 25.53 59.16
CA ASN E 151 -10.42 26.91 58.86
C ASN E 151 -9.77 27.42 57.57
N LEU E 152 -9.42 26.51 56.66
CA LEU E 152 -8.92 26.88 55.34
C LEU E 152 -10.04 26.72 54.33
N ASN E 153 -10.45 27.83 53.70
CA ASN E 153 -11.57 27.85 52.77
C ASN E 153 -11.09 28.50 51.47
N LEU E 154 -10.64 27.69 50.53
CA LEU E 154 -10.17 28.15 49.24
C LEU E 154 -11.27 27.97 48.20
N GLN E 155 -11.55 29.03 47.44
CA GLN E 155 -12.55 29.01 46.38
C GLN E 155 -11.84 29.02 45.02
N VAL E 156 -12.28 28.16 44.12
CA VAL E 156 -11.66 28.00 42.81
C VAL E 156 -12.58 28.59 41.75
N LEU E 157 -12.10 29.60 41.04
CA LEU E 157 -12.84 30.22 39.96
C LEU E 157 -12.07 30.07 38.66
N SER E 158 -12.81 30.17 37.55
CA SER E 158 -12.25 30.14 36.21
C SER E 158 -12.58 31.46 35.53
N ASN E 159 -11.54 32.21 35.14
CA ASN E 159 -11.70 33.53 34.52
C ASN E 159 -10.77 33.60 33.32
N PRO E 160 -11.16 33.00 32.19
CA PRO E 160 -10.28 32.99 31.01
C PRO E 160 -10.01 34.40 30.51
N GLU E 161 -8.85 34.56 29.88
CA GLU E 161 -8.42 35.85 29.37
C GLU E 161 -8.58 35.87 27.86
N PHE E 162 -9.32 36.86 27.36
CA PHE E 162 -9.64 36.98 25.95
C PHE E 162 -8.71 37.94 25.21
N LEU E 163 -7.76 38.57 25.89
CA LEU E 163 -6.91 39.57 25.25
C LEU E 163 -6.07 38.94 24.16
N ALA E 164 -5.80 39.72 23.11
CA ALA E 164 -4.82 39.37 22.10
C ALA E 164 -3.58 40.23 22.31
N GLU E 165 -2.41 39.63 22.16
CA GLU E 165 -1.18 40.37 22.34
C GLU E 165 -1.03 41.41 21.23
N GLY E 166 -0.43 42.55 21.58
CA GLY E 166 -0.35 43.69 20.70
C GLY E 166 -1.45 44.71 20.93
N THR E 167 -2.62 44.26 21.42
CA THR E 167 -3.73 45.14 21.75
C THR E 167 -4.22 44.86 23.17
N ALA E 168 -3.33 44.35 24.02
CA ALA E 168 -3.73 43.88 25.34
C ALA E 168 -4.36 44.99 26.17
N ILE E 169 -3.78 46.18 26.15
CA ILE E 169 -4.29 47.27 26.97
C ILE E 169 -5.71 47.64 26.54
N LYS E 170 -5.92 47.81 25.24
CA LYS E 170 -7.25 48.11 24.73
C LYS E 170 -8.23 46.99 25.05
N ASP E 171 -7.81 45.74 24.84
CA ASP E 171 -8.69 44.60 25.07
C ASP E 171 -9.02 44.44 26.55
N LEU E 172 -8.10 44.78 27.44
CA LEU E 172 -8.34 44.65 28.87
C LEU E 172 -9.23 45.77 29.40
N LYS E 173 -9.15 46.96 28.80
CA LYS E 173 -9.95 48.08 29.25
C LYS E 173 -11.33 48.15 28.61
N ASN E 174 -11.50 47.53 27.44
CA ASN E 174 -12.81 47.45 26.78
C ASN E 174 -12.98 46.06 26.18
N PRO E 175 -13.20 45.05 27.02
CA PRO E 175 -13.39 43.70 26.49
C PRO E 175 -14.77 43.53 25.88
N ASP E 176 -14.87 42.59 24.93
CA ASP E 176 -16.18 42.25 24.37
C ASP E 176 -17.07 41.63 25.43
N ARG E 177 -16.49 40.81 26.30
CA ARG E 177 -17.21 40.22 27.42
C ARG E 177 -16.20 39.63 28.39
N VAL E 178 -16.61 39.52 29.65
CA VAL E 178 -15.80 38.95 30.71
C VAL E 178 -16.48 37.69 31.21
N LEU E 179 -15.73 36.58 31.23
CA LEU E 179 -16.27 35.27 31.55
C LEU E 179 -15.72 34.80 32.89
N ILE E 180 -16.62 34.45 33.81
CA ILE E 180 -16.25 33.97 35.13
C ILE E 180 -17.02 32.69 35.42
N GLY E 181 -16.30 31.63 35.76
CA GLY E 181 -16.90 30.35 36.11
C GLY E 181 -16.62 30.01 37.56
N GLY E 182 -17.67 29.54 38.24
CA GLY E 182 -17.55 29.12 39.63
C GLY E 182 -18.54 28.01 39.94
N ASP E 183 -18.37 27.44 41.13
CA ASP E 183 -19.23 26.34 41.53
C ASP E 183 -20.66 26.83 41.74
N GLU E 184 -21.62 25.96 41.41
CA GLU E 184 -23.04 26.26 41.60
C GLU E 184 -23.46 26.00 43.05
N THR E 185 -22.75 26.66 43.96
CA THR E 185 -22.95 26.58 45.40
C THR E 185 -23.04 27.98 45.95
N PRO E 186 -23.56 28.15 47.17
CA PRO E 186 -23.53 29.49 47.79
C PRO E 186 -22.14 30.05 47.95
N GLU E 187 -21.16 29.20 48.27
CA GLU E 187 -19.78 29.67 48.37
C GLU E 187 -19.24 30.09 47.01
N GLY E 188 -19.56 29.34 45.96
CA GLY E 188 -19.06 29.67 44.64
C GLY E 188 -19.67 30.94 44.09
N GLN E 189 -20.96 31.18 44.37
CA GLN E 189 -21.60 32.40 43.89
C GLN E 189 -21.06 33.63 44.60
N ARG E 190 -20.71 33.50 45.88
CA ARG E 190 -20.09 34.61 46.60
C ARG E 190 -18.73 34.96 46.00
N ALA E 191 -17.94 33.94 45.65
CA ALA E 191 -16.65 34.19 45.03
C ALA E 191 -16.79 34.77 43.63
N VAL E 192 -17.73 34.23 42.85
CA VAL E 192 -17.99 34.78 41.52
C VAL E 192 -18.41 36.24 41.61
N GLN E 193 -19.30 36.54 42.56
CA GLN E 193 -19.77 37.91 42.75
C GLN E 193 -18.62 38.84 43.13
N ALA E 194 -17.71 38.36 43.99
CA ALA E 194 -16.58 39.19 44.40
C ALA E 194 -15.68 39.54 43.23
N LEU E 195 -15.39 38.57 42.36
CA LEU E 195 -14.59 38.86 41.18
C LEU E 195 -15.34 39.74 40.20
N CYS E 196 -16.67 39.61 40.14
CA CYS E 196 -17.46 40.50 39.30
C CYS E 196 -17.33 41.95 39.77
N ALA E 197 -17.32 42.17 41.09
CA ALA E 197 -17.26 43.52 41.62
C ALA E 197 -15.94 44.21 41.25
N VAL E 198 -14.87 43.44 41.09
CA VAL E 198 -13.60 44.03 40.66
C VAL E 198 -13.71 44.55 39.23
N TYR E 199 -14.25 43.71 38.33
CA TYR E 199 -14.39 44.12 36.94
C TYR E 199 -15.38 45.26 36.78
N GLU E 200 -16.38 45.35 37.66
CA GLU E 200 -17.37 46.41 37.55
C GLU E 200 -16.80 47.80 37.83
N HIS E 201 -15.55 47.89 38.27
CA HIS E 201 -14.89 49.18 38.36
C HIS E 201 -14.69 49.83 37.00
N TRP E 202 -14.62 49.04 35.93
CA TRP E 202 -14.47 49.63 34.61
C TRP E 202 -15.19 48.88 33.50
N VAL E 203 -15.88 47.78 33.79
CA VAL E 203 -16.58 46.98 32.79
C VAL E 203 -18.07 46.99 33.14
N PRO E 204 -18.95 47.36 32.21
CA PRO E 204 -20.38 47.33 32.51
C PRO E 204 -20.86 45.93 32.87
N ARG E 205 -21.87 45.87 33.75
CA ARG E 205 -22.37 44.59 34.24
C ARG E 205 -22.92 43.72 33.11
N GLU E 206 -23.48 44.35 32.07
CA GLU E 206 -24.07 43.59 30.97
C GLU E 206 -23.05 42.74 30.23
N LYS E 207 -21.77 43.10 30.30
CA LYS E 207 -20.73 42.39 29.56
C LYS E 207 -20.04 41.30 30.38
N ILE E 208 -20.49 41.04 31.61
CA ILE E 208 -19.88 40.04 32.47
C ILE E 208 -20.77 38.81 32.49
N LEU E 209 -20.25 37.71 31.95
CA LEU E 209 -20.97 36.44 31.89
C LEU E 209 -20.53 35.55 33.04
N THR E 210 -21.50 34.92 33.71
CA THR E 210 -21.24 34.04 34.83
C THR E 210 -21.81 32.65 34.54
N THR E 211 -21.07 31.62 34.92
CA THR E 211 -21.45 30.24 34.67
C THR E 211 -20.64 29.34 35.59
N ASN E 212 -20.63 28.04 35.31
CA ASN E 212 -19.83 27.10 36.08
C ASN E 212 -18.42 27.03 35.51
N THR E 213 -17.52 26.40 36.29
CA THR E 213 -16.11 26.41 35.94
C THR E 213 -15.86 25.71 34.61
N TRP E 214 -16.49 24.56 34.38
CA TRP E 214 -16.25 23.81 33.16
C TRP E 214 -16.83 24.51 31.95
N SER E 215 -18.07 25.01 32.06
CA SER E 215 -18.67 25.75 30.96
C SER E 215 -17.84 26.97 30.59
N SER E 216 -17.16 27.57 31.57
CA SER E 216 -16.27 28.68 31.29
C SER E 216 -15.08 28.21 30.45
N GLU E 217 -14.44 27.11 30.86
CA GLU E 217 -13.28 26.62 30.12
C GLU E 217 -13.66 26.16 28.73
N LEU E 218 -14.78 25.44 28.61
CA LEU E 218 -15.21 24.94 27.30
C LEU E 218 -15.54 26.08 26.35
N SER E 219 -16.12 27.16 26.88
CA SER E 219 -16.44 28.31 26.03
C SER E 219 -15.19 28.96 25.48
N LYS E 220 -14.15 29.08 26.31
CA LYS E 220 -12.89 29.65 25.85
C LYS E 220 -12.25 28.77 24.79
N LEU E 221 -12.22 27.46 25.04
CA LEU E 221 -11.74 26.51 24.02
C LEU E 221 -12.50 26.67 22.72
N ALA E 222 -13.83 26.77 22.80
CA ALA E 222 -14.63 26.89 21.59
C ALA E 222 -14.39 28.23 20.91
N ALA E 223 -14.24 29.31 21.69
CA ALA E 223 -13.98 30.61 21.10
C ALA E 223 -12.65 30.64 20.37
N ASN E 224 -11.61 30.02 20.95
CA ASN E 224 -10.31 29.99 20.29
C ASN E 224 -10.36 29.17 19.00
N LEU E 225 -11.12 28.08 19.00
CA LEU E 225 -11.26 27.28 17.79
C LEU E 225 -11.92 28.07 16.67
N PHE E 226 -13.01 28.78 16.98
CA PHE E 226 -13.71 29.58 15.98
C PHE E 226 -12.80 30.64 15.38
N LEU E 227 -11.99 31.30 16.22
CA LEU E 227 -11.07 32.31 15.72
C LEU E 227 -10.05 31.70 14.77
N ALA E 228 -9.37 30.64 15.21
CA ALA E 228 -8.37 30.00 14.35
C ALA E 228 -9.00 29.43 13.08
N GLN E 229 -10.25 28.98 13.16
CA GLN E 229 -10.92 28.39 12.00
C GLN E 229 -11.14 29.43 10.90
N ARG E 230 -11.48 30.67 11.29
CA ARG E 230 -11.68 31.71 10.28
C ARG E 230 -10.41 31.98 9.51
N ILE E 231 -9.25 31.94 10.19
CA ILE E 231 -7.98 32.16 9.52
C ILE E 231 -7.67 31.03 8.56
N SER E 232 -7.77 29.79 9.03
CA SER E 232 -7.50 28.64 8.16
C SER E 232 -8.46 28.62 6.99
N SER E 233 -9.71 29.05 7.20
CA SER E 233 -10.69 29.05 6.12
C SER E 233 -10.33 30.07 5.05
N ILE E 234 -10.02 31.30 5.45
CA ILE E 234 -9.65 32.31 4.47
C ILE E 234 -8.30 31.97 3.84
N ASN E 235 -7.43 31.27 4.56
CA ASN E 235 -6.17 30.82 3.96
C ASN E 235 -6.40 29.71 2.95
N SER E 236 -7.39 28.85 3.18
CA SER E 236 -7.76 27.88 2.16
C SER E 236 -8.32 28.56 0.92
N ILE E 237 -9.01 29.70 1.11
CA ILE E 237 -9.51 30.46 -0.04
C ILE E 237 -8.36 31.14 -0.77
N SER E 238 -7.33 31.57 -0.05
CA SER E 238 -6.18 32.20 -0.70
C SER E 238 -5.50 31.25 -1.68
N ALA E 239 -5.47 29.95 -1.34
CA ALA E 239 -4.92 28.97 -2.27
C ALA E 239 -5.79 28.85 -3.52
N LEU E 240 -7.12 28.98 -3.36
CA LEU E 240 -8.01 28.98 -4.51
C LEU E 240 -7.78 30.20 -5.40
N CYS E 241 -7.54 31.36 -4.79
CA CYS E 241 -7.34 32.58 -5.58
C CYS E 241 -6.03 32.51 -6.36
N GLU E 242 -4.97 31.96 -5.76
CA GLU E 242 -3.71 31.81 -6.47
C GLU E 242 -3.85 30.86 -7.66
N ALA E 243 -4.70 29.85 -7.55
CA ALA E 243 -4.83 28.85 -8.60
C ALA E 243 -5.79 29.25 -9.71
N THR E 244 -6.61 30.29 -9.49
CA THR E 244 -7.61 30.67 -10.48
C THR E 244 -7.55 32.14 -10.88
N GLY E 245 -6.57 32.90 -10.40
CA GLY E 245 -6.44 34.29 -10.80
C GLY E 245 -7.35 35.26 -10.12
N ALA E 246 -7.70 35.01 -8.86
CA ALA E 246 -8.50 35.93 -8.06
C ALA E 246 -7.65 36.53 -6.96
N ASP E 247 -8.24 37.46 -6.21
CA ASP E 247 -7.58 38.15 -5.11
C ASP E 247 -8.33 37.84 -3.83
N VAL E 248 -7.63 37.25 -2.85
CA VAL E 248 -8.28 36.85 -1.61
C VAL E 248 -8.76 38.05 -0.83
N GLU E 249 -8.10 39.21 -0.99
CA GLU E 249 -8.55 40.42 -0.30
C GLU E 249 -9.89 40.90 -0.85
N GLU E 250 -10.08 40.79 -2.18
CA GLU E 250 -11.38 41.13 -2.76
C GLU E 250 -12.45 40.14 -2.34
N VAL E 251 -12.12 38.85 -2.34
CA VAL E 251 -13.09 37.83 -1.95
C VAL E 251 -13.47 37.99 -0.48
N ALA E 252 -12.50 38.33 0.37
CA ALA E 252 -12.79 38.52 1.79
C ALA E 252 -13.70 39.72 2.02
N THR E 253 -13.58 40.76 1.18
CA THR E 253 -14.50 41.90 1.31
C THR E 253 -15.93 41.47 0.98
N ALA E 254 -16.11 40.68 -0.07
CA ALA E 254 -17.45 40.22 -0.42
C ALA E 254 -18.02 39.31 0.66
N ILE E 255 -17.18 38.45 1.23
CA ILE E 255 -17.63 37.57 2.32
C ILE E 255 -17.98 38.38 3.55
N GLY E 256 -17.11 39.33 3.91
CA GLY E 256 -17.23 40.01 5.19
C GLY E 256 -18.47 40.88 5.31
N MET E 257 -18.98 41.39 4.19
CA MET E 257 -20.16 42.24 4.24
C MET E 257 -21.41 41.49 4.66
N ASP E 258 -21.39 40.16 4.63
CA ASP E 258 -22.49 39.38 5.19
C ASP E 258 -22.46 39.52 6.72
N GLN E 259 -23.52 40.10 7.28
CA GLN E 259 -23.57 40.34 8.71
C GLN E 259 -23.61 39.04 9.51
N ARG E 260 -24.02 37.93 8.88
CA ARG E 260 -24.01 36.64 9.56
C ARG E 260 -22.61 36.05 9.67
N ILE E 261 -21.68 36.47 8.81
CA ILE E 261 -20.31 35.99 8.84
C ILE E 261 -19.39 36.96 9.56
N GLY E 262 -19.52 38.26 9.28
CA GLY E 262 -18.64 39.25 9.84
C GLY E 262 -17.40 39.48 9.00
N ASN E 263 -16.78 40.64 9.20
CA ASN E 263 -15.63 41.04 8.40
C ASN E 263 -14.31 40.99 9.16
N LYS E 264 -14.33 40.49 10.40
CA LYS E 264 -13.12 40.41 11.21
C LYS E 264 -12.42 39.05 11.02
N PHE E 265 -11.11 39.06 11.20
CA PHE E 265 -10.28 37.84 11.12
C PHE E 265 -10.41 37.15 9.76
N LEU E 266 -10.40 37.95 8.69
CA LEU E 266 -10.45 37.45 7.33
C LEU E 266 -9.21 37.86 6.55
N LYS E 267 -8.11 38.12 7.26
CA LYS E 267 -6.84 38.50 6.66
C LYS E 267 -6.01 37.24 6.41
N ALA E 268 -5.91 36.83 5.15
CA ALA E 268 -5.06 35.68 4.82
C ALA E 268 -3.60 36.02 5.11
N SER E 269 -2.83 34.98 5.46
CA SER E 269 -1.45 35.19 5.87
C SER E 269 -0.66 33.91 5.62
N VAL E 270 0.63 33.97 5.91
CA VAL E 270 1.49 32.79 5.82
C VAL E 270 1.07 31.74 6.84
N GLY E 271 0.46 32.16 7.94
CA GLY E 271 -0.05 31.23 8.93
C GLY E 271 -0.21 31.87 10.29
N PHE E 272 -1.24 31.47 11.04
CA PHE E 272 -1.41 32.02 12.38
C PHE E 272 -0.38 31.42 13.34
N GLY E 273 0.05 32.25 14.28
CA GLY E 273 0.98 31.81 15.31
C GLY E 273 0.44 32.05 16.70
N GLY E 274 1.32 32.13 17.68
CA GLY E 274 0.93 32.40 19.04
C GLY E 274 0.79 31.12 19.85
N SER E 275 0.81 31.30 21.17
CA SER E 275 0.75 30.19 22.12
C SER E 275 -0.68 29.74 22.43
N CYS E 276 -1.65 30.13 21.60
CA CYS E 276 -3.06 29.84 21.90
C CYS E 276 -3.68 28.89 20.88
N PHE E 277 -3.70 29.26 19.60
CA PHE E 277 -4.54 28.56 18.64
C PHE E 277 -4.10 27.11 18.44
N GLN E 278 -2.84 26.89 18.07
CA GLN E 278 -2.38 25.53 17.86
C GLN E 278 -2.45 24.71 19.14
N LYS E 279 -2.12 25.32 20.28
CA LYS E 279 -2.21 24.61 21.55
C LYS E 279 -3.65 24.19 21.85
N ASP E 280 -4.62 25.04 21.52
CA ASP E 280 -6.00 24.75 21.86
C ASP E 280 -6.63 23.74 20.91
N VAL E 281 -6.23 23.73 19.63
CA VAL E 281 -6.70 22.69 18.73
C VAL E 281 -6.20 21.33 19.18
N LEU E 282 -4.95 21.26 19.61
CA LEU E 282 -4.42 20.00 20.13
C LEU E 282 -5.09 19.61 21.44
N ASN E 283 -5.53 20.56 22.24
CA ASN E 283 -6.24 20.25 23.46
C ASN E 283 -7.56 19.65 23.12
N LEU E 284 -8.20 20.14 22.09
CA LEU E 284 -9.46 19.62 21.66
C LEU E 284 -9.37 18.19 21.21
N VAL E 285 -8.32 17.86 20.48
CA VAL E 285 -8.05 16.56 19.99
C VAL E 285 -7.75 15.63 21.13
N TYR E 286 -7.00 16.06 22.11
CA TYR E 286 -6.76 15.26 23.32
C TYR E 286 -8.03 15.07 24.13
N LEU E 287 -8.91 16.06 24.15
CA LEU E 287 -10.17 15.93 24.87
C LEU E 287 -11.09 14.92 24.18
N CYS E 288 -11.10 14.92 22.85
CA CYS E 288 -12.04 14.06 22.13
C CYS E 288 -11.63 12.59 22.18
N GLU E 289 -10.33 12.30 22.21
CA GLU E 289 -9.90 10.91 22.31
C GLU E 289 -10.21 10.32 23.67
N ALA E 290 -10.29 11.17 24.71
CA ALA E 290 -10.71 10.69 26.03
C ALA E 290 -12.21 10.50 26.10
N LEU E 291 -12.98 11.27 25.33
CA LEU E 291 -14.43 11.15 25.29
C LEU E 291 -14.92 10.24 24.17
N ASN E 292 -14.00 9.71 23.36
CA ASN E 292 -14.34 8.89 22.19
C ASN E 292 -15.25 9.67 21.24
N LEU E 293 -14.76 10.83 20.81
CA LEU E 293 -15.43 11.68 19.83
C LEU E 293 -14.50 11.92 18.66
N PRO E 294 -14.23 10.88 17.86
CA PRO E 294 -13.24 11.03 16.77
C PRO E 294 -13.69 11.99 15.68
N GLU E 295 -14.99 12.07 15.39
CA GLU E 295 -15.46 12.97 14.34
C GLU E 295 -15.23 14.42 14.70
N VAL E 296 -15.44 14.78 15.97
CA VAL E 296 -15.14 16.14 16.41
C VAL E 296 -13.64 16.41 16.37
N ALA E 297 -12.82 15.38 16.64
CA ALA E 297 -11.37 15.57 16.62
C ALA E 297 -10.85 15.84 15.22
N ARG E 298 -11.27 15.04 14.24
CA ARG E 298 -10.78 15.23 12.88
C ARG E 298 -11.41 16.46 12.22
N TYR E 299 -12.52 16.97 12.76
CA TYR E 299 -13.09 18.20 12.23
C TYR E 299 -12.19 19.40 12.50
N TRP E 300 -11.78 19.59 13.75
CA TRP E 300 -10.96 20.74 14.12
C TRP E 300 -9.49 20.53 13.80
N GLN E 301 -9.03 19.27 13.67
CA GLN E 301 -7.66 19.02 13.27
C GLN E 301 -7.33 19.70 11.94
N GLN E 302 -8.33 19.82 11.06
CA GLN E 302 -8.12 20.48 9.77
C GLN E 302 -7.69 21.93 9.91
N VAL E 303 -7.98 22.57 11.05
CA VAL E 303 -7.49 23.93 11.27
C VAL E 303 -5.96 23.94 11.34
N ILE E 304 -5.38 22.89 11.92
CA ILE E 304 -3.92 22.78 12.00
C ILE E 304 -3.34 22.31 10.67
N ASP E 305 -3.98 21.32 10.04
CA ASP E 305 -3.45 20.80 8.77
C ASP E 305 -3.45 21.87 7.69
N MET E 306 -4.48 22.73 7.69
CA MET E 306 -4.51 23.83 6.73
C MET E 306 -3.46 24.88 7.05
N ASN E 307 -3.23 25.14 8.33
CA ASN E 307 -2.19 26.09 8.71
C ASN E 307 -0.81 25.57 8.35
N ASP E 308 -0.56 24.27 8.57
CA ASP E 308 0.70 23.68 8.16
C ASP E 308 0.86 23.71 6.65
N TYR E 309 -0.23 23.44 5.92
CA TYR E 309 -0.17 23.47 4.46
C TYR E 309 0.09 24.88 3.95
N GLN E 310 -0.56 25.89 4.57
CA GLN E 310 -0.34 27.27 4.15
C GLN E 310 1.12 27.67 4.33
N ARG E 311 1.75 27.21 5.41
CA ARG E 311 3.17 27.53 5.63
C ARG E 311 4.06 26.84 4.61
N ARG E 312 3.79 25.57 4.30
CA ARG E 312 4.62 24.85 3.33
C ARG E 312 4.46 25.44 1.93
N ARG E 313 3.23 25.83 1.56
CA ARG E 313 3.01 26.41 0.25
C ARG E 313 3.75 27.73 0.08
N PHE E 314 3.76 28.55 1.14
CA PHE E 314 4.48 29.83 1.06
C PHE E 314 5.98 29.61 0.90
N ALA E 315 6.55 28.71 1.70
CA ALA E 315 7.97 28.41 1.56
C ALA E 315 8.27 27.79 0.20
N SER E 316 7.34 26.97 -0.32
CA SER E 316 7.55 26.33 -1.62
C SER E 316 7.61 27.36 -2.74
N ARG E 317 6.80 28.43 -2.64
CA ARG E 317 6.86 29.48 -3.65
C ARG E 317 8.16 30.26 -3.59
N ILE E 318 8.70 30.45 -2.38
CA ILE E 318 10.01 31.11 -2.25
C ILE E 318 11.08 30.26 -2.92
N ILE E 319 11.14 28.97 -2.56
CA ILE E 319 12.17 28.09 -3.11
C ILE E 319 12.01 27.94 -4.62
N ASP E 320 10.76 27.90 -5.09
CA ASP E 320 10.52 27.77 -6.52
C ASP E 320 11.01 28.99 -7.29
N SER E 321 10.79 30.18 -6.72
CA SER E 321 11.24 31.42 -7.37
C SER E 321 12.76 31.52 -7.45
N LEU E 322 13.49 30.85 -6.56
CA LEU E 322 14.94 30.84 -6.61
C LEU E 322 15.49 29.62 -7.33
N PHE E 323 14.76 29.12 -8.33
CA PHE E 323 15.21 28.01 -9.19
C PHE E 323 15.43 26.73 -8.41
N ASN E 324 14.70 26.55 -7.31
CA ASN E 324 14.79 25.36 -6.47
C ASN E 324 16.20 25.15 -5.92
N THR E 325 16.96 26.20 -5.80
CA THR E 325 18.32 26.17 -5.26
C THR E 325 18.51 27.43 -4.48
N VAL E 326 18.82 27.30 -3.22
CA VAL E 326 18.99 28.43 -2.37
C VAL E 326 20.30 28.43 -1.65
N THR E 327 21.11 27.46 -1.95
CA THR E 327 22.40 27.30 -1.32
C THR E 327 23.27 28.55 -1.43
N ASP E 328 23.81 29.03 -0.33
CA ASP E 328 24.67 30.21 -0.26
C ASP E 328 23.99 31.44 -0.86
N LYS E 329 22.66 31.49 -0.78
CA LYS E 329 21.89 32.65 -1.22
C LYS E 329 21.38 33.42 -0.02
N LYS E 330 21.66 34.72 0.01
CA LYS E 330 21.20 35.57 1.09
C LYS E 330 19.71 35.88 0.93
N ILE E 331 18.94 35.67 1.98
CA ILE E 331 17.51 35.94 2.00
C ILE E 331 17.18 36.73 3.26
N ALA E 332 16.53 37.87 3.08
CA ALA E 332 16.13 38.70 4.21
C ALA E 332 14.81 38.20 4.77
N ILE E 333 14.75 38.07 6.10
CA ILE E 333 13.52 37.74 6.81
C ILE E 333 13.11 38.98 7.59
N LEU E 334 12.01 39.62 7.16
CA LEU E 334 11.50 40.82 7.82
C LEU E 334 10.32 40.41 8.69
N GLY E 335 10.50 40.46 10.00
CA GLY E 335 9.45 40.09 10.93
C GLY E 335 9.61 38.70 11.49
N PHE E 336 9.77 38.60 12.81
CA PHE E 336 9.91 37.31 13.46
C PHE E 336 8.85 37.05 14.53
N ALA E 337 8.26 38.09 15.11
CA ALA E 337 7.16 37.89 16.04
C ALA E 337 5.96 37.28 15.32
N PHE E 338 5.12 36.59 16.08
CA PHE E 338 3.97 35.91 15.47
C PHE E 338 2.90 36.88 14.99
N LYS E 339 3.00 38.15 15.37
CA LYS E 339 2.11 39.21 14.88
C LYS E 339 2.79 40.54 15.17
N LYS E 340 2.16 41.62 14.72
CA LYS E 340 2.76 42.93 14.90
C LYS E 340 2.53 43.45 16.32
N ASP E 341 3.38 44.39 16.72
CA ASP E 341 3.27 45.10 18.01
C ASP E 341 3.47 44.16 19.20
N THR E 342 4.40 43.22 19.07
CA THR E 342 4.76 42.34 20.18
C THR E 342 6.13 41.73 19.89
N GLY E 343 6.82 41.35 20.97
CA GLY E 343 8.06 40.63 20.86
C GLY E 343 7.92 39.13 20.98
N ASP E 344 6.68 38.65 21.12
CA ASP E 344 6.43 37.23 21.32
C ASP E 344 6.64 36.47 20.01
N THR E 345 7.38 35.37 20.07
CA THR E 345 7.70 34.56 18.91
C THR E 345 7.10 33.16 18.97
N ARG E 346 6.32 32.85 20.01
CA ARG E 346 5.83 31.50 20.21
C ARG E 346 4.95 31.07 19.03
N GLU E 347 5.34 29.94 18.41
CA GLU E 347 4.68 29.36 17.25
C GLU E 347 4.60 30.33 16.07
N SER E 348 5.51 31.29 16.00
CA SER E 348 5.49 32.24 14.88
C SER E 348 5.79 31.53 13.57
N SER E 349 5.09 31.95 12.51
CA SER E 349 5.35 31.39 11.20
C SER E 349 6.75 31.73 10.70
N SER E 350 7.34 32.82 11.20
CA SER E 350 8.72 33.15 10.83
C SER E 350 9.68 32.03 11.21
N ILE E 351 9.40 31.31 12.30
CA ILE E 351 10.25 30.19 12.69
C ILE E 351 10.18 29.09 11.64
N TYR E 352 8.97 28.75 11.19
CA TYR E 352 8.80 27.66 10.24
C TYR E 352 9.33 28.02 8.86
N ILE E 353 9.12 29.26 8.43
CA ILE E 353 9.65 29.69 7.13
C ILE E 353 11.17 29.69 7.16
N SER E 354 11.76 30.10 8.28
CA SER E 354 13.21 30.05 8.42
C SER E 354 13.70 28.60 8.39
N LYS E 355 13.00 27.69 9.07
CA LYS E 355 13.42 26.30 9.09
C LYS E 355 13.40 25.68 7.70
N TYR E 356 12.33 25.92 6.94
CA TYR E 356 12.24 25.38 5.59
C TYR E 356 13.33 25.95 4.69
N LEU E 357 13.64 27.24 4.85
CA LEU E 357 14.69 27.84 4.03
C LEU E 357 16.08 27.40 4.47
N MET E 358 16.26 27.15 5.78
CA MET E 358 17.55 26.66 6.26
C MET E 358 17.82 25.24 5.80
N ASP E 359 16.77 24.43 5.64
CA ASP E 359 16.95 23.08 5.13
C ASP E 359 17.45 23.09 3.68
N GLU E 360 17.27 24.19 2.96
CA GLU E 360 17.78 24.34 1.62
C GLU E 360 19.14 25.04 1.59
N GLY E 361 19.68 25.40 2.75
CA GLY E 361 20.99 26.02 2.81
C GLY E 361 21.01 27.53 2.65
N ALA E 362 19.91 28.21 2.94
CA ALA E 362 19.85 29.65 2.77
C ALA E 362 20.60 30.37 3.88
N HIS E 363 21.15 31.53 3.53
CA HIS E 363 21.79 32.43 4.50
C HIS E 363 20.77 33.50 4.86
N LEU E 364 20.17 33.34 6.03
CA LEU E 364 19.07 34.20 6.46
C LEU E 364 19.60 35.40 7.25
N HIS E 365 19.13 36.59 6.89
CA HIS E 365 19.37 37.81 7.65
C HIS E 365 18.01 38.27 8.19
N ILE E 366 17.81 38.09 9.49
CA ILE E 366 16.51 38.31 10.12
C ILE E 366 16.52 39.66 10.81
N TYR E 367 15.47 40.46 10.57
CA TYR E 367 15.26 41.71 11.28
C TYR E 367 13.87 41.72 11.89
N ASP E 368 13.78 42.14 13.16
CA ASP E 368 12.51 42.39 13.82
C ASP E 368 12.73 43.55 14.78
N PRO E 369 11.83 44.53 14.81
CA PRO E 369 12.09 45.72 15.63
C PRO E 369 11.96 45.49 17.13
N LYS E 370 11.28 44.43 17.57
CA LYS E 370 11.05 44.22 18.99
C LYS E 370 11.48 42.86 19.52
N VAL E 371 11.78 41.90 18.67
CA VAL E 371 12.18 40.58 19.17
C VAL E 371 13.67 40.63 19.52
N PRO E 372 14.04 40.27 20.75
CA PRO E 372 15.47 40.23 21.10
C PRO E 372 16.21 39.18 20.28
N ARG E 373 17.47 39.48 19.96
CA ARG E 373 18.24 38.61 19.08
C ARG E 373 18.44 37.23 19.70
N GLU E 374 18.60 37.18 21.02
CA GLU E 374 18.81 35.88 21.67
C GLU E 374 17.59 34.99 21.58
N GLN E 375 16.39 35.58 21.57
CA GLN E 375 15.19 34.77 21.39
C GLN E 375 15.14 34.14 20.00
N ILE E 376 15.60 34.88 18.99
CA ILE E 376 15.63 34.33 17.63
C ILE E 376 16.60 33.15 17.56
N VAL E 377 17.76 33.28 18.20
CA VAL E 377 18.74 32.19 18.20
C VAL E 377 18.16 30.96 18.88
N VAL E 378 17.49 31.14 20.01
CA VAL E 378 16.92 30.00 20.74
C VAL E 378 15.83 29.33 19.91
N ASP E 379 14.99 30.12 19.24
CA ASP E 379 13.89 29.55 18.47
C ASP E 379 14.39 28.70 17.31
N LEU E 380 15.45 29.13 16.65
CA LEU E 380 15.98 28.40 15.51
C LEU E 380 16.96 27.30 15.91
N SER E 381 17.51 27.35 17.11
CA SER E 381 18.42 26.32 17.59
C SER E 381 17.69 25.13 18.19
N HIS E 382 16.38 25.03 18.01
CA HIS E 382 15.62 23.92 18.57
C HIS E 382 15.92 22.64 17.77
N PRO E 383 16.18 21.51 18.45
CA PRO E 383 16.51 20.25 17.78
C PRO E 383 15.35 19.67 16.98
N ASP E 389 24.50 24.48 15.27
CA ASP E 389 25.29 24.24 14.08
C ASP E 389 24.69 24.91 12.86
N GLN E 390 23.48 24.51 12.47
CA GLN E 390 22.81 25.11 11.32
C GLN E 390 22.58 26.59 11.53
N VAL E 391 22.19 26.97 12.72
CA VAL E 391 21.97 28.36 13.01
C VAL E 391 23.27 29.13 12.90
N SER E 392 24.34 28.54 13.39
CA SER E 392 25.64 29.17 13.35
C SER E 392 26.12 29.35 11.92
N ARG E 393 25.91 28.36 11.08
CA ARG E 393 26.29 28.48 9.69
C ARG E 393 25.50 29.43 8.84
N LEU E 394 24.19 29.40 9.02
CA LEU E 394 23.31 30.13 8.16
C LEU E 394 22.57 31.35 8.64
N VAL E 395 22.60 31.66 9.91
CA VAL E 395 21.82 32.75 10.41
C VAL E 395 22.50 33.98 10.92
N THR E 396 22.00 35.10 10.46
CA THR E 396 22.48 36.39 10.86
C THR E 396 21.31 37.25 11.38
N ILE E 397 21.46 37.87 12.54
CA ILE E 397 20.46 38.76 13.10
C ILE E 397 20.86 40.19 12.79
N SER E 398 20.05 40.89 12.01
CA SER E 398 20.35 42.24 11.57
C SER E 398 19.73 43.26 12.52
N LYS E 399 20.36 44.44 12.58
CA LYS E 399 19.89 45.53 13.43
C LYS E 399 19.02 46.53 12.69
N ASP E 400 19.03 46.52 11.36
CA ASP E 400 18.16 47.37 10.56
C ASP E 400 17.84 46.63 9.27
N PRO E 401 16.66 46.89 8.67
CA PRO E 401 16.25 46.10 7.51
C PRO E 401 17.13 46.27 6.28
N TYR E 402 17.85 47.40 6.16
CA TYR E 402 18.59 47.66 4.94
C TYR E 402 19.84 46.79 4.84
N GLU E 403 20.45 46.42 5.97
CA GLU E 403 21.56 45.48 5.93
C GLU E 403 21.08 44.04 5.82
N ALA E 404 19.86 43.75 6.26
CA ALA E 404 19.28 42.44 6.04
C ALA E 404 18.99 42.19 4.56
N CYS E 405 18.63 43.23 3.83
CA CYS E 405 18.31 43.12 2.41
C CYS E 405 19.51 43.39 1.50
N ASP E 406 20.62 43.85 2.05
CA ASP E 406 21.78 44.22 1.25
C ASP E 406 22.40 42.97 0.64
N GLY E 407 22.34 42.87 -0.69
CA GLY E 407 22.84 41.69 -1.37
C GLY E 407 21.97 40.46 -1.25
N ALA E 408 20.68 40.63 -0.97
CA ALA E 408 19.77 39.51 -0.81
C ALA E 408 19.09 39.17 -2.14
N HIS E 409 18.72 37.90 -2.29
CA HIS E 409 17.95 37.47 -3.45
C HIS E 409 16.46 37.76 -3.27
N ALA E 410 15.96 37.71 -2.04
CA ALA E 410 14.54 37.89 -1.78
C ALA E 410 14.35 38.51 -0.41
N VAL E 411 13.29 39.30 -0.29
CA VAL E 411 12.83 39.84 0.98
C VAL E 411 11.53 39.13 1.33
N VAL E 412 11.50 38.50 2.50
CA VAL E 412 10.36 37.69 2.93
C VAL E 412 9.75 38.36 4.15
N ILE E 413 8.57 38.96 3.96
CA ILE E 413 7.86 39.61 5.06
C ILE E 413 6.94 38.59 5.71
N CYS E 414 7.18 38.32 6.99
CA CYS E 414 6.38 37.35 7.72
C CYS E 414 5.54 37.96 8.83
N THR E 415 5.83 39.19 9.23
CA THR E 415 5.07 39.89 10.27
C THR E 415 4.62 41.24 9.75
N GLU E 416 3.37 41.61 10.06
CA GLU E 416 2.76 42.81 9.49
C GLU E 416 3.15 44.09 10.22
N TRP E 417 4.42 44.26 10.58
CA TRP E 417 4.88 45.50 11.18
C TRP E 417 4.60 46.67 10.24
N ASP E 418 4.01 47.74 10.81
CA ASP E 418 3.64 48.90 9.99
C ASP E 418 4.87 49.54 9.34
N MET E 419 6.03 49.43 9.98
CA MET E 419 7.23 50.09 9.47
C MET E 419 7.69 49.51 8.14
N PHE E 420 7.29 48.28 7.80
CA PHE E 420 7.70 47.67 6.54
C PHE E 420 7.02 48.31 5.34
N LYS E 421 5.94 49.08 5.57
CA LYS E 421 5.30 49.82 4.50
C LYS E 421 6.02 51.13 4.17
N GLU E 422 6.89 51.60 5.07
CA GLU E 422 7.54 52.89 4.93
C GLU E 422 9.00 52.77 4.51
N LEU E 423 9.47 51.56 4.21
CA LEU E 423 10.87 51.38 3.84
C LEU E 423 11.16 52.03 2.49
N ASP E 424 12.44 52.37 2.29
CA ASP E 424 12.92 52.91 1.02
C ASP E 424 13.22 51.72 0.11
N TYR E 425 12.22 51.31 -0.68
CA TYR E 425 12.37 50.15 -1.53
C TYR E 425 13.16 50.43 -2.80
N GLU E 426 13.31 51.71 -3.19
CA GLU E 426 14.26 52.03 -4.25
C GLU E 426 15.69 51.77 -3.79
N ARG E 427 16.01 52.19 -2.57
CA ARG E 427 17.34 51.93 -2.02
C ARG E 427 17.59 50.44 -1.85
N ILE E 428 16.56 49.69 -1.44
CA ILE E 428 16.72 48.26 -1.24
C ILE E 428 16.95 47.54 -2.57
N HIS E 429 16.21 47.94 -3.61
CA HIS E 429 16.36 47.28 -4.91
C HIS E 429 17.75 47.47 -5.49
N LYS E 430 18.37 48.63 -5.26
CA LYS E 430 19.70 48.89 -5.81
C LYS E 430 20.74 47.93 -5.27
N LYS E 431 20.59 47.49 -4.02
CA LYS E 431 21.57 46.65 -3.36
C LYS E 431 21.24 45.16 -3.42
N MET E 432 20.09 44.78 -3.97
CA MET E 432 19.72 43.39 -4.06
C MET E 432 20.23 42.78 -5.36
N LEU E 433 20.41 41.46 -5.35
CA LEU E 433 20.70 40.72 -6.57
C LEU E 433 19.43 40.58 -7.39
N LYS E 434 19.59 40.59 -8.71
CA LYS E 434 18.45 40.52 -9.62
C LYS E 434 18.33 39.13 -10.24
N PRO E 435 17.10 38.61 -10.34
CA PRO E 435 15.83 39.24 -9.98
C PRO E 435 15.61 39.38 -8.47
N ALA E 436 15.13 40.57 -8.07
CA ALA E 436 14.87 40.86 -6.67
C ALA E 436 13.42 40.52 -6.34
N PHE E 437 13.22 39.66 -5.36
CA PHE E 437 11.89 39.17 -5.00
C PHE E 437 11.47 39.77 -3.66
N ILE E 438 10.18 40.09 -3.56
CA ILE E 438 9.55 40.43 -2.29
C ILE E 438 8.39 39.47 -2.08
N PHE E 439 8.46 38.69 -1.01
CA PHE E 439 7.40 37.76 -0.67
C PHE E 439 6.60 38.34 0.48
N ASP E 440 5.46 38.94 0.15
CA ASP E 440 4.57 39.55 1.13
C ASP E 440 3.69 38.46 1.72
N GLY E 441 4.06 37.99 2.90
CA GLY E 441 3.27 36.99 3.59
C GLY E 441 2.14 37.52 4.43
N ARG E 442 1.88 38.83 4.36
CA ARG E 442 0.86 39.45 5.21
C ARG E 442 -0.01 40.46 4.47
N ARG E 443 0.15 40.62 3.16
CA ARG E 443 -0.59 41.62 2.39
C ARG E 443 -0.34 43.04 2.91
N VAL E 444 0.88 43.30 3.39
CA VAL E 444 1.18 44.61 3.94
C VAL E 444 1.55 45.61 2.85
N LEU E 445 2.08 45.13 1.73
CA LEU E 445 2.49 45.99 0.63
C LEU E 445 1.39 46.19 -0.39
N ASP E 446 0.14 45.87 -0.04
CA ASP E 446 -0.97 46.15 -0.93
C ASP E 446 -1.09 47.64 -1.17
N GLY E 447 -1.40 48.01 -2.42
CA GLY E 447 -1.40 49.40 -2.82
C GLY E 447 -0.06 49.93 -3.24
N LEU E 448 1.02 49.18 -3.02
CA LEU E 448 2.36 49.56 -3.45
C LEU E 448 2.89 48.71 -4.58
N HIS E 449 2.09 47.77 -5.10
CA HIS E 449 2.57 46.84 -6.11
C HIS E 449 2.99 47.57 -7.39
N ASN E 450 2.24 48.61 -7.78
CA ASN E 450 2.58 49.34 -8.99
C ASN E 450 3.93 50.04 -8.83
N GLU E 451 4.18 50.65 -7.68
CA GLU E 451 5.48 51.28 -7.44
C GLU E 451 6.59 50.24 -7.37
N LEU E 452 6.34 49.13 -6.67
CA LEU E 452 7.37 48.10 -6.52
C LEU E 452 7.67 47.42 -7.85
N GLN E 453 6.65 47.22 -8.68
CA GLN E 453 6.89 46.65 -10.01
C GLN E 453 7.67 47.62 -10.88
N THR E 454 7.36 48.91 -10.81
CA THR E 454 8.09 49.90 -11.60
C THR E 454 9.55 49.98 -11.17
N ILE E 455 9.81 49.82 -9.86
CA ILE E 455 11.18 49.81 -9.37
C ILE E 455 11.95 48.61 -9.92
N GLY E 456 11.27 47.48 -10.09
CA GLY E 456 11.89 46.31 -10.70
C GLY E 456 11.76 45.05 -9.86
N PHE E 457 10.89 45.09 -8.85
CA PHE E 457 10.72 43.95 -7.96
C PHE E 457 9.80 42.91 -8.57
N GLN E 458 10.04 41.65 -8.22
CA GLN E 458 9.11 40.56 -8.47
C GLN E 458 8.29 40.37 -7.19
N ILE E 459 7.03 40.77 -7.24
CA ILE E 459 6.15 40.75 -6.07
C ILE E 459 5.35 39.46 -6.07
N GLU E 460 5.49 38.67 -5.02
CA GLU E 460 4.68 37.49 -4.78
C GLU E 460 4.02 37.64 -3.42
N THR E 461 2.70 37.48 -3.37
CA THR E 461 1.96 37.70 -2.14
C THR E 461 0.91 36.61 -1.95
N ILE E 462 0.38 36.55 -0.73
CA ILE E 462 -0.59 35.52 -0.37
C ILE E 462 -1.90 35.77 -1.11
N GLY E 463 -2.44 34.71 -1.72
CA GLY E 463 -3.77 34.76 -2.27
C GLY E 463 -3.94 35.58 -3.52
N LYS E 464 -2.86 35.78 -4.29
CA LYS E 464 -2.94 36.51 -5.55
C LYS E 464 -1.79 36.06 -6.44
N LYS E 465 -2.12 35.55 -7.63
CA LYS E 465 -1.13 35.09 -8.60
C LYS E 465 -0.18 34.07 -8.00
N PHE F 2 -27.10 53.37 -21.79
CA PHE F 2 -28.07 52.29 -21.98
C PHE F 2 -28.96 52.16 -20.75
N GLU F 3 -30.26 51.93 -20.97
CA GLU F 3 -31.23 51.80 -19.90
C GLU F 3 -32.02 50.51 -20.10
N ILE F 4 -32.20 49.76 -19.02
CA ILE F 4 -32.92 48.49 -19.06
C ILE F 4 -34.39 48.77 -18.79
N LYS F 5 -35.25 48.41 -19.74
CA LYS F 5 -36.68 48.60 -19.60
C LYS F 5 -37.48 47.31 -19.66
N LYS F 6 -36.94 46.24 -20.23
CA LYS F 6 -37.60 44.95 -20.27
C LYS F 6 -36.67 43.90 -19.70
N ILE F 7 -37.19 43.07 -18.80
CA ILE F 7 -36.41 42.03 -18.13
C ILE F 7 -37.12 40.70 -18.27
N CYS F 8 -36.39 39.70 -18.75
CA CYS F 8 -36.85 38.32 -18.78
C CYS F 8 -36.02 37.48 -17.83
N CYS F 9 -36.64 36.48 -17.22
CA CYS F 9 -35.96 35.59 -16.29
C CYS F 9 -36.32 34.15 -16.62
N ILE F 10 -35.33 33.36 -17.00
CA ILE F 10 -35.52 31.94 -17.30
C ILE F 10 -35.35 31.19 -15.99
N GLY F 11 -36.46 30.74 -15.41
CA GLY F 11 -36.44 30.07 -14.12
C GLY F 11 -37.35 30.75 -13.12
N ALA F 12 -38.47 30.10 -12.79
CA ALA F 12 -39.47 30.64 -11.88
C ALA F 12 -39.50 29.88 -10.56
N GLY F 13 -38.33 29.52 -10.04
CA GLY F 13 -38.21 28.78 -8.81
C GLY F 13 -38.10 29.68 -7.59
N TYR F 14 -37.43 29.16 -6.55
CA TYR F 14 -37.27 29.92 -5.32
C TYR F 14 -36.35 31.12 -5.49
N VAL F 15 -35.57 31.18 -6.57
CA VAL F 15 -34.66 32.29 -6.81
C VAL F 15 -35.29 33.27 -7.77
N GLY F 16 -35.55 32.83 -9.01
CA GLY F 16 -36.06 33.72 -10.02
C GLY F 16 -37.42 34.31 -9.70
N GLY F 17 -38.24 33.56 -8.97
CA GLY F 17 -39.57 34.01 -8.62
C GLY F 17 -39.57 35.24 -7.73
N PRO F 18 -39.11 35.07 -6.48
CA PRO F 18 -39.11 36.21 -5.56
C PRO F 18 -38.20 37.35 -6.00
N THR F 19 -37.08 37.06 -6.67
CA THR F 19 -36.18 38.11 -7.10
C THR F 19 -36.87 39.05 -8.09
N CYS F 20 -37.54 38.48 -9.09
CA CYS F 20 -38.20 39.30 -10.10
C CYS F 20 -39.44 39.98 -9.54
N SER F 21 -40.10 39.36 -8.54
CA SER F 21 -41.25 39.99 -7.92
C SER F 21 -40.84 41.26 -7.17
N VAL F 22 -39.67 41.24 -6.54
CA VAL F 22 -39.18 42.43 -5.85
C VAL F 22 -38.68 43.46 -6.85
N ILE F 23 -38.00 43.00 -7.91
CA ILE F 23 -37.52 43.92 -8.93
C ILE F 23 -38.69 44.66 -9.58
N ALA F 24 -39.74 43.91 -9.93
CA ALA F 24 -40.92 44.54 -10.51
C ALA F 24 -41.61 45.46 -9.51
N HIS F 25 -41.57 45.12 -8.23
CA HIS F 25 -42.20 45.96 -7.22
C HIS F 25 -41.41 47.26 -7.00
N MET F 26 -40.09 47.18 -7.07
CA MET F 26 -39.25 48.36 -6.87
C MET F 26 -39.00 49.16 -8.14
N CYS F 27 -39.12 48.53 -9.32
CA CYS F 27 -38.92 49.19 -10.60
C CYS F 27 -40.24 49.14 -11.36
N PRO F 28 -41.14 50.09 -11.10
CA PRO F 28 -42.46 50.06 -11.78
C PRO F 28 -42.38 50.40 -13.25
N GLU F 29 -41.35 51.12 -13.71
CA GLU F 29 -41.21 51.46 -15.12
C GLU F 29 -40.55 50.36 -15.93
N ILE F 30 -40.21 49.24 -15.32
CA ILE F 30 -39.54 48.13 -15.98
C ILE F 30 -40.52 46.97 -16.08
N ARG F 31 -40.66 46.40 -17.28
CA ARG F 31 -41.51 45.24 -17.48
C ARG F 31 -40.72 43.98 -17.13
N VAL F 32 -41.26 43.18 -16.22
CA VAL F 32 -40.59 41.98 -15.73
C VAL F 32 -41.44 40.77 -16.11
N THR F 33 -40.84 39.85 -16.87
CA THR F 33 -41.52 38.64 -17.34
C THR F 33 -40.71 37.44 -16.88
N VAL F 34 -41.33 36.59 -16.07
CA VAL F 34 -40.69 35.37 -15.56
C VAL F 34 -41.20 34.19 -16.38
N VAL F 35 -40.27 33.40 -16.93
CA VAL F 35 -40.63 32.27 -17.77
C VAL F 35 -40.06 31.00 -17.16
N ASP F 36 -40.68 29.87 -17.51
CA ASP F 36 -40.33 28.58 -16.95
C ASP F 36 -40.91 27.49 -17.83
N VAL F 37 -40.23 26.34 -17.85
CA VAL F 37 -40.71 25.22 -18.66
C VAL F 37 -41.81 24.42 -17.95
N ASN F 38 -41.89 24.51 -16.62
CA ASN F 38 -42.92 23.82 -15.85
C ASN F 38 -44.20 24.64 -15.94
N GLU F 39 -45.17 24.17 -16.73
CA GLU F 39 -46.42 24.91 -16.88
C GLU F 39 -47.23 24.91 -15.58
N SER F 40 -47.18 23.80 -14.83
CA SER F 40 -47.90 23.75 -13.56
C SER F 40 -47.39 24.81 -12.59
N ARG F 41 -46.08 25.04 -12.58
CA ARG F 41 -45.52 26.07 -11.71
C ARG F 41 -45.89 27.46 -12.22
N ILE F 42 -45.87 27.67 -13.53
CA ILE F 42 -46.24 28.97 -14.09
C ILE F 42 -47.70 29.28 -13.80
N ASN F 43 -48.58 28.29 -13.96
CA ASN F 43 -49.99 28.49 -13.65
C ASN F 43 -50.20 28.87 -12.20
N ALA F 44 -49.41 28.27 -11.30
CA ALA F 44 -49.54 28.59 -9.88
C ALA F 44 -49.11 30.03 -9.59
N TRP F 45 -48.11 30.52 -10.31
CA TRP F 45 -47.69 31.92 -10.12
C TRP F 45 -48.77 32.90 -10.54
N ASN F 46 -49.61 32.52 -11.51
CA ASN F 46 -50.73 33.35 -11.94
C ASN F 46 -52.01 33.03 -11.19
N SER F 47 -51.99 32.11 -10.24
CA SER F 47 -53.14 31.70 -9.45
C SER F 47 -53.09 32.36 -8.07
N PRO F 48 -54.20 32.34 -7.34
CA PRO F 48 -54.16 32.87 -5.96
C PRO F 48 -53.31 32.05 -5.01
N THR F 49 -52.86 30.86 -5.41
CA THR F 49 -52.01 30.01 -4.58
C THR F 49 -50.65 29.89 -5.25
N LEU F 50 -49.67 30.62 -4.74
CA LEU F 50 -48.33 30.57 -5.31
C LEU F 50 -47.71 29.19 -5.10
N PRO F 51 -46.82 28.77 -6.01
CA PRO F 51 -46.24 27.42 -5.88
C PRO F 51 -45.28 27.27 -4.72
N ILE F 52 -44.72 28.37 -4.22
CA ILE F 52 -43.81 28.32 -3.09
C ILE F 52 -44.36 29.22 -1.98
N TYR F 53 -44.08 28.85 -0.75
CA TYR F 53 -44.47 29.66 0.40
C TYR F 53 -43.30 30.53 0.82
N GLU F 54 -43.47 31.84 0.69
CA GLU F 54 -42.50 32.81 1.14
C GLU F 54 -43.24 33.92 1.87
N PRO F 55 -42.89 34.21 3.12
CA PRO F 55 -43.62 35.24 3.88
C PRO F 55 -43.54 36.60 3.19
N GLY F 56 -44.71 37.15 2.89
CA GLY F 56 -44.80 38.43 2.21
C GLY F 56 -44.78 38.37 0.71
N LEU F 57 -44.43 37.23 0.12
CA LEU F 57 -44.36 37.13 -1.34
C LEU F 57 -45.74 37.30 -1.98
N LYS F 58 -46.78 36.80 -1.31
CA LYS F 58 -48.13 36.91 -1.86
C LYS F 58 -48.53 38.38 -2.05
N GLU F 59 -48.12 39.24 -1.13
CA GLU F 59 -48.47 40.66 -1.21
C GLU F 59 -47.67 41.37 -2.29
N VAL F 60 -46.40 40.99 -2.47
CA VAL F 60 -45.56 41.68 -3.44
C VAL F 60 -45.99 41.32 -4.86
N VAL F 61 -46.25 40.02 -5.12
CA VAL F 61 -46.63 39.59 -6.46
C VAL F 61 -47.97 40.20 -6.86
N GLU F 62 -48.99 40.06 -6.01
CA GLU F 62 -50.30 40.61 -6.32
C GLU F 62 -50.32 42.13 -6.40
N SER F 63 -49.26 42.80 -5.91
CA SER F 63 -49.19 44.24 -6.01
C SER F 63 -48.81 44.73 -7.39
N CYS F 64 -48.24 43.87 -8.23
CA CYS F 64 -47.79 44.28 -9.55
C CYS F 64 -47.99 43.23 -10.64
N ARG F 65 -48.57 42.07 -10.33
CA ARG F 65 -48.83 41.08 -11.35
C ARG F 65 -49.95 41.57 -12.27
N GLY F 66 -49.67 41.56 -13.58
CA GLY F 66 -50.57 42.15 -14.55
C GLY F 66 -50.27 43.59 -14.88
N LYS F 67 -49.51 44.29 -14.03
CA LYS F 67 -49.11 45.67 -14.30
C LYS F 67 -47.77 45.68 -15.02
N ASN F 68 -46.71 45.24 -14.35
CA ASN F 68 -45.40 45.11 -14.95
C ASN F 68 -44.72 43.78 -14.62
N LEU F 69 -45.37 42.91 -13.86
CA LEU F 69 -44.85 41.59 -13.54
C LEU F 69 -45.73 40.53 -14.19
N PHE F 70 -45.12 39.65 -14.97
CA PHE F 70 -45.86 38.64 -15.71
C PHE F 70 -45.16 37.30 -15.62
N PHE F 71 -45.95 36.23 -15.60
CA PHE F 71 -45.46 34.86 -15.59
C PHE F 71 -46.01 34.15 -16.82
N SER F 72 -45.12 33.55 -17.61
CA SER F 72 -45.53 32.96 -18.87
C SER F 72 -44.69 31.73 -19.17
N THR F 73 -45.24 30.86 -20.01
CA THR F 73 -44.50 29.72 -20.54
C THR F 73 -43.86 30.03 -21.89
N ASN F 74 -44.15 31.20 -22.47
CA ASN F 74 -43.59 31.61 -23.75
C ASN F 74 -42.17 32.11 -23.52
N ILE F 75 -41.21 31.19 -23.56
CA ILE F 75 -39.82 31.54 -23.30
C ILE F 75 -39.22 32.29 -24.49
N ASP F 76 -39.62 31.92 -25.71
CA ASP F 76 -38.97 32.46 -26.90
C ASP F 76 -39.21 33.95 -27.04
N ASP F 77 -40.47 34.37 -26.99
CA ASP F 77 -40.81 35.77 -27.21
C ASP F 77 -40.36 36.66 -26.05
N ALA F 78 -40.31 36.12 -24.84
CA ALA F 78 -39.85 36.91 -23.70
C ALA F 78 -38.37 37.27 -23.84
N ILE F 79 -37.56 36.33 -24.34
CA ILE F 79 -36.16 36.62 -24.60
C ILE F 79 -36.01 37.58 -25.76
N LYS F 80 -36.89 37.47 -26.76
CA LYS F 80 -36.76 38.29 -27.97
C LYS F 80 -36.89 39.77 -27.66
N GLU F 81 -37.71 40.14 -26.68
CA GLU F 81 -37.98 41.54 -26.38
C GLU F 81 -37.14 42.10 -25.24
N ALA F 82 -36.58 41.25 -24.41
CA ALA F 82 -35.90 41.69 -23.19
C ALA F 82 -34.57 42.34 -23.48
N ASP F 83 -34.23 43.36 -22.68
CA ASP F 83 -32.90 43.94 -22.66
C ASP F 83 -31.98 43.23 -21.69
N LEU F 84 -32.54 42.67 -20.61
CA LEU F 84 -31.80 41.92 -19.62
C LEU F 84 -32.47 40.57 -19.44
N VAL F 85 -31.70 39.49 -19.61
CA VAL F 85 -32.21 38.14 -19.50
C VAL F 85 -31.55 37.48 -18.30
N PHE F 86 -32.32 37.19 -17.26
CA PHE F 86 -31.81 36.47 -16.10
C PHE F 86 -31.89 34.97 -16.35
N ILE F 87 -30.85 34.26 -15.91
CA ILE F 87 -30.83 32.81 -15.93
C ILE F 87 -30.77 32.35 -14.49
N SER F 88 -31.89 31.79 -14.00
CA SER F 88 -32.00 31.33 -12.61
C SER F 88 -32.57 29.90 -12.61
N VAL F 89 -31.87 29.00 -13.29
CA VAL F 89 -32.28 27.62 -13.38
C VAL F 89 -31.46 26.79 -12.40
N ASN F 90 -31.89 25.55 -12.18
CA ASN F 90 -31.21 24.65 -11.27
C ASN F 90 -30.13 23.87 -11.99
N THR F 91 -29.01 23.64 -11.28
CA THR F 91 -27.89 22.87 -11.79
C THR F 91 -27.73 21.63 -10.92
N PRO F 92 -28.38 20.52 -11.27
CA PRO F 92 -28.28 19.32 -10.44
C PRO F 92 -26.88 18.73 -10.49
N THR F 93 -26.62 17.83 -9.55
CA THR F 93 -25.35 17.12 -9.51
C THR F 93 -25.41 15.91 -10.44
N LYS F 94 -24.32 15.69 -11.17
CA LYS F 94 -24.26 14.56 -12.09
C LYS F 94 -24.48 13.24 -11.37
N THR F 95 -25.33 12.40 -11.94
CA THR F 95 -25.65 11.10 -11.37
C THR F 95 -24.82 9.97 -11.97
N TYR F 96 -23.99 10.26 -12.98
CA TYR F 96 -23.13 9.27 -13.59
C TYR F 96 -22.02 9.99 -14.34
N GLY F 97 -21.03 9.22 -14.78
CA GLY F 97 -19.92 9.78 -15.51
C GLY F 97 -18.87 10.38 -14.60
N MET F 98 -17.98 11.15 -15.22
CA MET F 98 -16.91 11.82 -14.47
C MET F 98 -17.50 12.85 -13.52
N GLY F 99 -17.14 12.74 -12.25
CA GLY F 99 -17.68 13.63 -11.24
C GLY F 99 -19.01 13.21 -10.69
N LYS F 100 -19.40 11.95 -10.85
CA LYS F 100 -20.67 11.43 -10.35
C LYS F 100 -20.81 11.69 -8.86
N GLY F 101 -21.89 12.37 -8.48
CA GLY F 101 -22.17 12.68 -7.09
C GLY F 101 -21.51 13.93 -6.55
N ARG F 102 -20.65 14.58 -7.33
CA ARG F 102 -19.95 15.76 -6.86
C ARG F 102 -20.08 16.92 -7.84
N ALA F 103 -19.83 16.65 -9.12
CA ALA F 103 -19.80 17.71 -10.13
C ALA F 103 -21.21 18.10 -10.53
N ALA F 104 -21.39 19.40 -10.78
CA ALA F 104 -22.68 19.92 -11.22
C ALA F 104 -22.92 19.59 -12.68
N ASP F 105 -24.19 19.45 -13.05
CA ASP F 105 -24.61 19.19 -14.42
C ASP F 105 -25.06 20.51 -15.04
N LEU F 106 -24.31 21.00 -16.01
CA LEU F 106 -24.54 22.31 -16.61
C LEU F 106 -25.43 22.25 -17.85
N LYS F 107 -26.17 21.16 -18.04
CA LYS F 107 -26.95 21.01 -19.26
C LYS F 107 -28.10 22.01 -19.34
N TYR F 108 -28.67 22.39 -18.19
CA TYR F 108 -29.76 23.35 -18.22
C TYR F 108 -29.28 24.76 -18.51
N ILE F 109 -28.17 25.16 -17.90
CA ILE F 109 -27.58 26.47 -18.20
C ILE F 109 -27.13 26.53 -19.64
N GLU F 110 -26.57 25.43 -20.16
CA GLU F 110 -26.16 25.38 -21.55
C GLU F 110 -27.36 25.50 -22.49
N ALA F 111 -28.47 24.84 -22.15
CA ALA F 111 -29.67 24.94 -22.98
C ALA F 111 -30.22 26.36 -22.96
N CYS F 112 -30.18 27.02 -21.79
CA CYS F 112 -30.64 28.40 -21.72
C CYS F 112 -29.78 29.32 -22.59
N ALA F 113 -28.46 29.13 -22.55
CA ALA F 113 -27.57 29.96 -23.36
C ALA F 113 -27.84 29.77 -24.84
N ARG F 114 -28.01 28.53 -25.29
CA ARG F 114 -28.30 28.28 -26.70
C ARG F 114 -29.67 28.83 -27.09
N ARG F 115 -30.66 28.69 -26.20
CA ARG F 115 -31.99 29.20 -26.52
C ARG F 115 -32.00 30.72 -26.54
N ILE F 116 -31.14 31.38 -25.78
CA ILE F 116 -31.02 32.83 -25.86
C ILE F 116 -30.49 33.25 -27.22
N VAL F 117 -29.44 32.57 -27.69
CA VAL F 117 -28.88 32.86 -29.02
C VAL F 117 -29.93 32.63 -30.10
N GLN F 118 -30.77 31.61 -29.91
CA GLN F 118 -31.77 31.27 -30.93
C GLN F 118 -32.82 32.36 -31.07
N ASN F 119 -33.06 33.15 -30.03
CA ASN F 119 -34.15 34.12 -30.02
C ASN F 119 -33.66 35.53 -29.68
N SER F 120 -32.44 35.89 -30.06
CA SER F 120 -31.89 37.19 -29.73
C SER F 120 -31.34 37.88 -30.96
N ASN F 121 -31.60 39.18 -31.05
CA ASN F 121 -30.98 40.05 -32.03
C ASN F 121 -30.66 41.38 -31.36
N GLY F 122 -29.58 42.01 -31.79
CA GLY F 122 -29.19 43.29 -31.23
C GLY F 122 -28.40 43.14 -29.94
N TYR F 123 -28.58 44.10 -29.05
CA TYR F 123 -27.85 44.15 -27.78
C TYR F 123 -28.70 43.61 -26.65
N LYS F 124 -28.15 42.68 -25.89
CA LYS F 124 -28.81 42.12 -24.71
C LYS F 124 -27.76 41.84 -23.65
N ILE F 125 -28.18 41.95 -22.38
CA ILE F 125 -27.34 41.63 -21.23
C ILE F 125 -27.88 40.36 -20.60
N VAL F 126 -27.07 39.31 -20.60
CA VAL F 126 -27.44 38.02 -20.04
C VAL F 126 -26.75 37.85 -18.70
N THR F 127 -27.52 37.63 -17.65
CA THR F 127 -27.01 37.57 -16.29
C THR F 127 -27.42 36.27 -15.64
N GLU F 128 -26.46 35.54 -15.08
CA GLU F 128 -26.72 34.31 -14.36
C GLU F 128 -26.90 34.63 -12.89
N LYS F 129 -28.06 34.27 -12.34
CA LYS F 129 -28.37 34.52 -10.93
C LYS F 129 -28.76 33.20 -10.27
N SER F 130 -27.96 32.80 -9.28
CA SER F 130 -28.25 31.59 -8.52
C SER F 130 -27.52 31.68 -7.18
N THR F 131 -27.85 30.76 -6.29
CA THR F 131 -27.16 30.69 -5.00
C THR F 131 -25.89 29.84 -5.07
N VAL F 132 -25.80 28.91 -6.01
CA VAL F 132 -24.60 28.09 -6.19
C VAL F 132 -24.14 28.18 -7.65
N PRO F 133 -23.54 29.29 -8.07
CA PRO F 133 -23.05 29.39 -9.45
C PRO F 133 -21.68 28.71 -9.58
N VAL F 134 -21.63 27.64 -10.37
CA VAL F 134 -20.42 26.85 -10.55
C VAL F 134 -20.04 26.96 -12.03
N ARG F 135 -19.11 27.85 -12.35
CA ARG F 135 -18.60 28.02 -13.71
C ARG F 135 -19.74 28.31 -14.69
N ALA F 136 -20.76 29.02 -14.22
CA ALA F 136 -21.91 29.31 -15.06
C ALA F 136 -21.59 30.39 -16.08
N ALA F 137 -20.93 31.46 -15.65
CA ALA F 137 -20.63 32.56 -16.57
C ALA F 137 -19.69 32.12 -17.68
N GLU F 138 -18.73 31.26 -17.36
CA GLU F 138 -17.82 30.76 -18.40
C GLU F 138 -18.57 29.91 -19.41
N SER F 139 -19.48 29.05 -18.94
CA SER F 139 -20.23 28.19 -19.84
C SER F 139 -21.10 29.01 -20.79
N ILE F 140 -21.78 30.03 -20.27
CA ILE F 140 -22.61 30.88 -21.10
C ILE F 140 -21.76 31.66 -22.10
N ARG F 141 -20.61 32.17 -21.64
CA ARG F 141 -19.77 32.99 -22.51
C ARG F 141 -19.18 32.16 -23.66
N ARG F 142 -18.77 30.92 -23.38
CA ARG F 142 -18.21 30.08 -24.43
C ARG F 142 -19.24 29.77 -25.51
N ILE F 143 -20.52 29.68 -25.15
CA ILE F 143 -21.56 29.44 -26.14
C ILE F 143 -21.83 30.69 -26.97
N PHE F 144 -21.85 31.85 -26.32
CA PHE F 144 -22.11 33.09 -27.03
C PHE F 144 -20.99 33.44 -28.01
N ASP F 145 -19.74 33.20 -27.60
CA ASP F 145 -18.61 33.50 -28.47
C ASP F 145 -18.61 32.64 -29.72
N ALA F 146 -19.12 31.41 -29.63
CA ALA F 146 -19.12 30.49 -30.75
C ALA F 146 -20.35 30.60 -31.63
N ASN F 147 -21.42 31.24 -31.14
CA ASN F 147 -22.65 31.40 -31.90
C ASN F 147 -22.95 32.89 -32.05
N THR F 148 -22.17 33.57 -32.88
CA THR F 148 -22.32 34.99 -33.09
C THR F 148 -23.09 35.28 -34.37
N LYS F 149 -23.81 36.39 -34.37
CA LYS F 149 -24.59 36.87 -35.50
C LYS F 149 -24.21 38.31 -35.78
N PRO F 150 -24.50 38.80 -36.99
CA PRO F 150 -24.31 40.23 -37.26
C PRO F 150 -25.14 41.09 -36.32
N ASN F 151 -24.55 42.22 -35.91
CA ASN F 151 -25.13 43.19 -34.98
C ASN F 151 -25.74 42.53 -33.73
N LEU F 152 -25.27 41.33 -33.37
CA LEU F 152 -25.69 40.65 -32.16
C LEU F 152 -24.61 40.83 -31.10
N ASN F 153 -24.94 41.50 -30.00
CA ASN F 153 -23.98 41.82 -28.95
C ASN F 153 -24.56 41.37 -27.61
N LEU F 154 -24.23 40.15 -27.19
CA LEU F 154 -24.67 39.60 -25.93
C LEU F 154 -23.59 39.79 -24.88
N GLN F 155 -23.98 40.33 -23.73
CA GLN F 155 -23.09 40.51 -22.59
C GLN F 155 -23.43 39.50 -21.51
N VAL F 156 -22.39 38.95 -20.88
CA VAL F 156 -22.55 37.93 -19.85
C VAL F 156 -22.12 38.53 -18.52
N LEU F 157 -23.05 38.55 -17.56
CA LEU F 157 -22.77 39.05 -16.22
C LEU F 157 -23.04 37.95 -15.19
N SER F 158 -22.37 38.07 -14.05
CA SER F 158 -22.58 37.20 -12.90
C SER F 158 -23.18 38.03 -11.78
N ASN F 159 -24.33 37.61 -11.27
CA ASN F 159 -25.01 38.29 -10.16
C ASN F 159 -25.59 37.25 -9.23
N PRO F 160 -24.77 36.69 -8.35
CA PRO F 160 -25.26 35.67 -7.41
C PRO F 160 -26.29 36.26 -6.45
N GLU F 161 -27.18 35.40 -5.99
CA GLU F 161 -28.28 35.80 -5.11
C GLU F 161 -28.00 35.30 -3.70
N PHE F 162 -27.97 36.22 -2.75
CA PHE F 162 -27.65 35.92 -1.36
C PHE F 162 -28.88 35.67 -0.50
N LEU F 163 -30.07 35.60 -1.08
CA LEU F 163 -31.28 35.43 -0.27
C LEU F 163 -31.32 34.06 0.37
N ALA F 164 -31.92 34.00 1.56
CA ALA F 164 -32.19 32.76 2.25
C ALA F 164 -33.70 32.55 2.28
N GLU F 165 -34.13 31.32 1.94
CA GLU F 165 -35.56 31.03 1.91
C GLU F 165 -36.17 31.21 3.30
N GLY F 166 -37.45 31.59 3.32
CA GLY F 166 -38.11 31.99 4.55
C GLY F 166 -37.94 33.45 4.91
N THR F 167 -36.93 34.12 4.34
CA THR F 167 -36.72 35.55 4.53
C THR F 167 -36.35 36.22 3.22
N ALA F 168 -36.78 35.64 2.09
CA ALA F 168 -36.33 36.13 0.79
C ALA F 168 -36.80 37.55 0.53
N ILE F 169 -38.05 37.87 0.89
CA ILE F 169 -38.57 39.21 0.66
C ILE F 169 -37.78 40.23 1.46
N LYS F 170 -37.53 39.95 2.73
CA LYS F 170 -36.72 40.84 3.56
C LYS F 170 -35.31 40.99 3.00
N ASP F 171 -34.68 39.87 2.63
CA ASP F 171 -33.31 39.93 2.16
C ASP F 171 -33.20 40.66 0.82
N LEU F 172 -34.21 40.52 -0.05
CA LEU F 172 -34.17 41.19 -1.35
C LEU F 172 -34.39 42.69 -1.21
N LYS F 173 -35.26 43.10 -0.28
CA LYS F 173 -35.55 44.53 -0.13
C LYS F 173 -34.40 45.28 0.52
N ASN F 174 -33.67 44.64 1.43
CA ASN F 174 -32.56 45.29 2.14
C ASN F 174 -31.44 44.27 2.31
N PRO F 175 -30.68 43.99 1.25
CA PRO F 175 -29.58 43.05 1.36
C PRO F 175 -28.34 43.68 1.98
N ASP F 176 -27.47 42.82 2.50
CA ASP F 176 -26.19 43.29 3.00
C ASP F 176 -25.33 43.83 1.87
N ARG F 177 -25.31 43.14 0.73
CA ARG F 177 -24.57 43.60 -0.43
C ARG F 177 -25.15 42.96 -1.68
N VAL F 178 -24.93 43.63 -2.81
CA VAL F 178 -25.29 43.12 -4.13
C VAL F 178 -23.99 42.87 -4.89
N LEU F 179 -23.81 41.65 -5.39
CA LEU F 179 -22.58 41.26 -6.07
C LEU F 179 -22.86 41.14 -7.57
N ILE F 180 -22.09 41.87 -8.36
CA ILE F 180 -22.23 41.87 -9.82
C ILE F 180 -20.86 41.69 -10.44
N GLY F 181 -20.70 40.64 -11.23
CA GLY F 181 -19.45 40.35 -11.93
C GLY F 181 -19.60 40.55 -13.43
N GLY F 182 -18.55 41.05 -14.05
CA GLY F 182 -18.56 41.29 -15.49
C GLY F 182 -17.15 41.47 -16.01
N ASP F 183 -17.03 41.42 -17.34
CA ASP F 183 -15.73 41.52 -17.97
C ASP F 183 -15.11 42.90 -17.72
N GLU F 184 -13.78 42.92 -17.61
CA GLU F 184 -13.04 44.16 -17.38
C GLU F 184 -12.71 44.83 -18.72
N THR F 185 -13.76 45.08 -19.48
CA THR F 185 -13.68 45.69 -20.80
C THR F 185 -14.62 46.88 -20.84
N PRO F 186 -14.44 47.79 -21.79
CA PRO F 186 -15.44 48.87 -21.96
C PRO F 186 -16.84 48.34 -22.21
N GLU F 187 -16.96 47.19 -22.91
CA GLU F 187 -18.27 46.58 -23.10
C GLU F 187 -18.82 46.03 -21.79
N GLY F 188 -17.98 45.35 -21.01
CA GLY F 188 -18.44 44.76 -19.77
C GLY F 188 -18.78 45.77 -18.70
N GLN F 189 -18.05 46.90 -18.67
CA GLN F 189 -18.31 47.91 -17.65
C GLN F 189 -19.65 48.58 -17.87
N ARG F 190 -20.01 48.85 -19.13
CA ARG F 190 -21.31 49.47 -19.40
C ARG F 190 -22.46 48.50 -19.15
N ALA F 191 -22.22 47.20 -19.29
CA ALA F 191 -23.25 46.22 -18.97
C ALA F 191 -23.45 46.12 -17.46
N VAL F 192 -22.36 46.19 -16.69
CA VAL F 192 -22.46 46.15 -15.24
C VAL F 192 -23.17 47.39 -14.72
N GLN F 193 -22.81 48.57 -15.25
CA GLN F 193 -23.42 49.81 -14.79
C GLN F 193 -24.92 49.83 -15.06
N ALA F 194 -25.34 49.29 -16.21
CA ALA F 194 -26.77 49.24 -16.52
C ALA F 194 -27.52 48.39 -15.51
N LEU F 195 -26.93 47.26 -15.09
CA LEU F 195 -27.58 46.43 -14.09
C LEU F 195 -27.58 47.11 -12.72
N CYS F 196 -26.52 47.87 -12.42
CA CYS F 196 -26.49 48.60 -11.15
C CYS F 196 -27.63 49.61 -11.07
N ALA F 197 -27.95 50.27 -12.19
CA ALA F 197 -29.03 51.25 -12.20
C ALA F 197 -30.36 50.62 -11.82
N VAL F 198 -30.57 49.35 -12.17
CA VAL F 198 -31.79 48.67 -11.74
C VAL F 198 -31.79 48.47 -10.24
N TYR F 199 -30.67 48.01 -9.67
CA TYR F 199 -30.58 47.80 -8.24
C TYR F 199 -30.61 49.12 -7.47
N GLU F 200 -30.09 50.19 -8.06
CA GLU F 200 -30.07 51.48 -7.37
C GLU F 200 -31.45 52.09 -7.21
N HIS F 201 -32.49 51.47 -7.76
CA HIS F 201 -33.86 51.91 -7.50
C HIS F 201 -34.24 51.72 -6.04
N TRP F 202 -33.55 50.82 -5.32
CA TRP F 202 -33.84 50.64 -3.90
C TRP F 202 -32.63 50.20 -3.08
N VAL F 203 -31.47 50.01 -3.68
CA VAL F 203 -30.26 49.58 -2.99
C VAL F 203 -29.25 50.72 -3.03
N PRO F 204 -28.66 51.11 -1.91
CA PRO F 204 -27.63 52.14 -1.94
C PRO F 204 -26.41 51.69 -2.75
N ARG F 205 -25.72 52.67 -3.34
CA ARG F 205 -24.63 52.35 -4.26
C ARG F 205 -23.44 51.74 -3.55
N GLU F 206 -23.16 52.17 -2.31
CA GLU F 206 -22.01 51.64 -1.59
C GLU F 206 -22.18 50.17 -1.22
N LYS F 207 -23.41 49.66 -1.26
CA LYS F 207 -23.67 48.26 -0.97
C LYS F 207 -23.63 47.38 -2.21
N ILE F 208 -23.29 47.94 -3.37
CA ILE F 208 -23.22 47.20 -4.62
C ILE F 208 -21.75 47.02 -4.98
N LEU F 209 -21.27 45.78 -4.93
CA LEU F 209 -19.90 45.46 -5.26
C LEU F 209 -19.78 45.01 -6.71
N THR F 210 -18.74 45.49 -7.38
CA THR F 210 -18.47 45.13 -8.76
C THR F 210 -17.11 44.45 -8.87
N THR F 211 -17.04 43.42 -9.70
CA THR F 211 -15.81 42.68 -9.95
C THR F 211 -15.96 41.93 -11.26
N ASN F 212 -15.05 40.98 -11.50
CA ASN F 212 -15.14 40.14 -12.69
C ASN F 212 -16.05 38.94 -12.42
N THR F 213 -16.39 38.23 -13.49
CA THR F 213 -17.35 37.14 -13.38
C THR F 213 -16.83 36.02 -12.49
N TRP F 214 -15.57 35.64 -12.65
CA TRP F 214 -15.04 34.54 -11.86
C TRP F 214 -14.95 34.90 -10.39
N SER F 215 -14.40 36.07 -10.08
CA SER F 215 -14.30 36.50 -8.69
C SER F 215 -15.68 36.61 -8.05
N SER F 216 -16.69 36.97 -8.85
CA SER F 216 -18.06 36.99 -8.35
C SER F 216 -18.52 35.60 -7.95
N GLU F 217 -18.35 34.62 -8.84
CA GLU F 217 -18.76 33.25 -8.53
C GLU F 217 -17.93 32.68 -7.38
N LEU F 218 -16.64 33.00 -7.34
CA LEU F 218 -15.79 32.50 -6.28
C LEU F 218 -16.19 33.05 -4.91
N SER F 219 -16.61 34.31 -4.87
CA SER F 219 -17.01 34.91 -3.59
C SER F 219 -18.31 34.31 -3.09
N LYS F 220 -19.24 33.99 -3.99
CA LYS F 220 -20.47 33.32 -3.57
C LYS F 220 -20.18 31.91 -3.06
N LEU F 221 -19.28 31.20 -3.74
CA LEU F 221 -18.88 29.86 -3.29
C LEU F 221 -18.29 29.92 -1.89
N ALA F 222 -17.37 30.85 -1.65
CA ALA F 222 -16.71 30.92 -0.35
C ALA F 222 -17.70 31.38 0.73
N ALA F 223 -18.61 32.28 0.38
CA ALA F 223 -19.56 32.78 1.38
C ALA F 223 -20.43 31.65 1.91
N ASN F 224 -20.96 30.81 1.02
CA ASN F 224 -21.78 29.68 1.45
C ASN F 224 -20.97 28.70 2.30
N LEU F 225 -19.68 28.54 1.98
CA LEU F 225 -18.84 27.63 2.77
C LEU F 225 -18.67 28.13 4.20
N PHE F 226 -18.39 29.42 4.37
CA PHE F 226 -18.25 29.99 5.71
C PHE F 226 -19.54 29.84 6.51
N LEU F 227 -20.68 30.11 5.88
CA LEU F 227 -21.96 30.01 6.58
C LEU F 227 -22.22 28.59 7.06
N ALA F 228 -22.06 27.61 6.16
CA ALA F 228 -22.28 26.23 6.55
C ALA F 228 -21.28 25.77 7.60
N GLN F 229 -20.03 26.23 7.50
CA GLN F 229 -18.99 25.82 8.44
C GLN F 229 -19.33 26.23 9.86
N ARG F 230 -19.93 27.40 10.04
CA ARG F 230 -20.34 27.85 11.37
C ARG F 230 -21.36 26.89 11.98
N ILE F 231 -22.30 26.41 11.18
CA ILE F 231 -23.30 25.47 11.68
C ILE F 231 -22.63 24.17 12.11
N SER F 232 -21.75 23.64 11.24
CA SER F 232 -21.06 22.40 11.58
C SER F 232 -20.11 22.59 12.76
N SER F 233 -19.50 23.77 12.89
CA SER F 233 -18.62 24.02 14.01
C SER F 233 -19.39 24.05 15.32
N ILE F 234 -20.51 24.77 15.36
CA ILE F 234 -21.29 24.82 16.60
C ILE F 234 -21.97 23.48 16.85
N ASN F 235 -22.26 22.71 15.80
CA ASN F 235 -22.82 21.38 15.99
C ASN F 235 -21.80 20.42 16.58
N SER F 236 -20.53 20.57 16.19
CA SER F 236 -19.48 19.77 16.82
C SER F 236 -19.32 20.12 18.30
N ILE F 237 -19.56 21.39 18.65
CA ILE F 237 -19.52 21.78 20.06
C ILE F 237 -20.71 21.19 20.81
N SER F 238 -21.85 21.06 20.14
CA SER F 238 -23.02 20.46 20.79
C SER F 238 -22.75 19.02 21.21
N ALA F 239 -22.03 18.28 20.38
CA ALA F 239 -21.62 16.93 20.77
C ALA F 239 -20.67 16.97 21.96
N LEU F 240 -19.77 17.95 21.99
CA LEU F 240 -18.86 18.10 23.13
C LEU F 240 -19.63 18.44 24.40
N CYS F 241 -20.65 19.29 24.28
CA CYS F 241 -21.43 19.68 25.45
C CYS F 241 -22.23 18.50 26.00
N GLU F 242 -22.81 17.68 25.12
CA GLU F 242 -23.57 16.53 25.57
C GLU F 242 -22.70 15.55 26.35
N ALA F 243 -21.43 15.43 25.98
CA ALA F 243 -20.54 14.47 26.60
C ALA F 243 -19.93 14.97 27.90
N THR F 244 -19.96 16.28 28.16
CA THR F 244 -19.32 16.85 29.34
C THR F 244 -20.29 17.62 30.23
N GLY F 245 -21.59 17.57 29.94
CA GLY F 245 -22.57 18.21 30.81
C GLY F 245 -22.64 19.71 30.71
N ALA F 246 -22.53 20.27 29.52
CA ALA F 246 -22.68 21.70 29.29
C ALA F 246 -23.84 21.95 28.33
N ASP F 247 -24.20 23.22 28.21
CA ASP F 247 -25.30 23.65 27.34
C ASP F 247 -24.72 24.41 26.16
N VAL F 248 -24.93 23.89 24.95
CA VAL F 248 -24.35 24.52 23.76
C VAL F 248 -24.94 25.91 23.54
N GLU F 249 -26.17 26.14 24.00
CA GLU F 249 -26.75 27.48 23.89
C GLU F 249 -26.02 28.47 24.79
N GLU F 250 -25.59 28.02 25.97
CA GLU F 250 -24.79 28.89 26.84
C GLU F 250 -23.39 29.09 26.28
N VAL F 251 -22.81 28.03 25.70
CA VAL F 251 -21.49 28.16 25.09
C VAL F 251 -21.55 29.08 23.87
N ALA F 252 -22.62 28.96 23.07
CA ALA F 252 -22.75 29.80 21.89
C ALA F 252 -22.93 31.27 22.25
N THR F 253 -23.54 31.56 23.39
CA THR F 253 -23.69 32.94 23.83
C THR F 253 -22.33 33.56 24.15
N ALA F 254 -21.44 32.79 24.78
CA ALA F 254 -20.12 33.31 25.11
C ALA F 254 -19.27 33.49 23.86
N ILE F 255 -19.42 32.59 22.89
CA ILE F 255 -18.68 32.72 21.63
C ILE F 255 -19.17 33.93 20.85
N GLY F 256 -20.49 34.08 20.72
CA GLY F 256 -21.06 35.12 19.88
C GLY F 256 -20.80 36.53 20.34
N MET F 257 -20.52 36.73 21.64
CA MET F 257 -20.23 38.07 22.12
C MET F 257 -18.85 38.55 21.70
N ASP F 258 -18.00 37.66 21.19
CA ASP F 258 -16.76 38.08 20.55
C ASP F 258 -17.10 38.72 19.21
N GLN F 259 -16.93 40.04 19.11
CA GLN F 259 -17.27 40.77 17.90
C GLN F 259 -16.44 40.35 16.70
N ARG F 260 -15.35 39.60 16.91
CA ARG F 260 -14.60 39.05 15.79
C ARG F 260 -15.22 37.78 15.23
N ILE F 261 -16.14 37.16 15.97
CA ILE F 261 -16.83 35.96 15.53
C ILE F 261 -18.26 36.26 15.12
N GLY F 262 -18.95 37.12 15.85
CA GLY F 262 -20.35 37.38 15.60
C GLY F 262 -21.25 36.37 16.29
N ASN F 263 -22.52 36.78 16.47
CA ASN F 263 -23.49 35.96 17.20
C ASN F 263 -24.55 35.36 16.28
N LYS F 264 -24.32 35.35 14.97
CA LYS F 264 -25.27 34.81 14.02
C LYS F 264 -24.82 33.42 13.56
N PHE F 265 -25.79 32.62 13.12
CA PHE F 265 -25.54 31.27 12.60
C PHE F 265 -24.81 30.39 13.62
N LEU F 266 -25.20 30.50 14.88
CA LEU F 266 -24.63 29.71 15.97
C LEU F 266 -25.71 28.91 16.68
N LYS F 267 -26.74 28.50 15.95
CA LYS F 267 -27.85 27.72 16.52
C LYS F 267 -27.64 26.26 16.17
N ALA F 268 -27.30 25.45 17.17
CA ALA F 268 -27.10 24.03 16.96
C ALA F 268 -28.42 23.37 16.56
N SER F 269 -28.31 22.36 15.70
CA SER F 269 -29.50 21.69 15.17
C SER F 269 -29.13 20.26 14.80
N VAL F 270 -30.13 19.53 14.31
CA VAL F 270 -29.91 18.17 13.82
C VAL F 270 -29.01 18.16 12.59
N GLY F 271 -28.95 19.26 11.87
CA GLY F 271 -28.09 19.38 10.71
C GLY F 271 -28.70 20.35 9.72
N PHE F 272 -27.84 20.97 8.97
CA PHE F 272 -28.25 21.88 7.95
C PHE F 272 -28.80 21.18 6.74
N GLY F 273 -29.67 21.87 6.05
CA GLY F 273 -30.34 21.36 4.89
C GLY F 273 -30.41 22.42 3.86
N GLY F 274 -31.10 22.14 2.78
CA GLY F 274 -31.25 23.11 1.73
C GLY F 274 -30.46 22.83 0.49
N SER F 275 -30.90 23.43 -0.59
CA SER F 275 -30.27 23.21 -1.85
C SER F 275 -28.95 23.86 -2.04
N CYS F 276 -28.54 24.72 -1.12
CA CYS F 276 -27.28 25.39 -1.28
C CYS F 276 -26.02 24.86 -0.65
N PHE F 277 -26.03 24.66 0.67
CA PHE F 277 -24.84 24.28 1.41
C PHE F 277 -24.13 22.96 1.08
N GLN F 278 -24.83 21.86 1.01
CA GLN F 278 -24.20 20.59 0.71
C GLN F 278 -23.67 20.56 -0.70
N LYS F 279 -24.47 21.09 -1.60
CA LYS F 279 -24.14 21.17 -2.98
C LYS F 279 -22.92 22.05 -3.17
N ASP F 280 -22.86 23.13 -2.42
CA ASP F 280 -21.76 24.05 -2.48
C ASP F 280 -20.45 23.37 -2.05
N VAL F 281 -20.49 22.60 -1.00
CA VAL F 281 -19.31 21.92 -0.53
C VAL F 281 -18.82 20.91 -1.55
N LEU F 282 -19.74 20.16 -2.14
CA LEU F 282 -19.40 19.18 -3.13
C LEU F 282 -18.80 19.82 -4.37
N ASN F 283 -19.32 20.94 -4.80
CA ASN F 283 -18.77 21.61 -5.95
C ASN F 283 -17.36 22.09 -5.69
N LEU F 284 -17.09 22.55 -4.49
CA LEU F 284 -15.73 22.96 -4.17
C LEU F 284 -14.78 21.78 -4.18
N VAL F 285 -15.19 20.65 -3.58
CA VAL F 285 -14.35 19.47 -3.56
C VAL F 285 -14.00 19.04 -4.97
N TYR F 286 -14.97 19.10 -5.88
CA TYR F 286 -14.69 18.75 -7.27
C TYR F 286 -13.85 19.82 -7.96
N LEU F 287 -14.10 21.09 -7.64
CA LEU F 287 -13.27 22.16 -8.19
C LEU F 287 -11.82 21.99 -7.78
N CYS F 288 -11.57 21.58 -6.54
CA CYS F 288 -10.21 21.32 -6.07
C CYS F 288 -9.58 20.13 -6.76
N GLU F 289 -10.39 19.19 -7.27
CA GLU F 289 -9.83 18.07 -8.01
C GLU F 289 -9.21 18.53 -9.32
N ALA F 290 -9.91 19.40 -10.05
CA ALA F 290 -9.39 19.91 -11.31
C ALA F 290 -8.22 20.87 -11.10
N LEU F 291 -8.13 21.49 -9.92
CA LEU F 291 -7.04 22.41 -9.61
C LEU F 291 -5.91 21.74 -8.86
N ASN F 292 -6.06 20.45 -8.50
CA ASN F 292 -5.06 19.71 -7.74
C ASN F 292 -4.78 20.39 -6.39
N LEU F 293 -5.87 20.62 -5.64
CA LEU F 293 -5.80 21.21 -4.30
C LEU F 293 -6.48 20.28 -3.31
N PRO F 294 -5.86 19.12 -3.01
CA PRO F 294 -6.53 18.16 -2.12
C PRO F 294 -6.55 18.62 -0.67
N GLU F 295 -5.58 19.42 -0.24
CA GLU F 295 -5.60 19.92 1.14
C GLU F 295 -6.82 20.81 1.38
N VAL F 296 -7.16 21.66 0.40
CA VAL F 296 -8.33 22.51 0.53
C VAL F 296 -9.60 21.68 0.46
N ALA F 297 -9.59 20.63 -0.37
CA ALA F 297 -10.76 19.78 -0.51
C ALA F 297 -11.13 19.11 0.81
N ARG F 298 -10.15 18.43 1.43
CA ARG F 298 -10.43 17.71 2.67
C ARG F 298 -10.67 18.65 3.84
N TYR F 299 -10.25 19.91 3.75
CA TYR F 299 -10.55 20.87 4.80
C TYR F 299 -12.05 21.16 4.83
N TRP F 300 -12.62 21.53 3.69
CA TRP F 300 -14.04 21.85 3.63
C TRP F 300 -14.93 20.60 3.58
N GLN F 301 -14.36 19.45 3.25
CA GLN F 301 -15.14 18.21 3.25
C GLN F 301 -15.67 17.89 4.65
N GLN F 302 -14.94 18.32 5.69
CA GLN F 302 -15.38 18.09 7.07
C GLN F 302 -16.69 18.78 7.39
N VAL F 303 -17.05 19.85 6.68
CA VAL F 303 -18.34 20.49 6.90
C VAL F 303 -19.48 19.52 6.61
N ILE F 304 -19.33 18.71 5.57
CA ILE F 304 -20.34 17.70 5.26
C ILE F 304 -20.26 16.54 6.24
N ASP F 305 -19.03 16.09 6.54
CA ASP F 305 -18.86 14.94 7.43
C ASP F 305 -19.43 15.22 8.82
N MET F 306 -19.21 16.43 9.33
CA MET F 306 -19.81 16.79 10.62
C MET F 306 -21.32 16.87 10.52
N ASN F 307 -21.84 17.35 9.38
CA ASN F 307 -23.29 17.41 9.20
C ASN F 307 -23.90 16.02 9.20
N ASP F 308 -23.27 15.07 8.49
CA ASP F 308 -23.75 13.69 8.50
C ASP F 308 -23.63 13.07 9.88
N TYR F 309 -22.54 13.36 10.59
CA TYR F 309 -22.37 12.83 11.94
C TYR F 309 -23.39 13.44 12.91
N GLN F 310 -23.74 14.71 12.72
CA GLN F 310 -24.73 15.33 13.58
C GLN F 310 -26.11 14.71 13.38
N ARG F 311 -26.44 14.33 12.15
CA ARG F 311 -27.73 13.71 11.87
C ARG F 311 -27.79 12.29 12.43
N ARG F 312 -26.73 11.50 12.22
CA ARG F 312 -26.73 10.13 12.73
C ARG F 312 -26.69 10.09 14.25
N ARG F 313 -25.99 11.04 14.88
CA ARG F 313 -25.92 11.05 16.34
C ARG F 313 -27.27 11.36 16.96
N PHE F 314 -28.07 12.22 16.32
CA PHE F 314 -29.40 12.52 16.83
C PHE F 314 -30.35 11.35 16.64
N ALA F 315 -30.29 10.67 15.49
CA ALA F 315 -31.14 9.51 15.27
C ALA F 315 -30.77 8.38 16.21
N SER F 316 -29.46 8.22 16.50
CA SER F 316 -29.04 7.17 17.41
C SER F 316 -29.47 7.47 18.85
N ARG F 317 -29.53 8.74 19.23
CA ARG F 317 -29.96 9.07 20.58
C ARG F 317 -31.45 8.83 20.77
N ILE F 318 -32.24 8.99 19.70
CA ILE F 318 -33.67 8.68 19.77
C ILE F 318 -33.88 7.20 20.04
N ILE F 319 -33.22 6.35 19.26
CA ILE F 319 -33.35 4.91 19.43
C ILE F 319 -32.80 4.48 20.79
N ASP F 320 -31.69 5.12 21.20
CA ASP F 320 -31.07 4.75 22.47
C ASP F 320 -31.98 5.10 23.65
N SER F 321 -32.56 6.30 23.63
CA SER F 321 -33.42 6.72 24.73
C SER F 321 -34.73 5.94 24.77
N LEU F 322 -35.19 5.44 23.62
CA LEU F 322 -36.41 4.64 23.56
C LEU F 322 -36.13 3.15 23.79
N PHE F 323 -35.23 2.83 24.72
CA PHE F 323 -34.95 1.46 25.14
C PHE F 323 -34.40 0.63 23.98
N ASN F 324 -33.55 1.25 23.16
CA ASN F 324 -32.74 0.58 22.14
C ASN F 324 -33.57 -0.13 21.07
N THR F 325 -34.82 0.28 20.87
CA THR F 325 -35.62 -0.24 19.77
C THR F 325 -36.80 0.69 19.53
N VAL F 326 -37.17 0.84 18.26
CA VAL F 326 -38.30 1.67 17.88
C VAL F 326 -39.18 0.89 16.91
N THR F 327 -38.98 -0.43 16.85
CA THR F 327 -39.79 -1.28 15.99
C THR F 327 -41.24 -1.26 16.45
N ASP F 328 -42.14 -0.94 15.51
CA ASP F 328 -43.58 -0.88 15.74
C ASP F 328 -43.96 0.14 16.81
N LYS F 329 -43.13 1.16 17.01
CA LYS F 329 -43.46 2.26 17.91
C LYS F 329 -43.90 3.47 17.10
N LYS F 330 -44.96 4.13 17.56
CA LYS F 330 -45.46 5.34 16.90
C LYS F 330 -44.61 6.53 17.32
N ILE F 331 -43.99 7.18 16.34
CA ILE F 331 -43.14 8.34 16.58
C ILE F 331 -43.66 9.50 15.75
N ALA F 332 -43.90 10.64 16.40
CA ALA F 332 -44.37 11.83 15.72
C ALA F 332 -43.18 12.65 15.22
N ILE F 333 -43.28 13.16 14.00
CA ILE F 333 -42.26 13.98 13.38
C ILE F 333 -42.88 15.34 13.09
N LEU F 334 -42.51 16.34 13.88
CA LEU F 334 -43.04 17.70 13.74
C LEU F 334 -42.04 18.53 12.93
N GLY F 335 -42.41 18.83 11.68
CA GLY F 335 -41.56 19.62 10.82
C GLY F 335 -40.80 18.80 9.80
N PHE F 336 -41.01 19.08 8.52
CA PHE F 336 -40.31 18.38 7.46
C PHE F 336 -39.50 19.29 6.55
N ALA F 337 -39.82 20.59 6.50
CA ALA F 337 -39.02 21.53 5.73
C ALA F 337 -37.64 21.69 6.36
N PHE F 338 -36.65 22.03 5.53
CA PHE F 338 -35.29 22.17 6.02
C PHE F 338 -35.11 23.39 6.91
N LYS F 339 -36.06 24.32 6.89
CA LYS F 339 -36.08 25.44 7.82
C LYS F 339 -37.50 25.96 7.91
N LYS F 340 -37.73 26.87 8.85
CA LYS F 340 -39.09 27.36 9.07
C LYS F 340 -39.48 28.38 8.01
N ASP F 341 -40.79 28.61 7.91
CA ASP F 341 -41.36 29.63 7.02
C ASP F 341 -41.06 29.32 5.55
N THR F 342 -41.09 28.04 5.20
CA THR F 342 -40.94 27.62 3.81
C THR F 342 -41.49 26.22 3.66
N GLY F 343 -41.89 25.88 2.43
CA GLY F 343 -42.32 24.55 2.09
C GLY F 343 -41.27 23.73 1.38
N ASP F 344 -40.05 24.25 1.26
CA ASP F 344 -39.00 23.53 0.56
C ASP F 344 -38.46 22.41 1.45
N THR F 345 -38.19 21.25 0.84
CA THR F 345 -37.69 20.09 1.55
C THR F 345 -36.34 19.61 1.07
N ARG F 346 -35.72 20.30 0.11
CA ARG F 346 -34.48 19.80 -0.50
C ARG F 346 -33.39 19.68 0.56
N GLU F 347 -32.85 18.46 0.69
CA GLU F 347 -31.77 18.16 1.63
C GLU F 347 -32.16 18.41 3.08
N SER F 348 -33.47 18.36 3.36
CA SER F 348 -33.94 18.57 4.72
C SER F 348 -33.46 17.44 5.64
N SER F 349 -33.00 17.82 6.83
CA SER F 349 -32.59 16.83 7.81
C SER F 349 -33.75 15.95 8.26
N SER F 350 -34.99 16.41 8.09
CA SER F 350 -36.14 15.58 8.43
C SER F 350 -36.19 14.33 7.56
N ILE F 351 -35.73 14.43 6.31
CA ILE F 351 -35.71 13.27 5.42
C ILE F 351 -34.81 12.19 5.98
N TYR F 352 -33.63 12.58 6.47
CA TYR F 352 -32.65 11.59 6.93
C TYR F 352 -33.05 10.98 8.26
N ILE F 353 -33.53 11.81 9.20
CA ILE F 353 -33.98 11.28 10.49
C ILE F 353 -35.15 10.32 10.29
N SER F 354 -36.05 10.66 9.36
CA SER F 354 -37.19 9.79 9.10
C SER F 354 -36.76 8.45 8.52
N LYS F 355 -35.85 8.47 7.54
CA LYS F 355 -35.39 7.23 6.94
C LYS F 355 -34.60 6.39 7.93
N TYR F 356 -33.81 7.04 8.79
CA TYR F 356 -33.07 6.30 9.81
C TYR F 356 -34.02 5.56 10.75
N LEU F 357 -35.12 6.22 11.14
CA LEU F 357 -36.09 5.58 12.02
C LEU F 357 -36.94 4.56 11.28
N MET F 358 -37.19 4.78 9.98
CA MET F 358 -37.95 3.81 9.21
C MET F 358 -37.18 2.51 9.04
N ASP F 359 -35.87 2.61 8.79
CA ASP F 359 -35.04 1.41 8.67
C ASP F 359 -34.97 0.64 9.99
N GLU F 360 -35.33 1.27 11.10
CA GLU F 360 -35.41 0.60 12.40
C GLU F 360 -36.82 0.18 12.75
N GLY F 361 -37.76 0.30 11.81
CA GLY F 361 -39.11 -0.21 12.00
C GLY F 361 -40.07 0.72 12.70
N ALA F 362 -39.83 2.02 12.69
CA ALA F 362 -40.70 2.96 13.37
C ALA F 362 -41.87 3.36 12.49
N HIS F 363 -43.03 3.57 13.13
CA HIS F 363 -44.20 4.11 12.46
C HIS F 363 -44.22 5.62 12.67
N LEU F 364 -44.10 6.38 11.59
CA LEU F 364 -43.94 7.82 11.65
C LEU F 364 -45.22 8.53 11.27
N HIS F 365 -45.64 9.46 12.10
CA HIS F 365 -46.73 10.40 11.80
C HIS F 365 -46.10 11.77 11.63
N ILE F 366 -46.10 12.28 10.40
CA ILE F 366 -45.36 13.48 10.04
C ILE F 366 -46.35 14.63 9.87
N TYR F 367 -46.01 15.79 10.44
CA TYR F 367 -46.78 17.01 10.28
C TYR F 367 -45.85 18.16 9.92
N ASP F 368 -46.28 18.98 8.96
CA ASP F 368 -45.59 20.19 8.58
C ASP F 368 -46.65 21.15 8.09
N PRO F 369 -46.66 22.41 8.55
CA PRO F 369 -47.77 23.32 8.19
C PRO F 369 -47.73 23.79 6.74
N LYS F 370 -46.60 23.66 6.04
CA LYS F 370 -46.48 24.18 4.68
C LYS F 370 -45.99 23.17 3.65
N VAL F 371 -45.37 22.08 4.05
CA VAL F 371 -44.87 21.10 3.08
C VAL F 371 -46.03 20.25 2.59
N PRO F 372 -46.27 20.20 1.27
CA PRO F 372 -47.35 19.35 0.76
C PRO F 372 -47.08 17.88 1.06
N ARG F 373 -48.17 17.14 1.30
CA ARG F 373 -48.04 15.73 1.65
C ARG F 373 -47.40 14.92 0.54
N GLU F 374 -47.64 15.31 -0.72
CA GLU F 374 -47.07 14.57 -1.85
C GLU F 374 -45.54 14.67 -1.83
N GLN F 375 -45.00 15.81 -1.42
CA GLN F 375 -43.55 15.95 -1.33
C GLN F 375 -42.97 15.05 -0.24
N ILE F 376 -43.73 14.83 0.84
CA ILE F 376 -43.27 13.94 1.91
C ILE F 376 -43.05 12.54 1.36
N VAL F 377 -44.05 12.01 0.63
CA VAL F 377 -43.96 10.65 0.12
C VAL F 377 -42.83 10.53 -0.90
N VAL F 378 -42.65 11.58 -1.72
CA VAL F 378 -41.60 11.55 -2.74
C VAL F 378 -40.22 11.50 -2.10
N ASP F 379 -40.00 12.34 -1.08
CA ASP F 379 -38.67 12.40 -0.46
C ASP F 379 -38.33 11.10 0.26
N LEU F 380 -39.30 10.50 0.94
CA LEU F 380 -39.04 9.28 1.71
C LEU F 380 -39.02 8.02 0.85
N SER F 381 -39.49 8.10 -0.39
CA SER F 381 -39.50 6.94 -1.28
C SER F 381 -38.17 6.85 -2.02
N HIS F 382 -37.71 5.62 -2.25
CA HIS F 382 -36.50 5.41 -3.03
C HIS F 382 -36.82 5.56 -4.51
N PRO F 383 -36.00 6.29 -5.28
CA PRO F 383 -36.22 6.51 -6.71
C PRO F 383 -36.16 5.22 -7.53
N ASP F 389 -42.87 1.67 -1.19
CA ASP F 389 -43.17 0.44 -0.47
C ASP F 389 -43.04 0.66 1.03
N GLN F 390 -41.82 0.99 1.48
CA GLN F 390 -41.60 1.22 2.91
C GLN F 390 -42.37 2.45 3.40
N VAL F 391 -42.64 3.40 2.51
CA VAL F 391 -43.41 4.58 2.89
C VAL F 391 -44.87 4.21 3.17
N SER F 392 -45.41 3.23 2.44
CA SER F 392 -46.80 2.85 2.63
C SER F 392 -47.01 2.12 3.95
N ARG F 393 -46.02 1.35 4.40
CA ARG F 393 -46.19 0.54 5.59
C ARG F 393 -45.97 1.32 6.89
N LEU F 394 -45.17 2.39 6.85
CA LEU F 394 -44.70 3.02 8.08
C LEU F 394 -44.94 4.52 8.17
N VAL F 395 -45.37 5.20 7.10
CA VAL F 395 -45.45 6.65 7.07
C VAL F 395 -46.92 7.07 6.99
N THR F 396 -47.32 7.96 7.88
CA THR F 396 -48.61 8.61 7.85
C THR F 396 -48.39 10.11 7.92
N ILE F 397 -49.12 10.87 7.09
CA ILE F 397 -49.00 12.33 7.04
C ILE F 397 -50.23 12.93 7.69
N SER F 398 -50.02 13.70 8.75
CA SER F 398 -51.10 14.33 9.50
C SER F 398 -51.27 15.78 9.06
N LYS F 399 -52.50 16.28 9.20
CA LYS F 399 -52.82 17.66 8.85
C LYS F 399 -52.91 18.57 10.06
N ASP F 400 -52.69 18.05 11.26
CA ASP F 400 -52.60 18.85 12.47
C ASP F 400 -51.65 18.16 13.43
N PRO F 401 -50.89 18.91 14.23
CA PRO F 401 -49.89 18.27 15.09
C PRO F 401 -50.47 17.39 16.18
N TYR F 402 -51.66 17.72 16.70
CA TYR F 402 -52.26 16.91 17.74
C TYR F 402 -52.69 15.53 17.24
N GLU F 403 -52.95 15.40 15.93
CA GLU F 403 -53.29 14.10 15.37
C GLU F 403 -52.08 13.20 15.23
N ALA F 404 -50.91 13.77 14.96
CA ALA F 404 -49.69 12.97 14.80
C ALA F 404 -49.14 12.49 16.14
N CYS F 405 -49.40 13.23 17.22
CA CYS F 405 -48.92 12.86 18.55
C CYS F 405 -49.90 11.97 19.32
N ASP F 406 -51.07 11.72 18.76
CA ASP F 406 -52.09 10.92 19.44
C ASP F 406 -51.64 9.47 19.48
N GLY F 407 -51.17 9.02 20.64
CA GLY F 407 -50.75 7.64 20.81
C GLY F 407 -49.33 7.35 20.40
N ALA F 408 -48.45 8.34 20.44
CA ALA F 408 -47.06 8.17 20.04
C ALA F 408 -46.16 7.96 21.24
N HIS F 409 -45.09 7.19 21.03
CA HIS F 409 -44.10 6.98 22.08
C HIS F 409 -43.20 8.20 22.27
N ALA F 410 -42.92 8.93 21.20
CA ALA F 410 -42.01 10.06 21.26
C ALA F 410 -42.38 11.06 20.18
N VAL F 411 -42.06 12.33 20.43
CA VAL F 411 -42.28 13.41 19.48
C VAL F 411 -40.92 13.99 19.12
N VAL F 412 -40.63 14.03 17.83
CA VAL F 412 -39.34 14.50 17.32
C VAL F 412 -39.57 15.78 16.53
N ILE F 413 -38.94 16.86 16.98
CA ILE F 413 -39.05 18.17 16.33
C ILE F 413 -37.80 18.36 15.47
N CYS F 414 -38.00 18.53 14.17
CA CYS F 414 -36.89 18.68 13.23
C CYS F 414 -36.84 20.05 12.57
N THR F 415 -37.92 20.83 12.61
CA THR F 415 -37.97 22.15 12.01
C THR F 415 -38.46 23.15 13.04
N GLU F 416 -37.82 24.33 13.07
CA GLU F 416 -38.08 25.32 14.11
C GLU F 416 -39.32 26.18 13.85
N TRP F 417 -40.39 25.57 13.36
CA TRP F 417 -41.65 26.29 13.20
C TRP F 417 -42.07 26.93 14.52
N ASP F 418 -42.37 28.23 14.47
CA ASP F 418 -42.71 28.96 15.69
C ASP F 418 -44.01 28.47 16.32
N MET F 419 -44.85 27.75 15.56
CA MET F 419 -46.09 27.22 16.14
C MET F 419 -45.83 26.08 17.12
N PHE F 420 -44.68 25.42 17.01
CA PHE F 420 -44.41 24.25 17.85
C PHE F 420 -44.20 24.62 19.31
N LYS F 421 -43.73 25.86 19.57
CA LYS F 421 -43.58 26.31 20.95
C LYS F 421 -44.89 26.78 21.56
N GLU F 422 -45.96 26.87 20.77
CA GLU F 422 -47.26 27.32 21.24
C GLU F 422 -48.28 26.20 21.29
N LEU F 423 -47.85 24.94 21.20
CA LEU F 423 -48.76 23.82 21.21
C LEU F 423 -49.24 23.55 22.64
N ASP F 424 -50.40 22.88 22.74
CA ASP F 424 -50.96 22.49 24.01
C ASP F 424 -50.33 21.18 24.43
N TYR F 425 -49.18 21.26 25.11
CA TYR F 425 -48.48 20.07 25.54
C TYR F 425 -49.17 19.37 26.70
N GLU F 426 -50.05 20.06 27.41
CA GLU F 426 -50.92 19.39 28.37
C GLU F 426 -51.82 18.38 27.67
N ARG F 427 -52.42 18.80 26.55
CA ARG F 427 -53.26 17.90 25.77
C ARG F 427 -52.44 16.79 25.12
N ILE F 428 -51.21 17.12 24.68
CA ILE F 428 -50.37 16.12 24.03
C ILE F 428 -49.98 15.02 25.02
N HIS F 429 -49.65 15.39 26.26
CA HIS F 429 -49.21 14.41 27.25
C HIS F 429 -50.30 13.41 27.58
N LYS F 430 -51.56 13.83 27.53
CA LYS F 430 -52.66 12.92 27.84
C LYS F 430 -52.77 11.80 26.82
N LYS F 431 -52.58 12.13 25.54
CA LYS F 431 -52.79 11.19 24.45
C LYS F 431 -51.49 10.54 23.97
N MET F 432 -50.42 10.63 24.76
CA MET F 432 -49.18 9.95 24.45
C MET F 432 -48.99 8.75 25.35
N LEU F 433 -48.18 7.80 24.89
CA LEU F 433 -47.85 6.63 25.68
C LEU F 433 -46.74 6.96 26.66
N LYS F 434 -46.86 6.41 27.87
CA LYS F 434 -45.89 6.68 28.93
C LYS F 434 -44.78 5.65 28.94
N PRO F 435 -43.52 6.10 29.15
CA PRO F 435 -43.14 7.50 29.36
C PRO F 435 -43.13 8.31 28.06
N ALA F 436 -43.53 9.58 28.16
CA ALA F 436 -43.61 10.46 27.00
C ALA F 436 -42.25 11.12 26.75
N PHE F 437 -41.80 11.07 25.51
CA PHE F 437 -40.51 11.62 25.12
C PHE F 437 -40.70 12.76 24.11
N ILE F 438 -39.84 13.77 24.21
CA ILE F 438 -39.79 14.87 23.27
C ILE F 438 -38.33 15.08 22.89
N PHE F 439 -38.02 14.91 21.61
CA PHE F 439 -36.66 15.09 21.10
C PHE F 439 -36.63 16.37 20.27
N ASP F 440 -36.15 17.45 20.89
CA ASP F 440 -36.04 18.75 20.23
C ASP F 440 -34.71 18.81 19.49
N GLY F 441 -34.76 18.73 18.18
CA GLY F 441 -33.55 18.84 17.38
C GLY F 441 -33.33 20.23 16.85
N ARG F 442 -33.94 21.22 17.50
CA ARG F 442 -33.86 22.61 17.06
C ARG F 442 -33.69 23.62 18.19
N ARG F 443 -33.70 23.18 19.45
CA ARG F 443 -33.64 24.07 20.61
C ARG F 443 -34.81 25.06 20.60
N VAL F 444 -35.94 24.67 20.02
CA VAL F 444 -37.08 25.56 19.92
C VAL F 444 -37.93 25.56 21.18
N LEU F 445 -37.76 24.56 22.05
CA LEU F 445 -38.51 24.48 23.30
C LEU F 445 -37.70 24.93 24.50
N ASP F 446 -36.63 25.70 24.28
CA ASP F 446 -35.86 26.24 25.39
C ASP F 446 -36.71 27.15 26.25
N GLY F 447 -36.43 27.13 27.55
CA GLY F 447 -37.24 27.86 28.51
C GLY F 447 -38.53 27.19 28.89
N LEU F 448 -38.90 26.10 28.22
CA LEU F 448 -40.12 25.36 28.51
C LEU F 448 -39.83 24.00 29.17
N HIS F 449 -38.56 23.75 29.52
CA HIS F 449 -38.19 22.43 30.01
C HIS F 449 -38.81 22.14 31.37
N ASN F 450 -38.75 23.10 32.30
CA ASN F 450 -39.30 22.85 33.64
C ASN F 450 -40.80 22.63 33.60
N GLU F 451 -41.51 23.31 32.69
CA GLU F 451 -42.94 23.05 32.54
C GLU F 451 -43.17 21.67 31.93
N LEU F 452 -42.43 21.32 30.88
CA LEU F 452 -42.58 20.02 30.26
C LEU F 452 -42.15 18.89 31.19
N GLN F 453 -41.15 19.13 32.03
CA GLN F 453 -40.74 18.13 33.02
C GLN F 453 -41.76 18.01 34.15
N THR F 454 -42.40 19.12 34.52
CA THR F 454 -43.44 19.06 35.54
C THR F 454 -44.65 18.29 35.02
N ILE F 455 -45.00 18.47 33.75
CA ILE F 455 -46.08 17.70 33.15
C ILE F 455 -45.73 16.21 33.15
N GLY F 456 -44.47 15.89 32.85
CA GLY F 456 -44.01 14.51 32.91
C GLY F 456 -43.24 14.07 31.69
N PHE F 457 -42.89 15.00 30.81
CA PHE F 457 -42.17 14.66 29.59
C PHE F 457 -40.72 14.30 29.90
N GLN F 458 -40.16 13.41 29.08
CA GLN F 458 -38.73 13.12 29.07
C GLN F 458 -38.13 13.92 27.91
N ILE F 459 -37.70 15.14 28.19
CA ILE F 459 -37.27 16.07 27.16
C ILE F 459 -35.78 15.90 26.91
N GLU F 460 -35.43 15.55 25.67
CA GLU F 460 -34.05 15.42 25.24
C GLU F 460 -33.81 16.39 24.09
N THR F 461 -32.76 17.20 24.19
CA THR F 461 -32.47 18.21 23.18
C THR F 461 -30.99 18.17 22.83
N ILE F 462 -30.68 18.71 21.65
CA ILE F 462 -29.31 18.67 21.13
C ILE F 462 -28.45 19.65 21.91
N GLY F 463 -27.24 19.22 22.25
CA GLY F 463 -26.31 20.06 22.98
C GLY F 463 -26.60 20.18 24.45
N LYS F 464 -27.20 19.16 25.06
CA LYS F 464 -27.57 19.23 26.47
C LYS F 464 -27.78 17.81 26.99
N LYS F 465 -26.87 17.34 27.83
CA LYS F 465 -26.94 16.02 28.47
C LYS F 465 -27.19 14.91 27.45
#